data_7OUL
#
_entry.id   7OUL
#
_cell.length_a   146.408
_cell.length_b   160.012
_cell.length_c   245.478
_cell.angle_alpha   90.000
_cell.angle_beta   90.000
_cell.angle_gamma   90.000
#
_symmetry.space_group_name_H-M   'P 21 21 21'
#
loop_
_entity.id
_entity.type
_entity.pdbx_description
1 polymer 'Multidrug efflux pump subunit AcrB'
2 polymer DARPIN
3 non-polymer DODECYL-BETA-D-MALTOSIDE
4 non-polymer 1,2-ETHANEDIOL
5 non-polymer 1-(3-chloranyl-5-iodanyl-pyridin-2-yl)piperazine
6 non-polymer DODECANE
7 non-polymer 'SULFATE ION'
8 non-polymer GLYCEROL
9 non-polymer '(2S)-3-{[(R)-(2-aminoethoxy)(hydroxy)phosphoryl]oxy}-2-hydroxypropyl hexadecanoate'
10 non-polymer DECYLAMINE-N,N-DIMETHYL-N-OXIDE
11 non-polymer TETRADECANE
12 water water
#
loop_
_entity_poly.entity_id
_entity_poly.type
_entity_poly.pdbx_seq_one_letter_code
_entity_poly.pdbx_strand_id
1 'polypeptide(L)'
;MPNFFIDRPIFAWVIAIIIMLAGGLAILKLPVAQYPTIAPPAVTISASYPGADAKTVQDTVTQVIEQNMNGIDNLMYMSS
NSDSTGTVQITLTFESGTDADIAQVQVQNKLQLAMPLLPQEVQQQGVSVEKSSSSFLMVVGVINTDGTMTQEDISDYVAA
NMKDAISRTSGVGDVQLFGSQYAMRIWMNPNELNKFQLTPVDVITAIKAQNAQVAAGQLGGTPPVKGQQLNASIIAQTRL
TSTEEFGKILLKVNQDGSRVLLRDVAKIELGGENYDIIAEFNGQPASGLGIKLATGANALDTAAAIRAELAKMEPFFPSG
LKIVYPYDTTPFVKISIHEVVKTLVEAIILVFLVMYLFLQNFRATLIPTIAVPVVLLGTFAVLAAFGFSINTLTMFGMVL
AIGLLVDDAIVVVENVERVMAEEGLPPKEATRKSMGQIQGALVGIAMVLSAVFVPMAFFGGSTGAIYRQFSITIVSAMAL
SVLVALILTPALCATMLKPIAKGDHGEGKKGFFGWFNRMFEKSTHHYTDSVGGILRSTGRYLVLYLIIVVGMAYLFVRLP
SSFLPDEDQGVFMTMVQLPAGATQERTQKVLNEVTHYYLTKEKNNVESVFAVNGFGFAGRGQNTGIAFVSLKDWADRPGE
ENKVEAITMRATRAFSQIKDAMVFAFNLPAIVELGTATGFDFELIDQAGLGHEKLTQARNQLLAEAAKHPDMLTSVRPNG
LEDTPQFKIDIDQEKAQALGVSINDINTTLGAAWGGSYVNDFIDRGRVKKVYVMSEAKYRMLPDDIGDWYVRAADGQMVP
FSAFSSSRWEYGSPRLERYNGLPSMEILGQAAPGKSTGEAMELMEQLASKLPTGVGYDWTGMSYQERLSGNQAPSLYAIS
LIVVFLCLAALYESWSIPFSVMLVVPLGVIGALLAATFRGLTNDVYFQVGLLTTIGLSAKNAILIVEFAKDLMDKEGKGL
IEATLDAVRMALRPILMTSLAFILGVMPLVISTGAGSGAQNAVGTGVMGGMVTATVLAIFFVPVFFVVVRRRFSRKNEDI
EHSHTVDHHLEHHHHHH
;
A,B,C
2 'polypeptide(L)'
;MRGSHHHHHHGSDLGKKLLEAARAGRDDEVRILMANGADVNAADVVGWTPLHLAAYWGHLEIVEVLLKNGADVNAYDTLG
STPLHLAAHFGHLEIVEVLLKNGADVNAKDDNGITPLHLAANRGHLEIVEVLLKYGADVNAQDKFGKTAFDISINNGNED
LAEILQKLN
;
D,E
#
loop_
_chem_comp.id
_chem_comp.type
_chem_comp.name
_chem_comp.formula
1KE non-polymer 1-(3-chloranyl-5-iodanyl-pyridin-2-yl)piperazine 'C9 H11 Cl I N3'
C14 non-polymer TETRADECANE 'C14 H30'
D12 non-polymer DODECANE 'C12 H26'
DDQ non-polymer DECYLAMINE-N,N-DIMETHYL-N-OXIDE 'C12 H27 N O'
EDO non-polymer 1,2-ETHANEDIOL 'C2 H6 O2'
GOL non-polymer GLYCEROL 'C3 H8 O3'
LMT D-saccharide DODECYL-BETA-D-MALTOSIDE 'C24 H46 O11'
LPX non-polymer '(2S)-3-{[(R)-(2-aminoethoxy)(hydroxy)phosphoryl]oxy}-2-hydroxypropyl hexadecanoate' 'C21 H44 N O7 P'
SO4 non-polymer 'SULFATE ION' 'O4 S -2'
#
# COMPACT_ATOMS: atom_id res chain seq x y z
N MET A 1 -43.16 21.03 -0.53
CA MET A 1 -42.82 20.00 -1.56
C MET A 1 -44.08 19.33 -2.10
N PRO A 2 -44.98 18.77 -1.24
CA PRO A 2 -46.20 18.13 -1.73
C PRO A 2 -47.00 18.98 -2.72
N ASN A 3 -47.29 20.24 -2.35
CA ASN A 3 -48.10 21.19 -3.17
C ASN A 3 -47.34 21.57 -4.44
N PHE A 4 -46.01 21.57 -4.40
CA PHE A 4 -45.12 21.91 -5.54
C PHE A 4 -45.25 20.84 -6.65
N PHE A 5 -45.23 19.56 -6.25
CA PHE A 5 -45.16 18.39 -7.18
C PHE A 5 -46.57 17.90 -7.55
N ILE A 6 -47.61 18.35 -6.83
CA ILE A 6 -49.03 18.14 -7.23
C ILE A 6 -49.31 18.97 -8.49
N ASP A 7 -48.73 20.16 -8.58
CA ASP A 7 -48.85 21.09 -9.73
C ASP A 7 -47.91 20.65 -10.86
N ARG A 8 -46.86 19.88 -10.55
CA ARG A 8 -45.81 19.43 -11.51
C ARG A 8 -45.66 17.92 -11.44
N PRO A 9 -46.58 17.12 -12.03
CA PRO A 9 -46.44 15.67 -12.06
C PRO A 9 -45.24 15.14 -12.86
N ILE A 10 -44.81 15.88 -13.90
CA ILE A 10 -43.68 15.49 -14.79
C ILE A 10 -42.36 15.64 -14.04
N PHE A 11 -42.17 16.75 -13.31
CA PHE A 11 -40.99 16.99 -12.44
C PHE A 11 -40.84 15.82 -11.46
N ALA A 12 -41.94 15.49 -10.77
CA ALA A 12 -42.04 14.36 -9.80
C ALA A 12 -41.55 13.07 -10.47
N TRP A 13 -41.97 12.83 -11.72
CA TRP A 13 -41.57 11.65 -12.54
C TRP A 13 -40.07 11.73 -12.87
N VAL A 14 -39.57 12.91 -13.28
CA VAL A 14 -38.15 13.13 -13.66
C VAL A 14 -37.24 12.76 -12.49
N ILE A 15 -37.55 13.24 -11.28
CA ILE A 15 -36.79 12.95 -10.02
C ILE A 15 -36.75 11.43 -9.81
N ALA A 16 -37.91 10.77 -9.92
CA ALA A 16 -38.09 9.32 -9.69
C ALA A 16 -37.26 8.52 -10.71
N ILE A 17 -37.26 8.95 -11.98
CA ILE A 17 -36.50 8.30 -13.10
C ILE A 17 -35.00 8.45 -12.82
N ILE A 18 -34.54 9.66 -12.47
CA ILE A 18 -33.11 9.97 -12.15
C ILE A 18 -32.65 9.06 -10.99
N ILE A 19 -33.51 8.84 -9.99
CA ILE A 19 -33.23 7.95 -8.82
C ILE A 19 -33.08 6.50 -9.34
N MET A 20 -33.96 6.08 -10.25
CA MET A 20 -33.98 4.70 -10.82
C MET A 20 -32.77 4.51 -11.76
N LEU A 21 -32.41 5.52 -12.55
CA LEU A 21 -31.23 5.50 -13.46
C LEU A 21 -29.96 5.43 -12.62
N ALA A 22 -29.87 6.23 -11.55
CA ALA A 22 -28.78 6.22 -10.55
C ALA A 22 -28.73 4.83 -9.88
N GLY A 23 -29.90 4.30 -9.52
CA GLY A 23 -30.07 2.96 -8.92
C GLY A 23 -29.66 1.85 -9.87
N GLY A 24 -29.99 2.01 -11.17
CA GLY A 24 -29.65 1.05 -12.24
C GLY A 24 -28.14 0.96 -12.44
N LEU A 25 -27.45 2.10 -12.52
CA LEU A 25 -25.98 2.20 -12.74
C LEU A 25 -25.23 1.61 -11.55
N ALA A 26 -25.81 1.67 -10.34
CA ALA A 26 -25.26 1.08 -9.09
C ALA A 26 -25.21 -0.45 -9.23
N ILE A 27 -26.36 -1.06 -9.54
CA ILE A 27 -26.52 -2.54 -9.72
C ILE A 27 -25.45 -3.06 -10.68
N LEU A 28 -25.22 -2.36 -11.79
CA LEU A 28 -24.29 -2.77 -12.88
C LEU A 28 -22.84 -2.69 -12.41
N LYS A 29 -22.52 -1.80 -11.47
CA LYS A 29 -21.12 -1.46 -11.09
C LYS A 29 -20.79 -1.92 -9.65
N LEU A 30 -21.78 -1.98 -8.74
CA LEU A 30 -21.57 -2.36 -7.32
C LEU A 30 -20.89 -3.73 -7.25
N PRO A 31 -19.98 -3.96 -6.27
CA PRO A 31 -19.44 -5.30 -6.04
C PRO A 31 -20.54 -6.27 -5.58
N VAL A 32 -20.34 -7.58 -5.79
CA VAL A 32 -21.27 -8.65 -5.35
C VAL A 32 -20.46 -9.69 -4.56
N ALA A 33 -20.88 -9.96 -3.32
CA ALA A 33 -20.27 -10.96 -2.41
C ALA A 33 -21.38 -11.62 -1.58
N GLN A 34 -21.03 -12.62 -0.77
CA GLN A 34 -21.96 -13.33 0.14
C GLN A 34 -22.20 -12.47 1.39
N TYR A 35 -21.11 -11.99 2.00
CA TYR A 35 -21.12 -11.12 3.20
C TYR A 35 -20.16 -9.94 2.99
N PRO A 36 -20.26 -8.87 3.81
CA PRO A 36 -19.21 -7.85 3.87
C PRO A 36 -17.88 -8.43 4.35
N THR A 37 -16.76 -7.78 4.01
CA THR A 37 -15.38 -8.21 4.37
C THR A 37 -15.19 -8.08 5.88
N ILE A 38 -15.26 -9.21 6.61
CA ILE A 38 -15.09 -9.28 8.09
C ILE A 38 -13.78 -10.02 8.42
N ALA A 39 -13.38 -10.97 7.58
CA ALA A 39 -12.19 -11.84 7.77
C ALA A 39 -10.92 -10.99 7.93
N PRO A 40 -10.11 -11.21 8.99
CA PRO A 40 -8.88 -10.45 9.18
C PRO A 40 -7.80 -10.80 8.16
N PRO A 41 -7.02 -9.81 7.65
CA PRO A 41 -5.91 -10.09 6.74
C PRO A 41 -4.86 -11.05 7.31
N ALA A 42 -4.21 -11.82 6.43
CA ALA A 42 -3.15 -12.80 6.77
C ALA A 42 -2.07 -12.80 5.69
N VAL A 43 -0.83 -12.48 6.05
CA VAL A 43 0.38 -12.56 5.17
C VAL A 43 1.13 -13.86 5.51
N THR A 44 1.45 -14.66 4.49
CA THR A 44 2.13 -15.98 4.63
C THR A 44 3.49 -15.93 3.93
N ILE A 45 4.57 -16.22 4.68
CA ILE A 45 5.95 -16.40 4.16
C ILE A 45 6.15 -17.90 3.88
N SER A 46 6.49 -18.25 2.64
CA SER A 46 6.75 -19.65 2.20
C SER A 46 8.20 -19.78 1.72
N ALA A 47 8.92 -20.80 2.21
CA ALA A 47 10.30 -21.16 1.81
C ALA A 47 10.42 -22.68 1.69
N SER A 48 11.43 -23.15 0.96
CA SER A 48 11.66 -24.59 0.65
C SER A 48 13.16 -24.92 0.78
N TYR A 49 13.49 -25.94 1.57
CA TYR A 49 14.87 -26.48 1.75
C TYR A 49 14.86 -27.93 1.25
N PRO A 50 15.23 -28.18 -0.03
CA PRO A 50 15.22 -29.53 -0.59
C PRO A 50 16.01 -30.56 0.24
N GLY A 51 15.36 -31.68 0.58
CA GLY A 51 15.96 -32.83 1.28
C GLY A 51 16.23 -32.56 2.75
N ALA A 52 15.59 -31.53 3.33
CA ALA A 52 15.76 -31.10 4.74
C ALA A 52 14.64 -31.69 5.59
N ASP A 53 14.99 -32.15 6.81
CA ASP A 53 14.04 -32.66 7.83
C ASP A 53 13.40 -31.47 8.55
N ALA A 54 12.32 -31.73 9.30
CA ALA A 54 11.51 -30.72 10.03
C ALA A 54 12.41 -29.82 10.88
N LYS A 55 13.40 -30.40 11.58
CA LYS A 55 14.25 -29.68 12.56
C LYS A 55 15.27 -28.80 11.82
N THR A 56 15.88 -29.32 10.75
CA THR A 56 16.86 -28.59 9.89
C THR A 56 16.21 -27.32 9.33
N VAL A 57 14.94 -27.42 8.92
CA VAL A 57 14.13 -26.29 8.37
C VAL A 57 13.89 -25.27 9.48
N GLN A 58 13.42 -25.73 10.65
CA GLN A 58 13.02 -24.89 11.81
C GLN A 58 14.22 -24.06 12.30
N ASP A 59 15.41 -24.67 12.38
CA ASP A 59 16.59 -24.12 13.10
C ASP A 59 17.47 -23.28 12.18
N THR A 60 17.31 -23.40 10.85
CA THR A 60 18.09 -22.64 9.84
C THR A 60 17.22 -21.60 9.11
N VAL A 61 15.89 -21.72 9.17
CA VAL A 61 14.95 -20.84 8.40
C VAL A 61 13.90 -20.25 9.35
N THR A 62 12.98 -21.07 9.88
CA THR A 62 11.76 -20.64 10.61
C THR A 62 12.16 -19.70 11.77
N GLN A 63 13.02 -20.18 12.67
CA GLN A 63 13.48 -19.43 13.88
C GLN A 63 14.20 -18.15 13.46
N VAL A 64 15.00 -18.21 12.39
CA VAL A 64 15.79 -17.06 11.86
C VAL A 64 14.83 -15.96 11.37
N ILE A 65 13.80 -16.35 10.60
CA ILE A 65 12.76 -15.42 10.06
C ILE A 65 11.91 -14.89 11.23
N GLU A 66 11.47 -15.79 12.13
CA GLU A 66 10.57 -15.46 13.28
C GLU A 66 11.21 -14.40 14.18
N GLN A 67 12.52 -14.48 14.43
CA GLN A 67 13.27 -13.56 15.33
C GLN A 67 13.34 -12.15 14.70
N ASN A 68 13.24 -12.05 13.37
CA ASN A 68 13.30 -10.77 12.62
C ASN A 68 11.91 -10.14 12.53
N MET A 69 10.84 -10.94 12.62
CA MET A 69 9.44 -10.45 12.61
C MET A 69 9.18 -9.64 13.90
N ASN A 70 9.45 -8.34 13.86
CA ASN A 70 9.26 -7.39 14.99
C ASN A 70 8.88 -6.01 14.43
N GLY A 71 8.27 -5.16 15.26
CA GLY A 71 7.82 -3.81 14.90
C GLY A 71 6.89 -3.82 13.69
N ILE A 72 5.95 -4.78 13.67
CA ILE A 72 4.93 -4.96 12.59
C ILE A 72 3.57 -4.51 13.14
N ASP A 73 2.94 -3.52 12.48
CA ASP A 73 1.71 -2.84 12.95
C ASP A 73 0.51 -3.79 12.83
N ASN A 74 -0.37 -3.77 13.84
CA ASN A 74 -1.72 -4.40 13.83
C ASN A 74 -1.61 -5.94 13.77
N LEU A 75 -0.51 -6.50 14.25
CA LEU A 75 -0.28 -7.98 14.31
C LEU A 75 -1.01 -8.53 15.54
N MET A 76 -1.76 -9.62 15.37
CA MET A 76 -2.55 -10.28 16.44
C MET A 76 -1.79 -11.52 16.96
N TYR A 77 -1.30 -12.36 16.06
CA TYR A 77 -0.49 -13.57 16.37
C TYR A 77 0.30 -14.03 15.14
N MET A 78 1.22 -14.97 15.35
CA MET A 78 2.10 -15.56 14.32
C MET A 78 2.24 -17.06 14.57
N SER A 79 1.76 -17.89 13.62
CA SER A 79 1.88 -19.38 13.64
C SER A 79 2.77 -19.82 12.46
N SER A 80 3.48 -20.94 12.61
CA SER A 80 4.40 -21.50 11.58
C SER A 80 4.49 -23.02 11.70
N ASN A 81 4.70 -23.70 10.57
CA ASN A 81 4.91 -25.16 10.45
C ASN A 81 6.26 -25.41 9.75
N SER A 82 7.06 -26.34 10.29
CA SER A 82 8.34 -26.81 9.69
C SER A 82 8.25 -28.34 9.51
N ASP A 83 8.08 -28.80 8.26
CA ASP A 83 7.82 -30.23 7.95
C ASP A 83 9.07 -30.86 7.31
N SER A 84 9.09 -32.19 7.18
CA SER A 84 10.21 -33.02 6.67
C SER A 84 10.22 -33.05 5.13
N THR A 85 9.23 -32.41 4.50
CA THR A 85 9.21 -32.14 3.04
C THR A 85 10.31 -31.11 2.70
N GLY A 86 10.77 -30.35 3.70
CA GLY A 86 11.72 -29.23 3.55
C GLY A 86 11.00 -27.89 3.53
N THR A 87 9.66 -27.92 3.67
CA THR A 87 8.74 -26.76 3.53
C THR A 87 8.59 -26.06 4.88
N VAL A 88 8.49 -24.73 4.88
CA VAL A 88 8.10 -23.90 6.05
C VAL A 88 7.05 -22.88 5.58
N GLN A 89 6.02 -22.66 6.40
CA GLN A 89 4.97 -21.63 6.21
C GLN A 89 4.79 -20.85 7.51
N ILE A 90 5.17 -19.57 7.53
CA ILE A 90 4.96 -18.63 8.67
C ILE A 90 3.81 -17.69 8.30
N THR A 91 2.66 -17.85 8.98
CA THR A 91 1.43 -17.05 8.74
C THR A 91 1.32 -15.97 9.83
N LEU A 92 1.36 -14.69 9.45
CA LEU A 92 1.15 -13.51 10.34
C LEU A 92 -0.26 -12.96 10.09
N THR A 93 -1.13 -13.01 11.10
CA THR A 93 -2.55 -12.57 11.03
C THR A 93 -2.67 -11.18 11.69
N PHE A 94 -3.39 -10.26 11.03
CA PHE A 94 -3.48 -8.82 11.41
C PHE A 94 -4.91 -8.47 11.83
N GLU A 95 -5.07 -7.33 12.53
CA GLU A 95 -6.37 -6.78 13.00
C GLU A 95 -7.30 -6.54 11.81
N SER A 96 -8.61 -6.70 12.01
CA SER A 96 -9.67 -6.44 11.00
C SER A 96 -9.69 -4.94 10.66
N GLY A 97 -9.39 -4.61 9.40
CA GLY A 97 -9.33 -3.21 8.89
C GLY A 97 -7.91 -2.82 8.49
N THR A 98 -6.92 -3.69 8.73
CA THR A 98 -5.50 -3.49 8.35
C THR A 98 -5.39 -3.52 6.82
N ASP A 99 -4.59 -2.62 6.25
CA ASP A 99 -4.26 -2.58 4.80
C ASP A 99 -3.26 -3.72 4.51
N ALA A 100 -3.70 -4.71 3.73
CA ALA A 100 -2.93 -5.94 3.41
C ALA A 100 -1.69 -5.60 2.57
N ASP A 101 -1.76 -4.52 1.78
CA ASP A 101 -0.63 -4.01 0.94
C ASP A 101 0.52 -3.57 1.86
N ILE A 102 0.21 -2.78 2.89
CA ILE A 102 1.19 -2.25 3.88
C ILE A 102 1.66 -3.41 4.79
N ALA A 103 0.74 -4.30 5.17
CA ALA A 103 1.03 -5.50 5.99
C ALA A 103 2.10 -6.36 5.30
N GLN A 104 1.97 -6.56 3.98
CA GLN A 104 2.93 -7.33 3.14
C GLN A 104 4.29 -6.60 3.11
N VAL A 105 4.27 -5.28 2.85
CA VAL A 105 5.49 -4.42 2.75
C VAL A 105 6.31 -4.52 4.04
N GLN A 106 5.64 -4.41 5.20
CA GLN A 106 6.28 -4.42 6.55
C GLN A 106 6.87 -5.81 6.83
N VAL A 107 6.12 -6.87 6.51
CA VAL A 107 6.54 -8.30 6.72
C VAL A 107 7.79 -8.57 5.89
N GLN A 108 7.80 -8.16 4.61
CA GLN A 108 8.91 -8.42 3.66
C GLN A 108 10.13 -7.59 4.06
N ASN A 109 9.93 -6.32 4.46
CA ASN A 109 11.00 -5.40 4.94
C ASN A 109 11.85 -6.11 6.00
N LYS A 110 11.18 -6.88 6.89
CA LYS A 110 11.84 -7.62 8.01
C LYS A 110 12.41 -8.95 7.50
N LEU A 111 11.69 -9.63 6.59
CA LEU A 111 12.13 -10.90 5.96
C LEU A 111 13.47 -10.67 5.23
N GLN A 112 13.64 -9.50 4.62
CA GLN A 112 14.85 -9.13 3.82
C GLN A 112 16.07 -9.00 4.73
N LEU A 113 15.89 -8.73 6.03
CA LEU A 113 16.97 -8.69 7.03
C LEU A 113 17.45 -10.12 7.35
N ALA A 114 16.55 -11.11 7.21
CA ALA A 114 16.80 -12.54 7.51
C ALA A 114 17.31 -13.28 6.26
N MET A 115 16.94 -12.81 5.06
CA MET A 115 17.23 -13.50 3.76
C MET A 115 18.70 -13.91 3.67
N PRO A 116 19.67 -13.01 3.93
CA PRO A 116 21.09 -13.36 3.83
C PRO A 116 21.55 -14.44 4.82
N LEU A 117 20.89 -14.54 5.98
CA LEU A 117 21.21 -15.51 7.07
C LEU A 117 20.68 -16.90 6.72
N LEU A 118 19.74 -17.00 5.77
CA LEU A 118 19.13 -18.28 5.32
C LEU A 118 20.14 -19.06 4.49
N PRO A 119 20.08 -20.42 4.49
CA PRO A 119 20.95 -21.22 3.62
C PRO A 119 20.76 -20.88 2.14
N GLN A 120 21.82 -21.07 1.34
CA GLN A 120 21.88 -20.67 -0.09
C GLN A 120 20.88 -21.50 -0.91
N GLU A 121 20.60 -22.74 -0.48
CA GLU A 121 19.64 -23.67 -1.15
C GLU A 121 18.22 -23.15 -0.97
N VAL A 122 17.92 -22.51 0.17
CA VAL A 122 16.56 -21.98 0.52
C VAL A 122 16.29 -20.72 -0.31
N GLN A 123 17.28 -19.84 -0.44
CA GLN A 123 17.20 -18.58 -1.23
C GLN A 123 16.94 -18.90 -2.70
N GLN A 124 17.67 -19.89 -3.25
CA GLN A 124 17.65 -20.25 -4.70
C GLN A 124 16.36 -20.98 -5.06
N GLN A 125 15.61 -21.50 -4.08
CA GLN A 125 14.26 -22.06 -4.27
C GLN A 125 13.23 -20.92 -4.36
N GLY A 126 13.61 -19.72 -3.91
CA GLY A 126 12.77 -18.50 -3.96
C GLY A 126 11.79 -18.46 -2.79
N VAL A 127 12.03 -17.56 -1.83
CA VAL A 127 11.09 -17.28 -0.71
C VAL A 127 9.97 -16.38 -1.25
N SER A 128 8.72 -16.67 -0.92
CA SER A 128 7.51 -15.95 -1.41
C SER A 128 6.71 -15.39 -0.24
N VAL A 129 6.33 -14.11 -0.32
CA VAL A 129 5.41 -13.41 0.63
C VAL A 129 4.07 -13.23 -0.07
N GLU A 130 2.98 -13.69 0.56
CA GLU A 130 1.62 -13.79 -0.05
C GLU A 130 0.60 -13.12 0.87
N LYS A 131 -0.36 -12.37 0.30
CA LYS A 131 -1.54 -11.81 1.01
C LYS A 131 -2.80 -12.39 0.38
N SER A 132 -3.22 -13.57 0.86
CA SER A 132 -4.37 -14.35 0.32
C SER A 132 -5.17 -14.97 1.47
N SER A 133 -6.34 -15.55 1.15
CA SER A 133 -7.17 -16.36 2.07
C SER A 133 -6.52 -17.73 2.26
N SER A 134 -6.91 -18.45 3.31
CA SER A 134 -6.42 -19.82 3.64
C SER A 134 -7.06 -20.84 2.70
N SER A 135 -8.36 -20.67 2.41
CA SER A 135 -9.18 -21.59 1.58
C SER A 135 -8.97 -21.29 0.08
N PHE A 136 -9.34 -22.25 -0.78
CA PHE A 136 -9.27 -22.13 -2.26
C PHE A 136 -10.55 -21.47 -2.77
N LEU A 137 -10.40 -20.42 -3.59
CA LEU A 137 -11.51 -19.75 -4.33
C LEU A 137 -12.12 -20.76 -5.31
N MET A 138 -11.26 -21.44 -6.07
CA MET A 138 -11.65 -22.48 -7.06
C MET A 138 -10.44 -23.38 -7.36
N VAL A 139 -10.69 -24.52 -8.02
CA VAL A 139 -9.64 -25.41 -8.60
C VAL A 139 -9.89 -25.53 -10.10
N VAL A 140 -8.97 -25.04 -10.93
CA VAL A 140 -9.02 -25.14 -12.42
C VAL A 140 -8.31 -26.45 -12.83
N GLY A 141 -9.10 -27.48 -13.16
CA GLY A 141 -8.58 -28.80 -13.59
C GLY A 141 -8.27 -28.80 -15.09
N VAL A 142 -7.26 -29.58 -15.49
CA VAL A 142 -6.85 -29.75 -16.92
C VAL A 142 -6.64 -31.26 -17.18
N ILE A 143 -7.41 -31.81 -18.12
CA ILE A 143 -7.38 -33.25 -18.50
C ILE A 143 -7.02 -33.38 -19.98
N ASN A 144 -6.82 -34.61 -20.46
CA ASN A 144 -6.62 -34.95 -21.90
C ASN A 144 -7.64 -36.03 -22.30
N THR A 145 -8.65 -35.65 -23.08
CA THR A 145 -9.79 -36.52 -23.50
C THR A 145 -9.32 -37.56 -24.53
N ASP A 146 -8.19 -37.30 -25.19
CA ASP A 146 -7.59 -38.22 -26.22
C ASP A 146 -6.60 -39.18 -25.55
N GLY A 147 -6.25 -38.96 -24.28
CA GLY A 147 -5.23 -39.75 -23.55
C GLY A 147 -3.89 -39.71 -24.25
N THR A 148 -3.56 -38.57 -24.86
CA THR A 148 -2.33 -38.34 -25.66
C THR A 148 -1.18 -37.89 -24.74
N MET A 149 -1.51 -37.24 -23.63
CA MET A 149 -0.54 -36.68 -22.64
C MET A 149 -0.74 -37.36 -21.28
N THR A 150 0.36 -37.66 -20.58
CA THR A 150 0.37 -38.28 -19.23
C THR A 150 0.10 -37.22 -18.17
N GLN A 151 -0.08 -37.64 -16.91
CA GLN A 151 -0.26 -36.76 -15.72
C GLN A 151 0.95 -35.81 -15.61
N GLU A 152 2.13 -36.30 -15.96
CA GLU A 152 3.43 -35.55 -15.90
C GLU A 152 3.50 -34.54 -17.05
N ASP A 153 3.00 -34.91 -18.23
CA ASP A 153 2.98 -34.05 -19.45
C ASP A 153 2.02 -32.87 -19.24
N ILE A 154 0.83 -33.14 -18.69
CA ILE A 154 -0.25 -32.13 -18.46
C ILE A 154 0.24 -31.10 -17.43
N SER A 155 0.81 -31.57 -16.31
CA SER A 155 1.35 -30.74 -15.20
C SER A 155 2.38 -29.75 -15.74
N ASP A 156 3.31 -30.21 -16.58
CA ASP A 156 4.39 -29.38 -17.18
C ASP A 156 3.79 -28.29 -18.05
N TYR A 157 2.82 -28.63 -18.90
CA TYR A 157 2.15 -27.69 -19.84
C TYR A 157 1.44 -26.58 -19.05
N VAL A 158 0.69 -26.96 -18.00
CA VAL A 158 -0.04 -26.03 -17.10
C VAL A 158 0.97 -25.08 -16.45
N ALA A 159 2.10 -25.61 -15.97
CA ALA A 159 3.18 -24.85 -15.29
C ALA A 159 3.88 -23.90 -16.28
N ALA A 160 4.07 -24.35 -17.53
CA ALA A 160 4.93 -23.70 -18.54
C ALA A 160 4.13 -22.68 -19.37
N ASN A 161 2.83 -22.91 -19.58
CA ASN A 161 2.01 -22.17 -20.57
C ASN A 161 0.79 -21.48 -19.95
N MET A 162 0.43 -21.79 -18.69
CA MET A 162 -0.85 -21.32 -18.08
C MET A 162 -0.61 -20.64 -16.73
N LYS A 163 0.17 -21.26 -15.83
CA LYS A 163 0.26 -20.89 -14.39
C LYS A 163 0.64 -19.41 -14.22
N ASP A 164 1.69 -18.94 -14.91
CA ASP A 164 2.28 -17.58 -14.74
C ASP A 164 1.22 -16.51 -15.02
N ALA A 165 0.54 -16.62 -16.16
CA ALA A 165 -0.52 -15.67 -16.61
C ALA A 165 -1.62 -15.57 -15.55
N ILE A 166 -1.99 -16.71 -14.93
CA ILE A 166 -3.04 -16.79 -13.87
C ILE A 166 -2.50 -16.14 -12.60
N SER A 167 -1.21 -16.35 -12.28
CA SER A 167 -0.52 -15.84 -11.08
C SER A 167 -0.42 -14.30 -11.14
N ARG A 168 -0.36 -13.72 -12.34
CA ARG A 168 -0.20 -12.26 -12.57
C ARG A 168 -1.56 -11.56 -12.55
N THR A 169 -2.66 -12.31 -12.73
CA THR A 169 -4.06 -11.78 -12.76
C THR A 169 -4.39 -11.15 -11.40
N SER A 170 -5.00 -9.96 -11.41
CA SER A 170 -5.38 -9.17 -10.21
C SER A 170 -6.49 -9.89 -9.46
N GLY A 171 -6.34 -10.05 -8.14
CA GLY A 171 -7.27 -10.78 -7.25
C GLY A 171 -6.72 -12.15 -6.87
N VAL A 172 -5.77 -12.68 -7.65
CA VAL A 172 -5.15 -14.03 -7.44
C VAL A 172 -4.00 -13.89 -6.44
N GLY A 173 -4.28 -14.18 -5.16
CA GLY A 173 -3.31 -14.09 -4.05
C GLY A 173 -2.25 -15.18 -4.14
N ASP A 174 -2.66 -16.43 -4.39
CA ASP A 174 -1.76 -17.61 -4.48
C ASP A 174 -2.31 -18.60 -5.52
N VAL A 175 -1.41 -19.29 -6.23
CA VAL A 175 -1.74 -20.38 -7.19
C VAL A 175 -0.89 -21.60 -6.82
N GLN A 176 -1.55 -22.75 -6.60
CA GLN A 176 -0.91 -24.05 -6.24
C GLN A 176 -1.06 -25.00 -7.43
N LEU A 177 0.05 -25.36 -8.07
CA LEU A 177 0.10 -26.38 -9.17
C LEU A 177 -0.08 -27.76 -8.56
N PHE A 178 -1.16 -28.44 -8.91
CA PHE A 178 -1.45 -29.85 -8.51
C PHE A 178 -0.66 -30.78 -9.43
N GLY A 179 0.65 -30.85 -9.17
CA GLY A 179 1.67 -31.47 -10.04
C GLY A 179 2.99 -30.72 -9.94
N SER A 180 3.88 -30.87 -10.93
CA SER A 180 5.21 -30.23 -10.96
C SER A 180 5.61 -29.89 -12.40
N GLN A 181 6.26 -28.74 -12.60
CA GLN A 181 6.90 -28.36 -13.88
C GLN A 181 8.10 -29.28 -14.12
N TYR A 182 8.39 -29.62 -15.38
CA TYR A 182 9.53 -30.48 -15.77
C TYR A 182 10.84 -29.80 -15.36
N ALA A 183 11.82 -30.61 -14.93
CA ALA A 183 13.23 -30.24 -14.72
C ALA A 183 14.10 -31.25 -15.46
N MET A 184 15.35 -30.89 -15.80
CA MET A 184 16.34 -31.84 -16.35
C MET A 184 16.82 -32.75 -15.20
N ARG A 185 16.18 -33.92 -15.06
CA ARG A 185 16.49 -34.90 -13.98
C ARG A 185 17.72 -35.71 -14.38
N ILE A 186 18.81 -35.59 -13.61
CA ILE A 186 20.04 -36.45 -13.71
C ILE A 186 19.97 -37.50 -12.60
N TRP A 187 19.42 -38.67 -12.91
CA TRP A 187 19.28 -39.82 -11.97
C TRP A 187 20.61 -40.57 -11.90
N MET A 188 21.41 -40.29 -10.86
CA MET A 188 22.81 -40.79 -10.70
C MET A 188 22.80 -42.29 -10.36
N ASN A 189 23.84 -42.99 -10.81
CA ASN A 189 24.11 -44.43 -10.49
C ASN A 189 25.38 -44.50 -9.66
N PRO A 190 25.31 -44.98 -8.39
CA PRO A 190 26.48 -45.01 -7.51
C PRO A 190 27.52 -46.06 -7.93
N ASN A 191 27.08 -47.17 -8.53
CA ASN A 191 27.94 -48.27 -9.03
C ASN A 191 28.84 -47.74 -10.16
N GLU A 192 28.25 -46.98 -11.09
CA GLU A 192 28.95 -46.45 -12.30
C GLU A 192 29.81 -45.23 -11.91
N LEU A 193 29.39 -44.46 -10.91
CA LEU A 193 30.16 -43.29 -10.38
C LEU A 193 31.47 -43.78 -9.76
N ASN A 194 31.39 -44.82 -8.90
CA ASN A 194 32.56 -45.45 -8.23
C ASN A 194 33.46 -46.12 -9.27
N LYS A 195 32.87 -46.67 -10.34
CA LYS A 195 33.57 -47.41 -11.42
C LYS A 195 34.63 -46.50 -12.07
N PHE A 196 34.32 -45.22 -12.28
CA PHE A 196 35.20 -44.21 -12.94
C PHE A 196 35.81 -43.28 -11.88
N GLN A 197 35.71 -43.64 -10.60
CA GLN A 197 36.19 -42.84 -9.43
C GLN A 197 35.65 -41.40 -9.52
N LEU A 198 34.32 -41.25 -9.64
CA LEU A 198 33.61 -39.95 -9.65
C LEU A 198 32.57 -39.93 -8.53
N THR A 199 32.12 -38.73 -8.14
CA THR A 199 31.12 -38.48 -7.06
C THR A 199 30.06 -37.51 -7.57
N PRO A 200 28.93 -37.35 -6.85
CA PRO A 200 27.97 -36.28 -7.14
C PRO A 200 28.60 -34.88 -7.27
N VAL A 201 29.67 -34.62 -6.51
CA VAL A 201 30.42 -33.32 -6.51
C VAL A 201 30.94 -33.08 -7.94
N ASP A 202 31.55 -34.09 -8.55
CA ASP A 202 32.15 -34.04 -9.91
C ASP A 202 31.04 -33.80 -10.95
N VAL A 203 29.87 -34.40 -10.75
CA VAL A 203 28.68 -34.29 -11.66
C VAL A 203 28.17 -32.85 -11.62
N ILE A 204 28.04 -32.26 -10.44
CA ILE A 204 27.50 -30.88 -10.22
C ILE A 204 28.50 -29.86 -10.79
N THR A 205 29.81 -30.10 -10.61
CA THR A 205 30.93 -29.27 -11.13
C THR A 205 30.87 -29.24 -12.66
N ALA A 206 30.66 -30.40 -13.29
CA ALA A 206 30.63 -30.59 -14.77
C ALA A 206 29.41 -29.90 -15.37
N ILE A 207 28.23 -30.03 -14.73
CA ILE A 207 26.94 -29.45 -15.21
C ILE A 207 27.04 -27.92 -15.20
N LYS A 208 27.55 -27.32 -14.11
CA LYS A 208 27.73 -25.86 -13.96
C LYS A 208 28.71 -25.35 -15.05
N ALA A 209 29.71 -26.16 -15.40
CA ALA A 209 30.79 -25.81 -16.36
C ALA A 209 30.29 -25.92 -17.80
N GLN A 210 29.48 -26.94 -18.12
CA GLN A 210 29.12 -27.33 -19.51
C GLN A 210 27.67 -26.97 -19.85
N ASN A 211 26.81 -26.75 -18.84
CA ASN A 211 25.46 -26.14 -19.00
C ASN A 211 25.54 -24.69 -18.49
N ALA A 212 26.23 -23.82 -19.25
CA ALA A 212 26.54 -22.42 -18.89
C ALA A 212 26.12 -21.49 -20.03
N GLN A 213 25.65 -20.28 -19.67
CA GLN A 213 25.32 -19.17 -20.62
C GLN A 213 26.36 -18.06 -20.43
N VAL A 214 27.41 -18.06 -21.26
CA VAL A 214 28.62 -17.19 -21.12
C VAL A 214 28.39 -15.86 -21.85
N ALA A 215 28.74 -14.75 -21.21
CA ALA A 215 28.79 -13.38 -21.79
C ALA A 215 30.21 -13.13 -22.32
N ALA A 216 30.39 -13.22 -23.64
CA ALA A 216 31.70 -13.30 -24.33
C ALA A 216 32.05 -12.01 -25.06
N GLY A 217 31.25 -10.96 -24.91
CA GLY A 217 31.52 -9.62 -25.48
C GLY A 217 31.15 -9.53 -26.95
N GLN A 218 31.89 -8.73 -27.72
CA GLN A 218 31.60 -8.41 -29.14
C GLN A 218 32.91 -8.27 -29.94
N LEU A 219 32.85 -8.54 -31.25
CA LEU A 219 33.88 -8.12 -32.24
C LEU A 219 33.67 -6.63 -32.52
N GLY A 220 34.76 -5.85 -32.54
CA GLY A 220 34.74 -4.39 -32.76
C GLY A 220 33.90 -3.67 -31.72
N GLY A 221 33.98 -4.10 -30.45
CA GLY A 221 33.21 -3.54 -29.33
C GLY A 221 33.77 -2.19 -28.89
N THR A 222 32.97 -1.41 -28.17
CA THR A 222 33.31 -0.05 -27.68
C THR A 222 34.15 -0.16 -26.40
N PRO A 223 35.19 0.69 -26.20
CA PRO A 223 35.66 1.64 -27.20
C PRO A 223 36.47 0.96 -28.30
N PRO A 224 36.17 1.23 -29.60
CA PRO A 224 36.86 0.55 -30.70
C PRO A 224 38.11 1.29 -31.20
N VAL A 225 38.90 0.64 -32.05
CA VAL A 225 40.06 1.26 -32.77
C VAL A 225 39.52 2.07 -33.96
N LYS A 226 40.34 2.98 -34.50
CA LYS A 226 40.02 3.79 -35.70
C LYS A 226 40.05 2.88 -36.93
N GLY A 227 39.04 3.01 -37.81
CA GLY A 227 38.96 2.29 -39.09
C GLY A 227 38.26 0.94 -38.97
N GLN A 228 37.62 0.67 -37.83
CA GLN A 228 36.84 -0.58 -37.57
C GLN A 228 35.58 -0.57 -38.45
N GLN A 229 35.34 -1.66 -39.18
CA GLN A 229 34.18 -1.83 -40.10
C GLN A 229 33.23 -2.91 -39.60
N LEU A 230 33.74 -3.89 -38.83
CA LEU A 230 32.97 -5.06 -38.35
C LEU A 230 32.48 -4.81 -36.90
N ASN A 231 31.22 -5.18 -36.62
CA ASN A 231 30.63 -5.19 -35.26
C ASN A 231 29.66 -6.38 -35.16
N ALA A 232 30.05 -7.42 -34.42
CA ALA A 232 29.26 -8.67 -34.23
C ALA A 232 29.35 -9.12 -32.77
N SER A 233 28.24 -9.66 -32.25
CA SER A 233 28.16 -10.28 -30.89
C SER A 233 28.94 -11.60 -30.89
N ILE A 234 29.78 -11.83 -29.88
CA ILE A 234 30.48 -13.13 -29.66
C ILE A 234 29.56 -14.03 -28.85
N ILE A 235 29.20 -15.19 -29.40
CA ILE A 235 28.32 -16.22 -28.77
C ILE A 235 29.18 -17.43 -28.40
N ALA A 236 29.39 -17.67 -27.10
CA ALA A 236 30.16 -18.81 -26.55
C ALA A 236 29.17 -19.92 -26.13
N GLN A 237 29.31 -20.48 -24.94
CA GLN A 237 28.43 -21.56 -24.42
C GLN A 237 27.02 -21.00 -24.16
N THR A 238 25.99 -21.74 -24.57
CA THR A 238 24.56 -21.48 -24.28
C THR A 238 24.03 -22.59 -23.37
N ARG A 239 22.87 -22.39 -22.75
CA ARG A 239 22.18 -23.41 -21.93
C ARG A 239 21.85 -24.62 -22.81
N LEU A 240 21.96 -25.84 -22.27
CA LEU A 240 21.57 -27.09 -22.96
C LEU A 240 20.04 -27.13 -23.04
N THR A 241 19.49 -27.74 -24.10
CA THR A 241 18.04 -27.73 -24.44
C THR A 241 17.43 -29.14 -24.37
N SER A 242 18.23 -30.18 -24.60
CA SER A 242 17.76 -31.59 -24.75
C SER A 242 18.52 -32.52 -23.79
N THR A 243 17.91 -33.66 -23.48
CA THR A 243 18.51 -34.77 -22.67
C THR A 243 19.79 -35.27 -23.35
N GLU A 244 19.80 -35.31 -24.68
CA GLU A 244 20.97 -35.70 -25.52
C GLU A 244 22.18 -34.85 -25.14
N GLU A 245 22.03 -33.52 -25.24
CA GLU A 245 23.10 -32.51 -24.94
C GLU A 245 23.67 -32.75 -23.54
N PHE A 246 22.80 -32.98 -22.55
CA PHE A 246 23.19 -33.28 -21.14
C PHE A 246 23.97 -34.59 -21.08
N GLY A 247 23.54 -35.59 -21.87
CA GLY A 247 24.21 -36.90 -22.00
C GLY A 247 25.66 -36.76 -22.45
N LYS A 248 25.94 -35.81 -23.35
CA LYS A 248 27.27 -35.62 -23.99
C LYS A 248 28.26 -34.96 -23.02
N ILE A 249 27.78 -34.34 -21.93
CA ILE A 249 28.63 -33.64 -20.91
C ILE A 249 29.81 -34.55 -20.55
N LEU A 250 31.03 -34.09 -20.80
CA LEU A 250 32.29 -34.83 -20.56
C LEU A 250 32.74 -34.64 -19.11
N LEU A 251 32.59 -35.68 -18.28
CA LEU A 251 32.96 -35.66 -16.83
C LEU A 251 34.48 -35.75 -16.71
N LYS A 252 35.11 -36.70 -17.41
CA LYS A 252 36.60 -36.83 -17.48
C LYS A 252 36.99 -37.70 -18.68
N VAL A 253 38.30 -37.77 -18.96
CA VAL A 253 38.92 -38.64 -19.99
C VAL A 253 39.95 -39.54 -19.30
N ASN A 254 39.89 -40.85 -19.54
CA ASN A 254 40.79 -41.87 -18.93
C ASN A 254 42.19 -41.75 -19.53
N GLN A 255 43.16 -42.48 -18.97
CA GLN A 255 44.59 -42.48 -19.42
C GLN A 255 44.69 -42.95 -20.88
N ASP A 256 43.97 -44.03 -21.23
CA ASP A 256 43.94 -44.60 -22.60
C ASP A 256 43.33 -43.59 -23.58
N GLY A 257 42.44 -42.72 -23.10
CA GLY A 257 41.82 -41.62 -23.88
C GLY A 257 40.33 -41.84 -24.12
N SER A 258 39.73 -42.84 -23.46
CA SER A 258 38.28 -43.14 -23.51
C SER A 258 37.50 -42.08 -22.71
N ARG A 259 36.47 -41.49 -23.32
CA ARG A 259 35.65 -40.40 -22.73
C ARG A 259 34.61 -41.00 -21.76
N VAL A 260 34.41 -40.35 -20.61
CA VAL A 260 33.36 -40.67 -19.60
C VAL A 260 32.30 -39.57 -19.64
N LEU A 261 31.17 -39.83 -20.30
CA LEU A 261 30.05 -38.87 -20.47
C LEU A 261 29.09 -39.01 -19.28
N LEU A 262 28.21 -38.03 -19.06
CA LEU A 262 27.25 -37.98 -17.93
C LEU A 262 26.27 -39.16 -18.04
N ARG A 263 25.94 -39.58 -19.26
CA ARG A 263 24.97 -40.68 -19.54
C ARG A 263 25.58 -42.05 -19.17
N ASP A 264 26.89 -42.11 -18.92
CA ASP A 264 27.63 -43.33 -18.51
C ASP A 264 27.48 -43.57 -17.00
N VAL A 265 27.09 -42.54 -16.23
CA VAL A 265 27.00 -42.59 -14.74
C VAL A 265 25.59 -42.20 -14.26
N ALA A 266 24.66 -41.87 -15.16
CA ALA A 266 23.31 -41.37 -14.82
C ALA A 266 22.32 -41.62 -15.96
N LYS A 267 21.05 -41.82 -15.63
CA LYS A 267 19.90 -41.83 -16.57
C LYS A 267 19.34 -40.39 -16.63
N ILE A 268 19.15 -39.87 -17.85
CA ILE A 268 18.83 -38.44 -18.12
C ILE A 268 17.46 -38.35 -18.80
N GLU A 269 16.48 -37.74 -18.14
CA GLU A 269 15.09 -37.59 -18.64
C GLU A 269 14.48 -36.27 -18.13
N LEU A 270 13.44 -35.79 -18.81
CA LEU A 270 12.58 -34.67 -18.35
C LEU A 270 11.58 -35.22 -17.33
N GLY A 271 11.61 -34.71 -16.09
CA GLY A 271 10.74 -35.11 -14.99
C GLY A 271 10.52 -33.97 -14.01
N GLY A 272 9.41 -34.01 -13.27
CA GLY A 272 8.97 -32.92 -12.36
C GLY A 272 10.06 -32.50 -11.39
N GLU A 273 10.11 -31.21 -11.06
CA GLU A 273 10.99 -30.63 -10.00
C GLU A 273 10.85 -31.48 -8.73
N ASN A 274 9.62 -31.90 -8.42
CA ASN A 274 9.28 -32.86 -7.34
C ASN A 274 8.23 -33.85 -7.87
N TYR A 275 8.02 -34.95 -7.15
CA TYR A 275 7.09 -36.06 -7.52
C TYR A 275 6.09 -36.32 -6.38
N ASP A 276 5.87 -35.31 -5.52
CA ASP A 276 5.03 -35.44 -4.30
C ASP A 276 3.55 -35.34 -4.68
N ILE A 277 3.18 -34.37 -5.52
CA ILE A 277 1.77 -34.04 -5.86
C ILE A 277 1.38 -34.77 -7.15
N ILE A 278 0.32 -35.59 -7.08
CA ILE A 278 -0.28 -36.33 -8.24
C ILE A 278 -1.81 -36.20 -8.13
N ALA A 279 -2.46 -35.68 -9.18
CA ALA A 279 -3.90 -35.35 -9.21
C ALA A 279 -4.65 -36.28 -10.17
N GLU A 280 -5.97 -36.39 -9.97
CA GLU A 280 -6.91 -37.19 -10.81
C GLU A 280 -8.27 -36.48 -10.87
N PHE A 281 -8.99 -36.63 -11.99
CA PHE A 281 -10.34 -36.07 -12.24
C PHE A 281 -11.29 -37.20 -12.65
N ASN A 282 -12.11 -37.69 -11.71
CA ASN A 282 -13.04 -38.84 -11.91
C ASN A 282 -12.22 -40.07 -12.33
N GLY A 283 -11.11 -40.33 -11.64
CA GLY A 283 -10.22 -41.49 -11.88
C GLY A 283 -9.39 -41.35 -13.15
N GLN A 284 -9.30 -40.14 -13.71
CA GLN A 284 -8.61 -39.85 -15.00
C GLN A 284 -7.37 -39.00 -14.73
N PRO A 285 -6.23 -39.26 -15.41
CA PRO A 285 -5.02 -38.45 -15.22
C PRO A 285 -5.29 -36.96 -15.47
N ALA A 286 -4.88 -36.11 -14.52
CA ALA A 286 -5.17 -34.65 -14.52
C ALA A 286 -4.08 -33.89 -13.76
N SER A 287 -3.91 -32.61 -14.12
CA SER A 287 -3.25 -31.56 -13.30
C SER A 287 -4.28 -30.46 -13.02
N GLY A 288 -3.83 -29.31 -12.51
CA GLY A 288 -4.71 -28.15 -12.29
C GLY A 288 -4.06 -27.08 -11.43
N LEU A 289 -4.78 -25.98 -11.19
CA LEU A 289 -4.33 -24.81 -10.40
C LEU A 289 -5.29 -24.58 -9.23
N GLY A 290 -4.80 -24.67 -8.00
CA GLY A 290 -5.52 -24.28 -6.77
C GLY A 290 -5.35 -22.79 -6.51
N ILE A 291 -6.39 -22.00 -6.79
CA ILE A 291 -6.36 -20.50 -6.76
C ILE A 291 -6.96 -20.02 -5.45
N LYS A 292 -6.21 -19.20 -4.69
CA LYS A 292 -6.64 -18.56 -3.42
C LYS A 292 -6.87 -17.07 -3.67
N LEU A 293 -7.94 -16.51 -3.11
CA LEU A 293 -8.38 -15.11 -3.32
C LEU A 293 -7.49 -14.17 -2.52
N ALA A 294 -6.90 -13.16 -3.19
CA ALA A 294 -6.07 -12.10 -2.57
C ALA A 294 -6.91 -11.31 -1.56
N THR A 295 -6.31 -10.94 -0.43
CA THR A 295 -6.97 -10.27 0.73
C THR A 295 -7.78 -9.07 0.24
N GLY A 296 -9.10 -9.09 0.44
CA GLY A 296 -10.01 -7.96 0.17
C GLY A 296 -10.63 -8.01 -1.22
N ALA A 297 -9.97 -8.65 -2.18
CA ALA A 297 -10.37 -8.71 -3.60
C ALA A 297 -11.74 -9.39 -3.74
N ASN A 298 -12.50 -9.02 -4.77
CA ASN A 298 -13.87 -9.54 -5.05
C ASN A 298 -13.76 -10.94 -5.68
N ALA A 299 -14.52 -11.90 -5.15
CA ALA A 299 -14.50 -13.32 -5.55
C ALA A 299 -15.00 -13.48 -7.00
N LEU A 300 -16.15 -12.88 -7.32
CA LEU A 300 -16.84 -13.02 -8.63
C LEU A 300 -16.03 -12.31 -9.73
N ASP A 301 -15.53 -11.10 -9.45
CA ASP A 301 -14.74 -10.28 -10.42
C ASP A 301 -13.43 -11.00 -10.75
N THR A 302 -12.77 -11.59 -9.74
CA THR A 302 -11.49 -12.33 -9.87
C THR A 302 -11.74 -13.62 -10.67
N ALA A 303 -12.82 -14.34 -10.36
CA ALA A 303 -13.24 -15.59 -11.05
C ALA A 303 -13.46 -15.32 -12.54
N ALA A 304 -14.11 -14.19 -12.86
CA ALA A 304 -14.39 -13.73 -14.25
C ALA A 304 -13.06 -13.47 -14.98
N ALA A 305 -12.11 -12.81 -14.31
CA ALA A 305 -10.78 -12.44 -14.85
C ALA A 305 -9.96 -13.70 -15.17
N ILE A 306 -10.12 -14.76 -14.37
CA ILE A 306 -9.43 -16.07 -14.56
C ILE A 306 -9.98 -16.74 -15.83
N ARG A 307 -11.32 -16.80 -15.95
N ARG A 307 -11.32 -16.80 -15.95
CA ARG A 307 -12.04 -17.40 -17.11
CA ARG A 307 -12.04 -17.40 -17.11
C ARG A 307 -11.67 -16.66 -18.40
C ARG A 307 -11.67 -16.66 -18.40
N ALA A 308 -11.46 -15.33 -18.32
CA ALA A 308 -11.06 -14.48 -19.45
C ALA A 308 -9.64 -14.85 -19.92
N GLU A 309 -8.74 -15.12 -18.97
CA GLU A 309 -7.31 -15.45 -19.23
C GLU A 309 -7.20 -16.91 -19.74
N LEU A 310 -8.01 -17.82 -19.19
CA LEU A 310 -8.07 -19.24 -19.62
C LEU A 310 -8.60 -19.34 -21.05
N ALA A 311 -9.48 -18.41 -21.44
CA ALA A 311 -10.11 -18.34 -22.79
C ALA A 311 -9.06 -17.95 -23.84
N LYS A 312 -8.03 -17.19 -23.45
CA LYS A 312 -6.95 -16.71 -24.35
C LYS A 312 -5.94 -17.83 -24.61
N MET A 313 -5.90 -18.86 -23.74
CA MET A 313 -4.96 -20.00 -23.83
C MET A 313 -5.55 -21.13 -24.68
N GLU A 314 -6.85 -21.42 -24.50
CA GLU A 314 -7.57 -22.58 -25.10
C GLU A 314 -7.25 -22.72 -26.58
N PRO A 315 -7.37 -21.66 -27.40
CA PRO A 315 -7.09 -21.76 -28.84
C PRO A 315 -5.75 -22.41 -29.22
N PHE A 316 -4.71 -22.26 -28.39
CA PHE A 316 -3.32 -22.68 -28.66
C PHE A 316 -2.96 -23.95 -27.87
N PHE A 317 -3.95 -24.64 -27.31
CA PHE A 317 -3.79 -25.94 -26.62
C PHE A 317 -3.33 -27.00 -27.62
N PRO A 318 -2.55 -28.02 -27.19
CA PRO A 318 -2.36 -29.24 -27.99
C PRO A 318 -3.67 -30.06 -28.01
N SER A 319 -3.82 -30.93 -29.01
CA SER A 319 -5.04 -31.76 -29.23
C SER A 319 -5.30 -32.63 -28.00
N GLY A 320 -6.57 -32.71 -27.57
CA GLY A 320 -7.02 -33.54 -26.43
C GLY A 320 -7.14 -32.75 -25.15
N LEU A 321 -6.25 -31.77 -24.93
CA LEU A 321 -6.17 -30.96 -23.69
C LEU A 321 -7.45 -30.13 -23.53
N LYS A 322 -8.04 -30.15 -22.33
CA LYS A 322 -9.37 -29.56 -22.04
C LYS A 322 -9.40 -29.08 -20.58
N ILE A 323 -9.93 -27.88 -20.33
CA ILE A 323 -10.15 -27.31 -18.97
C ILE A 323 -11.45 -27.92 -18.41
N VAL A 324 -11.44 -28.28 -17.12
CA VAL A 324 -12.62 -28.76 -16.35
C VAL A 324 -12.70 -27.97 -15.04
N TYR A 325 -13.88 -27.87 -14.45
CA TYR A 325 -14.20 -27.00 -13.27
C TYR A 325 -14.69 -27.88 -12.12
N PRO A 326 -13.80 -28.66 -11.48
CA PRO A 326 -14.20 -29.59 -10.41
C PRO A 326 -14.49 -28.97 -9.04
N TYR A 327 -14.16 -27.68 -8.84
CA TYR A 327 -14.34 -26.97 -7.55
C TYR A 327 -14.34 -25.45 -7.78
N ASP A 328 -15.43 -24.79 -7.40
CA ASP A 328 -15.61 -23.32 -7.51
C ASP A 328 -16.66 -22.87 -6.48
N THR A 329 -16.30 -21.91 -5.62
CA THR A 329 -17.16 -21.38 -4.53
C THR A 329 -18.00 -20.19 -5.04
N THR A 330 -17.63 -19.61 -6.19
CA THR A 330 -18.21 -18.36 -6.74
C THR A 330 -19.61 -18.59 -7.33
N PRO A 331 -19.87 -19.71 -8.05
CA PRO A 331 -21.21 -19.95 -8.60
C PRO A 331 -22.32 -19.84 -7.55
N PHE A 332 -22.08 -20.37 -6.34
CA PHE A 332 -23.00 -20.29 -5.17
C PHE A 332 -23.31 -18.82 -4.85
N VAL A 333 -22.26 -17.99 -4.76
CA VAL A 333 -22.36 -16.54 -4.40
C VAL A 333 -23.24 -15.84 -5.44
N LYS A 334 -23.01 -16.11 -6.74
CA LYS A 334 -23.75 -15.48 -7.87
C LYS A 334 -25.21 -15.95 -7.84
N ILE A 335 -25.44 -17.25 -7.70
CA ILE A 335 -26.79 -17.89 -7.76
C ILE A 335 -27.58 -17.55 -6.49
N SER A 336 -26.94 -17.63 -5.31
CA SER A 336 -27.55 -17.33 -3.99
C SER A 336 -28.17 -15.92 -4.00
N ILE A 337 -27.40 -14.91 -4.43
CA ILE A 337 -27.83 -13.49 -4.52
C ILE A 337 -28.99 -13.38 -5.51
N HIS A 338 -28.86 -14.00 -6.70
CA HIS A 338 -29.88 -14.03 -7.77
C HIS A 338 -31.19 -14.65 -7.24
N GLU A 339 -31.09 -15.64 -6.34
CA GLU A 339 -32.24 -16.33 -5.71
C GLU A 339 -32.93 -15.41 -4.70
N VAL A 340 -32.20 -14.44 -4.13
CA VAL A 340 -32.74 -13.40 -3.21
C VAL A 340 -33.40 -12.29 -4.05
N VAL A 341 -32.83 -11.99 -5.22
CA VAL A 341 -33.39 -11.01 -6.21
C VAL A 341 -34.71 -11.56 -6.75
N LYS A 342 -34.80 -12.88 -6.94
CA LYS A 342 -36.02 -13.58 -7.44
C LYS A 342 -37.15 -13.42 -6.41
N THR A 343 -36.86 -13.61 -5.12
CA THR A 343 -37.83 -13.48 -4.00
C THR A 343 -38.24 -12.02 -3.82
N LEU A 344 -37.32 -11.08 -4.10
CA LEU A 344 -37.56 -9.61 -4.02
C LEU A 344 -38.65 -9.21 -5.03
N VAL A 345 -38.58 -9.76 -6.25
CA VAL A 345 -39.60 -9.53 -7.33
C VAL A 345 -40.90 -10.23 -6.91
N GLU A 346 -40.82 -11.50 -6.50
CA GLU A 346 -41.97 -12.33 -6.04
C GLU A 346 -42.70 -11.61 -4.88
N ALA A 347 -41.94 -11.00 -3.96
CA ALA A 347 -42.45 -10.27 -2.79
C ALA A 347 -43.30 -9.07 -3.23
N ILE A 348 -42.81 -8.30 -4.22
CA ILE A 348 -43.49 -7.08 -4.77
C ILE A 348 -44.80 -7.51 -5.46
N ILE A 349 -44.79 -8.63 -6.18
CA ILE A 349 -45.98 -9.19 -6.90
C ILE A 349 -47.03 -9.60 -5.87
N LEU A 350 -46.65 -10.41 -4.88
CA LEU A 350 -47.53 -10.90 -3.79
C LEU A 350 -48.08 -9.72 -2.97
N VAL A 351 -47.29 -8.64 -2.85
CA VAL A 351 -47.69 -7.36 -2.18
C VAL A 351 -48.78 -6.68 -3.02
N PHE A 352 -48.58 -6.60 -4.34
CA PHE A 352 -49.51 -5.97 -5.31
C PHE A 352 -50.87 -6.69 -5.30
N LEU A 353 -50.86 -8.02 -5.26
CA LEU A 353 -52.07 -8.88 -5.34
C LEU A 353 -52.91 -8.72 -4.06
N VAL A 354 -52.26 -8.67 -2.89
CA VAL A 354 -52.94 -8.51 -1.57
C VAL A 354 -53.49 -7.08 -1.45
N MET A 355 -52.81 -6.10 -2.02
CA MET A 355 -53.27 -4.68 -2.08
C MET A 355 -54.55 -4.61 -2.92
N TYR A 356 -54.58 -5.31 -4.06
CA TYR A 356 -55.71 -5.35 -5.02
C TYR A 356 -56.94 -6.02 -4.37
N LEU A 357 -56.71 -6.93 -3.42
CA LEU A 357 -57.77 -7.67 -2.68
C LEU A 357 -58.59 -6.69 -1.81
N PHE A 358 -57.94 -5.63 -1.30
CA PHE A 358 -58.53 -4.65 -0.34
C PHE A 358 -58.95 -3.36 -1.06
N LEU A 359 -58.04 -2.79 -1.87
CA LEU A 359 -58.24 -1.47 -2.55
C LEU A 359 -59.33 -1.58 -3.63
N GLN A 360 -59.50 -2.77 -4.24
CA GLN A 360 -60.49 -3.05 -5.32
C GLN A 360 -60.04 -2.36 -6.62
N ASN A 361 -59.93 -1.03 -6.60
CA ASN A 361 -59.49 -0.19 -7.76
C ASN A 361 -58.05 -0.57 -8.15
N PHE A 362 -57.78 -0.63 -9.45
CA PHE A 362 -56.44 -0.95 -10.04
C PHE A 362 -55.55 0.30 -9.98
N ARG A 363 -56.12 1.47 -10.28
CA ARG A 363 -55.40 2.77 -10.35
C ARG A 363 -54.88 3.15 -8.96
N ALA A 364 -55.62 2.81 -7.91
CA ALA A 364 -55.27 3.05 -6.49
C ALA A 364 -54.05 2.19 -6.11
N THR A 365 -54.05 0.92 -6.49
CA THR A 365 -53.02 -0.09 -6.13
C THR A 365 -51.73 0.15 -6.92
N LEU A 366 -51.81 0.82 -8.08
CA LEU A 366 -50.67 1.04 -9.00
C LEU A 366 -49.70 2.06 -8.41
N ILE A 367 -50.19 2.99 -7.57
CA ILE A 367 -49.38 4.10 -6.98
C ILE A 367 -48.38 3.52 -5.98
N PRO A 368 -48.80 2.77 -4.94
CA PRO A 368 -47.85 2.11 -4.04
C PRO A 368 -46.97 1.07 -4.74
N THR A 369 -47.46 0.45 -5.83
CA THR A 369 -46.73 -0.56 -6.64
C THR A 369 -45.59 0.13 -7.41
N ILE A 370 -45.77 1.39 -7.80
CA ILE A 370 -44.75 2.22 -8.50
C ILE A 370 -43.73 2.75 -7.46
N ALA A 371 -44.18 2.99 -6.23
CA ALA A 371 -43.37 3.59 -5.13
C ALA A 371 -42.22 2.66 -4.73
N VAL A 372 -42.50 1.37 -4.53
CA VAL A 372 -41.55 0.39 -3.92
C VAL A 372 -40.32 0.22 -4.83
N PRO A 373 -40.47 -0.05 -6.14
CA PRO A 373 -39.33 -0.15 -7.05
C PRO A 373 -38.41 1.09 -7.04
N VAL A 374 -39.00 2.29 -7.05
CA VAL A 374 -38.28 3.61 -7.08
C VAL A 374 -37.40 3.71 -5.82
N VAL A 375 -37.94 3.35 -4.66
CA VAL A 375 -37.27 3.45 -3.32
C VAL A 375 -36.11 2.44 -3.28
N LEU A 376 -36.39 1.17 -3.60
CA LEU A 376 -35.41 0.05 -3.53
C LEU A 376 -34.26 0.31 -4.49
N LEU A 377 -34.55 0.69 -5.74
CA LEU A 377 -33.53 1.12 -6.75
C LEU A 377 -32.74 2.30 -6.18
N GLY A 378 -33.43 3.26 -5.54
CA GLY A 378 -32.81 4.40 -4.85
C GLY A 378 -31.84 3.95 -3.78
N THR A 379 -32.21 2.94 -2.99
CA THR A 379 -31.40 2.37 -1.88
C THR A 379 -30.09 1.79 -2.43
N PHE A 380 -30.13 1.15 -3.60
CA PHE A 380 -28.95 0.59 -4.30
C PHE A 380 -27.94 1.70 -4.61
N ALA A 381 -28.43 2.90 -4.95
CA ALA A 381 -27.60 4.10 -5.23
C ALA A 381 -26.97 4.62 -3.94
N VAL A 382 -27.67 4.49 -2.81
CA VAL A 382 -27.19 4.91 -1.46
C VAL A 382 -26.05 3.96 -1.02
N LEU A 383 -26.18 2.66 -1.31
CA LEU A 383 -25.14 1.64 -1.01
C LEU A 383 -23.82 2.04 -1.71
N ALA A 384 -23.91 2.55 -2.94
CA ALA A 384 -22.77 3.02 -3.76
C ALA A 384 -22.07 4.20 -3.06
N ALA A 385 -22.85 5.12 -2.47
CA ALA A 385 -22.37 6.31 -1.75
C ALA A 385 -21.64 5.89 -0.46
N PHE A 386 -22.16 4.87 0.24
CA PHE A 386 -21.61 4.34 1.52
C PHE A 386 -20.47 3.36 1.24
N GLY A 387 -20.29 2.95 -0.03
CA GLY A 387 -19.20 2.05 -0.46
C GLY A 387 -19.46 0.60 -0.08
N PHE A 388 -20.73 0.24 0.16
CA PHE A 388 -21.18 -1.15 0.44
C PHE A 388 -21.32 -1.92 -0.88
N SER A 389 -21.56 -3.23 -0.77
CA SER A 389 -21.73 -4.16 -1.92
C SER A 389 -23.13 -4.80 -1.87
N ILE A 390 -23.55 -5.42 -2.97
CA ILE A 390 -24.79 -6.23 -3.06
C ILE A 390 -24.48 -7.62 -2.45
N ASN A 391 -24.99 -7.88 -1.24
CA ASN A 391 -24.70 -9.12 -0.47
C ASN A 391 -25.99 -9.64 0.19
N THR A 392 -25.91 -10.79 0.84
CA THR A 392 -27.04 -11.52 1.49
C THR A 392 -27.85 -10.56 2.37
N LEU A 393 -27.17 -9.77 3.20
CA LEU A 393 -27.79 -8.92 4.26
C LEU A 393 -28.35 -7.63 3.64
N THR A 394 -27.60 -6.99 2.74
CA THR A 394 -28.05 -5.78 1.98
C THR A 394 -29.28 -6.14 1.14
N MET A 395 -29.30 -7.34 0.55
CA MET A 395 -30.43 -7.87 -0.27
C MET A 395 -31.60 -8.23 0.65
N PHE A 396 -31.33 -8.75 1.86
CA PHE A 396 -32.35 -8.99 2.92
C PHE A 396 -32.87 -7.63 3.41
N GLY A 397 -31.99 -6.62 3.45
CA GLY A 397 -32.36 -5.22 3.74
C GLY A 397 -33.42 -4.71 2.78
N MET A 398 -33.30 -5.03 1.49
CA MET A 398 -34.26 -4.62 0.43
C MET A 398 -35.62 -5.29 0.68
N VAL A 399 -35.60 -6.61 0.91
CA VAL A 399 -36.82 -7.46 1.00
C VAL A 399 -37.63 -7.07 2.25
N LEU A 400 -36.98 -7.07 3.42
CA LEU A 400 -37.62 -6.84 4.75
C LEU A 400 -38.10 -5.38 4.86
N ALA A 401 -37.46 -4.45 4.15
CA ALA A 401 -37.76 -3.00 4.18
C ALA A 401 -39.17 -2.72 3.62
N ILE A 402 -39.64 -3.55 2.69
CA ILE A 402 -40.94 -3.38 1.96
C ILE A 402 -42.07 -3.19 2.98
N GLY A 403 -42.12 -4.05 4.01
CA GLY A 403 -43.16 -4.04 5.06
C GLY A 403 -43.22 -2.73 5.82
N LEU A 404 -42.10 -2.01 5.92
CA LEU A 404 -41.96 -0.76 6.71
C LEU A 404 -42.27 0.46 5.85
N LEU A 405 -42.07 0.39 4.53
CA LEU A 405 -42.10 1.56 3.61
C LEU A 405 -43.28 1.48 2.62
N VAL A 406 -43.98 0.35 2.53
CA VAL A 406 -45.14 0.17 1.59
C VAL A 406 -46.31 1.04 2.07
N ASP A 407 -46.46 1.20 3.40
CA ASP A 407 -47.55 1.99 4.03
C ASP A 407 -47.44 3.46 3.65
N ASP A 408 -46.20 3.97 3.51
CA ASP A 408 -45.89 5.39 3.18
C ASP A 408 -46.79 5.88 2.04
N ALA A 409 -47.02 5.03 1.02
CA ALA A 409 -47.86 5.32 -0.16
C ALA A 409 -49.34 5.08 0.17
N ILE A 410 -49.65 3.98 0.84
CA ILE A 410 -51.05 3.52 1.14
C ILE A 410 -51.77 4.59 1.99
N VAL A 411 -51.11 5.12 3.03
CA VAL A 411 -51.69 6.12 3.97
C VAL A 411 -52.09 7.38 3.20
N VAL A 412 -51.36 7.72 2.12
CA VAL A 412 -51.68 8.87 1.21
C VAL A 412 -52.88 8.49 0.35
N VAL A 413 -52.77 7.39 -0.41
CA VAL A 413 -53.77 6.93 -1.42
C VAL A 413 -55.14 6.79 -0.74
N GLU A 414 -55.21 6.05 0.37
CA GLU A 414 -56.49 5.77 1.10
C GLU A 414 -57.07 7.08 1.65
N ASN A 415 -56.21 7.96 2.18
CA ASN A 415 -56.62 9.27 2.79
C ASN A 415 -57.23 10.16 1.70
N VAL A 416 -56.67 10.13 0.48
CA VAL A 416 -57.17 10.90 -0.69
C VAL A 416 -58.60 10.42 -1.02
N GLU A 417 -58.79 9.11 -1.18
CA GLU A 417 -60.10 8.48 -1.52
C GLU A 417 -61.08 8.63 -0.36
N ARG A 418 -60.57 8.73 0.88
CA ARG A 418 -61.39 8.96 2.10
C ARG A 418 -61.91 10.40 2.09
N VAL A 419 -61.06 11.36 1.73
CA VAL A 419 -61.40 12.82 1.63
C VAL A 419 -62.45 13.02 0.53
N MET A 420 -62.18 12.51 -0.67
CA MET A 420 -63.05 12.66 -1.88
C MET A 420 -64.44 12.06 -1.60
N ALA A 421 -64.52 11.01 -0.78
CA ALA A 421 -65.78 10.33 -0.40
C ALA A 421 -66.59 11.22 0.55
N GLU A 422 -65.94 11.88 1.51
CA GLU A 422 -66.57 12.66 2.61
C GLU A 422 -66.67 14.15 2.23
N GLU A 423 -66.06 14.57 1.11
CA GLU A 423 -66.07 15.98 0.62
C GLU A 423 -66.69 16.04 -0.77
N GLY A 424 -66.09 15.36 -1.75
CA GLY A 424 -66.46 15.41 -3.18
C GLY A 424 -65.55 16.34 -3.97
N LEU A 425 -64.34 16.61 -3.46
CA LEU A 425 -63.31 17.47 -4.12
C LEU A 425 -62.69 16.70 -5.28
N PRO A 426 -62.27 17.39 -6.37
CA PRO A 426 -61.50 16.75 -7.44
C PRO A 426 -60.22 16.10 -6.92
N PRO A 427 -59.58 15.19 -7.71
CA PRO A 427 -58.41 14.45 -7.24
C PRO A 427 -57.21 15.34 -6.88
N LYS A 428 -56.97 16.39 -7.68
CA LYS A 428 -55.84 17.35 -7.48
C LYS A 428 -56.09 18.19 -6.22
N GLU A 429 -57.35 18.59 -5.98
CA GLU A 429 -57.75 19.50 -4.87
C GLU A 429 -57.74 18.72 -3.54
N ALA A 430 -58.26 17.49 -3.54
CA ALA A 430 -58.36 16.60 -2.36
C ALA A 430 -56.95 16.25 -1.86
N THR A 431 -56.01 16.01 -2.79
CA THR A 431 -54.61 15.59 -2.51
C THR A 431 -53.89 16.69 -1.71
N ARG A 432 -54.11 17.97 -2.03
CA ARG A 432 -53.50 19.13 -1.34
C ARG A 432 -53.81 19.05 0.16
N LYS A 433 -55.10 18.88 0.50
CA LYS A 433 -55.60 18.76 1.90
C LYS A 433 -55.09 17.46 2.52
N SER A 434 -55.18 16.35 1.78
CA SER A 434 -54.81 14.98 2.22
C SER A 434 -53.36 14.96 2.72
N MET A 435 -52.43 15.55 1.96
CA MET A 435 -50.99 15.62 2.32
C MET A 435 -50.80 16.55 3.52
N GLY A 436 -51.47 17.70 3.53
CA GLY A 436 -51.35 18.76 4.55
C GLY A 436 -51.50 18.23 5.98
N GLN A 437 -52.41 17.28 6.20
CA GLN A 437 -52.80 16.77 7.54
C GLN A 437 -51.94 15.57 7.96
N ILE A 438 -51.44 14.78 7.00
CA ILE A 438 -50.67 13.53 7.27
C ILE A 438 -49.16 13.81 7.22
N GLN A 439 -48.72 14.78 6.39
CA GLN A 439 -47.28 15.11 6.16
C GLN A 439 -46.49 15.04 7.46
N GLY A 440 -47.00 15.68 8.52
CA GLY A 440 -46.35 15.74 9.85
C GLY A 440 -46.10 14.35 10.43
N ALA A 441 -47.15 13.53 10.50
CA ALA A 441 -47.12 12.15 11.04
C ALA A 441 -46.25 11.25 10.16
N LEU A 442 -46.33 11.42 8.83
CA LEU A 442 -45.62 10.61 7.82
C LEU A 442 -44.11 10.68 8.07
N VAL A 443 -43.57 11.90 8.14
CA VAL A 443 -42.11 12.18 8.37
C VAL A 443 -41.77 11.82 9.82
N GLY A 444 -42.67 12.13 10.75
CA GLY A 444 -42.47 11.92 12.20
C GLY A 444 -42.32 10.45 12.56
N ILE A 445 -43.31 9.62 12.18
CA ILE A 445 -43.37 8.16 12.51
C ILE A 445 -42.20 7.44 11.82
N ALA A 446 -41.80 7.88 10.62
CA ALA A 446 -40.67 7.34 9.84
C ALA A 446 -39.37 7.42 10.66
N MET A 447 -39.20 8.52 11.40
CA MET A 447 -38.00 8.75 12.27
C MET A 447 -38.09 7.87 13.52
N VAL A 448 -39.29 7.64 14.05
CA VAL A 448 -39.55 6.78 15.25
C VAL A 448 -39.15 5.34 14.92
N LEU A 449 -39.54 4.84 13.75
CA LEU A 449 -39.29 3.45 13.29
C LEU A 449 -37.80 3.28 12.92
N SER A 450 -37.18 4.32 12.37
CA SER A 450 -35.75 4.35 11.96
C SER A 450 -34.83 4.25 13.19
N ALA A 451 -35.31 4.73 14.35
CA ALA A 451 -34.59 4.72 15.64
C ALA A 451 -34.41 3.29 16.16
N VAL A 452 -35.18 2.33 15.63
CA VAL A 452 -35.11 0.88 15.99
C VAL A 452 -33.78 0.31 15.48
N PHE A 453 -33.35 0.74 14.29
CA PHE A 453 -32.22 0.15 13.52
C PHE A 453 -30.93 0.97 13.72
N VAL A 454 -31.03 2.31 13.79
CA VAL A 454 -29.87 3.25 13.82
C VAL A 454 -28.85 2.79 14.87
N PRO A 455 -29.24 2.50 16.13
CA PRO A 455 -28.30 2.05 17.15
C PRO A 455 -27.45 0.82 16.78
N MET A 456 -28.05 -0.15 16.07
CA MET A 456 -27.37 -1.43 15.68
C MET A 456 -26.26 -1.13 14.66
N ALA A 457 -26.36 -0.01 13.93
CA ALA A 457 -25.41 0.42 12.89
C ALA A 457 -24.02 0.67 13.50
N PHE A 458 -23.96 0.93 14.80
CA PHE A 458 -22.71 1.14 15.58
C PHE A 458 -22.32 -0.15 16.30
N PHE A 459 -22.43 -1.29 15.59
CA PHE A 459 -22.03 -2.64 16.08
C PHE A 459 -20.51 -2.76 15.96
N GLY A 460 -19.83 -3.03 17.08
CA GLY A 460 -18.35 -3.14 17.14
C GLY A 460 -17.87 -4.51 16.69
N GLY A 461 -16.59 -4.81 16.93
CA GLY A 461 -15.97 -6.11 16.64
C GLY A 461 -15.81 -6.35 15.15
N SER A 462 -15.22 -7.50 14.79
CA SER A 462 -14.97 -7.94 13.38
C SER A 462 -16.30 -8.25 12.69
N THR A 463 -17.32 -8.66 13.47
CA THR A 463 -18.69 -9.02 13.00
C THR A 463 -19.64 -7.83 13.15
N GLY A 464 -19.14 -6.61 12.91
CA GLY A 464 -19.90 -5.35 13.07
C GLY A 464 -20.55 -4.90 11.77
N ALA A 465 -19.86 -5.11 10.64
CA ALA A 465 -20.30 -4.71 9.28
C ALA A 465 -21.60 -5.44 8.90
N ILE A 466 -21.82 -6.63 9.46
CA ILE A 466 -23.02 -7.49 9.23
C ILE A 466 -24.29 -6.70 9.57
N TYR A 467 -24.35 -6.14 10.77
CA TYR A 467 -25.54 -5.44 11.34
C TYR A 467 -25.63 -4.01 10.78
N ARG A 468 -24.49 -3.39 10.49
CA ARG A 468 -24.39 -2.01 9.95
C ARG A 468 -24.99 -1.96 8.55
N GLN A 469 -24.49 -2.81 7.63
CA GLN A 469 -24.90 -2.84 6.20
C GLN A 469 -26.41 -3.13 6.09
N PHE A 470 -26.95 -3.95 6.99
CA PHE A 470 -28.41 -4.24 7.07
C PHE A 470 -29.17 -2.99 7.53
N SER A 471 -28.75 -2.42 8.66
CA SER A 471 -29.36 -1.24 9.33
C SER A 471 -29.44 -0.06 8.35
N ILE A 472 -28.29 0.32 7.78
CA ILE A 472 -28.13 1.48 6.86
C ILE A 472 -29.10 1.31 5.68
N THR A 473 -29.19 0.10 5.12
CA THR A 473 -30.07 -0.26 3.97
C THR A 473 -31.55 -0.05 4.35
N ILE A 474 -31.95 -0.51 5.55
CA ILE A 474 -33.34 -0.39 6.08
C ILE A 474 -33.68 1.09 6.26
N VAL A 475 -32.81 1.85 6.93
CA VAL A 475 -33.01 3.30 7.29
C VAL A 475 -32.98 4.15 6.02
N SER A 476 -32.04 3.87 5.11
CA SER A 476 -31.88 4.58 3.80
C SER A 476 -33.15 4.41 2.96
N ALA A 477 -33.73 3.21 2.96
CA ALA A 477 -34.96 2.86 2.20
C ALA A 477 -36.16 3.63 2.78
N MET A 478 -36.33 3.58 4.11
CA MET A 478 -37.43 4.27 4.83
C MET A 478 -37.34 5.78 4.62
N ALA A 479 -36.11 6.32 4.57
CA ALA A 479 -35.81 7.76 4.35
C ALA A 479 -36.24 8.15 2.92
N LEU A 480 -35.77 7.41 1.92
CA LEU A 480 -36.09 7.65 0.48
C LEU A 480 -37.59 7.46 0.23
N SER A 481 -38.23 6.55 0.99
CA SER A 481 -39.68 6.24 0.88
C SER A 481 -40.52 7.46 1.28
N VAL A 482 -40.15 8.13 2.38
CA VAL A 482 -40.78 9.40 2.86
C VAL A 482 -40.64 10.46 1.76
N LEU A 483 -39.43 10.59 1.19
CA LEU A 483 -39.10 11.58 0.12
C LEU A 483 -39.98 11.30 -1.11
N VAL A 484 -40.11 10.04 -1.51
CA VAL A 484 -40.93 9.58 -2.67
C VAL A 484 -42.42 9.81 -2.36
N ALA A 485 -42.82 9.65 -1.08
CA ALA A 485 -44.22 9.79 -0.59
C ALA A 485 -44.62 11.28 -0.54
N LEU A 486 -43.65 12.19 -0.58
CA LEU A 486 -43.89 13.67 -0.55
C LEU A 486 -43.73 14.27 -1.95
N ILE A 487 -43.10 13.55 -2.90
CA ILE A 487 -42.79 14.05 -4.27
C ILE A 487 -43.68 13.33 -5.29
N LEU A 488 -43.51 12.02 -5.44
CA LEU A 488 -44.16 11.19 -6.50
C LEU A 488 -45.62 10.89 -6.12
N THR A 489 -45.83 10.26 -4.96
CA THR A 489 -47.14 9.71 -4.51
C THR A 489 -48.23 10.78 -4.61
N PRO A 490 -48.01 12.04 -4.15
CA PRO A 490 -49.02 13.09 -4.28
C PRO A 490 -49.33 13.42 -5.75
N ALA A 491 -48.29 13.55 -6.57
CA ALA A 491 -48.38 13.85 -8.03
C ALA A 491 -49.28 12.81 -8.72
N LEU A 492 -49.07 11.52 -8.42
CA LEU A 492 -49.82 10.39 -9.02
C LEU A 492 -51.25 10.36 -8.47
N CYS A 493 -51.43 10.70 -7.18
CA CYS A 493 -52.75 10.75 -6.49
C CYS A 493 -53.61 11.89 -7.05
N ALA A 494 -52.98 12.91 -7.66
CA ALA A 494 -53.64 14.11 -8.23
C ALA A 494 -54.08 13.87 -9.67
N THR A 495 -53.37 12.99 -10.40
CA THR A 495 -53.51 12.81 -11.88
C THR A 495 -54.20 11.47 -12.19
N MET A 496 -53.65 10.35 -11.70
CA MET A 496 -54.04 8.97 -12.09
C MET A 496 -55.38 8.58 -11.47
N LEU A 497 -55.71 9.12 -10.30
CA LEU A 497 -56.90 8.70 -9.49
C LEU A 497 -58.20 9.22 -10.15
N LYS A 498 -59.22 8.37 -10.21
CA LYS A 498 -60.58 8.68 -10.72
C LYS A 498 -61.36 9.39 -9.63
N PRO A 499 -62.11 10.49 -9.95
CA PRO A 499 -62.89 11.21 -8.95
C PRO A 499 -63.97 10.37 -8.26
N ILE A 500 -64.41 10.79 -7.07
CA ILE A 500 -65.49 10.15 -6.26
C ILE A 500 -66.43 11.26 -5.76
N GLY A 511 -68.84 -7.76 -8.04
CA GLY A 511 -68.92 -9.22 -8.23
C GLY A 511 -68.45 -9.99 -7.00
N PHE A 512 -67.19 -10.45 -7.03
CA PHE A 512 -66.53 -11.20 -5.92
C PHE A 512 -66.17 -10.23 -4.79
N PHE A 513 -65.68 -9.03 -5.15
CA PHE A 513 -65.26 -7.97 -4.20
C PHE A 513 -66.40 -7.65 -3.23
N GLY A 514 -67.65 -7.69 -3.70
CA GLY A 514 -68.86 -7.49 -2.89
C GLY A 514 -68.95 -8.51 -1.76
N TRP A 515 -68.74 -9.79 -2.07
CA TRP A 515 -68.75 -10.92 -1.10
C TRP A 515 -67.65 -10.72 -0.04
N PHE A 516 -66.45 -10.31 -0.49
CA PHE A 516 -65.25 -10.10 0.36
C PHE A 516 -65.46 -8.89 1.28
N ASN A 517 -66.06 -7.81 0.76
CA ASN A 517 -66.28 -6.52 1.49
C ASN A 517 -67.41 -6.71 2.51
N ARG A 518 -68.48 -7.43 2.14
CA ARG A 518 -69.62 -7.75 3.03
C ARG A 518 -69.15 -8.65 4.18
N MET A 519 -68.28 -9.64 3.87
CA MET A 519 -67.68 -10.58 4.86
C MET A 519 -66.90 -9.79 5.91
N PHE A 520 -66.03 -8.87 5.47
CA PHE A 520 -65.06 -8.13 6.32
C PHE A 520 -65.81 -7.17 7.26
N GLU A 521 -66.78 -6.42 6.74
CA GLU A 521 -67.61 -5.45 7.51
C GLU A 521 -68.41 -6.20 8.58
N LYS A 522 -68.89 -7.40 8.28
CA LYS A 522 -69.60 -8.30 9.23
C LYS A 522 -68.59 -8.85 10.25
N SER A 523 -67.39 -9.22 9.78
CA SER A 523 -66.26 -9.73 10.61
C SER A 523 -65.72 -8.61 11.50
N THR A 524 -65.75 -7.36 11.02
CA THR A 524 -65.29 -6.14 11.74
C THR A 524 -66.19 -5.89 12.96
N HIS A 525 -67.51 -6.03 12.79
CA HIS A 525 -68.54 -5.72 13.82
C HIS A 525 -68.44 -6.74 14.97
N HIS A 526 -68.23 -8.02 14.66
CA HIS A 526 -68.08 -9.13 15.65
C HIS A 526 -66.76 -8.95 16.42
N TYR A 527 -65.72 -8.46 15.74
CA TYR A 527 -64.39 -8.15 16.34
C TYR A 527 -64.52 -6.99 17.33
N THR A 528 -65.06 -5.85 16.88
CA THR A 528 -65.22 -4.60 17.66
C THR A 528 -66.13 -4.84 18.87
N ASP A 529 -67.17 -5.68 18.70
CA ASP A 529 -68.10 -6.09 19.79
C ASP A 529 -67.32 -6.92 20.83
N SER A 530 -66.39 -7.76 20.38
CA SER A 530 -65.51 -8.60 21.23
C SER A 530 -64.48 -7.71 21.95
N VAL A 531 -63.93 -6.71 21.25
CA VAL A 531 -62.95 -5.71 21.80
C VAL A 531 -63.62 -4.94 22.94
N GLY A 532 -64.90 -4.57 22.76
CA GLY A 532 -65.74 -3.89 23.77
C GLY A 532 -65.79 -4.66 25.08
N GLY A 533 -65.85 -6.00 24.99
CA GLY A 533 -65.87 -6.93 26.14
C GLY A 533 -64.53 -7.02 26.85
N ILE A 534 -63.43 -6.80 26.12
CA ILE A 534 -62.03 -6.86 26.65
C ILE A 534 -61.76 -5.63 27.53
N LEU A 535 -62.28 -4.46 27.14
CA LEU A 535 -62.14 -3.18 27.88
C LEU A 535 -62.94 -3.27 29.19
N ARG A 536 -64.08 -3.97 29.18
CA ARG A 536 -64.93 -4.22 30.37
C ARG A 536 -64.16 -5.08 31.39
N SER A 537 -63.24 -5.93 30.92
CA SER A 537 -62.41 -6.85 31.75
C SER A 537 -61.13 -6.13 32.22
N THR A 538 -60.22 -5.81 31.28
CA THR A 538 -58.94 -5.07 31.49
C THR A 538 -57.98 -5.91 32.35
N GLY A 539 -58.10 -5.85 33.68
CA GLY A 539 -57.20 -6.52 34.64
C GLY A 539 -56.96 -7.97 34.27
N ARG A 540 -57.98 -8.62 33.68
CA ARG A 540 -57.94 -9.99 33.11
C ARG A 540 -56.72 -10.17 32.20
N TYR A 541 -56.67 -9.40 31.10
CA TYR A 541 -55.74 -9.61 29.96
C TYR A 541 -54.34 -9.08 30.30
N LEU A 542 -54.20 -8.32 31.39
CA LEU A 542 -52.90 -7.83 31.90
C LEU A 542 -52.13 -8.99 32.57
N VAL A 543 -52.85 -9.94 33.18
CA VAL A 543 -52.25 -11.19 33.77
C VAL A 543 -51.79 -12.09 32.62
N LEU A 544 -52.58 -12.17 31.54
CA LEU A 544 -52.28 -12.96 30.32
C LEU A 544 -51.05 -12.36 29.61
N TYR A 545 -50.86 -11.04 29.70
CA TYR A 545 -49.72 -10.30 29.10
C TYR A 545 -48.41 -10.71 29.78
N LEU A 546 -48.40 -10.74 31.12
CA LEU A 546 -47.20 -11.10 31.94
C LEU A 546 -46.78 -12.54 31.63
N ILE A 547 -47.75 -13.44 31.41
CA ILE A 547 -47.51 -14.88 31.05
C ILE A 547 -46.78 -14.94 29.70
N ILE A 548 -47.17 -14.09 28.74
CA ILE A 548 -46.53 -13.99 27.39
C ILE A 548 -45.09 -13.49 27.54
N VAL A 549 -44.87 -12.52 28.45
CA VAL A 549 -43.53 -11.93 28.74
C VAL A 549 -42.64 -12.99 29.41
N VAL A 550 -43.19 -13.75 30.36
CA VAL A 550 -42.51 -14.88 31.05
C VAL A 550 -42.24 -15.98 30.02
N GLY A 551 -43.24 -16.30 29.18
CA GLY A 551 -43.12 -17.26 28.07
C GLY A 551 -42.03 -16.84 27.09
N MET A 552 -41.98 -15.55 26.74
CA MET A 552 -40.95 -14.92 25.87
C MET A 552 -39.58 -15.04 26.54
N ALA A 553 -39.50 -14.74 27.85
CA ALA A 553 -38.27 -14.75 28.66
C ALA A 553 -37.64 -16.15 28.66
N TYR A 554 -38.46 -17.20 28.80
CA TYR A 554 -38.02 -18.62 28.88
C TYR A 554 -37.51 -19.09 27.51
N LEU A 555 -38.28 -18.84 26.45
CA LEU A 555 -37.94 -19.22 25.05
C LEU A 555 -36.61 -18.59 24.65
N PHE A 556 -36.39 -17.33 24.97
CA PHE A 556 -35.16 -16.54 24.67
C PHE A 556 -33.94 -17.22 25.31
N VAL A 557 -34.06 -17.58 26.59
CA VAL A 557 -32.99 -18.27 27.38
C VAL A 557 -32.79 -19.69 26.82
N ARG A 558 -33.90 -20.39 26.50
CA ARG A 558 -33.90 -21.80 26.03
C ARG A 558 -33.20 -21.90 24.66
N LEU A 559 -33.47 -20.96 23.75
CA LEU A 559 -32.98 -20.97 22.34
C LEU A 559 -31.45 -20.89 22.33
N PRO A 560 -30.74 -21.91 21.81
CA PRO A 560 -29.28 -21.81 21.61
C PRO A 560 -28.91 -20.73 20.59
N SER A 561 -27.70 -20.17 20.70
CA SER A 561 -27.18 -19.06 19.87
C SER A 561 -25.98 -19.53 19.04
N SER A 562 -25.95 -19.14 17.76
CA SER A 562 -24.82 -19.32 16.81
C SER A 562 -24.51 -17.98 16.12
N PHE A 563 -23.68 -17.98 15.08
CA PHE A 563 -23.31 -16.76 14.30
C PHE A 563 -24.00 -16.80 12.93
N LEU A 564 -23.56 -17.70 12.04
CA LEU A 564 -24.10 -17.87 10.66
C LEU A 564 -24.24 -19.36 10.35
N PRO A 565 -25.43 -19.83 9.90
CA PRO A 565 -25.62 -21.24 9.56
C PRO A 565 -24.72 -21.73 8.42
N ASP A 566 -24.46 -23.03 8.38
CA ASP A 566 -23.71 -23.72 7.29
C ASP A 566 -24.63 -23.84 6.07
N GLU A 567 -24.17 -23.35 4.91
CA GLU A 567 -24.95 -23.34 3.64
C GLU A 567 -24.43 -24.43 2.70
N ASP A 568 -25.33 -25.05 1.93
CA ASP A 568 -25.00 -25.91 0.77
C ASP A 568 -24.52 -25.00 -0.36
N GLN A 569 -23.27 -25.18 -0.81
CA GLN A 569 -22.61 -24.33 -1.84
C GLN A 569 -22.38 -25.13 -3.11
N GLY A 570 -22.94 -26.35 -3.20
CA GLY A 570 -22.76 -27.26 -4.35
C GLY A 570 -21.35 -27.81 -4.44
N VAL A 571 -20.54 -27.62 -3.39
CA VAL A 571 -19.12 -28.07 -3.31
C VAL A 571 -18.76 -28.35 -1.85
N PHE A 572 -17.84 -29.29 -1.63
CA PHE A 572 -17.22 -29.60 -0.31
C PHE A 572 -15.90 -30.34 -0.54
N MET A 573 -15.12 -30.52 0.52
CA MET A 573 -13.78 -31.17 0.49
C MET A 573 -13.77 -32.38 1.42
N THR A 574 -12.92 -33.36 1.11
CA THR A 574 -12.67 -34.59 1.92
C THR A 574 -11.18 -34.64 2.24
N MET A 575 -10.81 -34.52 3.52
CA MET A 575 -9.41 -34.59 4.01
C MET A 575 -9.00 -36.06 4.16
N VAL A 576 -7.79 -36.39 3.70
CA VAL A 576 -7.16 -37.74 3.85
C VAL A 576 -5.80 -37.56 4.55
N GLN A 577 -5.73 -37.98 5.82
CA GLN A 577 -4.49 -37.93 6.64
C GLN A 577 -4.16 -39.36 7.13
N LEU A 578 -3.14 -39.98 6.55
CA LEU A 578 -2.55 -41.25 7.02
C LEU A 578 -1.49 -40.92 8.07
N PRO A 579 -1.09 -41.88 8.94
CA PRO A 579 -0.03 -41.63 9.91
C PRO A 579 1.32 -41.41 9.21
N ALA A 580 2.07 -40.37 9.61
CA ALA A 580 3.41 -40.03 9.08
C ALA A 580 4.28 -41.29 9.09
N GLY A 581 5.06 -41.51 8.03
CA GLY A 581 5.77 -42.76 7.75
C GLY A 581 5.08 -43.56 6.67
N ALA A 582 3.79 -43.29 6.43
CA ALA A 582 2.97 -43.88 5.34
C ALA A 582 3.49 -43.40 4.00
N THR A 583 3.37 -44.24 2.97
CA THR A 583 3.92 -44.01 1.61
C THR A 583 2.84 -43.42 0.69
N GLN A 584 3.28 -42.88 -0.45
CA GLN A 584 2.43 -42.30 -1.53
C GLN A 584 1.45 -43.36 -2.05
N GLU A 585 1.89 -44.63 -2.11
CA GLU A 585 1.11 -45.77 -2.64
C GLU A 585 -0.07 -46.07 -1.71
N ARG A 586 0.15 -46.07 -0.39
CA ARG A 586 -0.88 -46.32 0.64
C ARG A 586 -1.93 -45.20 0.61
N THR A 587 -1.48 -43.95 0.46
CA THR A 587 -2.34 -42.73 0.42
C THR A 587 -3.25 -42.77 -0.82
N GLN A 588 -2.70 -43.21 -1.96
CA GLN A 588 -3.43 -43.35 -3.26
C GLN A 588 -4.51 -44.43 -3.10
N LYS A 589 -4.21 -45.51 -2.36
CA LYS A 589 -5.13 -46.65 -2.10
C LYS A 589 -6.36 -46.15 -1.31
N VAL A 590 -6.18 -45.12 -0.47
CA VAL A 590 -7.28 -44.50 0.33
C VAL A 590 -8.07 -43.52 -0.57
N LEU A 591 -7.37 -42.69 -1.33
CA LEU A 591 -7.98 -41.73 -2.30
C LEU A 591 -8.87 -42.48 -3.28
N ASN A 592 -8.41 -43.65 -3.75
CA ASN A 592 -9.17 -44.55 -4.67
C ASN A 592 -10.49 -44.95 -4.01
N GLU A 593 -10.45 -45.36 -2.74
CA GLU A 593 -11.64 -45.77 -1.94
C GLU A 593 -12.59 -44.58 -1.77
N VAL A 594 -12.04 -43.38 -1.57
CA VAL A 594 -12.83 -42.11 -1.39
C VAL A 594 -13.47 -41.74 -2.73
N THR A 595 -12.69 -41.76 -3.82
CA THR A 595 -13.16 -41.44 -5.20
C THR A 595 -14.23 -42.45 -5.62
N HIS A 596 -14.02 -43.74 -5.31
CA HIS A 596 -14.95 -44.86 -5.59
C HIS A 596 -16.32 -44.57 -4.97
N TYR A 597 -16.35 -44.25 -3.67
CA TYR A 597 -17.57 -44.01 -2.86
C TYR A 597 -18.49 -43.00 -3.57
N TYR A 598 -17.94 -41.85 -3.97
CA TYR A 598 -18.69 -40.71 -4.55
C TYR A 598 -19.21 -41.06 -5.95
N LEU A 599 -18.45 -41.85 -6.72
CA LEU A 599 -18.80 -42.22 -8.12
C LEU A 599 -19.80 -43.38 -8.14
N THR A 600 -19.90 -44.15 -7.05
CA THR A 600 -20.72 -45.40 -6.96
C THR A 600 -21.94 -45.18 -6.05
N LYS A 601 -21.72 -44.73 -4.81
CA LYS A 601 -22.79 -44.61 -3.78
C LYS A 601 -23.48 -43.23 -3.84
N GLU A 602 -22.90 -42.26 -4.55
CA GLU A 602 -23.44 -40.88 -4.66
C GLU A 602 -23.46 -40.43 -6.12
N LYS A 603 -24.07 -41.23 -7.00
CA LYS A 603 -24.21 -40.92 -8.46
C LYS A 603 -25.18 -39.74 -8.64
N ASN A 604 -26.26 -39.72 -7.85
CA ASN A 604 -27.38 -38.76 -7.95
C ASN A 604 -26.94 -37.36 -7.48
N ASN A 605 -25.98 -37.30 -6.55
CA ASN A 605 -25.59 -36.06 -5.82
C ASN A 605 -24.29 -35.48 -6.39
N VAL A 606 -23.24 -36.29 -6.55
CA VAL A 606 -21.87 -35.85 -6.93
C VAL A 606 -21.78 -35.74 -8.46
N GLU A 607 -21.21 -34.64 -8.95
CA GLU A 607 -20.97 -34.36 -10.40
C GLU A 607 -19.55 -34.85 -10.76
N SER A 608 -18.54 -34.36 -10.05
CA SER A 608 -17.10 -34.66 -10.30
C SER A 608 -16.32 -34.75 -8.98
N VAL A 609 -15.22 -35.51 -8.98
CA VAL A 609 -14.26 -35.67 -7.85
C VAL A 609 -12.86 -35.36 -8.36
N PHE A 610 -12.18 -34.38 -7.78
CA PHE A 610 -10.76 -34.03 -8.07
C PHE A 610 -9.91 -34.42 -6.86
N ALA A 611 -9.30 -35.62 -6.91
CA ALA A 611 -8.43 -36.19 -5.85
C ALA A 611 -6.98 -35.80 -6.14
N VAL A 612 -6.26 -35.34 -5.11
CA VAL A 612 -4.82 -34.94 -5.17
C VAL A 612 -4.05 -35.72 -4.10
N ASN A 613 -3.07 -36.52 -4.51
CA ASN A 613 -2.16 -37.27 -3.61
C ASN A 613 -0.95 -36.38 -3.29
N GLY A 614 -0.68 -36.16 -2.00
CA GLY A 614 0.52 -35.48 -1.49
C GLY A 614 0.30 -34.00 -1.21
N PHE A 615 -0.96 -33.57 -1.09
CA PHE A 615 -1.34 -32.19 -0.69
C PHE A 615 -2.42 -32.24 0.39
N GLY A 616 -2.20 -31.52 1.49
CA GLY A 616 -3.19 -31.20 2.53
C GLY A 616 -3.03 -29.77 3.00
N PHE A 617 -4.02 -29.23 3.72
CA PHE A 617 -4.01 -27.83 4.23
C PHE A 617 -3.09 -27.74 5.46
N ALA A 618 -2.88 -28.85 6.17
CA ALA A 618 -1.83 -28.99 7.22
C ALA A 618 -0.46 -28.76 6.60
N GLY A 619 -0.20 -29.39 5.45
CA GLY A 619 1.04 -29.26 4.67
C GLY A 619 1.23 -30.40 3.68
N ARG A 620 2.32 -30.38 2.91
CA ARG A 620 2.68 -31.44 1.92
C ARG A 620 3.13 -32.70 2.67
N GLY A 621 3.38 -33.78 1.93
CA GLY A 621 3.86 -35.07 2.46
C GLY A 621 3.50 -36.23 1.53
N GLN A 622 3.81 -37.45 1.95
CA GLN A 622 3.38 -38.71 1.27
C GLN A 622 2.10 -39.25 1.92
N ASN A 623 1.89 -38.95 3.21
CA ASN A 623 0.81 -39.51 4.06
C ASN A 623 -0.42 -38.61 4.05
N THR A 624 -0.47 -37.61 3.15
CA THR A 624 -1.54 -36.58 3.11
C THR A 624 -2.13 -36.50 1.70
N GLY A 625 -3.44 -36.26 1.61
CA GLY A 625 -4.20 -36.08 0.35
C GLY A 625 -5.50 -35.34 0.60
N ILE A 626 -6.14 -34.88 -0.48
CA ILE A 626 -7.42 -34.10 -0.43
C ILE A 626 -8.23 -34.39 -1.69
N ALA A 627 -9.55 -34.49 -1.54
CA ALA A 627 -10.53 -34.70 -2.65
C ALA A 627 -11.51 -33.53 -2.68
N PHE A 628 -11.52 -32.78 -3.79
CA PHE A 628 -12.48 -31.69 -4.07
C PHE A 628 -13.71 -32.27 -4.78
N VAL A 629 -14.87 -32.21 -4.12
CA VAL A 629 -16.15 -32.79 -4.61
C VAL A 629 -17.06 -31.63 -5.07
N SER A 630 -17.54 -31.70 -6.32
CA SER A 630 -18.56 -30.79 -6.90
C SER A 630 -19.88 -31.55 -7.04
N LEU A 631 -20.94 -31.05 -6.38
CA LEU A 631 -22.30 -31.65 -6.43
C LEU A 631 -23.03 -31.16 -7.69
N LYS A 632 -24.13 -31.83 -8.05
CA LYS A 632 -25.06 -31.38 -9.11
C LYS A 632 -25.84 -30.17 -8.59
N ASP A 633 -26.71 -29.59 -9.42
CA ASP A 633 -27.52 -28.39 -9.06
C ASP A 633 -28.48 -28.76 -7.93
N TRP A 634 -28.83 -27.77 -7.10
CA TRP A 634 -29.73 -27.89 -5.92
C TRP A 634 -31.09 -28.46 -6.35
N ALA A 635 -31.55 -28.11 -7.56
CA ALA A 635 -32.81 -28.56 -8.17
C ALA A 635 -32.80 -30.08 -8.37
N ASP A 636 -31.65 -30.64 -8.78
CA ASP A 636 -31.47 -32.08 -9.09
C ASP A 636 -31.16 -32.87 -7.81
N ARG A 637 -31.20 -32.21 -6.64
CA ARG A 637 -30.96 -32.83 -5.31
C ARG A 637 -32.10 -32.46 -4.36
N PRO A 638 -33.31 -33.04 -4.53
CA PRO A 638 -34.45 -32.75 -3.66
C PRO A 638 -34.28 -33.31 -2.24
N GLY A 639 -34.98 -32.73 -1.27
CA GLY A 639 -34.91 -33.13 0.16
C GLY A 639 -33.63 -32.67 0.82
N GLU A 640 -33.50 -32.89 2.13
CA GLU A 640 -32.32 -32.47 2.94
C GLU A 640 -31.30 -33.62 3.02
N GLU A 641 -31.70 -34.84 2.65
CA GLU A 641 -30.82 -36.05 2.64
C GLU A 641 -29.83 -35.95 1.46
N ASN A 642 -30.15 -35.13 0.45
CA ASN A 642 -29.33 -34.91 -0.77
C ASN A 642 -28.59 -33.57 -0.69
N LYS A 643 -28.57 -32.94 0.49
CA LYS A 643 -27.83 -31.66 0.74
C LYS A 643 -26.50 -31.99 1.43
N VAL A 644 -25.51 -31.10 1.27
CA VAL A 644 -24.09 -31.27 1.73
C VAL A 644 -24.05 -31.82 3.15
N GLU A 645 -24.86 -31.26 4.06
CA GLU A 645 -24.84 -31.56 5.51
C GLU A 645 -25.07 -33.06 5.74
N ALA A 646 -25.98 -33.68 4.97
CA ALA A 646 -26.36 -35.10 5.06
C ALA A 646 -25.38 -35.98 4.27
N ILE A 647 -24.86 -35.47 3.14
CA ILE A 647 -23.92 -36.20 2.24
C ILE A 647 -22.59 -36.41 2.97
N THR A 648 -22.00 -35.34 3.50
CA THR A 648 -20.70 -35.33 4.23
C THR A 648 -20.80 -36.20 5.48
N MET A 649 -21.98 -36.25 6.10
CA MET A 649 -22.26 -37.06 7.33
CA MET A 649 -22.25 -37.06 7.33
C MET A 649 -22.21 -38.55 6.98
N ARG A 650 -22.86 -38.93 5.87
CA ARG A 650 -22.88 -40.32 5.34
C ARG A 650 -21.48 -40.73 4.88
N ALA A 651 -20.77 -39.83 4.19
CA ALA A 651 -19.42 -40.04 3.63
C ALA A 651 -18.43 -40.33 4.78
N THR A 652 -18.41 -39.48 5.80
CA THR A 652 -17.51 -39.57 6.98
C THR A 652 -17.74 -40.91 7.69
N ARG A 653 -18.99 -41.33 7.84
CA ARG A 653 -19.39 -42.60 8.51
C ARG A 653 -18.89 -43.80 7.70
N ALA A 654 -18.93 -43.70 6.37
CA ALA A 654 -18.47 -44.76 5.43
C ALA A 654 -16.94 -44.87 5.48
N PHE A 655 -16.23 -43.74 5.56
CA PHE A 655 -14.75 -43.65 5.53
C PHE A 655 -14.16 -43.99 6.91
N SER A 656 -14.99 -44.05 7.95
CA SER A 656 -14.59 -44.44 9.33
C SER A 656 -14.07 -45.88 9.33
N GLN A 657 -14.57 -46.73 8.42
CA GLN A 657 -14.19 -48.16 8.28
C GLN A 657 -12.76 -48.28 7.74
N ILE A 658 -12.29 -47.31 6.95
CA ILE A 658 -10.94 -47.32 6.31
C ILE A 658 -9.87 -47.42 7.40
N LYS A 659 -8.83 -48.22 7.14
CA LYS A 659 -7.81 -48.65 8.14
C LYS A 659 -6.57 -47.76 8.04
N ASP A 660 -5.96 -47.42 9.18
CA ASP A 660 -4.70 -46.63 9.30
C ASP A 660 -4.81 -45.35 8.47
N ALA A 661 -5.90 -44.60 8.64
CA ALA A 661 -6.18 -43.34 7.91
C ALA A 661 -7.29 -42.55 8.59
N MET A 662 -7.06 -41.24 8.80
CA MET A 662 -8.08 -40.26 9.25
C MET A 662 -8.70 -39.60 8.01
N VAL A 663 -9.91 -40.02 7.65
CA VAL A 663 -10.65 -39.57 6.43
C VAL A 663 -12.04 -39.08 6.85
N PHE A 664 -12.38 -37.82 6.52
CA PHE A 664 -13.68 -37.18 6.84
C PHE A 664 -14.03 -36.13 5.79
N ALA A 665 -15.30 -36.06 5.42
CA ALA A 665 -15.90 -35.00 4.57
C ALA A 665 -16.54 -33.96 5.48
N PHE A 666 -16.38 -32.68 5.14
CA PHE A 666 -16.82 -31.51 5.95
C PHE A 666 -17.31 -30.39 5.02
N ASN A 667 -18.36 -29.68 5.46
CA ASN A 667 -18.90 -28.47 4.80
C ASN A 667 -18.06 -27.27 5.24
N LEU A 668 -17.52 -26.50 4.29
CA LEU A 668 -16.72 -25.28 4.57
C LEU A 668 -17.65 -24.22 5.16
N PRO A 669 -17.38 -23.71 6.39
CA PRO A 669 -18.31 -22.80 7.06
C PRO A 669 -18.53 -21.49 6.29
N ALA A 670 -19.64 -20.80 6.60
CA ALA A 670 -20.00 -19.47 6.02
C ALA A 670 -18.80 -18.53 6.12
N ILE A 671 -18.12 -18.52 7.28
CA ILE A 671 -16.85 -17.78 7.54
C ILE A 671 -15.83 -18.78 8.10
N VAL A 672 -14.74 -19.03 7.37
CA VAL A 672 -13.69 -20.05 7.70
C VAL A 672 -12.93 -19.61 8.96
N GLU A 673 -12.79 -18.30 9.17
CA GLU A 673 -12.00 -17.69 10.27
C GLU A 673 -12.68 -17.97 11.61
N LEU A 674 -14.01 -17.85 11.67
CA LEU A 674 -14.84 -18.16 12.87
C LEU A 674 -15.06 -19.68 12.94
N GLY A 675 -14.91 -20.38 11.80
CA GLY A 675 -14.84 -21.85 11.72
C GLY A 675 -16.12 -22.52 12.15
N THR A 676 -16.01 -23.61 12.94
CA THR A 676 -17.14 -24.42 13.46
C THR A 676 -17.95 -23.59 14.47
N ALA A 677 -19.21 -23.97 14.69
CA ALA A 677 -20.22 -23.24 15.49
C ALA A 677 -19.78 -23.15 16.96
N THR A 678 -19.80 -24.29 17.67
CA THR A 678 -19.47 -24.38 19.12
C THR A 678 -18.20 -25.22 19.30
N GLY A 679 -17.11 -24.83 18.63
CA GLY A 679 -15.79 -25.47 18.71
C GLY A 679 -14.69 -24.47 18.99
N PHE A 680 -13.52 -24.94 19.47
CA PHE A 680 -12.37 -24.10 19.90
C PHE A 680 -11.09 -24.56 19.22
N ASP A 681 -10.17 -23.60 18.97
CA ASP A 681 -8.81 -23.80 18.40
C ASP A 681 -7.80 -23.45 19.49
N PHE A 682 -7.14 -24.47 20.07
CA PHE A 682 -6.25 -24.35 21.25
C PHE A 682 -4.78 -24.48 20.82
N GLU A 683 -3.87 -23.81 21.54
CA GLU A 683 -2.41 -23.81 21.29
C GLU A 683 -1.67 -24.06 22.62
N LEU A 684 -0.95 -25.18 22.73
CA LEU A 684 -0.11 -25.53 23.90
C LEU A 684 1.32 -25.04 23.66
N ILE A 685 1.81 -24.13 24.50
CA ILE A 685 3.09 -23.38 24.28
C ILE A 685 4.17 -23.94 25.21
N ASP A 686 5.42 -24.01 24.72
CA ASP A 686 6.64 -24.35 25.49
C ASP A 686 7.32 -23.05 25.91
N GLN A 687 7.15 -22.66 27.19
CA GLN A 687 7.53 -21.32 27.73
C GLN A 687 8.96 -21.35 28.29
N ALA A 688 9.39 -22.49 28.85
CA ALA A 688 10.65 -22.65 29.61
C ALA A 688 11.78 -23.20 28.73
N GLY A 689 11.48 -23.53 27.47
CA GLY A 689 12.44 -24.21 26.55
C GLY A 689 12.64 -25.66 26.95
N LEU A 690 11.55 -26.35 27.29
CA LEU A 690 11.54 -27.76 27.79
C LEU A 690 12.08 -28.69 26.70
N GLY A 691 11.45 -28.65 25.52
CA GLY A 691 11.75 -29.53 24.37
C GLY A 691 10.49 -30.13 23.79
N HIS A 692 10.57 -30.66 22.56
CA HIS A 692 9.46 -31.31 21.82
C HIS A 692 8.95 -32.52 22.59
N GLU A 693 9.86 -33.33 23.14
CA GLU A 693 9.55 -34.59 23.87
C GLU A 693 8.71 -34.28 25.11
N LYS A 694 9.11 -33.29 25.90
CA LYS A 694 8.42 -32.85 27.15
C LYS A 694 7.05 -32.24 26.79
N LEU A 695 6.97 -31.49 25.68
CA LEU A 695 5.73 -30.81 25.21
C LEU A 695 4.72 -31.86 24.73
N THR A 696 5.18 -32.92 24.05
CA THR A 696 4.36 -34.05 23.56
C THR A 696 3.74 -34.78 24.76
N GLN A 697 4.51 -34.96 25.84
CA GLN A 697 4.06 -35.60 27.10
C GLN A 697 2.99 -34.72 27.77
N ALA A 698 3.24 -33.41 27.86
CA ALA A 698 2.32 -32.39 28.42
C ALA A 698 1.02 -32.37 27.61
N ARG A 699 1.11 -32.49 26.29
CA ARG A 699 -0.04 -32.57 25.35
C ARG A 699 -0.85 -33.83 25.65
N ASN A 700 -0.18 -34.99 25.77
CA ASN A 700 -0.78 -36.31 26.04
C ASN A 700 -1.54 -36.27 27.38
N GLN A 701 -0.92 -35.67 28.40
CA GLN A 701 -1.51 -35.49 29.77
C GLN A 701 -2.81 -34.70 29.66
N LEU A 702 -2.85 -33.67 28.82
CA LEU A 702 -4.03 -32.78 28.61
C LEU A 702 -5.08 -33.51 27.78
N LEU A 703 -4.65 -34.23 26.73
CA LEU A 703 -5.54 -35.06 25.86
C LEU A 703 -6.22 -36.15 26.69
N ALA A 704 -5.48 -36.78 27.61
CA ALA A 704 -5.94 -37.89 28.47
C ALA A 704 -6.92 -37.37 29.53
N GLU A 705 -6.64 -36.20 30.11
CA GLU A 705 -7.48 -35.55 31.15
C GLU A 705 -8.77 -35.02 30.52
N ALA A 706 -8.73 -34.67 29.22
CA ALA A 706 -9.89 -34.18 28.44
C ALA A 706 -10.81 -35.35 28.07
N ALA A 707 -10.24 -36.56 27.92
CA ALA A 707 -10.97 -37.82 27.62
C ALA A 707 -11.83 -38.24 28.81
N LYS A 708 -11.45 -37.81 30.03
CA LYS A 708 -12.19 -38.08 31.30
C LYS A 708 -13.43 -37.20 31.41
N HIS A 709 -13.59 -36.21 30.51
CA HIS A 709 -14.74 -35.26 30.47
C HIS A 709 -15.45 -35.33 29.12
N PRO A 710 -16.20 -36.42 28.82
CA PRO A 710 -17.06 -36.46 27.63
C PRO A 710 -18.28 -35.54 27.74
N ASP A 711 -18.69 -35.21 28.97
CA ASP A 711 -19.89 -34.39 29.29
C ASP A 711 -19.70 -32.94 28.82
N MET A 712 -18.46 -32.47 28.71
CA MET A 712 -18.12 -31.06 28.33
C MET A 712 -17.34 -31.04 27.02
N LEU A 713 -16.18 -31.71 26.97
CA LEU A 713 -15.22 -31.69 25.83
C LEU A 713 -15.51 -32.85 24.88
N THR A 714 -15.48 -32.59 23.56
CA THR A 714 -15.77 -33.57 22.48
C THR A 714 -14.71 -33.46 21.38
N SER A 715 -14.20 -34.61 20.91
CA SER A 715 -13.25 -34.75 19.78
C SER A 715 -12.03 -33.84 19.97
N VAL A 716 -11.37 -33.94 21.14
CA VAL A 716 -10.13 -33.18 21.48
C VAL A 716 -8.92 -33.98 20.96
N ARG A 717 -8.23 -33.45 19.94
CA ARG A 717 -7.12 -34.14 19.22
C ARG A 717 -6.14 -33.10 18.69
N PRO A 718 -4.87 -33.51 18.41
CA PRO A 718 -3.89 -32.61 17.79
C PRO A 718 -4.15 -32.44 16.28
N ASN A 719 -3.80 -31.27 15.73
CA ASN A 719 -3.88 -30.95 14.28
C ASN A 719 -2.54 -31.27 13.60
N GLY A 720 -1.50 -31.55 14.39
CA GLY A 720 -0.15 -31.90 13.91
C GLY A 720 0.00 -33.38 13.65
N LEU A 721 1.23 -33.85 13.43
CA LEU A 721 1.58 -35.27 13.15
C LEU A 721 2.34 -35.84 14.36
N GLU A 722 2.38 -37.18 14.45
CA GLU A 722 3.11 -37.92 15.52
C GLU A 722 4.55 -38.18 15.06
N ASP A 723 5.46 -38.41 16.01
CA ASP A 723 6.90 -38.68 15.76
C ASP A 723 7.03 -40.01 15.02
N THR A 724 8.01 -40.12 14.12
CA THR A 724 8.23 -41.29 13.23
C THR A 724 9.69 -41.72 13.28
N PRO A 725 10.00 -43.01 13.00
CA PRO A 725 11.38 -43.46 12.88
C PRO A 725 12.14 -42.66 11.81
N GLN A 726 13.33 -42.15 12.17
CA GLN A 726 14.23 -41.40 11.25
C GLN A 726 15.65 -41.98 11.38
N PHE A 727 16.36 -42.09 10.25
CA PHE A 727 17.67 -42.76 10.10
C PHE A 727 18.79 -41.78 10.49
N LYS A 728 19.17 -41.77 11.77
CA LYS A 728 20.29 -40.95 12.31
C LYS A 728 21.62 -41.53 11.81
N ILE A 729 22.43 -40.70 11.15
CA ILE A 729 23.79 -41.07 10.63
C ILE A 729 24.82 -40.10 11.20
N ASP A 730 25.90 -40.62 11.79
CA ASP A 730 26.98 -39.83 12.44
C ASP A 730 28.25 -39.94 11.59
N ILE A 731 28.73 -38.81 11.06
CA ILE A 731 30.01 -38.70 10.30
C ILE A 731 31.15 -38.60 11.33
N ASP A 732 32.03 -39.61 11.38
CA ASP A 732 33.22 -39.61 12.27
C ASP A 732 34.25 -38.64 11.67
N GLN A 733 34.50 -37.52 12.36
CA GLN A 733 35.37 -36.42 11.90
C GLN A 733 36.82 -36.90 11.82
N GLU A 734 37.24 -37.74 12.78
CA GLU A 734 38.64 -38.25 12.90
C GLU A 734 38.99 -39.13 11.70
N LYS A 735 38.13 -40.12 11.39
CA LYS A 735 38.34 -41.10 10.27
C LYS A 735 38.37 -40.35 8.93
N ALA A 736 37.46 -39.39 8.73
CA ALA A 736 37.37 -38.54 7.53
C ALA A 736 38.68 -37.78 7.34
N GLN A 737 39.19 -37.15 8.39
CA GLN A 737 40.47 -36.38 8.41
C GLN A 737 41.64 -37.33 8.11
N ALA A 738 41.63 -38.53 8.70
CA ALA A 738 42.69 -39.57 8.57
C ALA A 738 42.75 -40.07 7.13
N LEU A 739 41.60 -40.36 6.51
CA LEU A 739 41.48 -40.91 5.13
C LEU A 739 41.68 -39.79 4.09
N GLY A 740 41.60 -38.52 4.52
CA GLY A 740 41.75 -37.34 3.64
C GLY A 740 40.47 -37.05 2.87
N VAL A 741 39.31 -37.32 3.47
CA VAL A 741 37.96 -37.07 2.90
C VAL A 741 37.39 -35.81 3.57
N SER A 742 37.14 -34.75 2.79
CA SER A 742 36.54 -33.48 3.26
C SER A 742 35.07 -33.73 3.65
N ILE A 743 34.56 -32.96 4.62
CA ILE A 743 33.16 -33.10 5.14
C ILE A 743 32.21 -32.42 4.13
N ASN A 744 32.74 -31.47 3.33
CA ASN A 744 31.99 -30.78 2.24
C ASN A 744 31.58 -31.80 1.19
N ASP A 745 32.51 -32.67 0.76
CA ASP A 745 32.27 -33.74 -0.25
C ASP A 745 31.31 -34.79 0.31
N ILE A 746 31.46 -35.15 1.59
CA ILE A 746 30.60 -36.13 2.31
C ILE A 746 29.16 -35.60 2.33
N ASN A 747 28.95 -34.40 2.87
CA ASN A 747 27.62 -33.76 3.04
C ASN A 747 26.95 -33.56 1.67
N THR A 748 27.71 -33.14 0.66
CA THR A 748 27.23 -32.91 -0.73
C THR A 748 26.80 -34.26 -1.34
N THR A 749 27.64 -35.30 -1.23
CA THR A 749 27.41 -36.65 -1.79
C THR A 749 26.12 -37.25 -1.19
N LEU A 750 25.94 -37.14 0.13
CA LEU A 750 24.76 -37.67 0.86
C LEU A 750 23.52 -36.86 0.48
N GLY A 751 23.60 -35.53 0.58
CA GLY A 751 22.50 -34.59 0.31
C GLY A 751 22.03 -34.63 -1.14
N ALA A 752 22.97 -34.63 -2.09
CA ALA A 752 22.69 -34.65 -3.55
C ALA A 752 21.99 -35.96 -3.92
N ALA A 753 22.54 -37.09 -3.49
CA ALA A 753 22.05 -38.46 -3.80
C ALA A 753 20.65 -38.67 -3.22
N TRP A 754 20.53 -38.60 -1.89
CA TRP A 754 19.32 -38.99 -1.12
C TRP A 754 18.29 -37.86 -1.05
N GLY A 755 18.73 -36.60 -1.15
CA GLY A 755 17.88 -35.40 -0.98
C GLY A 755 17.56 -34.73 -2.31
N GLY A 756 18.54 -34.66 -3.22
CA GLY A 756 18.44 -33.92 -4.50
C GLY A 756 19.11 -32.56 -4.39
N SER A 757 19.69 -32.08 -5.49
CA SER A 757 20.46 -30.80 -5.57
C SER A 757 20.08 -30.04 -6.83
N TYR A 758 19.58 -28.80 -6.66
CA TYR A 758 19.25 -27.84 -7.74
C TYR A 758 20.54 -27.14 -8.19
N VAL A 759 21.14 -27.64 -9.29
CA VAL A 759 22.49 -27.23 -9.78
C VAL A 759 22.39 -25.85 -10.44
N ASN A 760 21.64 -25.74 -11.54
CA ASN A 760 21.46 -24.50 -12.33
C ASN A 760 20.23 -24.66 -13.23
N ASP A 761 19.98 -23.70 -14.12
CA ASP A 761 18.79 -23.66 -15.02
C ASP A 761 19.19 -24.11 -16.43
N PHE A 762 18.20 -24.51 -17.23
CA PHE A 762 18.33 -24.83 -18.68
C PHE A 762 17.07 -24.33 -19.41
N ILE A 763 17.06 -24.37 -20.74
CA ILE A 763 15.96 -23.84 -21.60
C ILE A 763 15.23 -25.02 -22.25
N ASP A 764 13.99 -25.29 -21.81
CA ASP A 764 13.08 -26.33 -22.36
C ASP A 764 12.04 -25.65 -23.25
N ARG A 765 12.14 -25.87 -24.57
CA ARG A 765 11.26 -25.26 -25.61
C ARG A 765 11.04 -23.77 -25.32
N GLY A 766 12.13 -23.04 -25.08
CA GLY A 766 12.14 -21.57 -24.96
C GLY A 766 12.01 -21.08 -23.52
N ARG A 767 11.46 -21.90 -22.62
CA ARG A 767 11.18 -21.53 -21.20
C ARG A 767 12.33 -21.99 -20.30
N VAL A 768 12.77 -21.12 -19.39
CA VAL A 768 13.84 -21.41 -18.37
C VAL A 768 13.25 -22.35 -17.32
N LYS A 769 13.94 -23.46 -17.04
CA LYS A 769 13.53 -24.51 -16.06
C LYS A 769 14.77 -25.02 -15.32
N LYS A 770 14.55 -25.77 -14.22
CA LYS A 770 15.62 -26.19 -13.27
C LYS A 770 16.31 -27.45 -13.76
N VAL A 771 17.55 -27.68 -13.31
CA VAL A 771 18.35 -28.92 -13.51
C VAL A 771 18.60 -29.54 -12.13
N TYR A 772 18.06 -30.73 -11.87
CA TYR A 772 18.16 -31.46 -10.57
C TYR A 772 19.06 -32.68 -10.74
N VAL A 773 20.08 -32.79 -9.89
CA VAL A 773 20.95 -33.99 -9.73
C VAL A 773 20.47 -34.74 -8.48
N MET A 774 20.30 -36.06 -8.59
CA MET A 774 19.76 -36.93 -7.51
C MET A 774 20.05 -38.40 -7.83
N SER A 775 20.01 -39.27 -6.82
CA SER A 775 20.11 -40.74 -6.95
C SER A 775 18.86 -41.30 -7.63
N GLU A 776 19.04 -42.28 -8.52
CA GLU A 776 17.92 -43.08 -9.11
C GLU A 776 17.23 -43.82 -7.95
N ALA A 777 15.90 -43.91 -8.00
CA ALA A 777 15.02 -44.43 -6.92
C ALA A 777 15.68 -45.62 -6.21
N LYS A 778 16.09 -46.64 -6.98
CA LYS A 778 16.51 -47.99 -6.48
C LYS A 778 17.73 -47.90 -5.54
N TYR A 779 18.52 -46.81 -5.62
CA TYR A 779 19.77 -46.64 -4.84
C TYR A 779 19.56 -45.74 -3.61
N ARG A 780 18.31 -45.41 -3.27
CA ARG A 780 17.98 -44.58 -2.08
C ARG A 780 16.64 -45.04 -1.49
N MET A 781 16.46 -46.37 -1.33
CA MET A 781 15.23 -47.00 -0.79
C MET A 781 15.55 -47.74 0.51
N LEU A 782 16.66 -48.50 0.55
CA LEU A 782 17.07 -49.35 1.70
C LEU A 782 18.21 -48.68 2.46
N PRO A 783 18.24 -48.79 3.81
CA PRO A 783 19.38 -48.30 4.61
C PRO A 783 20.76 -48.83 4.18
N ASP A 784 20.82 -50.05 3.64
CA ASP A 784 22.08 -50.72 3.20
C ASP A 784 22.67 -49.99 1.98
N ASP A 785 21.84 -49.27 1.22
CA ASP A 785 22.26 -48.52 0.00
C ASP A 785 23.19 -47.36 0.38
N ILE A 786 23.21 -46.95 1.65
CA ILE A 786 24.08 -45.86 2.18
C ILE A 786 25.54 -46.20 1.88
N GLY A 787 25.95 -47.44 2.13
CA GLY A 787 27.35 -47.92 2.01
C GLY A 787 27.75 -48.21 0.56
N ASP A 788 26.80 -48.13 -0.38
CA ASP A 788 27.06 -48.31 -1.84
C ASP A 788 27.55 -46.99 -2.45
N TRP A 789 27.47 -45.89 -1.71
CA TRP A 789 27.94 -44.53 -2.15
C TRP A 789 29.39 -44.32 -1.72
N TYR A 790 30.22 -43.83 -2.64
CA TYR A 790 31.69 -43.64 -2.46
C TYR A 790 32.05 -42.16 -2.65
N VAL A 791 32.89 -41.64 -1.77
CA VAL A 791 33.51 -40.27 -1.86
C VAL A 791 35.00 -40.45 -2.16
N ARG A 792 35.57 -39.60 -3.02
CA ARG A 792 37.01 -39.64 -3.38
C ARG A 792 37.79 -38.78 -2.38
N ALA A 793 38.90 -39.32 -1.84
CA ALA A 793 39.81 -38.64 -0.91
C ALA A 793 40.82 -37.80 -1.69
N ALA A 794 41.71 -37.09 -0.98
CA ALA A 794 42.77 -36.23 -1.55
C ALA A 794 43.78 -37.08 -2.33
N ASP A 795 44.05 -38.31 -1.88
CA ASP A 795 45.04 -39.24 -2.48
C ASP A 795 44.43 -39.96 -3.70
N GLY A 796 43.11 -39.85 -3.89
CA GLY A 796 42.39 -40.31 -5.10
C GLY A 796 41.73 -41.67 -4.92
N GLN A 797 41.71 -42.20 -3.70
CA GLN A 797 41.07 -43.51 -3.36
C GLN A 797 39.58 -43.28 -3.06
N MET A 798 38.71 -44.13 -3.61
CA MET A 798 37.24 -44.09 -3.40
C MET A 798 36.90 -44.78 -2.07
N VAL A 799 36.42 -44.00 -1.10
CA VAL A 799 36.09 -44.46 0.28
C VAL A 799 34.57 -44.65 0.36
N PRO A 800 34.07 -45.84 0.77
CA PRO A 800 32.64 -46.04 0.96
C PRO A 800 32.14 -45.35 2.25
N PHE A 801 30.86 -44.98 2.29
CA PHE A 801 30.22 -44.24 3.42
C PHE A 801 30.32 -45.05 4.72
N SER A 802 30.32 -46.38 4.62
CA SER A 802 30.41 -47.33 5.76
C SER A 802 31.73 -47.17 6.52
N ALA A 803 32.77 -46.64 5.85
CA ALA A 803 34.16 -46.52 6.39
C ALA A 803 34.24 -45.44 7.46
N PHE A 804 33.54 -44.32 7.30
CA PHE A 804 33.69 -43.09 8.13
C PHE A 804 32.35 -42.68 8.76
N SER A 805 31.36 -43.57 8.82
CA SER A 805 30.00 -43.26 9.35
C SER A 805 29.42 -44.47 10.11
N SER A 806 28.65 -44.17 11.16
CA SER A 806 27.76 -45.12 11.89
C SER A 806 26.32 -44.62 11.77
N SER A 807 25.34 -45.50 12.01
CA SER A 807 23.88 -45.19 11.90
C SER A 807 23.10 -45.89 13.01
N ARG A 808 21.92 -45.34 13.35
CA ARG A 808 20.96 -45.91 14.34
C ARG A 808 19.57 -45.33 14.07
N TRP A 809 18.53 -46.02 14.55
CA TRP A 809 17.11 -45.59 14.46
C TRP A 809 16.75 -44.75 15.69
N GLU A 810 16.07 -43.62 15.47
CA GLU A 810 15.47 -42.77 16.54
C GLU A 810 14.16 -42.18 16.02
N TYR A 811 13.32 -41.66 16.91
CA TYR A 811 12.03 -41.01 16.59
C TYR A 811 12.22 -39.49 16.60
N GLY A 812 11.50 -38.79 15.70
CA GLY A 812 11.55 -37.32 15.55
C GLY A 812 10.31 -36.79 14.86
N SER A 813 10.00 -35.50 15.07
CA SER A 813 8.78 -34.82 14.55
C SER A 813 8.90 -34.63 13.04
N PRO A 814 7.92 -35.14 12.24
CA PRO A 814 7.88 -34.85 10.80
C PRO A 814 7.33 -33.45 10.50
N ARG A 815 6.61 -32.85 11.44
CA ARG A 815 6.10 -31.45 11.37
C ARG A 815 6.20 -30.81 12.76
N LEU A 816 7.05 -29.78 12.90
CA LEU A 816 7.23 -28.99 14.15
C LEU A 816 6.42 -27.68 14.05
N GLU A 817 5.55 -27.45 15.03
CA GLU A 817 4.65 -26.25 15.08
C GLU A 817 5.24 -25.22 16.04
N ARG A 818 5.15 -23.94 15.69
CA ARG A 818 5.53 -22.78 16.54
C ARG A 818 4.39 -21.76 16.55
N TYR A 819 4.10 -21.17 17.71
CA TYR A 819 3.06 -20.11 17.90
C TYR A 819 3.66 -18.94 18.67
N ASN A 820 3.65 -17.75 18.07
CA ASN A 820 4.24 -16.49 18.60
C ASN A 820 5.72 -16.71 18.90
N GLY A 821 6.42 -17.45 18.03
CA GLY A 821 7.89 -17.65 18.06
C GLY A 821 8.33 -18.65 19.12
N LEU A 822 7.41 -19.42 19.69
CA LEU A 822 7.69 -20.48 20.69
C LEU A 822 7.17 -21.83 20.20
N PRO A 823 7.83 -22.95 20.53
CA PRO A 823 7.34 -24.28 20.17
C PRO A 823 5.91 -24.51 20.69
N SER A 824 5.01 -24.98 19.82
CA SER A 824 3.56 -25.16 20.10
C SER A 824 3.07 -26.51 19.58
N MET A 825 1.82 -26.85 19.89
CA MET A 825 1.07 -28.01 19.34
C MET A 825 -0.42 -27.66 19.29
N GLU A 826 -0.95 -27.42 18.08
CA GLU A 826 -2.34 -27.00 17.83
C GLU A 826 -3.29 -28.14 18.21
N ILE A 827 -4.12 -27.91 19.24
CA ILE A 827 -5.15 -28.86 19.75
C ILE A 827 -6.53 -28.34 19.33
N LEU A 828 -7.27 -29.12 18.55
CA LEU A 828 -8.68 -28.82 18.16
C LEU A 828 -9.62 -29.54 19.14
N GLY A 829 -10.89 -29.11 19.16
CA GLY A 829 -11.93 -29.64 20.07
C GLY A 829 -13.18 -28.79 20.04
N GLN A 830 -14.24 -29.22 20.76
CA GLN A 830 -15.56 -28.54 20.75
C GLN A 830 -16.37 -28.93 22.00
N ALA A 831 -17.38 -28.11 22.31
CA ALA A 831 -18.33 -28.31 23.43
C ALA A 831 -19.23 -29.53 23.13
N ALA A 832 -19.61 -30.27 24.18
CA ALA A 832 -20.50 -31.45 24.11
C ALA A 832 -21.92 -30.97 23.76
N PRO A 833 -22.80 -31.86 23.22
CA PRO A 833 -24.16 -31.47 22.85
C PRO A 833 -24.91 -30.78 24.01
N GLY A 834 -25.33 -29.53 23.79
CA GLY A 834 -26.10 -28.73 24.76
C GLY A 834 -25.28 -27.61 25.38
N LYS A 835 -24.03 -27.91 25.78
CA LYS A 835 -23.12 -26.94 26.46
C LYS A 835 -22.59 -25.91 25.46
N SER A 836 -22.09 -24.78 25.98
CA SER A 836 -21.55 -23.63 25.20
C SER A 836 -20.04 -23.79 25.03
N THR A 837 -19.43 -22.99 24.14
CA THR A 837 -17.98 -22.98 23.83
C THR A 837 -17.22 -22.42 25.04
N GLY A 838 -17.75 -21.36 25.66
CA GLY A 838 -17.17 -20.71 26.85
C GLY A 838 -16.90 -21.70 27.98
N GLU A 839 -17.87 -22.57 28.26
CA GLU A 839 -17.76 -23.64 29.31
C GLU A 839 -16.63 -24.61 28.95
N ALA A 840 -16.57 -25.04 27.69
CA ALA A 840 -15.53 -25.95 27.14
C ALA A 840 -14.15 -25.29 27.28
N MET A 841 -14.05 -24.00 26.93
CA MET A 841 -12.80 -23.20 27.02
C MET A 841 -12.39 -23.06 28.49
N GLU A 842 -13.32 -22.64 29.36
CA GLU A 842 -13.09 -22.42 30.82
C GLU A 842 -12.54 -23.71 31.46
N LEU A 843 -12.97 -24.88 30.99
CA LEU A 843 -12.51 -26.20 31.49
C LEU A 843 -11.09 -26.49 30.98
N MET A 844 -10.85 -26.29 29.67
CA MET A 844 -9.53 -26.50 29.03
C MET A 844 -8.46 -25.65 29.73
N GLU A 845 -8.82 -24.44 30.16
CA GLU A 845 -7.94 -23.50 30.91
C GLU A 845 -7.58 -24.11 32.27
N GLN A 846 -8.55 -24.75 32.94
CA GLN A 846 -8.39 -25.39 34.27
C GLN A 846 -7.49 -26.63 34.16
N LEU A 847 -7.65 -27.41 33.07
CA LEU A 847 -6.83 -28.61 32.79
C LEU A 847 -5.38 -28.19 32.48
N ALA A 848 -5.23 -27.11 31.69
CA ALA A 848 -3.93 -26.58 31.22
C ALA A 848 -3.12 -26.00 32.39
N SER A 849 -3.79 -25.53 33.46
CA SER A 849 -3.17 -24.90 34.64
C SER A 849 -2.43 -25.93 35.50
N LYS A 850 -2.86 -27.20 35.45
CA LYS A 850 -2.31 -28.32 36.26
C LYS A 850 -1.32 -29.15 35.44
N LEU A 851 -0.66 -28.55 34.45
CA LEU A 851 0.36 -29.20 33.58
C LEU A 851 1.74 -28.96 34.15
N PRO A 852 2.80 -29.67 33.68
CA PRO A 852 4.15 -29.50 34.20
C PRO A 852 4.70 -28.07 34.07
N THR A 853 5.74 -27.76 34.86
CA THR A 853 6.42 -26.43 34.92
C THR A 853 6.98 -26.09 33.53
N GLY A 854 6.67 -24.89 33.03
CA GLY A 854 7.17 -24.36 31.74
C GLY A 854 6.18 -24.55 30.59
N VAL A 855 5.01 -25.13 30.86
CA VAL A 855 3.94 -25.40 29.85
C VAL A 855 2.83 -24.36 30.04
N GLY A 856 2.80 -23.35 29.17
CA GLY A 856 1.71 -22.35 29.07
C GLY A 856 0.67 -22.78 28.05
N TYR A 857 -0.19 -21.86 27.63
CA TYR A 857 -1.22 -22.08 26.58
C TYR A 857 -1.68 -20.74 26.00
N ASP A 858 -2.54 -20.78 24.98
CA ASP A 858 -3.11 -19.58 24.32
C ASP A 858 -4.29 -20.01 23.42
N TRP A 859 -5.14 -19.06 23.04
CA TRP A 859 -6.28 -19.23 22.10
C TRP A 859 -5.97 -18.53 20.78
N THR A 860 -6.32 -19.16 19.65
CA THR A 860 -6.05 -18.67 18.27
C THR A 860 -7.30 -18.85 17.40
N GLY A 861 -7.26 -18.30 16.19
CA GLY A 861 -8.32 -18.42 15.16
C GLY A 861 -9.71 -18.11 15.72
N MET A 862 -10.61 -19.10 15.67
CA MET A 862 -12.04 -18.96 16.08
C MET A 862 -12.14 -18.56 17.56
N SER A 863 -11.28 -19.12 18.42
CA SER A 863 -11.29 -18.92 19.89
C SER A 863 -10.78 -17.52 20.25
N TYR A 864 -9.85 -16.96 19.46
CA TYR A 864 -9.27 -15.61 19.65
C TYR A 864 -10.36 -14.55 19.50
N GLN A 865 -11.20 -14.69 18.46
CA GLN A 865 -12.32 -13.75 18.14
C GLN A 865 -13.41 -13.86 19.21
N GLU A 866 -13.68 -15.10 19.67
CA GLU A 866 -14.66 -15.43 20.73
C GLU A 866 -14.28 -14.72 22.04
N ARG A 867 -12.99 -14.75 22.42
CA ARG A 867 -12.46 -14.25 23.72
C ARG A 867 -12.78 -12.76 23.88
N LEU A 868 -11.94 -11.88 23.30
CA LEU A 868 -12.00 -10.40 23.51
C LEU A 868 -13.05 -9.82 22.56
N SER A 869 -14.12 -9.25 23.12
CA SER A 869 -15.32 -8.70 22.42
C SER A 869 -16.14 -9.85 21.80
N GLY A 870 -17.45 -9.63 21.66
CA GLY A 870 -18.40 -10.61 21.08
C GLY A 870 -19.85 -10.24 21.37
N ASN A 871 -20.36 -10.69 22.52
CA ASN A 871 -21.78 -10.50 22.94
C ASN A 871 -21.99 -9.05 23.38
N GLN A 872 -22.45 -8.20 22.46
CA GLN A 872 -22.77 -6.76 22.70
C GLN A 872 -24.20 -6.44 22.24
N ALA A 873 -24.99 -7.46 21.89
CA ALA A 873 -26.37 -7.33 21.37
C ALA A 873 -27.32 -6.84 22.46
N PRO A 874 -27.30 -7.42 23.69
CA PRO A 874 -28.24 -7.03 24.74
C PRO A 874 -28.27 -5.52 25.03
N SER A 875 -27.09 -4.90 25.08
CA SER A 875 -26.90 -3.45 25.38
C SER A 875 -27.52 -2.58 24.29
N LEU A 876 -27.34 -2.96 23.02
CA LEU A 876 -27.83 -2.18 21.84
C LEU A 876 -29.36 -2.29 21.73
N TYR A 877 -29.94 -3.41 22.16
CA TYR A 877 -31.41 -3.62 22.23
C TYR A 877 -32.02 -2.70 23.29
N ALA A 878 -31.32 -2.54 24.43
CA ALA A 878 -31.69 -1.61 25.53
C ALA A 878 -31.65 -0.17 25.01
N ILE A 879 -30.57 0.20 24.32
CA ILE A 879 -30.38 1.54 23.69
C ILE A 879 -31.49 1.75 22.65
N SER A 880 -31.72 0.75 21.78
CA SER A 880 -32.75 0.78 20.71
C SER A 880 -34.12 1.15 21.30
N LEU A 881 -34.61 0.37 22.27
CA LEU A 881 -35.94 0.54 22.90
C LEU A 881 -36.01 1.90 23.61
N ILE A 882 -34.93 2.32 24.27
CA ILE A 882 -34.83 3.62 24.99
C ILE A 882 -34.99 4.77 23.99
N VAL A 883 -34.26 4.73 22.87
CA VAL A 883 -34.24 5.81 21.83
C VAL A 883 -35.61 5.84 21.12
N VAL A 884 -36.24 4.68 20.91
CA VAL A 884 -37.59 4.55 20.28
C VAL A 884 -38.62 5.21 21.21
N PHE A 885 -38.56 4.93 22.51
CA PHE A 885 -39.45 5.50 23.56
C PHE A 885 -39.33 7.03 23.58
N LEU A 886 -38.09 7.53 23.57
CA LEU A 886 -37.77 8.99 23.56
C LEU A 886 -38.41 9.64 22.32
N CYS A 887 -38.22 9.03 21.14
CA CYS A 887 -38.77 9.51 19.84
C CYS A 887 -40.30 9.50 19.88
N LEU A 888 -40.90 8.47 20.48
CA LEU A 888 -42.38 8.33 20.65
C LEU A 888 -42.91 9.47 21.54
N ALA A 889 -42.15 9.85 22.57
CA ALA A 889 -42.51 10.92 23.53
C ALA A 889 -42.60 12.27 22.81
N ALA A 890 -41.70 12.51 21.84
CA ALA A 890 -41.65 13.73 21.01
C ALA A 890 -42.86 13.78 20.07
N LEU A 891 -43.24 12.63 19.51
CA LEU A 891 -44.37 12.48 18.55
C LEU A 891 -45.70 12.81 19.24
N TYR A 892 -45.92 12.28 20.45
CA TYR A 892 -47.18 12.36 21.21
C TYR A 892 -47.17 13.53 22.22
N GLU A 893 -45.98 14.06 22.55
CA GLU A 893 -45.79 15.12 23.57
C GLU A 893 -46.29 14.59 24.92
N SER A 894 -45.74 13.46 25.36
CA SER A 894 -46.13 12.74 26.61
C SER A 894 -45.05 11.71 26.99
N TRP A 895 -44.80 11.54 28.29
CA TRP A 895 -43.89 10.51 28.86
C TRP A 895 -44.65 9.20 29.07
N SER A 896 -45.99 9.25 29.09
CA SER A 896 -46.91 8.13 29.46
C SER A 896 -47.40 7.39 28.22
N ILE A 897 -47.87 8.13 27.20
CA ILE A 897 -48.56 7.57 25.99
C ILE A 897 -47.63 6.59 25.26
N PRO A 898 -46.33 6.89 25.08
CA PRO A 898 -45.41 5.97 24.39
C PRO A 898 -45.48 4.51 24.87
N PHE A 899 -45.68 4.28 26.17
CA PHE A 899 -45.76 2.94 26.80
C PHE A 899 -46.88 2.10 26.15
N SER A 900 -47.96 2.76 25.70
CA SER A 900 -49.11 2.12 25.00
C SER A 900 -48.62 1.40 23.73
N VAL A 901 -47.59 1.94 23.08
CA VAL A 901 -46.94 1.37 21.86
C VAL A 901 -45.85 0.37 22.29
N MET A 902 -45.00 0.76 23.24
CA MET A 902 -43.79 0.00 23.66
C MET A 902 -44.15 -1.39 24.20
N LEU A 903 -45.39 -1.57 24.69
CA LEU A 903 -45.88 -2.85 25.28
C LEU A 903 -46.32 -3.83 24.19
N VAL A 904 -46.24 -3.45 22.91
CA VAL A 904 -46.60 -4.32 21.75
C VAL A 904 -45.37 -5.15 21.32
N VAL A 905 -44.18 -4.77 21.80
CA VAL A 905 -42.87 -5.38 21.39
C VAL A 905 -42.87 -6.86 21.78
N PRO A 906 -43.22 -7.24 23.02
CA PRO A 906 -43.23 -8.65 23.43
C PRO A 906 -44.25 -9.52 22.67
N LEU A 907 -45.32 -8.90 22.15
CA LEU A 907 -46.40 -9.60 21.38
C LEU A 907 -45.85 -10.06 20.03
N GLY A 908 -44.82 -9.38 19.51
CA GLY A 908 -44.14 -9.71 18.23
C GLY A 908 -42.98 -10.66 18.43
N VAL A 909 -42.15 -10.42 19.45
CA VAL A 909 -40.90 -11.18 19.75
C VAL A 909 -41.26 -12.65 20.04
N ILE A 910 -42.35 -12.89 20.78
CA ILE A 910 -42.84 -14.25 21.17
C ILE A 910 -42.99 -15.11 19.90
N GLY A 911 -43.59 -14.56 18.83
CA GLY A 911 -43.83 -15.27 17.57
C GLY A 911 -42.54 -15.68 16.89
N ALA A 912 -41.58 -14.76 16.81
CA ALA A 912 -40.23 -14.97 16.21
C ALA A 912 -39.52 -16.10 16.96
N LEU A 913 -39.63 -16.14 18.29
CA LEU A 913 -39.03 -17.17 19.17
C LEU A 913 -39.74 -18.52 18.95
N LEU A 914 -41.08 -18.53 18.93
CA LEU A 914 -41.91 -19.75 18.74
C LEU A 914 -41.63 -20.35 17.36
N ALA A 915 -41.57 -19.52 16.31
CA ALA A 915 -41.32 -19.92 14.90
C ALA A 915 -39.90 -20.50 14.76
N ALA A 916 -38.91 -19.87 15.42
CA ALA A 916 -37.49 -20.28 15.40
C ALA A 916 -37.30 -21.56 16.22
N THR A 917 -38.02 -21.69 17.34
CA THR A 917 -37.96 -22.84 18.28
C THR A 917 -38.46 -24.12 17.57
N PHE A 918 -39.67 -24.08 17.02
CA PHE A 918 -40.40 -25.26 16.49
C PHE A 918 -39.93 -25.60 15.07
N ARG A 919 -39.06 -24.79 14.47
CA ARG A 919 -38.37 -25.09 13.19
C ARG A 919 -36.89 -25.44 13.47
N GLY A 920 -36.51 -25.51 14.75
CA GLY A 920 -35.16 -25.95 15.22
C GLY A 920 -34.07 -25.02 14.73
N LEU A 921 -34.27 -23.70 14.82
CA LEU A 921 -33.27 -22.66 14.45
C LEU A 921 -32.58 -22.16 15.72
N THR A 922 -31.59 -21.26 15.56
CA THR A 922 -30.75 -20.71 16.65
C THR A 922 -30.78 -19.19 16.64
N ASN A 923 -30.43 -18.56 17.76
CA ASN A 923 -30.27 -17.08 17.90
C ASN A 923 -29.01 -16.67 17.14
N ASP A 924 -29.12 -16.53 15.81
CA ASP A 924 -28.00 -16.21 14.88
C ASP A 924 -28.19 -14.79 14.31
N VAL A 925 -27.27 -14.36 13.45
CA VAL A 925 -27.31 -13.05 12.72
C VAL A 925 -28.70 -12.84 12.13
N TYR A 926 -29.21 -13.82 11.38
CA TYR A 926 -30.46 -13.74 10.58
C TYR A 926 -31.69 -13.65 11.49
N PHE A 927 -31.61 -14.21 12.70
CA PHE A 927 -32.68 -14.12 13.73
C PHE A 927 -32.73 -12.70 14.30
N GLN A 928 -31.56 -12.10 14.56
CA GLN A 928 -31.41 -10.78 15.23
C GLN A 928 -31.88 -9.66 14.29
N VAL A 929 -31.48 -9.71 13.02
CA VAL A 929 -31.89 -8.71 11.97
C VAL A 929 -33.42 -8.79 11.79
N GLY A 930 -33.98 -10.00 11.89
CA GLY A 930 -35.43 -10.25 11.81
C GLY A 930 -36.16 -9.79 13.07
N LEU A 931 -35.53 -9.93 14.23
CA LEU A 931 -36.09 -9.54 15.55
C LEU A 931 -36.26 -8.02 15.62
N LEU A 932 -35.34 -7.27 15.00
CA LEU A 932 -35.40 -5.79 14.89
C LEU A 932 -36.54 -5.40 13.94
N THR A 933 -36.64 -6.09 12.80
CA THR A 933 -37.71 -5.89 11.78
C THR A 933 -39.08 -6.12 12.43
N THR A 934 -39.18 -7.16 13.26
CA THR A 934 -40.41 -7.54 14.02
C THR A 934 -40.84 -6.37 14.91
N ILE A 935 -39.90 -5.76 15.64
CA ILE A 935 -40.14 -4.60 16.55
C ILE A 935 -40.70 -3.44 15.72
N GLY A 936 -40.04 -3.10 14.61
CA GLY A 936 -40.43 -2.02 13.68
C GLY A 936 -41.84 -2.20 13.15
N LEU A 937 -42.18 -3.42 12.72
CA LEU A 937 -43.50 -3.76 12.12
C LEU A 937 -44.57 -3.81 13.22
N SER A 938 -44.26 -4.44 14.36
CA SER A 938 -45.18 -4.57 15.53
C SER A 938 -45.49 -3.18 16.10
N ALA A 939 -44.49 -2.30 16.15
CA ALA A 939 -44.62 -0.90 16.64
C ALA A 939 -45.47 -0.08 15.66
N LYS A 940 -45.27 -0.28 14.35
CA LYS A 940 -46.00 0.40 13.26
C LYS A 940 -47.51 0.18 13.42
N ASN A 941 -47.91 -1.05 13.73
CA ASN A 941 -49.34 -1.46 13.92
C ASN A 941 -49.90 -0.74 15.16
N ALA A 942 -49.16 -0.75 16.27
CA ALA A 942 -49.56 -0.12 17.56
C ALA A 942 -49.72 1.39 17.39
N ILE A 943 -48.71 2.05 16.81
CA ILE A 943 -48.70 3.53 16.56
C ILE A 943 -49.97 3.92 15.78
N LEU A 944 -50.32 3.16 14.75
CA LEU A 944 -51.46 3.45 13.83
C LEU A 944 -52.79 3.43 14.61
N ILE A 945 -52.93 2.51 15.58
CA ILE A 945 -54.14 2.38 16.44
C ILE A 945 -54.15 3.54 17.46
N VAL A 946 -53.00 3.83 18.07
CA VAL A 946 -52.84 4.86 19.14
C VAL A 946 -53.03 6.26 18.53
N GLU A 947 -52.42 6.52 17.37
CA GLU A 947 -52.54 7.82 16.63
C GLU A 947 -54.00 8.12 16.32
N PHE A 948 -54.75 7.11 15.86
CA PHE A 948 -56.19 7.19 15.51
C PHE A 948 -57.00 7.58 16.77
N ALA A 949 -56.76 6.87 17.88
CA ALA A 949 -57.44 7.08 19.18
C ALA A 949 -57.07 8.46 19.76
N LYS A 950 -55.84 8.92 19.54
CA LYS A 950 -55.32 10.22 20.04
C LYS A 950 -56.06 11.37 19.33
N ASP A 951 -56.10 11.34 17.99
CA ASP A 951 -56.71 12.39 17.13
C ASP A 951 -58.20 12.52 17.44
N LEU A 952 -58.87 11.43 17.80
CA LEU A 952 -60.31 11.40 18.16
C LEU A 952 -60.51 12.09 19.51
N MET A 953 -59.64 11.81 20.49
CA MET A 953 -59.68 12.40 21.86
C MET A 953 -59.19 13.86 21.82
N ASP A 954 -58.34 14.21 20.84
CA ASP A 954 -57.69 15.54 20.72
C ASP A 954 -58.47 16.42 19.73
N LYS A 955 -58.35 16.14 18.43
CA LYS A 955 -58.83 17.03 17.33
C LYS A 955 -60.37 17.03 17.30
N GLU A 956 -61.01 15.87 17.51
CA GLU A 956 -62.49 15.74 17.53
C GLU A 956 -63.01 15.96 18.96
N GLY A 957 -62.30 15.43 19.97
CA GLY A 957 -62.66 15.57 21.39
C GLY A 957 -63.71 14.56 21.81
N LYS A 958 -63.41 13.26 21.65
CA LYS A 958 -64.30 12.12 21.98
C LYS A 958 -63.89 11.53 23.33
N GLY A 959 -64.57 10.48 23.78
CA GLY A 959 -64.24 9.75 25.02
C GLY A 959 -63.01 8.89 24.87
N LEU A 960 -62.62 8.16 25.92
CA LEU A 960 -61.45 7.24 25.93
C LEU A 960 -61.89 5.88 25.40
N ILE A 961 -62.97 5.32 25.98
CA ILE A 961 -63.58 4.02 25.58
C ILE A 961 -64.15 4.15 24.16
N GLU A 962 -64.76 5.31 23.85
CA GLU A 962 -65.38 5.61 22.53
C GLU A 962 -64.29 5.64 21.45
N ALA A 963 -63.25 6.46 21.66
CA ALA A 963 -62.13 6.67 20.71
C ALA A 963 -61.41 5.34 20.44
N THR A 964 -61.06 4.61 21.50
CA THR A 964 -60.36 3.30 21.46
C THR A 964 -61.12 2.34 20.55
N LEU A 965 -62.45 2.27 20.69
CA LEU A 965 -63.35 1.37 19.91
C LEU A 965 -63.59 1.95 18.51
N ASP A 966 -63.68 3.28 18.39
CA ASP A 966 -63.93 3.99 17.11
C ASP A 966 -62.67 3.95 16.24
N ALA A 967 -61.49 3.83 16.86
CA ALA A 967 -60.16 3.77 16.19
C ALA A 967 -59.97 2.42 15.52
N VAL A 968 -60.13 1.32 16.28
CA VAL A 968 -59.87 -0.08 15.84
C VAL A 968 -60.73 -0.42 14.61
N ARG A 969 -61.93 0.15 14.51
CA ARG A 969 -62.89 -0.04 13.39
C ARG A 969 -62.18 0.17 12.05
N MET A 970 -61.67 1.39 11.82
CA MET A 970 -61.03 1.80 10.53
C MET A 970 -59.53 1.52 10.56
N ALA A 971 -59.00 1.00 11.67
CA ALA A 971 -57.59 0.58 11.84
C ALA A 971 -57.42 -0.90 11.47
N LEU A 972 -58.46 -1.72 11.69
CA LEU A 972 -58.48 -3.18 11.42
C LEU A 972 -58.12 -3.44 9.95
N ARG A 973 -58.80 -2.76 9.02
CA ARG A 973 -58.69 -2.98 7.55
C ARG A 973 -57.25 -2.74 7.08
N PRO A 974 -56.65 -1.54 7.28
CA PRO A 974 -55.29 -1.28 6.80
C PRO A 974 -54.20 -2.11 7.49
N ILE A 975 -54.43 -2.54 8.74
CA ILE A 975 -53.48 -3.40 9.51
C ILE A 975 -53.39 -4.77 8.83
N LEU A 976 -54.53 -5.48 8.73
CA LEU A 976 -54.61 -6.85 8.16
C LEU A 976 -54.23 -6.82 6.68
N MET A 977 -54.52 -5.70 5.99
CA MET A 977 -54.14 -5.46 4.57
C MET A 977 -52.62 -5.54 4.43
N THR A 978 -51.90 -4.69 5.16
CA THR A 978 -50.42 -4.53 5.08
C THR A 978 -49.72 -5.72 5.76
N SER A 979 -50.31 -6.26 6.82
CA SER A 979 -49.79 -7.43 7.59
C SER A 979 -49.73 -8.66 6.69
N LEU A 980 -50.86 -9.07 6.12
CA LEU A 980 -50.97 -10.23 5.19
C LEU A 980 -50.09 -10.00 3.96
N ALA A 981 -50.10 -8.78 3.42
CA ALA A 981 -49.31 -8.36 2.23
C ALA A 981 -47.82 -8.65 2.44
N PHE A 982 -47.32 -8.46 3.66
CA PHE A 982 -45.90 -8.68 4.05
C PHE A 982 -45.68 -10.14 4.44
N ILE A 983 -46.59 -10.72 5.24
CA ILE A 983 -46.59 -12.16 5.64
C ILE A 983 -46.51 -13.02 4.38
N LEU A 984 -47.33 -12.70 3.38
CA LEU A 984 -47.34 -13.38 2.05
C LEU A 984 -46.10 -12.94 1.26
N GLY A 985 -45.68 -11.68 1.42
CA GLY A 985 -44.49 -11.09 0.79
C GLY A 985 -43.21 -11.80 1.17
N VAL A 986 -43.12 -12.31 2.41
CA VAL A 986 -41.91 -13.02 2.95
C VAL A 986 -42.15 -14.53 2.92
N MET A 987 -43.19 -15.00 2.22
CA MET A 987 -43.49 -16.45 2.00
C MET A 987 -42.37 -17.08 1.17
N PRO A 988 -41.93 -16.46 0.05
CA PRO A 988 -40.88 -17.04 -0.78
C PRO A 988 -39.57 -17.36 -0.03
N LEU A 989 -39.25 -16.57 1.01
CA LEU A 989 -38.08 -16.78 1.90
C LEU A 989 -38.25 -18.08 2.69
N VAL A 990 -39.44 -18.29 3.27
CA VAL A 990 -39.76 -19.43 4.18
C VAL A 990 -39.75 -20.74 3.38
N ILE A 991 -40.33 -20.75 2.18
CA ILE A 991 -40.48 -21.95 1.32
C ILE A 991 -39.35 -22.03 0.29
N SER A 992 -38.27 -21.25 0.48
CA SER A 992 -37.08 -21.22 -0.41
C SER A 992 -36.34 -22.55 -0.34
N THR A 993 -35.97 -23.10 -1.51
CA THR A 993 -35.20 -24.37 -1.66
C THR A 993 -34.20 -24.21 -2.83
N GLY A 994 -32.92 -24.00 -2.51
CA GLY A 994 -31.86 -23.72 -3.49
C GLY A 994 -30.66 -23.03 -2.84
N ALA A 995 -29.87 -22.31 -3.63
CA ALA A 995 -28.65 -21.60 -3.19
C ALA A 995 -29.02 -20.51 -2.18
N GLY A 996 -28.48 -20.61 -0.95
CA GLY A 996 -28.67 -19.62 0.12
C GLY A 996 -30.03 -19.71 0.78
N SER A 997 -30.73 -20.84 0.61
CA SER A 997 -32.08 -21.09 1.16
C SER A 997 -32.01 -21.21 2.69
N GLY A 998 -30.89 -21.71 3.22
CA GLY A 998 -30.61 -21.79 4.66
C GLY A 998 -30.73 -20.43 5.34
N ALA A 999 -30.24 -19.38 4.66
CA ALA A 999 -30.29 -17.97 5.11
C ALA A 999 -31.71 -17.42 4.93
N GLN A 1000 -32.36 -17.73 3.80
CA GLN A 1000 -33.72 -17.25 3.44
C GLN A 1000 -34.75 -17.88 4.38
N ASN A 1001 -34.63 -19.19 4.64
CA ASN A 1001 -35.51 -19.96 5.56
C ASN A 1001 -35.38 -19.39 6.98
N ALA A 1002 -34.16 -19.08 7.41
CA ALA A 1002 -33.83 -18.57 8.77
C ALA A 1002 -34.45 -17.17 8.97
N VAL A 1003 -34.11 -16.23 8.10
CA VAL A 1003 -34.53 -14.79 8.19
C VAL A 1003 -36.06 -14.70 8.05
N GLY A 1004 -36.65 -15.52 7.19
CA GLY A 1004 -38.09 -15.52 6.87
C GLY A 1004 -38.94 -16.06 8.01
N THR A 1005 -38.57 -17.21 8.56
CA THR A 1005 -39.31 -17.96 9.62
C THR A 1005 -39.55 -17.04 10.82
N GLY A 1006 -38.51 -16.35 11.30
CA GLY A 1006 -38.55 -15.45 12.46
C GLY A 1006 -39.43 -14.24 12.21
N VAL A 1007 -39.29 -13.60 11.04
CA VAL A 1007 -40.03 -12.37 10.63
C VAL A 1007 -41.52 -12.72 10.48
N MET A 1008 -41.82 -13.78 9.72
CA MET A 1008 -43.22 -14.21 9.39
C MET A 1008 -43.95 -14.62 10.67
N GLY A 1009 -43.36 -15.54 11.45
CA GLY A 1009 -43.88 -15.98 12.75
C GLY A 1009 -44.13 -14.81 13.69
N GLY A 1010 -43.26 -13.80 13.65
CA GLY A 1010 -43.36 -12.57 14.44
C GLY A 1010 -44.58 -11.75 14.05
N MET A 1011 -44.83 -11.60 12.74
CA MET A 1011 -45.96 -10.80 12.18
C MET A 1011 -47.30 -11.45 12.56
N VAL A 1012 -47.36 -12.79 12.52
CA VAL A 1012 -48.59 -13.58 12.85
C VAL A 1012 -49.05 -13.22 14.27
N THR A 1013 -48.16 -13.38 15.26
CA THR A 1013 -48.43 -13.08 16.70
C THR A 1013 -48.64 -11.58 16.88
N ALA A 1014 -47.73 -10.76 16.35
CA ALA A 1014 -47.76 -9.27 16.43
C ALA A 1014 -49.15 -8.77 16.02
N THR A 1015 -49.59 -9.13 14.80
CA THR A 1015 -50.86 -8.66 14.19
C THR A 1015 -52.06 -9.20 14.98
N VAL A 1016 -52.08 -10.51 15.26
CA VAL A 1016 -53.21 -11.23 15.92
C VAL A 1016 -53.42 -10.65 17.33
N LEU A 1017 -52.36 -10.59 18.15
CA LEU A 1017 -52.43 -10.18 19.58
C LEU A 1017 -52.66 -8.66 19.66
N ALA A 1018 -51.95 -7.86 18.86
CA ALA A 1018 -51.96 -6.37 18.89
C ALA A 1018 -53.40 -5.84 18.89
N ILE A 1019 -54.20 -6.22 17.88
CA ILE A 1019 -55.56 -5.67 17.63
C ILE A 1019 -56.46 -5.88 18.86
N PHE A 1020 -56.12 -6.84 19.73
CA PHE A 1020 -56.83 -7.13 21.02
C PHE A 1020 -56.15 -6.42 22.19
N PHE A 1021 -54.81 -6.38 22.20
CA PHE A 1021 -53.98 -5.93 23.35
C PHE A 1021 -53.69 -4.42 23.28
N VAL A 1022 -53.46 -3.87 22.08
CA VAL A 1022 -53.10 -2.44 21.86
C VAL A 1022 -54.21 -1.55 22.41
N PRO A 1023 -55.50 -1.85 22.18
CA PRO A 1023 -56.60 -1.11 22.82
C PRO A 1023 -56.55 -1.14 24.36
N VAL A 1024 -56.14 -2.27 24.95
CA VAL A 1024 -56.02 -2.48 26.43
C VAL A 1024 -54.88 -1.59 26.95
N PHE A 1025 -53.75 -1.54 26.25
CA PHE A 1025 -52.56 -0.73 26.62
C PHE A 1025 -52.94 0.74 26.74
N PHE A 1026 -53.57 1.30 25.69
CA PHE A 1026 -53.97 2.73 25.59
C PHE A 1026 -54.86 3.11 26.77
N VAL A 1027 -55.92 2.35 27.01
CA VAL A 1027 -56.95 2.62 28.06
C VAL A 1027 -56.30 2.60 29.45
N VAL A 1028 -55.51 1.55 29.74
CA VAL A 1028 -54.85 1.33 31.07
C VAL A 1028 -53.79 2.42 31.31
N VAL A 1029 -52.96 2.72 30.30
CA VAL A 1029 -51.88 3.73 30.35
C VAL A 1029 -52.49 5.11 30.66
N ARG A 1030 -53.49 5.53 29.89
CA ARG A 1030 -54.13 6.87 30.00
C ARG A 1030 -54.82 7.02 31.37
N ARG A 1031 -55.49 5.97 31.85
CA ARG A 1031 -56.25 5.98 33.14
C ARG A 1031 -55.27 6.12 34.32
N ARG A 1032 -54.04 5.62 34.17
CA ARG A 1032 -52.97 5.74 35.20
C ARG A 1032 -52.46 7.20 35.25
N PHE A 1033 -52.26 7.82 34.08
CA PHE A 1033 -51.64 9.16 33.92
C PHE A 1033 -52.63 10.13 33.27
N SER A 1034 -53.69 10.51 34.02
CA SER A 1034 -54.73 11.51 33.63
C SER A 1034 -55.47 11.96 34.89
N ARG A 1035 -56.48 12.84 34.75
CA ARG A 1035 -57.29 13.31 35.91
C ARG A 1035 -58.62 13.93 35.43
N LYS A 1036 -58.59 15.02 34.67
CA LYS A 1036 -59.82 15.76 34.21
C LYS A 1036 -59.78 15.96 32.69
N ASN A 1037 -59.83 14.86 31.93
CA ASN A 1037 -59.88 14.84 30.44
C ASN A 1037 -59.93 13.37 29.99
N GLU A 1038 -61.00 13.00 29.27
CA GLU A 1038 -61.28 11.65 28.68
C GLU A 1038 -62.39 10.97 29.49
N ASP A 1039 -63.11 10.04 28.84
CA ASP A 1039 -64.30 9.29 29.34
C ASP A 1039 -65.58 10.09 29.03
N ILE A 1040 -65.47 11.42 28.89
CA ILE A 1040 -66.59 12.33 28.49
C ILE A 1040 -66.14 13.14 27.27
N GLU A 1041 -67.10 13.49 26.40
CA GLU A 1041 -66.87 14.21 25.10
C GLU A 1041 -66.43 15.66 25.36
N HIS A 1042 -65.75 16.25 24.37
CA HIS A 1042 -65.19 17.64 24.37
C HIS A 1042 -65.17 18.21 25.79
N MET B 1 -33.92 32.91 -3.75
CA MET B 1 -32.51 33.26 -3.38
C MET B 1 -32.10 34.60 -4.01
N PRO B 2 -32.40 34.88 -5.30
CA PRO B 2 -32.14 36.20 -5.86
C PRO B 2 -32.80 37.34 -5.07
N ASN B 3 -34.06 37.15 -4.66
CA ASN B 3 -34.84 38.10 -3.83
C ASN B 3 -34.12 38.33 -2.49
N PHE B 4 -33.60 37.26 -1.89
CA PHE B 4 -32.91 37.26 -0.57
C PHE B 4 -31.72 38.23 -0.59
N PHE B 5 -30.95 38.25 -1.68
CA PHE B 5 -29.67 38.99 -1.82
C PHE B 5 -29.91 40.37 -2.46
N ILE B 6 -31.05 40.58 -3.13
CA ILE B 6 -31.48 41.91 -3.64
C ILE B 6 -31.74 42.83 -2.43
N ASP B 7 -32.29 42.27 -1.35
CA ASP B 7 -32.60 43.00 -0.08
C ASP B 7 -31.38 43.00 0.85
N ARG B 8 -30.41 42.12 0.60
CA ARG B 8 -29.18 41.94 1.44
C ARG B 8 -27.94 42.04 0.56
N PRO B 9 -27.63 43.22 -0.02
CA PRO B 9 -26.49 43.37 -0.92
C PRO B 9 -25.10 43.15 -0.28
N ILE B 10 -24.95 43.42 1.01
CA ILE B 10 -23.65 43.29 1.75
C ILE B 10 -23.34 41.81 1.95
N PHE B 11 -24.35 40.99 2.26
CA PHE B 11 -24.23 39.51 2.35
C PHE B 11 -23.67 38.98 1.03
N ALA B 12 -24.24 39.42 -0.10
CA ALA B 12 -23.86 39.05 -1.48
C ALA B 12 -22.38 39.39 -1.72
N TRP B 13 -21.91 40.53 -1.20
CA TRP B 13 -20.50 40.99 -1.29
C TRP B 13 -19.60 40.08 -0.45
N VAL B 14 -20.05 39.69 0.75
CA VAL B 14 -19.30 38.80 1.69
C VAL B 14 -19.00 37.47 0.99
N ILE B 15 -20.01 36.84 0.39
CA ILE B 15 -19.90 35.53 -0.32
C ILE B 15 -18.94 35.70 -1.51
N ALA B 16 -19.03 36.83 -2.23
CA ALA B 16 -18.17 37.18 -3.39
C ALA B 16 -16.72 37.34 -2.94
N ILE B 17 -16.50 37.94 -1.76
CA ILE B 17 -15.15 38.18 -1.16
C ILE B 17 -14.60 36.84 -0.65
N ILE B 18 -15.42 36.05 0.04
CA ILE B 18 -15.06 34.68 0.54
C ILE B 18 -14.56 33.84 -0.64
N ILE B 19 -15.30 33.85 -1.75
CA ILE B 19 -14.97 33.11 -3.00
C ILE B 19 -13.63 33.63 -3.55
N MET B 20 -13.44 34.95 -3.58
CA MET B 20 -12.23 35.63 -4.11
C MET B 20 -10.99 35.19 -3.31
N LEU B 21 -11.08 35.23 -1.96
CA LEU B 21 -9.95 34.88 -1.05
C LEU B 21 -9.60 33.40 -1.19
N ALA B 22 -10.61 32.53 -1.25
CA ALA B 22 -10.47 31.07 -1.49
C ALA B 22 -9.72 30.83 -2.81
N GLY B 23 -10.09 31.58 -3.85
CA GLY B 23 -9.48 31.51 -5.19
C GLY B 23 -8.06 32.05 -5.21
N GLY B 24 -7.85 33.23 -4.62
CA GLY B 24 -6.53 33.86 -4.47
C GLY B 24 -5.57 32.96 -3.71
N LEU B 25 -6.05 32.35 -2.63
CA LEU B 25 -5.30 31.34 -1.81
C LEU B 25 -4.96 30.13 -2.68
N ALA B 26 -5.95 29.58 -3.40
CA ALA B 26 -5.82 28.40 -4.28
C ALA B 26 -4.74 28.65 -5.33
N ILE B 27 -4.75 29.84 -5.96
CA ILE B 27 -3.77 30.26 -7.02
C ILE B 27 -2.34 30.12 -6.48
N LEU B 28 -2.10 30.50 -5.21
CA LEU B 28 -0.76 30.49 -4.58
C LEU B 28 -0.30 29.05 -4.33
N LYS B 29 -1.19 28.18 -3.85
CA LYS B 29 -0.85 26.79 -3.41
C LYS B 29 -0.95 25.80 -4.58
N LEU B 30 -1.73 26.14 -5.63
CA LEU B 30 -2.02 25.24 -6.78
C LEU B 30 -0.73 24.79 -7.45
N PRO B 31 -0.55 23.47 -7.72
CA PRO B 31 0.55 22.99 -8.56
C PRO B 31 0.48 23.55 -9.98
N VAL B 32 1.64 23.69 -10.63
CA VAL B 32 1.78 24.25 -12.01
C VAL B 32 2.70 23.33 -12.81
N ALA B 33 2.19 22.72 -13.88
CA ALA B 33 2.92 21.81 -14.79
C ALA B 33 2.32 21.92 -16.20
N GLN B 34 3.09 21.55 -17.24
CA GLN B 34 2.66 21.62 -18.66
C GLN B 34 1.41 20.76 -18.86
N TYR B 35 1.49 19.48 -18.47
CA TYR B 35 0.38 18.50 -18.55
C TYR B 35 0.26 17.75 -17.23
N PRO B 36 -0.95 17.24 -16.89
CA PRO B 36 -1.12 16.36 -15.72
C PRO B 36 -0.75 14.91 -16.08
N THR B 37 -0.95 13.98 -15.14
CA THR B 37 -0.69 12.53 -15.32
C THR B 37 -1.75 11.96 -16.27
N ILE B 38 -1.37 11.70 -17.52
CA ILE B 38 -2.25 11.19 -18.61
C ILE B 38 -2.04 9.67 -18.75
N ALA B 39 -0.79 9.26 -19.02
CA ALA B 39 -0.39 7.85 -19.23
C ALA B 39 -0.68 7.04 -17.97
N PRO B 40 -1.11 5.76 -18.09
CA PRO B 40 -1.36 4.93 -16.92
C PRO B 40 -0.06 4.61 -16.19
N PRO B 41 -0.09 4.39 -14.85
CA PRO B 41 1.14 4.11 -14.09
C PRO B 41 1.94 2.95 -14.70
N ALA B 42 3.23 3.19 -14.96
CA ALA B 42 4.18 2.22 -15.56
C ALA B 42 5.44 2.15 -14.70
N VAL B 43 5.84 0.93 -14.29
CA VAL B 43 7.09 0.64 -13.52
C VAL B 43 8.02 -0.16 -14.43
N THR B 44 9.24 0.35 -14.66
CA THR B 44 10.27 -0.28 -15.54
C THR B 44 11.40 -0.86 -14.67
N ILE B 45 11.61 -2.18 -14.77
CA ILE B 45 12.75 -2.91 -14.16
C ILE B 45 13.91 -2.91 -15.16
N SER B 46 15.02 -2.22 -14.83
CA SER B 46 16.24 -2.10 -15.66
C SER B 46 17.39 -2.87 -15.02
N ALA B 47 18.03 -3.76 -15.78
CA ALA B 47 19.23 -4.56 -15.36
C ALA B 47 20.31 -4.46 -16.45
N SER B 48 21.55 -4.80 -16.08
CA SER B 48 22.76 -4.70 -16.94
C SER B 48 23.66 -5.92 -16.74
N TYR B 49 24.06 -6.56 -17.85
CA TYR B 49 24.99 -7.72 -17.88
C TYR B 49 26.14 -7.38 -18.84
N PRO B 50 27.22 -6.73 -18.35
CA PRO B 50 28.35 -6.33 -19.19
C PRO B 50 28.90 -7.45 -20.09
N GLY B 51 28.90 -7.21 -21.41
CA GLY B 51 29.49 -8.10 -22.43
C GLY B 51 28.58 -9.25 -22.81
N ALA B 52 27.29 -9.19 -22.43
CA ALA B 52 26.28 -10.24 -22.66
C ALA B 52 25.49 -9.94 -23.94
N ASP B 53 25.12 -10.98 -24.69
CA ASP B 53 24.25 -10.90 -25.89
C ASP B 53 22.79 -10.94 -25.45
N ALA B 54 21.87 -10.58 -26.36
CA ALA B 54 20.41 -10.48 -26.12
C ALA B 54 19.89 -11.78 -25.49
N LYS B 55 20.35 -12.94 -25.97
CA LYS B 55 19.85 -14.28 -25.57
C LYS B 55 20.35 -14.62 -24.16
N THR B 56 21.62 -14.31 -23.86
CA THR B 56 22.25 -14.50 -22.52
C THR B 56 21.46 -13.69 -21.48
N VAL B 57 21.11 -12.44 -21.83
CA VAL B 57 20.36 -11.50 -20.95
C VAL B 57 18.93 -12.04 -20.74
N GLN B 58 18.29 -12.54 -21.80
CA GLN B 58 16.88 -13.01 -21.79
C GLN B 58 16.75 -14.28 -20.93
N ASP B 59 17.64 -15.26 -21.15
CA ASP B 59 17.49 -16.66 -20.65
C ASP B 59 18.00 -16.77 -19.20
N THR B 60 18.75 -15.77 -18.70
CA THR B 60 19.33 -15.77 -17.33
C THR B 60 18.71 -14.67 -16.46
N VAL B 61 18.22 -13.57 -17.04
CA VAL B 61 17.70 -12.38 -16.29
C VAL B 61 16.20 -12.22 -16.58
N THR B 62 15.85 -11.85 -17.82
CA THR B 62 14.49 -11.39 -18.24
C THR B 62 13.44 -12.44 -17.86
N GLN B 63 13.63 -13.69 -18.29
CA GLN B 63 12.67 -14.81 -18.06
C GLN B 63 12.53 -15.07 -16.55
N VAL B 64 13.64 -15.01 -15.81
CA VAL B 64 13.69 -15.31 -14.34
C VAL B 64 12.87 -14.26 -13.58
N ILE B 65 13.02 -12.98 -13.94
CA ILE B 65 12.28 -11.84 -13.31
C ILE B 65 10.78 -11.95 -13.67
N GLU B 66 10.48 -12.15 -14.96
CA GLU B 66 9.10 -12.23 -15.51
C GLU B 66 8.28 -13.28 -14.73
N GLN B 67 8.87 -14.45 -14.45
CA GLN B 67 8.20 -15.59 -13.79
C GLN B 67 7.88 -15.24 -12.32
N ASN B 68 8.60 -14.29 -11.73
CA ASN B 68 8.48 -13.90 -10.30
C ASN B 68 7.58 -12.65 -10.16
N MET B 69 7.09 -12.08 -11.25
CA MET B 69 6.23 -10.86 -11.25
C MET B 69 4.77 -11.25 -11.00
N ASN B 70 4.49 -11.96 -9.89
CA ASN B 70 3.13 -12.43 -9.50
C ASN B 70 2.73 -11.78 -8.17
N GLY B 71 1.45 -11.86 -7.81
CA GLY B 71 0.89 -11.29 -6.57
C GLY B 71 0.87 -9.76 -6.59
N ILE B 72 1.10 -9.16 -7.76
CA ILE B 72 1.14 -7.69 -7.98
C ILE B 72 -0.27 -7.25 -8.43
N ASP B 73 -0.84 -6.25 -7.77
CA ASP B 73 -2.26 -5.83 -7.92
C ASP B 73 -2.41 -4.89 -9.11
N ASN B 74 -3.52 -5.03 -9.85
CA ASN B 74 -4.01 -4.08 -10.88
C ASN B 74 -3.04 -3.98 -12.05
N LEU B 75 -2.39 -5.09 -12.43
CA LEU B 75 -1.51 -5.18 -13.62
C LEU B 75 -2.37 -5.43 -14.87
N MET B 76 -2.22 -4.60 -15.90
CA MET B 76 -2.94 -4.72 -17.20
C MET B 76 -2.15 -5.64 -18.13
N TYR B 77 -0.87 -5.34 -18.35
CA TYR B 77 0.05 -6.13 -19.20
C TYR B 77 1.51 -5.86 -18.79
N MET B 78 2.39 -6.80 -19.17
CA MET B 78 3.86 -6.75 -18.94
C MET B 78 4.58 -6.90 -20.29
N SER B 79 5.56 -6.03 -20.57
CA SER B 79 6.38 -6.05 -21.81
C SER B 79 7.86 -5.88 -21.44
N SER B 80 8.75 -6.55 -22.18
CA SER B 80 10.22 -6.52 -21.96
C SER B 80 10.97 -6.67 -23.30
N ASN B 81 12.22 -6.20 -23.34
CA ASN B 81 13.15 -6.36 -24.48
C ASN B 81 14.58 -6.56 -23.94
N SER B 82 15.29 -7.55 -24.47
CA SER B 82 16.71 -7.89 -24.13
C SER B 82 17.58 -7.69 -25.37
N ASP B 83 18.60 -6.83 -25.30
CA ASP B 83 19.41 -6.40 -26.47
C ASP B 83 20.89 -6.79 -26.25
N SER B 84 21.70 -6.65 -27.31
CA SER B 84 23.11 -7.15 -27.39
C SER B 84 24.09 -6.19 -26.69
N THR B 85 23.60 -5.07 -26.15
CA THR B 85 24.39 -4.12 -25.33
C THR B 85 24.50 -4.65 -23.89
N GLY B 86 23.79 -5.75 -23.58
CA GLY B 86 23.78 -6.39 -22.26
C GLY B 86 22.73 -5.78 -21.35
N THR B 87 21.66 -5.23 -21.94
CA THR B 87 20.58 -4.47 -21.24
C THR B 87 19.26 -5.21 -21.37
N VAL B 88 18.44 -5.17 -20.31
CA VAL B 88 17.02 -5.64 -20.28
C VAL B 88 16.18 -4.57 -19.61
N GLN B 89 14.97 -4.32 -20.13
CA GLN B 89 13.98 -3.36 -19.57
C GLN B 89 12.59 -4.00 -19.58
N ILE B 90 12.09 -4.38 -18.39
CA ILE B 90 10.73 -4.95 -18.18
C ILE B 90 9.81 -3.83 -17.70
N THR B 91 8.87 -3.39 -18.54
CA THR B 91 7.84 -2.36 -18.22
C THR B 91 6.53 -3.06 -17.82
N LEU B 92 6.08 -2.83 -16.59
CA LEU B 92 4.77 -3.30 -16.07
C LEU B 92 3.79 -2.12 -16.01
N THR B 93 2.81 -2.09 -16.92
CA THR B 93 1.77 -1.04 -17.02
C THR B 93 0.56 -1.47 -16.18
N PHE B 94 0.01 -0.56 -15.37
CA PHE B 94 -1.05 -0.82 -14.37
C PHE B 94 -2.34 -0.11 -14.76
N GLU B 95 -3.45 -0.49 -14.10
CA GLU B 95 -4.80 0.13 -14.29
C GLU B 95 -4.72 1.60 -13.91
N SER B 96 -5.42 2.47 -14.64
CA SER B 96 -5.56 3.92 -14.36
C SER B 96 -6.24 4.10 -13.00
N GLY B 97 -5.63 4.88 -12.10
CA GLY B 97 -6.12 5.12 -10.73
C GLY B 97 -5.36 4.31 -9.69
N THR B 98 -4.44 3.44 -10.14
CA THR B 98 -3.55 2.62 -9.27
C THR B 98 -2.49 3.54 -8.65
N ASP B 99 -2.27 3.43 -7.33
CA ASP B 99 -1.20 4.16 -6.59
C ASP B 99 0.15 3.69 -7.15
N ALA B 100 0.92 4.60 -7.75
CA ALA B 100 2.21 4.33 -8.42
C ALA B 100 3.27 3.90 -7.40
N ASP B 101 3.16 4.38 -6.15
CA ASP B 101 4.08 4.03 -5.03
C ASP B 101 3.84 2.58 -4.62
N ILE B 102 2.57 2.18 -4.48
CA ILE B 102 2.15 0.78 -4.12
C ILE B 102 2.52 -0.16 -5.27
N ALA B 103 2.33 0.29 -6.51
CA ALA B 103 2.65 -0.48 -7.74
C ALA B 103 4.15 -0.77 -7.79
N GLN B 104 4.99 0.25 -7.54
CA GLN B 104 6.47 0.15 -7.62
C GLN B 104 7.02 -0.74 -6.51
N VAL B 105 6.53 -0.58 -5.27
CA VAL B 105 7.02 -1.31 -4.07
C VAL B 105 6.66 -2.79 -4.19
N GLN B 106 5.50 -3.11 -4.77
CA GLN B 106 5.03 -4.50 -5.00
C GLN B 106 5.89 -5.16 -6.08
N VAL B 107 6.24 -4.42 -7.13
CA VAL B 107 7.15 -4.88 -8.23
C VAL B 107 8.56 -5.05 -7.66
N GLN B 108 9.02 -4.06 -6.89
CA GLN B 108 10.35 -4.03 -6.22
C GLN B 108 10.50 -5.25 -5.31
N ASN B 109 9.48 -5.52 -4.48
CA ASN B 109 9.49 -6.59 -3.45
C ASN B 109 9.65 -7.96 -4.11
N LYS B 110 8.94 -8.21 -5.22
CA LYS B 110 8.98 -9.49 -5.96
C LYS B 110 10.33 -9.66 -6.66
N LEU B 111 10.94 -8.55 -7.11
CA LEU B 111 12.30 -8.53 -7.72
C LEU B 111 13.34 -8.93 -6.66
N GLN B 112 13.30 -8.28 -5.48
CA GLN B 112 14.23 -8.53 -4.35
C GLN B 112 14.35 -10.03 -4.08
N LEU B 113 13.22 -10.74 -4.03
CA LEU B 113 13.14 -12.19 -3.71
C LEU B 113 13.65 -13.03 -4.90
N ALA B 114 13.66 -12.46 -6.10
CA ALA B 114 14.09 -13.11 -7.37
C ALA B 114 15.58 -12.81 -7.65
N MET B 115 16.22 -11.94 -6.85
CA MET B 115 17.64 -11.52 -7.03
C MET B 115 18.59 -12.70 -6.88
N PRO B 116 18.41 -13.60 -5.89
CA PRO B 116 19.30 -14.76 -5.73
C PRO B 116 19.27 -15.76 -6.89
N LEU B 117 18.32 -15.62 -7.82
CA LEU B 117 18.14 -16.51 -9.00
C LEU B 117 18.91 -15.96 -10.20
N LEU B 118 19.35 -14.70 -10.14
CA LEU B 118 20.03 -13.99 -11.26
C LEU B 118 21.54 -14.27 -11.21
N PRO B 119 22.27 -14.07 -12.32
CA PRO B 119 23.73 -14.24 -12.33
C PRO B 119 24.44 -13.31 -11.35
N GLN B 120 25.60 -13.72 -10.84
CA GLN B 120 26.42 -12.97 -9.86
C GLN B 120 26.80 -11.61 -10.45
N GLU B 121 27.08 -11.55 -11.75
CA GLU B 121 27.51 -10.33 -12.48
C GLU B 121 26.34 -9.32 -12.52
N VAL B 122 25.10 -9.80 -12.62
CA VAL B 122 23.86 -8.96 -12.69
C VAL B 122 23.54 -8.45 -11.28
N GLN B 123 23.76 -9.28 -10.26
CA GLN B 123 23.54 -8.93 -8.83
C GLN B 123 24.53 -7.83 -8.41
N GLN B 124 25.78 -7.92 -8.89
CA GLN B 124 26.85 -6.89 -8.68
C GLN B 124 26.37 -5.54 -9.22
N GLN B 125 26.06 -5.49 -10.52
CA GLN B 125 25.57 -4.27 -11.24
C GLN B 125 24.27 -3.77 -10.58
N GLY B 126 23.38 -4.70 -10.22
CA GLY B 126 22.09 -4.41 -9.58
C GLY B 126 20.98 -4.21 -10.59
N VAL B 127 19.73 -4.14 -10.13
CA VAL B 127 18.50 -4.04 -10.96
C VAL B 127 17.65 -2.89 -10.43
N SER B 128 17.45 -1.85 -11.26
CA SER B 128 16.72 -0.60 -10.93
C SER B 128 15.22 -0.78 -11.20
N VAL B 129 14.37 -0.36 -10.26
CA VAL B 129 12.88 -0.30 -10.40
C VAL B 129 12.45 1.15 -10.25
N GLU B 130 12.00 1.77 -11.35
CA GLU B 130 11.69 3.22 -11.44
C GLU B 130 10.29 3.41 -12.05
N LYS B 131 9.61 4.50 -11.68
CA LYS B 131 8.35 4.97 -12.32
C LYS B 131 8.71 5.66 -13.64
N SER B 132 8.60 4.93 -14.75
CA SER B 132 9.04 5.36 -16.11
C SER B 132 7.96 6.20 -16.81
N SER B 133 6.73 6.16 -16.32
CA SER B 133 5.55 6.86 -16.92
C SER B 133 5.71 8.38 -16.81
N SER B 134 6.50 8.86 -15.84
CA SER B 134 6.80 10.30 -15.62
C SER B 134 7.67 10.85 -16.75
N SER B 135 7.56 12.16 -17.03
CA SER B 135 8.24 12.87 -18.13
C SER B 135 9.17 13.95 -17.56
N PHE B 136 10.06 14.49 -18.41
CA PHE B 136 11.09 15.50 -18.03
C PHE B 136 10.50 16.91 -18.04
N LEU B 137 10.87 17.72 -17.05
CA LEU B 137 10.56 19.17 -16.96
C LEU B 137 11.48 19.93 -17.91
N MET B 138 12.79 19.63 -17.87
CA MET B 138 13.83 20.22 -18.74
C MET B 138 15.03 19.27 -18.81
N VAL B 139 15.93 19.48 -19.77
CA VAL B 139 17.23 18.76 -19.91
C VAL B 139 18.36 19.80 -19.86
N VAL B 140 19.12 19.83 -18.76
CA VAL B 140 20.31 20.72 -18.58
C VAL B 140 21.50 20.06 -19.28
N GLY B 141 22.05 20.72 -20.30
CA GLY B 141 23.24 20.26 -21.05
C GLY B 141 24.51 20.88 -20.50
N VAL B 142 25.58 20.08 -20.38
CA VAL B 142 26.91 20.51 -19.86
C VAL B 142 27.97 20.16 -20.94
N ILE B 143 28.63 21.17 -21.50
CA ILE B 143 29.59 21.03 -22.64
C ILE B 143 30.95 21.60 -22.22
N ASN B 144 32.01 21.25 -22.96
CA ASN B 144 33.39 21.81 -22.82
C ASN B 144 33.82 22.36 -24.18
N THR B 145 34.01 23.68 -24.29
CA THR B 145 34.21 24.42 -25.56
C THR B 145 35.69 24.47 -25.93
N ASP B 146 36.60 24.45 -24.96
CA ASP B 146 38.07 24.61 -25.17
C ASP B 146 38.74 23.24 -25.33
N GLY B 147 37.95 22.16 -25.44
CA GLY B 147 38.41 20.79 -25.76
C GLY B 147 39.48 20.30 -24.79
N THR B 148 39.33 20.60 -23.49
CA THR B 148 40.23 20.16 -22.40
C THR B 148 39.62 18.96 -21.67
N MET B 149 38.32 18.69 -21.87
CA MET B 149 37.54 17.62 -21.19
C MET B 149 36.81 16.78 -22.23
N THR B 150 36.83 15.45 -22.06
CA THR B 150 36.02 14.46 -22.82
C THR B 150 34.63 14.37 -22.18
N GLN B 151 33.70 13.62 -22.78
CA GLN B 151 32.32 13.42 -22.28
C GLN B 151 32.37 12.68 -20.94
N GLU B 152 33.40 11.83 -20.73
CA GLU B 152 33.64 11.08 -19.47
C GLU B 152 34.11 12.07 -18.39
N ASP B 153 35.00 13.00 -18.74
CA ASP B 153 35.54 14.05 -17.84
C ASP B 153 34.41 14.97 -17.39
N ILE B 154 33.53 15.37 -18.31
CA ILE B 154 32.37 16.27 -18.05
C ILE B 154 31.36 15.52 -17.17
N SER B 155 31.02 14.28 -17.55
CA SER B 155 30.02 13.42 -16.84
C SER B 155 30.38 13.28 -15.36
N ASP B 156 31.66 13.00 -15.07
CA ASP B 156 32.19 12.77 -13.69
C ASP B 156 32.01 14.05 -12.86
N TYR B 157 32.30 15.21 -13.44
CA TYR B 157 32.20 16.53 -12.76
C TYR B 157 30.74 16.79 -12.36
N VAL B 158 29.81 16.63 -13.31
CA VAL B 158 28.34 16.85 -13.10
C VAL B 158 27.87 15.93 -11.96
N ALA B 159 28.31 14.67 -11.97
CA ALA B 159 27.93 13.62 -11.00
C ALA B 159 28.50 13.95 -9.60
N ALA B 160 29.78 14.33 -9.54
CA ALA B 160 30.55 14.52 -8.29
C ALA B 160 30.18 15.85 -7.61
N ASN B 161 29.81 16.87 -8.39
CA ASN B 161 29.64 18.27 -7.91
C ASN B 161 28.18 18.73 -8.04
N MET B 162 27.61 18.63 -9.23
CA MET B 162 26.37 19.36 -9.63
C MET B 162 25.11 18.55 -9.29
N LYS B 163 25.13 17.23 -9.48
CA LYS B 163 23.91 16.36 -9.48
C LYS B 163 23.14 16.50 -8.15
N ASP B 164 23.81 16.25 -7.02
CA ASP B 164 23.20 16.22 -5.66
C ASP B 164 22.59 17.59 -5.34
N ALA B 165 23.29 18.68 -5.70
CA ALA B 165 22.87 20.08 -5.47
C ALA B 165 21.57 20.38 -6.23
N ILE B 166 21.45 19.90 -7.48
CA ILE B 166 20.23 20.05 -8.34
C ILE B 166 19.13 19.14 -7.78
N SER B 167 19.47 17.94 -7.33
CA SER B 167 18.55 16.95 -6.72
C SER B 167 17.93 17.53 -5.43
N ARG B 168 18.68 18.39 -4.72
CA ARG B 168 18.26 19.03 -3.45
C ARG B 168 17.41 20.28 -3.72
N THR B 169 17.56 20.91 -4.89
CA THR B 169 16.86 22.14 -5.31
C THR B 169 15.34 21.98 -5.11
N SER B 170 14.66 23.07 -4.73
CA SER B 170 13.22 23.10 -4.39
C SER B 170 12.37 22.76 -5.62
N GLY B 171 11.57 21.70 -5.53
CA GLY B 171 10.59 21.29 -6.56
C GLY B 171 11.11 20.18 -7.48
N VAL B 172 12.40 19.85 -7.39
CA VAL B 172 13.06 18.80 -8.23
C VAL B 172 12.65 17.42 -7.69
N GLY B 173 12.09 16.57 -8.57
CA GLY B 173 11.49 15.27 -8.22
C GLY B 173 12.31 14.08 -8.70
N ASP B 174 13.27 14.30 -9.60
CA ASP B 174 14.14 13.23 -10.18
C ASP B 174 15.24 13.88 -11.03
N VAL B 175 16.45 13.31 -11.00
CA VAL B 175 17.62 13.80 -11.79
C VAL B 175 18.38 12.58 -12.32
N GLN B 176 18.37 12.37 -13.64
CA GLN B 176 19.07 11.26 -14.34
C GLN B 176 20.33 11.81 -15.03
N LEU B 177 21.50 11.25 -14.70
CA LEU B 177 22.81 11.63 -15.31
C LEU B 177 22.89 11.02 -16.72
N PHE B 178 22.98 11.87 -17.75
CA PHE B 178 23.12 11.49 -19.18
C PHE B 178 24.59 11.15 -19.44
N GLY B 179 25.02 9.99 -18.92
CA GLY B 179 26.43 9.55 -18.85
C GLY B 179 26.70 8.86 -17.52
N SER B 180 27.96 8.54 -17.23
CA SER B 180 28.42 7.87 -15.98
C SER B 180 29.62 8.61 -15.39
N GLN B 181 29.78 8.55 -14.06
CA GLN B 181 30.99 9.02 -13.34
C GLN B 181 32.18 8.15 -13.75
N TYR B 182 33.40 8.57 -13.41
CA TYR B 182 34.66 7.85 -13.74
C TYR B 182 34.57 6.40 -13.24
N ALA B 183 35.35 5.51 -13.88
CA ALA B 183 35.61 4.13 -13.45
C ALA B 183 37.10 3.84 -13.67
N MET B 184 37.72 3.04 -12.79
CA MET B 184 39.15 2.63 -12.92
C MET B 184 39.24 1.59 -14.04
N ARG B 185 39.61 2.03 -15.24
CA ARG B 185 39.71 1.17 -16.45
C ARG B 185 41.11 0.56 -16.53
N ILE B 186 41.19 -0.77 -16.44
CA ILE B 186 42.42 -1.58 -16.68
C ILE B 186 42.33 -2.14 -18.11
N TRP B 187 43.11 -1.59 -19.05
CA TRP B 187 43.14 -1.98 -20.48
C TRP B 187 44.25 -3.02 -20.68
N MET B 188 43.90 -4.31 -20.57
CA MET B 188 44.86 -5.45 -20.53
C MET B 188 45.53 -5.64 -21.89
N ASN B 189 46.77 -6.13 -21.87
CA ASN B 189 47.60 -6.42 -23.08
C ASN B 189 47.93 -7.92 -23.08
N PRO B 190 47.48 -8.69 -24.11
CA PRO B 190 47.67 -10.14 -24.12
C PRO B 190 49.13 -10.58 -24.34
N ASN B 191 49.90 -9.78 -25.09
CA ASN B 191 51.34 -10.03 -25.40
C ASN B 191 52.15 -9.99 -24.11
N GLU B 192 51.87 -9.02 -23.23
CA GLU B 192 52.59 -8.80 -21.95
C GLU B 192 52.15 -9.85 -20.92
N LEU B 193 50.84 -10.15 -20.87
CA LEU B 193 50.26 -11.17 -19.96
C LEU B 193 50.89 -12.54 -20.26
N ASN B 194 51.00 -12.91 -21.54
CA ASN B 194 51.58 -14.19 -22.01
C ASN B 194 53.08 -14.23 -21.70
N LYS B 195 53.76 -13.08 -21.82
CA LYS B 195 55.23 -12.92 -21.58
C LYS B 195 55.57 -13.37 -20.15
N PHE B 196 54.72 -13.06 -19.17
CA PHE B 196 54.94 -13.34 -17.72
C PHE B 196 54.08 -14.54 -17.28
N GLN B 197 53.47 -15.26 -18.23
CA GLN B 197 52.60 -16.44 -17.98
C GLN B 197 51.47 -16.06 -17.02
N LEU B 198 50.71 -15.00 -17.37
CA LEU B 198 49.57 -14.48 -16.58
C LEU B 198 48.32 -14.41 -17.46
N THR B 199 47.14 -14.31 -16.84
CA THR B 199 45.81 -14.27 -17.49
C THR B 199 44.96 -13.19 -16.84
N PRO B 200 43.81 -12.79 -17.43
CA PRO B 200 42.85 -11.91 -16.77
C PRO B 200 42.38 -12.43 -15.40
N VAL B 201 42.39 -13.75 -15.20
CA VAL B 201 42.04 -14.43 -13.91
C VAL B 201 42.97 -13.91 -12.81
N ASP B 202 44.27 -13.83 -13.09
CA ASP B 202 45.32 -13.36 -12.15
C ASP B 202 45.11 -11.87 -11.86
N VAL B 203 44.84 -11.07 -12.91
CA VAL B 203 44.62 -9.59 -12.84
C VAL B 203 43.43 -9.32 -11.89
N ILE B 204 42.32 -10.04 -12.08
CA ILE B 204 41.06 -9.90 -11.29
C ILE B 204 41.35 -10.30 -9.83
N THR B 205 41.99 -11.46 -9.63
CA THR B 205 42.34 -12.03 -8.29
C THR B 205 43.19 -11.02 -7.51
N ALA B 206 44.15 -10.37 -8.17
CA ALA B 206 45.13 -9.42 -7.57
C ALA B 206 44.41 -8.13 -7.14
N ILE B 207 43.55 -7.59 -8.01
CA ILE B 207 42.77 -6.35 -7.75
C ILE B 207 41.86 -6.57 -6.53
N LYS B 208 41.22 -7.74 -6.43
CA LYS B 208 40.28 -8.11 -5.34
C LYS B 208 41.03 -8.17 -3.99
N ALA B 209 42.31 -8.53 -4.00
CA ALA B 209 43.17 -8.70 -2.81
C ALA B 209 43.75 -7.36 -2.35
N GLN B 210 44.24 -6.55 -3.30
CA GLN B 210 45.08 -5.34 -3.04
C GLN B 210 44.23 -4.06 -3.15
N ASN B 211 42.95 -4.18 -3.54
CA ASN B 211 41.93 -3.08 -3.51
C ASN B 211 40.71 -3.59 -2.77
N ALA B 212 40.74 -3.57 -1.43
CA ALA B 212 39.71 -4.15 -0.54
C ALA B 212 39.67 -3.39 0.80
N GLN B 213 38.48 -3.37 1.42
CA GLN B 213 38.24 -2.87 2.80
C GLN B 213 38.26 -4.07 3.75
N VAL B 214 39.31 -4.16 4.59
CA VAL B 214 39.56 -5.30 5.51
C VAL B 214 39.18 -4.88 6.94
N ALA B 215 38.33 -5.65 7.60
CA ALA B 215 37.91 -5.47 9.01
C ALA B 215 39.03 -5.98 9.93
N ALA B 216 39.43 -5.16 10.92
CA ALA B 216 40.48 -5.47 11.91
C ALA B 216 39.86 -5.66 13.29
N GLY B 217 39.53 -4.55 13.98
CA GLY B 217 38.94 -4.57 15.34
C GLY B 217 39.33 -3.33 16.14
N GLN B 218 39.65 -3.52 17.43
CA GLN B 218 39.93 -2.42 18.39
C GLN B 218 41.07 -2.81 19.33
N LEU B 219 41.82 -1.81 19.79
CA LEU B 219 42.71 -1.90 20.99
C LEU B 219 41.85 -1.66 22.24
N GLY B 220 42.01 -2.47 23.27
CA GLY B 220 41.27 -2.36 24.54
C GLY B 220 39.76 -2.48 24.35
N GLY B 221 39.33 -3.30 23.39
CA GLY B 221 37.90 -3.57 23.12
C GLY B 221 37.28 -4.43 24.20
N THR B 222 35.96 -4.36 24.36
CA THR B 222 35.19 -5.14 25.36
C THR B 222 35.02 -6.57 24.88
N PRO B 223 35.08 -7.61 25.75
CA PRO B 223 35.38 -7.43 27.18
C PRO B 223 36.86 -7.19 27.43
N PRO B 224 37.24 -6.15 28.21
CA PRO B 224 38.65 -5.80 28.41
C PRO B 224 39.28 -6.45 29.66
N VAL B 225 40.61 -6.38 29.77
CA VAL B 225 41.37 -6.59 31.04
C VAL B 225 41.24 -5.30 31.85
N LYS B 226 40.57 -5.36 33.02
CA LYS B 226 40.37 -4.21 33.94
C LYS B 226 41.74 -3.58 34.24
N GLY B 227 41.81 -2.24 34.17
CA GLY B 227 43.06 -1.46 34.28
C GLY B 227 43.45 -0.82 32.95
N GLN B 228 42.90 -1.33 31.84
CA GLN B 228 43.03 -0.75 30.47
C GLN B 228 42.58 0.71 30.51
N GLN B 229 43.35 1.61 29.87
CA GLN B 229 43.16 3.08 29.94
C GLN B 229 42.68 3.62 28.58
N LEU B 230 43.29 3.19 27.47
CA LEU B 230 42.98 3.69 26.10
C LEU B 230 42.22 2.64 25.30
N ASN B 231 41.25 3.09 24.49
CA ASN B 231 40.44 2.27 23.54
C ASN B 231 40.47 2.95 22.17
N ALA B 232 41.14 2.32 21.19
CA ALA B 232 41.33 2.85 19.82
C ALA B 232 40.92 1.79 18.78
N SER B 233 40.23 2.22 17.72
CA SER B 233 39.85 1.37 16.55
C SER B 233 41.10 1.05 15.72
N ILE B 234 41.22 -0.19 15.25
CA ILE B 234 42.33 -0.64 14.35
C ILE B 234 41.87 -0.47 12.90
N ILE B 235 42.60 0.33 12.12
CA ILE B 235 42.41 0.52 10.66
C ILE B 235 43.43 -0.36 9.93
N ALA B 236 42.96 -1.29 9.10
CA ALA B 236 43.79 -2.18 8.26
C ALA B 236 43.76 -1.67 6.81
N GLN B 237 43.89 -2.58 5.83
CA GLN B 237 43.85 -2.26 4.38
C GLN B 237 42.50 -1.62 4.04
N THR B 238 42.53 -0.46 3.37
CA THR B 238 41.36 0.25 2.80
C THR B 238 41.48 0.24 1.26
N ARG B 239 40.44 0.71 0.57
CA ARG B 239 40.35 0.75 -0.92
C ARG B 239 41.45 1.68 -1.47
N LEU B 240 41.89 1.41 -2.71
CA LEU B 240 42.84 2.26 -3.46
C LEU B 240 42.11 3.53 -3.94
N THR B 241 42.83 4.61 -4.21
CA THR B 241 42.27 5.97 -4.44
C THR B 241 42.78 6.62 -5.73
N SER B 242 43.71 6.00 -6.46
CA SER B 242 44.41 6.62 -7.61
C SER B 242 44.90 5.56 -8.61
N THR B 243 45.11 5.98 -9.86
CA THR B 243 45.65 5.17 -10.98
C THR B 243 47.06 4.66 -10.63
N GLU B 244 47.84 5.49 -9.92
CA GLU B 244 49.23 5.18 -9.49
C GLU B 244 49.22 3.90 -8.62
N GLU B 245 48.38 3.87 -7.60
CA GLU B 245 48.25 2.74 -6.62
C GLU B 245 47.89 1.46 -7.38
N PHE B 246 46.91 1.53 -8.30
CA PHE B 246 46.47 0.39 -9.16
C PHE B 246 47.65 -0.07 -10.02
N GLY B 247 48.48 0.86 -10.48
CA GLY B 247 49.71 0.58 -11.27
C GLY B 247 50.71 -0.25 -10.50
N LYS B 248 50.81 -0.05 -9.18
CA LYS B 248 51.81 -0.70 -8.29
C LYS B 248 51.28 -2.06 -7.78
N ILE B 249 50.05 -2.44 -8.14
CA ILE B 249 49.44 -3.77 -7.79
C ILE B 249 50.37 -4.87 -8.29
N LEU B 250 50.86 -5.72 -7.38
CA LEU B 250 51.82 -6.83 -7.68
C LEU B 250 51.04 -8.01 -8.24
N LEU B 251 51.54 -8.63 -9.31
CA LEU B 251 50.93 -9.80 -10.00
C LEU B 251 51.84 -11.04 -9.82
N LYS B 252 53.15 -10.88 -10.03
CA LYS B 252 54.13 -12.00 -10.03
C LYS B 252 55.51 -11.49 -9.58
N VAL B 253 56.28 -12.36 -8.91
CA VAL B 253 57.72 -12.16 -8.57
C VAL B 253 58.53 -13.28 -9.23
N ASN B 254 59.46 -12.92 -10.12
CA ASN B 254 60.23 -13.87 -10.96
C ASN B 254 61.36 -14.51 -10.14
N GLN B 255 62.08 -15.47 -10.74
CA GLN B 255 63.22 -16.21 -10.12
C GLN B 255 64.35 -15.23 -9.76
N ASP B 256 64.72 -14.35 -10.71
CA ASP B 256 65.83 -13.36 -10.55
C ASP B 256 65.44 -12.31 -9.50
N GLY B 257 64.14 -12.18 -9.19
CA GLY B 257 63.63 -11.33 -8.10
C GLY B 257 62.85 -10.13 -8.62
N SER B 258 62.86 -9.91 -9.94
CA SER B 258 62.14 -8.79 -10.63
C SER B 258 60.63 -8.94 -10.39
N ARG B 259 59.92 -7.81 -10.30
CA ARG B 259 58.48 -7.73 -9.92
C ARG B 259 57.64 -7.37 -11.14
N VAL B 260 56.54 -8.09 -11.36
CA VAL B 260 55.55 -7.82 -12.44
C VAL B 260 54.35 -7.08 -11.81
N LEU B 261 54.17 -5.81 -12.18
CA LEU B 261 53.07 -4.94 -11.67
C LEU B 261 51.93 -4.92 -12.70
N LEU B 262 50.78 -4.33 -12.34
CA LEU B 262 49.57 -4.25 -13.20
C LEU B 262 49.83 -3.30 -14.38
N ARG B 263 50.66 -2.26 -14.17
CA ARG B 263 51.00 -1.24 -15.20
C ARG B 263 51.92 -1.84 -16.27
N ASP B 264 52.60 -2.96 -15.97
CA ASP B 264 53.52 -3.66 -16.90
C ASP B 264 52.71 -4.40 -17.98
N VAL B 265 51.51 -4.89 -17.63
CA VAL B 265 50.69 -5.79 -18.50
C VAL B 265 49.35 -5.13 -18.88
N ALA B 266 49.17 -3.84 -18.59
CA ALA B 266 47.91 -3.09 -18.88
C ALA B 266 48.14 -1.57 -18.82
N LYS B 267 47.33 -0.83 -19.58
CA LYS B 267 47.19 0.65 -19.47
C LYS B 267 46.12 0.96 -18.43
N ILE B 268 46.40 1.89 -17.51
CA ILE B 268 45.54 2.23 -16.34
C ILE B 268 45.18 3.72 -16.42
N GLU B 269 43.89 4.04 -16.54
CA GLU B 269 43.37 5.44 -16.62
C GLU B 269 41.94 5.49 -16.09
N LEU B 270 41.49 6.68 -15.69
CA LEU B 270 40.08 6.98 -15.34
C LEU B 270 39.28 7.18 -16.63
N GLY B 271 38.18 6.46 -16.81
CA GLY B 271 37.28 6.54 -17.97
C GLY B 271 35.84 6.26 -17.59
N GLY B 272 34.96 6.07 -18.58
CA GLY B 272 33.52 5.81 -18.39
C GLY B 272 33.28 4.35 -18.03
N GLU B 273 32.09 4.04 -17.50
CA GLU B 273 31.65 2.66 -17.17
C GLU B 273 31.42 1.87 -18.47
N ASN B 274 30.86 2.53 -19.50
CA ASN B 274 30.70 1.99 -20.86
C ASN B 274 31.02 3.10 -21.89
N TYR B 275 31.30 2.72 -23.13
CA TYR B 275 31.66 3.62 -24.25
C TYR B 275 30.67 3.45 -25.41
N ASP B 276 29.48 2.91 -25.14
CA ASP B 276 28.43 2.59 -26.14
C ASP B 276 27.87 3.89 -26.72
N ILE B 277 27.56 4.88 -25.87
CA ILE B 277 26.95 6.19 -26.25
C ILE B 277 28.08 7.23 -26.41
N ILE B 278 28.06 7.98 -27.52
CA ILE B 278 28.90 9.20 -27.73
C ILE B 278 27.95 10.39 -27.88
N ALA B 279 28.00 11.33 -26.92
CA ALA B 279 27.16 12.54 -26.87
C ALA B 279 27.98 13.75 -27.33
N GLU B 280 27.47 14.49 -28.32
CA GLU B 280 28.07 15.74 -28.85
C GLU B 280 26.99 16.82 -28.95
N PHE B 281 27.31 18.04 -28.51
CA PHE B 281 26.45 19.25 -28.59
C PHE B 281 27.15 20.27 -29.51
N ASN B 282 26.69 20.37 -30.75
CA ASN B 282 27.31 21.20 -31.83
C ASN B 282 28.75 20.73 -32.05
N GLY B 283 28.99 19.42 -32.03
CA GLY B 283 30.28 18.78 -32.33
C GLY B 283 31.23 18.75 -31.14
N GLN B 284 30.87 19.39 -30.02
CA GLN B 284 31.72 19.51 -28.81
C GLN B 284 31.32 18.43 -27.80
N PRO B 285 32.27 17.89 -27.00
CA PRO B 285 31.94 16.87 -25.99
C PRO B 285 30.91 17.40 -24.98
N ALA B 286 29.89 16.58 -24.67
CA ALA B 286 28.71 16.98 -23.86
C ALA B 286 28.27 15.85 -22.93
N SER B 287 27.78 16.22 -21.75
CA SER B 287 26.95 15.38 -20.83
C SER B 287 25.63 16.12 -20.60
N GLY B 288 24.92 15.83 -19.50
CA GLY B 288 23.70 16.57 -19.13
C GLY B 288 22.92 15.92 -18.00
N LEU B 289 21.84 16.58 -17.56
CA LEU B 289 20.93 16.14 -16.48
C LEU B 289 19.49 16.20 -16.96
N GLY B 290 18.77 15.08 -16.93
CA GLY B 290 17.31 14.99 -17.17
C GLY B 290 16.54 15.21 -15.88
N ILE B 291 15.97 16.40 -15.70
CA ILE B 291 15.30 16.85 -14.44
C ILE B 291 13.78 16.68 -14.60
N LYS B 292 13.14 15.95 -13.67
CA LYS B 292 11.67 15.75 -13.60
C LYS B 292 11.10 16.58 -12.46
N LEU B 293 9.87 17.08 -12.63
CA LEU B 293 9.15 17.92 -11.63
C LEU B 293 8.60 17.00 -10.52
N ALA B 294 8.73 17.41 -9.26
CA ALA B 294 8.20 16.71 -8.08
C ALA B 294 6.67 16.88 -8.02
N THR B 295 5.99 15.95 -7.35
CA THR B 295 4.50 15.91 -7.21
C THR B 295 4.02 17.16 -6.45
N GLY B 296 3.15 17.95 -7.08
CA GLY B 296 2.53 19.15 -6.47
C GLY B 296 3.38 20.41 -6.63
N ALA B 297 4.58 20.28 -7.20
CA ALA B 297 5.56 21.39 -7.35
C ALA B 297 5.12 22.35 -8.45
N ASN B 298 5.59 23.60 -8.38
CA ASN B 298 5.34 24.68 -9.38
C ASN B 298 6.49 24.66 -10.40
N ALA B 299 6.18 24.36 -11.66
CA ALA B 299 7.15 24.18 -12.77
C ALA B 299 7.99 25.45 -12.96
N LEU B 300 7.35 26.62 -12.95
CA LEU B 300 7.99 27.94 -13.22
C LEU B 300 8.94 28.30 -12.06
N ASP B 301 8.55 28.00 -10.82
CA ASP B 301 9.36 28.22 -9.60
C ASP B 301 10.54 27.25 -9.56
N THR B 302 10.31 25.99 -9.97
CA THR B 302 11.32 24.90 -9.97
C THR B 302 12.45 25.25 -10.95
N ALA B 303 12.10 25.58 -12.20
CA ALA B 303 13.04 25.90 -13.30
C ALA B 303 13.87 27.14 -12.94
N ALA B 304 13.23 28.18 -12.40
CA ALA B 304 13.87 29.43 -11.91
C ALA B 304 14.90 29.09 -10.84
N ALA B 305 14.57 28.15 -9.94
CA ALA B 305 15.42 27.70 -8.81
C ALA B 305 16.60 26.86 -9.34
N ILE B 306 16.36 26.04 -10.38
CA ILE B 306 17.41 25.19 -11.03
C ILE B 306 18.46 26.12 -11.66
N ARG B 307 18.02 27.13 -12.41
CA ARG B 307 18.88 28.14 -13.08
C ARG B 307 19.65 28.94 -12.02
N ALA B 308 18.99 29.25 -10.89
CA ALA B 308 19.56 30.00 -9.75
C ALA B 308 20.72 29.20 -9.13
N GLU B 309 20.54 27.89 -8.95
CA GLU B 309 21.56 26.98 -8.35
C GLU B 309 22.76 26.84 -9.30
N LEU B 310 22.50 26.66 -10.60
CA LEU B 310 23.54 26.51 -11.66
C LEU B 310 24.33 27.82 -11.78
N ALA B 311 23.70 28.97 -11.51
CA ALA B 311 24.33 30.31 -11.51
C ALA B 311 25.35 30.41 -10.37
N LYS B 312 25.04 29.83 -9.21
CA LYS B 312 25.92 29.83 -8.00
C LYS B 312 27.10 28.87 -8.20
N MET B 313 26.94 27.86 -9.05
CA MET B 313 27.99 26.86 -9.39
C MET B 313 28.95 27.44 -10.44
N GLU B 314 28.48 28.44 -11.22
CA GLU B 314 29.19 29.00 -12.39
C GLU B 314 30.62 29.40 -12.02
N PRO B 315 30.85 30.09 -10.88
CA PRO B 315 32.21 30.49 -10.48
C PRO B 315 33.18 29.35 -10.12
N PHE B 316 32.69 28.11 -9.98
CA PHE B 316 33.49 26.92 -9.57
C PHE B 316 33.65 25.93 -10.73
N PHE B 317 33.16 26.27 -11.93
CA PHE B 317 33.32 25.44 -13.16
C PHE B 317 34.75 25.53 -13.66
N PRO B 318 35.36 24.42 -14.11
CA PRO B 318 36.62 24.47 -14.85
C PRO B 318 36.48 25.29 -16.14
N SER B 319 37.58 25.86 -16.65
CA SER B 319 37.61 26.71 -17.86
C SER B 319 37.13 25.90 -19.07
N GLY B 320 36.16 26.44 -19.82
CA GLY B 320 35.59 25.81 -21.02
C GLY B 320 34.21 25.23 -20.77
N LEU B 321 33.93 24.81 -19.53
CA LEU B 321 32.63 24.19 -19.15
C LEU B 321 31.53 25.25 -19.20
N LYS B 322 30.41 24.93 -19.88
CA LYS B 322 29.26 25.85 -20.09
C LYS B 322 27.95 25.08 -19.86
N ILE B 323 26.90 25.79 -19.42
CA ILE B 323 25.51 25.25 -19.24
C ILE B 323 24.68 25.67 -20.45
N VAL B 324 23.91 24.74 -21.02
CA VAL B 324 22.98 24.94 -22.17
C VAL B 324 21.67 24.21 -21.89
N TYR B 325 20.57 24.70 -22.44
CA TYR B 325 19.18 24.22 -22.18
C TYR B 325 18.52 23.79 -23.49
N PRO B 326 18.93 22.63 -24.08
CA PRO B 326 18.37 22.15 -25.33
C PRO B 326 16.87 21.80 -25.25
N TYR B 327 16.39 21.42 -24.06
CA TYR B 327 14.97 21.05 -23.79
C TYR B 327 14.51 21.72 -22.49
N ASP B 328 13.43 22.51 -22.57
CA ASP B 328 12.79 23.19 -21.42
C ASP B 328 11.30 23.39 -21.74
N THR B 329 10.41 22.89 -20.87
CA THR B 329 8.94 22.83 -21.09
C THR B 329 8.24 24.00 -20.37
N THR B 330 8.98 24.83 -19.62
CA THR B 330 8.43 25.96 -18.82
C THR B 330 7.98 27.11 -19.73
N PRO B 331 8.65 27.40 -20.87
CA PRO B 331 8.17 28.43 -21.80
C PRO B 331 6.71 28.23 -22.24
N PHE B 332 6.27 26.98 -22.38
CA PHE B 332 4.88 26.60 -22.72
C PHE B 332 3.94 26.99 -21.58
N VAL B 333 4.26 26.56 -20.36
CA VAL B 333 3.44 26.77 -19.13
C VAL B 333 3.29 28.28 -18.91
N LYS B 334 4.38 29.04 -19.06
CA LYS B 334 4.42 30.52 -18.84
C LYS B 334 3.53 31.21 -19.89
N ILE B 335 3.61 30.79 -21.15
CA ILE B 335 2.80 31.35 -22.28
C ILE B 335 1.35 30.91 -22.12
N SER B 336 1.11 29.64 -21.78
CA SER B 336 -0.24 29.05 -21.54
C SER B 336 -0.98 29.84 -20.46
N ILE B 337 -0.27 30.25 -19.41
CA ILE B 337 -0.81 31.06 -18.28
C ILE B 337 -1.00 32.51 -18.74
N HIS B 338 0.00 33.08 -19.40
CA HIS B 338 0.02 34.49 -19.90
C HIS B 338 -1.15 34.73 -20.87
N GLU B 339 -1.32 33.82 -21.84
CA GLU B 339 -2.37 33.91 -22.90
C GLU B 339 -3.76 33.69 -22.29
N VAL B 340 -3.85 32.95 -21.18
CA VAL B 340 -5.12 32.76 -20.41
C VAL B 340 -5.51 34.09 -19.76
N VAL B 341 -4.57 34.73 -19.06
CA VAL B 341 -4.76 36.05 -18.39
C VAL B 341 -5.07 37.10 -19.47
N LYS B 342 -4.30 37.09 -20.56
CA LYS B 342 -4.47 38.02 -21.72
C LYS B 342 -5.89 37.88 -22.30
N THR B 343 -6.31 36.64 -22.59
CA THR B 343 -7.64 36.29 -23.15
C THR B 343 -8.75 36.84 -22.24
N LEU B 344 -8.68 36.54 -20.94
CA LEU B 344 -9.74 36.85 -19.94
C LEU B 344 -9.70 38.35 -19.59
N VAL B 345 -8.56 39.02 -19.79
CA VAL B 345 -8.42 40.50 -19.68
C VAL B 345 -9.13 41.14 -20.88
N GLU B 346 -8.78 40.70 -22.10
CA GLU B 346 -9.39 41.16 -23.38
C GLU B 346 -10.89 40.86 -23.39
N ALA B 347 -11.29 39.72 -22.81
CA ALA B 347 -12.70 39.27 -22.71
C ALA B 347 -13.52 40.28 -21.90
N ILE B 348 -13.00 40.73 -20.75
CA ILE B 348 -13.64 41.73 -19.85
C ILE B 348 -13.67 43.09 -20.57
N ILE B 349 -12.59 43.45 -21.26
CA ILE B 349 -12.46 44.70 -22.07
C ILE B 349 -13.50 44.68 -23.19
N LEU B 350 -13.67 43.55 -23.86
CA LEU B 350 -14.61 43.38 -25.01
C LEU B 350 -16.06 43.49 -24.52
N VAL B 351 -16.39 42.86 -23.40
CA VAL B 351 -17.76 42.92 -22.77
C VAL B 351 -18.09 44.38 -22.49
N PHE B 352 -17.18 45.11 -21.84
CA PHE B 352 -17.31 46.56 -21.48
C PHE B 352 -17.73 47.37 -22.71
N LEU B 353 -17.04 47.16 -23.84
CA LEU B 353 -17.28 47.88 -25.11
C LEU B 353 -18.70 47.57 -25.64
N VAL B 354 -19.07 46.29 -25.67
CA VAL B 354 -20.37 45.79 -26.21
C VAL B 354 -21.49 46.20 -25.25
N MET B 355 -21.24 46.15 -23.94
CA MET B 355 -22.22 46.54 -22.88
C MET B 355 -22.56 48.03 -23.03
N TYR B 356 -21.55 48.88 -23.27
CA TYR B 356 -21.69 50.35 -23.42
C TYR B 356 -22.28 50.70 -24.79
N LEU B 357 -22.03 49.87 -25.80
CA LEU B 357 -22.54 50.06 -27.20
C LEU B 357 -24.07 49.98 -27.21
N PHE B 358 -24.66 49.09 -26.40
CA PHE B 358 -26.11 48.77 -26.39
C PHE B 358 -26.82 49.48 -25.23
N LEU B 359 -26.28 49.36 -24.00
CA LEU B 359 -26.92 49.89 -22.77
C LEU B 359 -26.60 51.38 -22.60
N GLN B 360 -25.37 51.79 -22.93
CA GLN B 360 -24.92 53.21 -22.97
C GLN B 360 -25.01 53.81 -21.56
N ASN B 361 -24.40 53.15 -20.57
CA ASN B 361 -24.21 53.65 -19.19
C ASN B 361 -23.13 52.80 -18.50
N PHE B 362 -22.12 53.44 -17.91
CA PHE B 362 -20.94 52.79 -17.30
C PHE B 362 -21.35 51.97 -16.07
N ARG B 363 -22.44 52.36 -15.39
CA ARG B 363 -22.96 51.67 -14.17
C ARG B 363 -23.30 50.21 -14.49
N ALA B 364 -23.78 49.94 -15.72
CA ALA B 364 -24.18 48.59 -16.19
C ALA B 364 -22.97 47.78 -16.67
N THR B 365 -21.92 48.46 -17.14
CA THR B 365 -20.71 47.84 -17.74
C THR B 365 -19.77 47.29 -16.65
N LEU B 366 -19.99 47.69 -15.38
CA LEU B 366 -19.13 47.32 -14.22
C LEU B 366 -19.63 46.05 -13.54
N ILE B 367 -20.88 45.64 -13.79
CA ILE B 367 -21.50 44.43 -13.17
C ILE B 367 -20.84 43.18 -13.74
N PRO B 368 -20.65 43.05 -15.06
CA PRO B 368 -19.88 41.93 -15.62
C PRO B 368 -18.38 41.97 -15.26
N THR B 369 -17.82 43.17 -15.11
CA THR B 369 -16.40 43.43 -14.77
C THR B 369 -16.08 42.87 -13.37
N ILE B 370 -17.08 42.85 -12.48
CA ILE B 370 -16.96 42.32 -11.08
C ILE B 370 -17.27 40.81 -11.09
N ALA B 371 -18.37 40.42 -11.73
CA ALA B 371 -18.94 39.04 -11.70
C ALA B 371 -17.95 38.02 -12.31
N VAL B 372 -17.30 38.37 -13.43
CA VAL B 372 -16.46 37.44 -14.22
C VAL B 372 -15.22 37.04 -13.41
N PRO B 373 -14.37 37.98 -12.93
CA PRO B 373 -13.23 37.63 -12.09
C PRO B 373 -13.58 36.80 -10.84
N VAL B 374 -14.74 37.07 -10.21
CA VAL B 374 -15.23 36.36 -8.99
C VAL B 374 -15.41 34.87 -9.31
N VAL B 375 -16.07 34.56 -10.43
CA VAL B 375 -16.39 33.16 -10.87
C VAL B 375 -15.10 32.44 -11.25
N LEU B 376 -14.19 33.15 -11.95
CA LEU B 376 -12.88 32.61 -12.40
C LEU B 376 -12.05 32.18 -11.18
N LEU B 377 -11.88 33.07 -10.20
CA LEU B 377 -11.15 32.80 -8.93
C LEU B 377 -11.84 31.63 -8.20
N GLY B 378 -13.18 31.63 -8.17
CA GLY B 378 -13.99 30.53 -7.61
C GLY B 378 -13.62 29.18 -8.22
N THR B 379 -13.41 29.14 -9.53
CA THR B 379 -13.05 27.91 -10.30
C THR B 379 -11.72 27.38 -9.79
N PHE B 380 -10.72 28.25 -9.58
CA PHE B 380 -9.36 27.92 -9.08
C PHE B 380 -9.46 27.24 -7.71
N ALA B 381 -10.42 27.67 -6.87
CA ALA B 381 -10.67 27.12 -5.52
C ALA B 381 -11.23 25.70 -5.62
N VAL B 382 -12.21 25.48 -6.50
CA VAL B 382 -12.84 24.15 -6.78
C VAL B 382 -11.77 23.26 -7.44
N LEU B 383 -10.98 23.81 -8.36
CA LEU B 383 -9.86 23.13 -9.05
C LEU B 383 -8.90 22.52 -8.00
N ALA B 384 -8.48 23.35 -7.04
CA ALA B 384 -7.55 22.97 -5.94
C ALA B 384 -8.18 21.90 -5.05
N ALA B 385 -9.46 22.09 -4.69
CA ALA B 385 -10.25 21.21 -3.78
C ALA B 385 -10.30 19.78 -4.31
N PHE B 386 -10.37 19.60 -5.64
CA PHE B 386 -10.51 18.30 -6.33
C PHE B 386 -9.13 17.74 -6.70
N GLY B 387 -8.06 18.44 -6.31
CA GLY B 387 -6.66 17.97 -6.46
C GLY B 387 -6.11 18.21 -7.86
N PHE B 388 -6.78 19.03 -8.67
CA PHE B 388 -6.36 19.41 -10.04
C PHE B 388 -5.25 20.46 -9.96
N SER B 389 -4.52 20.64 -11.06
CA SER B 389 -3.36 21.58 -11.18
C SER B 389 -3.61 22.58 -12.31
N ILE B 390 -2.85 23.68 -12.32
CA ILE B 390 -2.81 24.68 -13.42
C ILE B 390 -1.94 24.10 -14.54
N ASN B 391 -2.56 23.64 -15.64
CA ASN B 391 -1.87 23.01 -16.79
C ASN B 391 -2.54 23.46 -18.09
N THR B 392 -1.91 23.17 -19.23
CA THR B 392 -2.37 23.54 -20.61
C THR B 392 -3.86 23.21 -20.76
N LEU B 393 -4.27 22.01 -20.34
CA LEU B 393 -5.64 21.47 -20.56
C LEU B 393 -6.65 22.21 -19.68
N THR B 394 -6.32 22.43 -18.41
CA THR B 394 -7.17 23.18 -17.43
C THR B 394 -7.21 24.67 -17.80
N MET B 395 -6.12 25.18 -18.39
CA MET B 395 -5.97 26.62 -18.76
C MET B 395 -6.82 26.93 -20.00
N PHE B 396 -6.78 26.08 -21.03
CA PHE B 396 -7.61 26.21 -22.26
C PHE B 396 -9.07 25.86 -21.94
N GLY B 397 -9.30 25.09 -20.86
CA GLY B 397 -10.64 24.79 -20.33
C GLY B 397 -11.35 26.03 -19.84
N MET B 398 -10.60 26.97 -19.25
CA MET B 398 -11.12 28.26 -18.71
C MET B 398 -11.35 29.24 -19.86
N VAL B 399 -10.52 29.19 -20.91
CA VAL B 399 -10.66 30.02 -22.15
C VAL B 399 -11.96 29.64 -22.86
N LEU B 400 -12.33 28.36 -22.83
CA LEU B 400 -13.55 27.81 -23.49
C LEU B 400 -14.78 28.04 -22.61
N ALA B 401 -14.59 28.39 -21.33
CA ALA B 401 -15.65 28.65 -20.34
C ALA B 401 -16.15 30.09 -20.45
N ILE B 402 -15.26 31.04 -20.76
CA ILE B 402 -15.52 32.52 -20.72
C ILE B 402 -16.83 32.84 -21.47
N GLY B 403 -17.09 32.17 -22.60
CA GLY B 403 -18.30 32.35 -23.41
C GLY B 403 -19.58 32.11 -22.62
N LEU B 404 -19.52 31.22 -21.63
CA LEU B 404 -20.68 30.80 -20.79
C LEU B 404 -20.71 31.62 -19.49
N LEU B 405 -19.55 32.12 -19.03
CA LEU B 405 -19.43 33.00 -17.84
C LEU B 405 -19.89 34.42 -18.19
N VAL B 406 -19.45 34.92 -19.36
CA VAL B 406 -19.82 36.25 -19.92
C VAL B 406 -21.34 36.28 -20.17
N ASP B 407 -21.90 35.20 -20.72
CA ASP B 407 -23.33 35.09 -21.09
C ASP B 407 -24.20 35.35 -19.85
N ASP B 408 -23.91 34.66 -18.74
CA ASP B 408 -24.66 34.77 -17.46
C ASP B 408 -24.69 36.23 -17.00
N ALA B 409 -23.55 36.93 -17.07
CA ALA B 409 -23.39 38.34 -16.66
C ALA B 409 -24.27 39.25 -17.53
N ILE B 410 -24.21 39.09 -18.85
CA ILE B 410 -24.95 39.93 -19.86
C ILE B 410 -26.45 39.65 -19.71
N VAL B 411 -26.86 38.39 -19.76
CA VAL B 411 -28.29 37.94 -19.75
C VAL B 411 -29.02 38.57 -18.55
N VAL B 412 -28.41 38.54 -17.37
CA VAL B 412 -29.01 39.05 -16.09
C VAL B 412 -29.18 40.58 -16.19
N VAL B 413 -28.11 41.31 -16.51
CA VAL B 413 -28.07 42.80 -16.54
C VAL B 413 -28.98 43.31 -17.66
N GLU B 414 -28.87 42.74 -18.86
CA GLU B 414 -29.63 43.14 -20.08
C GLU B 414 -31.13 43.00 -19.81
N ASN B 415 -31.56 41.89 -19.19
CA ASN B 415 -32.98 41.57 -18.90
C ASN B 415 -33.56 42.61 -17.95
N VAL B 416 -32.78 43.06 -16.96
CA VAL B 416 -33.17 44.12 -15.97
C VAL B 416 -33.34 45.45 -16.73
N GLU B 417 -32.36 45.79 -17.59
CA GLU B 417 -32.32 47.04 -18.39
C GLU B 417 -33.53 47.09 -19.35
N ARG B 418 -33.95 45.93 -19.86
CA ARG B 418 -35.11 45.79 -20.79
C ARG B 418 -36.41 46.04 -20.01
N VAL B 419 -36.60 45.33 -18.90
CA VAL B 419 -37.83 45.39 -18.04
C VAL B 419 -38.06 46.85 -17.61
N MET B 420 -37.00 47.57 -17.22
CA MET B 420 -37.06 49.00 -16.81
C MET B 420 -37.49 49.85 -18.02
N ALA B 421 -36.93 49.57 -19.20
CA ALA B 421 -37.17 50.33 -20.45
C ALA B 421 -38.60 50.11 -20.96
N GLU B 422 -39.22 48.97 -20.63
CA GLU B 422 -40.54 48.54 -21.18
C GLU B 422 -41.66 48.82 -20.16
N GLU B 423 -41.47 48.46 -18.89
CA GLU B 423 -42.51 48.55 -17.83
C GLU B 423 -42.34 49.84 -17.01
N GLY B 424 -41.10 50.34 -16.88
CA GLY B 424 -40.79 51.60 -16.17
C GLY B 424 -40.75 51.40 -14.66
N LEU B 425 -40.25 50.25 -14.21
CA LEU B 425 -40.10 49.91 -12.76
C LEU B 425 -38.77 50.48 -12.26
N PRO B 426 -38.64 50.80 -10.95
CA PRO B 426 -37.34 51.13 -10.36
C PRO B 426 -36.39 49.95 -10.41
N PRO B 427 -35.05 50.18 -10.41
CA PRO B 427 -34.07 49.09 -10.46
C PRO B 427 -34.37 47.90 -9.54
N LYS B 428 -34.72 48.17 -8.28
CA LYS B 428 -34.95 47.15 -7.22
C LYS B 428 -36.15 46.27 -7.61
N GLU B 429 -37.30 46.88 -7.90
CA GLU B 429 -38.55 46.17 -8.30
C GLU B 429 -38.35 45.50 -9.67
N ALA B 430 -37.59 46.14 -10.57
CA ALA B 430 -37.29 45.66 -11.94
C ALA B 430 -36.46 44.38 -11.87
N THR B 431 -35.44 44.34 -11.01
CA THR B 431 -34.51 43.19 -10.81
C THR B 431 -35.29 42.00 -10.23
N ARG B 432 -36.13 42.25 -9.21
CA ARG B 432 -36.99 41.23 -8.56
C ARG B 432 -37.80 40.48 -9.63
N LYS B 433 -38.39 41.22 -10.57
CA LYS B 433 -39.23 40.66 -11.67
C LYS B 433 -38.32 40.01 -12.72
N SER B 434 -37.29 40.73 -13.16
CA SER B 434 -36.30 40.28 -14.19
C SER B 434 -35.70 38.93 -13.80
N MET B 435 -35.29 38.78 -12.54
CA MET B 435 -34.72 37.51 -11.99
C MET B 435 -35.81 36.44 -11.93
N GLY B 436 -37.04 36.82 -11.55
CA GLY B 436 -38.22 35.93 -11.49
C GLY B 436 -38.49 35.23 -12.81
N GLN B 437 -38.12 35.86 -13.93
CA GLN B 437 -38.33 35.35 -15.31
C GLN B 437 -37.26 34.31 -15.67
N ILE B 438 -36.04 34.44 -15.14
CA ILE B 438 -34.85 33.67 -15.59
C ILE B 438 -34.29 32.76 -14.49
N GLN B 439 -34.68 32.94 -13.22
CA GLN B 439 -34.09 32.22 -12.05
C GLN B 439 -34.33 30.71 -12.20
N GLY B 440 -35.54 30.30 -12.59
CA GLY B 440 -35.92 28.89 -12.80
C GLY B 440 -35.23 28.29 -14.01
N ALA B 441 -34.96 29.12 -15.02
CA ALA B 441 -34.34 28.72 -16.32
C ALA B 441 -32.84 28.49 -16.12
N LEU B 442 -32.14 29.42 -15.46
CA LEU B 442 -30.67 29.36 -15.21
C LEU B 442 -30.33 28.08 -14.42
N VAL B 443 -31.15 27.74 -13.41
CA VAL B 443 -31.02 26.48 -12.62
C VAL B 443 -31.22 25.29 -13.55
N GLY B 444 -32.21 25.37 -14.44
CA GLY B 444 -32.50 24.35 -15.47
C GLY B 444 -31.34 24.21 -16.45
N ILE B 445 -30.79 25.32 -16.93
CA ILE B 445 -29.62 25.39 -17.86
C ILE B 445 -28.41 24.73 -17.17
N ALA B 446 -28.18 25.05 -15.89
CA ALA B 446 -27.07 24.52 -15.06
C ALA B 446 -27.08 22.99 -15.07
N MET B 447 -28.27 22.40 -14.85
CA MET B 447 -28.48 20.93 -14.77
C MET B 447 -28.21 20.29 -16.14
N VAL B 448 -28.60 20.95 -17.22
CA VAL B 448 -28.44 20.46 -18.63
C VAL B 448 -26.95 20.44 -18.98
N LEU B 449 -26.25 21.57 -18.79
CA LEU B 449 -24.80 21.73 -19.10
C LEU B 449 -23.98 20.70 -18.31
N SER B 450 -24.35 20.42 -17.06
CA SER B 450 -23.76 19.35 -16.21
C SER B 450 -23.84 18.02 -16.96
N ALA B 451 -25.02 17.68 -17.49
CA ALA B 451 -25.33 16.41 -18.19
C ALA B 451 -24.51 16.29 -19.49
N VAL B 452 -24.02 17.39 -20.04
CA VAL B 452 -23.22 17.42 -21.30
C VAL B 452 -21.76 17.05 -20.99
N PHE B 453 -21.18 17.67 -19.96
CA PHE B 453 -19.71 17.66 -19.68
C PHE B 453 -19.33 16.60 -18.64
N VAL B 454 -20.17 16.38 -17.61
CA VAL B 454 -19.85 15.49 -16.46
C VAL B 454 -19.62 14.06 -16.98
N PRO B 455 -20.50 13.48 -17.82
CA PRO B 455 -20.29 12.13 -18.34
C PRO B 455 -18.99 11.96 -19.12
N MET B 456 -18.53 13.02 -19.78
CA MET B 456 -17.28 13.07 -20.59
C MET B 456 -16.07 12.77 -19.70
N ALA B 457 -16.14 13.09 -18.40
CA ALA B 457 -15.05 12.87 -17.41
C ALA B 457 -14.98 11.40 -17.00
N PHE B 458 -16.04 10.62 -17.24
CA PHE B 458 -16.18 9.20 -16.81
C PHE B 458 -15.68 8.24 -17.90
N PHE B 459 -15.01 8.76 -18.94
CA PHE B 459 -14.17 7.98 -19.87
C PHE B 459 -12.99 7.39 -19.07
N GLY B 460 -12.54 6.19 -19.44
CA GLY B 460 -11.43 5.48 -18.78
C GLY B 460 -10.11 5.65 -19.53
N GLY B 461 -9.00 5.34 -18.88
CA GLY B 461 -7.65 5.33 -19.50
C GLY B 461 -7.10 6.74 -19.68
N SER B 462 -6.34 6.94 -20.77
CA SER B 462 -5.59 8.18 -21.09
C SER B 462 -6.54 9.29 -21.54
N THR B 463 -7.45 8.97 -22.46
CA THR B 463 -8.42 9.93 -23.08
C THR B 463 -9.35 10.49 -22.00
N GLY B 464 -9.80 9.64 -21.07
CA GLY B 464 -10.65 10.02 -19.93
C GLY B 464 -9.97 11.03 -19.02
N ALA B 465 -8.66 10.86 -18.79
CA ALA B 465 -7.83 11.75 -17.95
C ALA B 465 -7.73 13.13 -18.60
N ILE B 466 -7.58 13.18 -19.93
CA ILE B 466 -7.48 14.45 -20.73
C ILE B 466 -8.82 15.18 -20.68
N TYR B 467 -9.93 14.47 -20.96
CA TYR B 467 -11.31 15.01 -20.97
C TYR B 467 -11.68 15.58 -19.60
N ARG B 468 -11.25 14.90 -18.53
CA ARG B 468 -11.56 15.22 -17.12
C ARG B 468 -11.04 16.62 -16.75
N GLN B 469 -9.91 17.03 -17.34
CA GLN B 469 -9.27 18.35 -17.12
C GLN B 469 -10.22 19.46 -17.61
N PHE B 470 -10.76 19.30 -18.82
CA PHE B 470 -11.72 20.25 -19.45
C PHE B 470 -13.08 20.18 -18.74
N SER B 471 -13.58 18.96 -18.53
CA SER B 471 -14.91 18.65 -17.92
C SER B 471 -15.07 19.40 -16.60
N ILE B 472 -14.18 19.15 -15.64
CA ILE B 472 -14.24 19.67 -14.24
C ILE B 472 -14.09 21.20 -14.26
N THR B 473 -13.20 21.74 -15.11
CA THR B 473 -12.92 23.19 -15.23
C THR B 473 -14.17 23.93 -15.74
N ILE B 474 -14.81 23.40 -16.79
CA ILE B 474 -16.01 24.02 -17.44
C ILE B 474 -17.22 23.89 -16.51
N VAL B 475 -17.45 22.69 -15.96
CA VAL B 475 -18.60 22.39 -15.05
C VAL B 475 -18.48 23.24 -13.78
N SER B 476 -17.27 23.42 -13.25
CA SER B 476 -16.97 24.26 -12.06
C SER B 476 -17.26 25.73 -12.38
N ALA B 477 -16.68 26.24 -13.47
CA ALA B 477 -16.84 27.63 -13.97
C ALA B 477 -18.33 27.90 -14.22
N MET B 478 -19.02 26.97 -14.90
CA MET B 478 -20.47 27.04 -15.21
C MET B 478 -21.28 27.11 -13.91
N ALA B 479 -20.98 26.21 -12.95
CA ALA B 479 -21.70 26.05 -11.67
C ALA B 479 -21.63 27.35 -10.84
N LEU B 480 -20.42 27.89 -10.66
CA LEU B 480 -20.16 29.12 -9.86
C LEU B 480 -20.83 30.33 -10.53
N SER B 481 -20.83 30.40 -11.86
CA SER B 481 -21.44 31.49 -12.67
C SER B 481 -22.94 31.61 -12.35
N VAL B 482 -23.61 30.47 -12.13
CA VAL B 482 -25.07 30.40 -11.82
C VAL B 482 -25.29 30.90 -10.39
N LEU B 483 -24.43 30.51 -9.45
CA LEU B 483 -24.51 30.95 -8.02
C LEU B 483 -24.32 32.46 -7.95
N VAL B 484 -23.31 32.99 -8.64
CA VAL B 484 -23.01 34.45 -8.74
C VAL B 484 -24.18 35.16 -9.45
N ALA B 485 -24.85 34.48 -10.39
CA ALA B 485 -26.01 35.01 -11.14
C ALA B 485 -27.28 35.01 -10.27
N LEU B 486 -27.31 34.19 -9.22
CA LEU B 486 -28.48 34.06 -8.29
C LEU B 486 -28.19 34.71 -6.94
N ILE B 487 -26.99 35.29 -6.74
CA ILE B 487 -26.56 35.91 -5.46
C ILE B 487 -26.07 37.34 -5.71
N LEU B 488 -24.94 37.50 -6.40
CA LEU B 488 -24.20 38.78 -6.51
C LEU B 488 -24.91 39.72 -7.52
N THR B 489 -24.92 39.36 -8.80
CA THR B 489 -25.34 40.23 -9.93
C THR B 489 -26.76 40.78 -9.71
N PRO B 490 -27.72 39.99 -9.15
CA PRO B 490 -29.02 40.54 -8.78
C PRO B 490 -28.92 41.70 -7.77
N ALA B 491 -28.09 41.53 -6.72
CA ALA B 491 -27.83 42.55 -5.68
C ALA B 491 -27.16 43.77 -6.31
N LEU B 492 -26.17 43.55 -7.17
CA LEU B 492 -25.44 44.63 -7.91
C LEU B 492 -26.44 45.41 -8.76
N CYS B 493 -27.25 44.72 -9.57
CA CYS B 493 -28.28 45.29 -10.47
C CYS B 493 -29.24 46.20 -9.70
N ALA B 494 -29.73 45.73 -8.54
CA ALA B 494 -30.76 46.40 -7.72
C ALA B 494 -30.22 47.69 -7.09
N THR B 495 -28.90 47.77 -6.87
CA THR B 495 -28.22 48.88 -6.14
C THR B 495 -27.48 49.82 -7.10
N MET B 496 -26.79 49.27 -8.11
CA MET B 496 -25.82 50.02 -8.96
C MET B 496 -26.49 50.65 -10.19
N LEU B 497 -27.51 50.00 -10.76
CA LEU B 497 -28.18 50.47 -12.01
C LEU B 497 -29.00 51.74 -11.72
N LYS B 498 -29.27 52.52 -12.77
CA LYS B 498 -30.00 53.80 -12.73
C LYS B 498 -31.36 53.62 -13.42
N PRO B 499 -32.46 54.21 -12.90
CA PRO B 499 -33.79 54.01 -13.48
C PRO B 499 -33.90 54.46 -14.94
N ILE B 500 -34.66 53.72 -15.75
CA ILE B 500 -34.98 54.04 -17.17
C ILE B 500 -36.48 54.31 -17.27
N ALA B 501 -36.87 55.43 -17.90
CA ALA B 501 -38.27 55.84 -18.12
C ALA B 501 -38.97 54.85 -19.04
N LYS B 502 -40.27 54.64 -18.85
CA LYS B 502 -41.10 53.69 -19.66
C LYS B 502 -41.10 54.15 -21.12
N GLY B 503 -40.62 53.28 -22.03
CA GLY B 503 -40.59 53.53 -23.48
C GLY B 503 -39.38 54.35 -23.91
N ASP B 504 -38.32 54.38 -23.10
CA ASP B 504 -37.05 55.08 -23.39
C ASP B 504 -36.05 54.05 -23.97
N HIS B 505 -35.93 54.02 -25.31
CA HIS B 505 -35.07 53.07 -26.06
C HIS B 505 -33.85 53.79 -26.63
N GLY B 506 -33.61 55.04 -26.21
CA GLY B 506 -32.41 55.83 -26.56
C GLY B 506 -32.49 56.41 -27.97
N GLU B 507 -33.68 56.46 -28.57
CA GLU B 507 -33.92 57.03 -29.92
C GLU B 507 -34.00 58.56 -29.83
N GLY B 508 -34.16 59.10 -28.62
CA GLY B 508 -34.21 60.55 -28.35
C GLY B 508 -32.83 61.18 -28.22
N LYS B 509 -31.77 60.38 -28.20
CA LYS B 509 -30.35 60.84 -28.12
C LYS B 509 -29.92 61.43 -29.47
N LYS B 510 -28.72 62.01 -29.51
CA LYS B 510 -28.06 62.55 -30.74
C LYS B 510 -26.72 61.84 -30.94
N GLY B 511 -26.01 62.16 -32.03
CA GLY B 511 -24.65 61.66 -32.33
C GLY B 511 -24.67 60.26 -32.89
N PHE B 512 -23.87 59.36 -32.31
CA PHE B 512 -23.67 57.95 -32.78
C PHE B 512 -24.70 57.03 -32.11
N PHE B 513 -24.84 57.15 -30.78
CA PHE B 513 -25.70 56.27 -29.94
C PHE B 513 -27.18 56.52 -30.27
N GLY B 514 -27.55 57.77 -30.57
CA GLY B 514 -28.90 58.15 -31.03
C GLY B 514 -29.22 57.49 -32.37
N TRP B 515 -28.24 57.46 -33.28
CA TRP B 515 -28.35 56.84 -34.63
C TRP B 515 -28.38 55.31 -34.51
N PHE B 516 -27.54 54.74 -33.64
CA PHE B 516 -27.41 53.28 -33.41
C PHE B 516 -28.71 52.71 -32.85
N ASN B 517 -29.29 53.40 -31.85
CA ASN B 517 -30.55 52.99 -31.16
C ASN B 517 -31.70 52.94 -32.18
N ARG B 518 -31.76 53.92 -33.10
CA ARG B 518 -32.76 53.96 -34.20
C ARG B 518 -32.53 52.78 -35.15
N MET B 519 -31.28 52.58 -35.59
CA MET B 519 -30.86 51.48 -36.50
C MET B 519 -31.30 50.13 -35.92
N PHE B 520 -30.95 49.86 -34.66
CA PHE B 520 -31.17 48.55 -33.98
C PHE B 520 -32.67 48.31 -33.77
N GLU B 521 -33.41 49.35 -33.38
CA GLU B 521 -34.89 49.29 -33.18
C GLU B 521 -35.58 48.99 -34.52
N LYS B 522 -35.03 49.53 -35.62
CA LYS B 522 -35.53 49.28 -37.01
C LYS B 522 -35.17 47.84 -37.43
N SER B 523 -33.97 47.38 -37.06
CA SER B 523 -33.43 46.03 -37.38
C SER B 523 -34.21 44.95 -36.63
N THR B 524 -34.68 45.25 -35.40
CA THR B 524 -35.48 44.35 -34.53
C THR B 524 -36.85 44.11 -35.18
N HIS B 525 -37.48 45.17 -35.69
CA HIS B 525 -38.78 45.11 -36.42
C HIS B 525 -38.61 44.34 -37.73
N HIS B 526 -37.48 44.53 -38.42
CA HIS B 526 -37.09 43.78 -39.65
C HIS B 526 -36.95 42.29 -39.35
N TYR B 527 -36.34 41.95 -38.21
CA TYR B 527 -36.07 40.55 -37.76
C TYR B 527 -37.38 39.86 -37.39
N THR B 528 -38.23 40.51 -36.59
CA THR B 528 -39.53 39.98 -36.11
C THR B 528 -40.50 39.81 -37.29
N ASP B 529 -40.34 40.63 -38.35
CA ASP B 529 -41.11 40.52 -39.62
C ASP B 529 -40.65 39.25 -40.37
N SER B 530 -39.34 39.00 -40.40
CA SER B 530 -38.71 37.82 -41.06
C SER B 530 -39.23 36.52 -40.43
N VAL B 531 -39.24 36.46 -39.09
CA VAL B 531 -39.72 35.28 -38.30
C VAL B 531 -41.21 35.06 -38.60
N GLY B 532 -42.00 36.13 -38.59
CA GLY B 532 -43.44 36.12 -38.95
C GLY B 532 -43.67 35.44 -40.29
N GLY B 533 -42.83 35.74 -41.29
CA GLY B 533 -42.86 35.13 -42.63
C GLY B 533 -42.35 33.71 -42.63
N ILE B 534 -41.32 33.42 -41.82
CA ILE B 534 -40.72 32.06 -41.65
C ILE B 534 -41.77 31.12 -41.06
N LEU B 535 -42.58 31.60 -40.11
CA LEU B 535 -43.57 30.79 -39.35
C LEU B 535 -44.84 30.56 -40.18
N ARG B 536 -45.05 31.35 -41.25
CA ARG B 536 -46.15 31.14 -42.23
C ARG B 536 -45.87 29.89 -43.07
N SER B 537 -44.58 29.56 -43.28
CA SER B 537 -44.10 28.43 -44.11
C SER B 537 -42.99 27.67 -43.38
N THR B 538 -43.34 26.97 -42.30
CA THR B 538 -42.42 26.14 -41.47
C THR B 538 -41.97 24.91 -42.26
N GLY B 539 -42.83 24.42 -43.17
CA GLY B 539 -42.63 23.20 -43.96
C GLY B 539 -41.28 23.18 -44.68
N ARG B 540 -40.94 24.25 -45.39
CA ARG B 540 -39.72 24.33 -46.25
C ARG B 540 -38.47 24.48 -45.37
N TYR B 541 -38.61 25.06 -44.17
CA TYR B 541 -37.50 25.30 -43.22
C TYR B 541 -37.15 24.00 -42.48
N LEU B 542 -38.13 23.10 -42.30
CA LEU B 542 -37.91 21.72 -41.78
C LEU B 542 -37.07 20.93 -42.79
N VAL B 543 -37.32 21.13 -44.09
CA VAL B 543 -36.53 20.54 -45.22
C VAL B 543 -35.10 21.09 -45.15
N LEU B 544 -34.96 22.41 -44.94
CA LEU B 544 -33.67 23.14 -44.89
C LEU B 544 -32.86 22.66 -43.68
N TYR B 545 -33.52 22.26 -42.59
CA TYR B 545 -32.92 21.73 -41.35
C TYR B 545 -32.29 20.36 -41.62
N LEU B 546 -33.00 19.48 -42.33
CA LEU B 546 -32.55 18.09 -42.66
C LEU B 546 -31.31 18.16 -43.56
N ILE B 547 -31.24 19.16 -44.46
CA ILE B 547 -30.06 19.41 -45.34
C ILE B 547 -28.85 19.74 -44.48
N ILE B 548 -29.04 20.53 -43.41
CA ILE B 548 -27.98 20.92 -42.43
C ILE B 548 -27.56 19.66 -41.64
N VAL B 549 -28.52 18.84 -41.23
CA VAL B 549 -28.30 17.59 -40.42
C VAL B 549 -27.57 16.56 -41.29
N VAL B 550 -27.96 16.42 -42.56
CA VAL B 550 -27.29 15.51 -43.54
C VAL B 550 -25.91 16.07 -43.87
N GLY B 551 -25.82 17.38 -44.16
CA GLY B 551 -24.57 18.11 -44.42
C GLY B 551 -23.60 17.99 -43.25
N MET B 552 -24.12 18.02 -42.01
CA MET B 552 -23.35 17.86 -40.75
C MET B 552 -22.71 16.46 -40.72
N ALA B 553 -23.52 15.41 -40.87
CA ALA B 553 -23.12 13.99 -40.87
C ALA B 553 -22.03 13.75 -41.92
N TYR B 554 -22.22 14.27 -43.13
CA TYR B 554 -21.29 14.18 -44.29
C TYR B 554 -19.90 14.70 -43.88
N LEU B 555 -19.84 15.93 -43.37
CA LEU B 555 -18.57 16.62 -42.98
C LEU B 555 -17.92 15.88 -41.81
N PHE B 556 -18.72 15.44 -40.82
CA PHE B 556 -18.27 14.77 -39.58
C PHE B 556 -17.51 13.47 -39.93
N VAL B 557 -17.99 12.73 -40.93
CA VAL B 557 -17.41 11.44 -41.40
C VAL B 557 -16.10 11.73 -42.15
N ARG B 558 -16.07 12.76 -43.00
CA ARG B 558 -14.96 13.06 -43.95
C ARG B 558 -13.84 13.85 -43.25
N LEU B 559 -14.11 14.44 -42.08
CA LEU B 559 -13.12 15.23 -41.30
C LEU B 559 -12.10 14.28 -40.67
N PRO B 560 -10.80 14.34 -41.05
CA PRO B 560 -9.77 13.49 -40.44
C PRO B 560 -9.68 13.69 -38.91
N SER B 561 -9.53 12.60 -38.17
CA SER B 561 -9.49 12.58 -36.68
C SER B 561 -8.06 12.34 -36.19
N SER B 562 -7.69 12.97 -35.07
CA SER B 562 -6.37 12.85 -34.39
C SER B 562 -6.48 13.45 -32.97
N PHE B 563 -6.10 12.67 -31.95
CA PHE B 563 -6.31 12.98 -30.51
C PHE B 563 -5.90 14.43 -30.20
N LEU B 564 -4.63 14.78 -30.48
CA LEU B 564 -4.03 16.10 -30.16
C LEU B 564 -3.33 16.66 -31.39
N PRO B 565 -3.32 18.00 -31.57
CA PRO B 565 -2.67 18.62 -32.73
C PRO B 565 -1.13 18.70 -32.57
N ASP B 566 -0.40 18.46 -33.66
CA ASP B 566 1.08 18.57 -33.71
C ASP B 566 1.47 20.03 -33.48
N GLU B 567 2.31 20.29 -32.47
CA GLU B 567 2.74 21.64 -32.04
C GLU B 567 4.20 21.86 -32.44
N ASP B 568 4.55 23.07 -32.87
CA ASP B 568 5.95 23.56 -32.98
C ASP B 568 6.47 23.76 -31.55
N GLN B 569 7.30 22.84 -31.05
CA GLN B 569 7.74 22.78 -29.64
C GLN B 569 9.14 23.39 -29.48
N GLY B 570 9.72 23.90 -30.57
CA GLY B 570 11.11 24.43 -30.61
C GLY B 570 12.14 23.32 -30.55
N VAL B 571 11.70 22.06 -30.70
CA VAL B 571 12.56 20.84 -30.65
C VAL B 571 11.94 19.75 -31.52
N PHE B 572 12.78 19.01 -32.26
CA PHE B 572 12.41 17.80 -33.03
C PHE B 572 13.64 16.89 -33.13
N MET B 573 13.45 15.66 -33.62
CA MET B 573 14.47 14.59 -33.64
C MET B 573 14.78 14.18 -35.08
N THR B 574 15.99 13.67 -35.32
CA THR B 574 16.48 13.11 -36.62
C THR B 574 17.06 11.71 -36.36
N MET B 575 16.27 10.67 -36.64
CA MET B 575 16.67 9.24 -36.51
C MET B 575 17.75 8.92 -37.55
N VAL B 576 18.77 8.15 -37.14
CA VAL B 576 19.90 7.71 -38.01
C VAL B 576 20.11 6.20 -37.81
N GLN B 577 19.64 5.39 -38.76
CA GLN B 577 19.75 3.90 -38.75
C GLN B 577 20.69 3.46 -39.88
N LEU B 578 21.79 2.78 -39.55
CA LEU B 578 22.80 2.26 -40.51
C LEU B 578 22.62 0.74 -40.64
N PRO B 579 23.21 0.10 -41.69
CA PRO B 579 23.07 -1.34 -41.91
C PRO B 579 23.53 -2.21 -40.72
N ALA B 580 23.11 -3.48 -40.73
CA ALA B 580 23.47 -4.50 -39.72
C ALA B 580 24.98 -4.73 -39.73
N GLY B 581 25.64 -4.53 -38.58
CA GLY B 581 27.09 -4.74 -38.39
C GLY B 581 27.88 -3.44 -38.49
N ALA B 582 27.22 -2.32 -38.78
CA ALA B 582 27.83 -0.98 -38.92
C ALA B 582 28.39 -0.53 -37.56
N THR B 583 29.55 0.14 -37.57
CA THR B 583 30.35 0.48 -36.36
C THR B 583 29.99 1.88 -35.87
N GLN B 584 30.53 2.26 -34.70
CA GLN B 584 30.30 3.56 -34.01
C GLN B 584 30.84 4.70 -34.88
N GLU B 585 32.04 4.53 -35.46
CA GLU B 585 32.74 5.54 -36.29
C GLU B 585 31.89 5.87 -37.52
N ARG B 586 31.34 4.86 -38.19
CA ARG B 586 30.50 5.00 -39.43
C ARG B 586 29.24 5.81 -39.11
N THR B 587 28.60 5.54 -37.96
CA THR B 587 27.35 6.21 -37.50
C THR B 587 27.66 7.67 -37.14
N GLN B 588 28.86 7.95 -36.64
CA GLN B 588 29.32 9.31 -36.24
C GLN B 588 29.46 10.18 -37.50
N LYS B 589 30.07 9.64 -38.56
CA LYS B 589 30.26 10.33 -39.87
C LYS B 589 28.92 10.83 -40.40
N VAL B 590 27.86 10.03 -40.24
CA VAL B 590 26.47 10.36 -40.71
C VAL B 590 25.88 11.44 -39.79
N LEU B 591 26.09 11.32 -38.48
CA LEU B 591 25.61 12.30 -37.46
C LEU B 591 26.30 13.66 -37.66
N ASN B 592 27.57 13.66 -38.09
CA ASN B 592 28.36 14.88 -38.37
C ASN B 592 27.76 15.62 -39.57
N GLU B 593 27.30 14.87 -40.60
CA GLU B 593 26.64 15.43 -41.80
C GLU B 593 25.28 16.04 -41.40
N VAL B 594 24.52 15.35 -40.54
CA VAL B 594 23.21 15.81 -40.01
C VAL B 594 23.43 17.13 -39.24
N THR B 595 24.43 17.15 -38.34
CA THR B 595 24.84 18.32 -37.54
C THR B 595 25.27 19.46 -38.46
N HIS B 596 26.07 19.14 -39.50
CA HIS B 596 26.61 20.11 -40.49
C HIS B 596 25.45 20.78 -41.26
N TYR B 597 24.48 19.98 -41.70
CA TYR B 597 23.28 20.44 -42.47
C TYR B 597 22.50 21.48 -41.65
N TYR B 598 22.17 21.14 -40.39
CA TYR B 598 21.27 21.92 -39.50
C TYR B 598 21.93 23.25 -39.08
N LEU B 599 23.25 23.28 -38.95
CA LEU B 599 24.02 24.49 -38.54
C LEU B 599 24.42 25.32 -39.77
N THR B 600 24.23 24.77 -40.99
CA THR B 600 24.56 25.43 -42.28
C THR B 600 23.26 25.96 -42.93
N LYS B 601 22.38 25.05 -43.35
CA LYS B 601 21.18 25.36 -44.18
C LYS B 601 20.03 25.87 -43.30
N GLU B 602 20.07 25.63 -42.00
CA GLU B 602 19.05 26.10 -41.02
C GLU B 602 19.75 26.88 -39.90
N LYS B 603 20.66 27.79 -40.26
CA LYS B 603 21.44 28.64 -39.31
C LYS B 603 20.49 29.63 -38.63
N ASN B 604 19.44 30.08 -39.33
CA ASN B 604 18.47 31.11 -38.86
C ASN B 604 17.34 30.46 -38.06
N ASN B 605 17.31 29.12 -37.97
CA ASN B 605 16.24 28.35 -37.27
C ASN B 605 16.84 27.57 -36.10
N VAL B 606 17.90 26.78 -36.35
CA VAL B 606 18.51 25.82 -35.38
C VAL B 606 19.42 26.60 -34.42
N GLU B 607 19.25 26.39 -33.11
CA GLU B 607 20.10 26.95 -32.03
C GLU B 607 21.26 25.99 -31.76
N SER B 608 20.99 24.69 -31.65
CA SER B 608 21.99 23.62 -31.36
C SER B 608 21.48 22.25 -31.83
N VAL B 609 22.42 21.32 -32.04
CA VAL B 609 22.17 19.89 -32.41
C VAL B 609 22.85 19.00 -31.37
N PHE B 610 22.08 18.21 -30.62
CA PHE B 610 22.56 17.23 -29.61
C PHE B 610 22.65 15.85 -30.28
N ALA B 611 23.84 15.51 -30.79
CA ALA B 611 24.12 14.26 -31.55
C ALA B 611 24.46 13.13 -30.57
N VAL B 612 23.57 12.13 -30.47
CA VAL B 612 23.70 10.95 -29.56
C VAL B 612 23.93 9.69 -30.40
N ASN B 613 25.19 9.27 -30.54
CA ASN B 613 25.62 8.05 -31.28
C ASN B 613 25.59 6.85 -30.33
N GLY B 614 24.77 5.84 -30.64
CA GLY B 614 24.74 4.55 -29.91
C GLY B 614 23.35 4.20 -29.38
N PHE B 615 22.42 5.16 -29.36
CA PHE B 615 21.07 5.04 -28.75
C PHE B 615 19.97 5.29 -29.80
N GLY B 616 18.95 4.44 -29.78
CA GLY B 616 17.68 4.60 -30.53
C GLY B 616 16.50 4.16 -29.70
N PHE B 617 15.29 4.62 -30.03
CA PHE B 617 14.02 4.30 -29.31
C PHE B 617 13.52 2.92 -29.76
N ALA B 618 13.77 2.56 -31.02
CA ALA B 618 13.35 1.28 -31.65
C ALA B 618 14.40 0.18 -31.39
N GLY B 619 15.48 0.51 -30.66
CA GLY B 619 16.60 -0.41 -30.36
C GLY B 619 17.92 0.33 -30.26
N ARG B 620 18.90 -0.25 -29.57
CA ARG B 620 20.25 0.32 -29.35
C ARG B 620 21.28 -0.43 -30.20
N GLY B 621 22.53 0.05 -30.18
CA GLY B 621 23.67 -0.54 -30.91
C GLY B 621 24.57 0.53 -31.51
N GLN B 622 25.72 0.12 -32.06
CA GLN B 622 26.71 1.02 -32.71
C GLN B 622 26.14 1.58 -34.02
N ASN B 623 25.17 0.89 -34.62
CA ASN B 623 24.62 1.19 -35.97
C ASN B 623 23.37 2.06 -35.88
N THR B 624 23.09 2.67 -34.71
CA THR B 624 21.92 3.57 -34.48
C THR B 624 22.38 4.85 -33.77
N GLY B 625 21.57 5.91 -33.87
CA GLY B 625 21.82 7.23 -33.25
C GLY B 625 20.69 8.20 -33.53
N ILE B 626 20.51 9.21 -32.67
CA ILE B 626 19.47 10.26 -32.81
C ILE B 626 20.12 11.63 -32.58
N ALA B 627 19.76 12.62 -33.40
CA ALA B 627 20.15 14.04 -33.27
C ALA B 627 18.95 14.87 -32.82
N PHE B 628 18.98 15.40 -31.59
CA PHE B 628 17.94 16.27 -31.00
C PHE B 628 18.21 17.72 -31.40
N VAL B 629 17.44 18.22 -32.37
CA VAL B 629 17.57 19.59 -32.94
C VAL B 629 16.82 20.57 -32.02
N SER B 630 17.53 21.54 -31.44
CA SER B 630 16.97 22.63 -30.59
C SER B 630 16.91 23.92 -31.41
N LEU B 631 15.70 24.44 -31.63
CA LEU B 631 15.44 25.63 -32.50
C LEU B 631 15.51 26.91 -31.66
N LYS B 632 15.55 28.06 -32.34
CA LYS B 632 15.51 29.42 -31.72
C LYS B 632 14.05 29.72 -31.32
N ASP B 633 13.82 30.86 -30.66
CA ASP B 633 12.49 31.32 -30.19
C ASP B 633 11.57 31.47 -31.41
N TRP B 634 10.26 31.29 -31.21
CA TRP B 634 9.21 31.29 -32.27
C TRP B 634 9.10 32.69 -32.90
N ALA B 635 9.42 33.74 -32.14
CA ALA B 635 9.40 35.15 -32.58
C ALA B 635 10.58 35.44 -33.52
N ASP B 636 11.63 34.61 -33.49
CA ASP B 636 12.82 34.70 -34.38
C ASP B 636 12.73 33.66 -35.50
N ARG B 637 11.52 33.18 -35.80
CA ARG B 637 11.24 32.22 -36.91
C ARG B 637 9.87 32.54 -37.52
N PRO B 638 9.71 33.71 -38.20
CA PRO B 638 8.43 34.08 -38.82
C PRO B 638 8.05 33.19 -40.01
N GLY B 639 6.75 33.07 -40.28
CA GLY B 639 6.19 32.33 -41.43
C GLY B 639 6.17 30.83 -41.18
N GLU B 640 5.48 30.08 -42.04
CA GLU B 640 5.37 28.59 -41.99
C GLU B 640 6.66 27.96 -42.52
N GLU B 641 7.45 28.69 -43.31
CA GLU B 641 8.73 28.21 -43.90
C GLU B 641 9.74 27.89 -42.80
N ASN B 642 9.68 28.60 -41.66
CA ASN B 642 10.65 28.47 -40.53
C ASN B 642 9.96 27.78 -39.35
N LYS B 643 9.11 26.78 -39.61
CA LYS B 643 8.40 25.96 -38.59
C LYS B 643 8.90 24.52 -38.64
N VAL B 644 8.65 23.74 -37.57
CA VAL B 644 9.17 22.36 -37.37
C VAL B 644 8.74 21.49 -38.56
N GLU B 645 7.46 21.55 -38.96
CA GLU B 645 6.88 20.70 -40.04
C GLU B 645 7.59 20.98 -41.37
N ALA B 646 7.77 22.27 -41.71
CA ALA B 646 8.48 22.72 -42.93
C ALA B 646 9.93 22.21 -42.91
N ILE B 647 10.64 22.46 -41.80
CA ILE B 647 12.07 22.07 -41.60
C ILE B 647 12.18 20.54 -41.63
N THR B 648 11.22 19.84 -41.00
CA THR B 648 11.11 18.36 -40.95
C THR B 648 11.10 17.80 -42.38
N MET B 649 10.30 18.39 -43.26
CA MET B 649 10.13 17.96 -44.68
C MET B 649 11.44 18.21 -45.44
N ARG B 650 12.02 19.41 -45.28
CA ARG B 650 13.29 19.83 -45.92
C ARG B 650 14.42 18.88 -45.52
N ALA B 651 14.52 18.57 -44.23
CA ALA B 651 15.57 17.69 -43.65
C ALA B 651 15.42 16.26 -44.19
N THR B 652 14.21 15.71 -44.16
CA THR B 652 13.87 14.34 -44.64
C THR B 652 14.30 14.20 -46.11
N ARG B 653 13.97 15.19 -46.95
CA ARG B 653 14.27 15.21 -48.40
C ARG B 653 15.78 15.38 -48.62
N ALA B 654 16.43 16.24 -47.82
CA ALA B 654 17.88 16.55 -47.90
C ALA B 654 18.72 15.30 -47.61
N PHE B 655 18.36 14.53 -46.57
CA PHE B 655 19.11 13.35 -46.08
C PHE B 655 18.72 12.09 -46.86
N SER B 656 17.78 12.20 -47.81
CA SER B 656 17.38 11.10 -48.74
C SER B 656 18.56 10.73 -49.65
N GLN B 657 19.47 11.68 -49.89
CA GLN B 657 20.63 11.53 -50.81
C GLN B 657 21.71 10.64 -50.17
N ILE B 658 21.74 10.56 -48.83
CA ILE B 658 22.77 9.80 -48.05
C ILE B 658 22.61 8.31 -48.34
N LYS B 659 23.74 7.62 -48.57
CA LYS B 659 23.79 6.17 -48.94
C LYS B 659 24.19 5.35 -47.71
N ASP B 660 23.73 4.09 -47.64
CA ASP B 660 23.97 3.14 -46.53
C ASP B 660 23.59 3.78 -45.20
N ALA B 661 22.38 4.36 -45.13
CA ALA B 661 21.80 5.00 -43.93
C ALA B 661 20.35 5.43 -44.21
N MET B 662 19.44 5.09 -43.29
CA MET B 662 18.01 5.54 -43.30
C MET B 662 17.89 6.74 -42.36
N VAL B 663 17.97 7.95 -42.91
CA VAL B 663 18.00 9.24 -42.14
C VAL B 663 16.75 10.06 -42.51
N PHE B 664 16.01 10.53 -41.50
CA PHE B 664 14.79 11.35 -41.65
C PHE B 664 14.46 12.08 -40.34
N ALA B 665 13.90 13.28 -40.44
CA ALA B 665 13.46 14.13 -39.30
C ALA B 665 11.96 13.90 -39.05
N PHE B 666 11.48 14.21 -37.84
CA PHE B 666 10.06 14.13 -37.44
C PHE B 666 9.83 14.92 -36.14
N ASN B 667 8.66 15.56 -36.03
CA ASN B 667 8.23 16.38 -34.86
C ASN B 667 7.93 15.43 -33.69
N LEU B 668 8.04 15.94 -32.45
CA LEU B 668 7.68 15.21 -31.20
C LEU B 668 6.16 15.11 -31.11
N PRO B 669 5.61 14.14 -30.34
CA PRO B 669 4.18 14.12 -30.04
C PRO B 669 3.79 15.32 -29.16
N ALA B 670 2.52 15.76 -29.26
CA ALA B 670 1.93 16.86 -28.47
C ALA B 670 2.21 16.65 -26.98
N ILE B 671 2.02 15.41 -26.50
CA ILE B 671 2.34 14.96 -25.12
C ILE B 671 3.44 13.89 -25.21
N VAL B 672 4.68 14.26 -24.84
CA VAL B 672 5.89 13.39 -24.89
C VAL B 672 5.64 12.13 -24.02
N GLU B 673 5.09 12.35 -22.82
CA GLU B 673 4.71 11.30 -21.82
C GLU B 673 3.97 10.15 -22.50
N LEU B 674 2.89 10.46 -23.22
CA LEU B 674 1.92 9.48 -23.78
C LEU B 674 2.57 8.69 -24.92
N GLY B 675 3.21 9.39 -25.87
CA GLY B 675 3.89 8.79 -27.04
C GLY B 675 3.18 9.15 -28.34
N THR B 676 3.40 8.34 -29.39
CA THR B 676 2.92 8.57 -30.78
C THR B 676 1.41 8.86 -30.77
N ALA B 677 0.60 7.90 -30.32
CA ALA B 677 -0.87 7.98 -30.18
C ALA B 677 -1.53 8.27 -31.53
N THR B 678 -0.94 7.79 -32.63
CA THR B 678 -1.49 7.89 -34.02
C THR B 678 -1.20 6.58 -34.77
N GLY B 679 -2.22 5.75 -34.95
CA GLY B 679 -2.12 4.41 -35.57
C GLY B 679 -2.55 3.32 -34.61
N PHE B 680 -1.92 2.14 -34.70
CA PHE B 680 -2.18 0.97 -33.82
C PHE B 680 -0.84 0.40 -33.33
N ASP B 681 -0.89 -0.38 -32.23
CA ASP B 681 0.28 -1.06 -31.61
C ASP B 681 -0.05 -2.54 -31.44
N PHE B 682 0.47 -3.38 -32.36
CA PHE B 682 0.17 -4.83 -32.47
C PHE B 682 1.32 -5.64 -31.84
N GLU B 683 0.95 -6.69 -31.10
CA GLU B 683 1.90 -7.68 -30.50
C GLU B 683 1.65 -9.05 -31.14
N LEU B 684 2.69 -9.66 -31.71
CA LEU B 684 2.65 -11.02 -32.31
C LEU B 684 3.34 -11.99 -31.35
N ILE B 685 2.57 -12.91 -30.74
CA ILE B 685 2.98 -13.72 -29.57
C ILE B 685 3.22 -15.18 -29.99
N ASP B 686 4.28 -15.79 -29.46
CA ASP B 686 4.60 -17.24 -29.57
C ASP B 686 3.90 -17.97 -28.42
N GLN B 687 2.77 -18.63 -28.69
CA GLN B 687 1.84 -19.19 -27.68
C GLN B 687 2.13 -20.67 -27.43
N ALA B 688 3.01 -21.30 -28.21
CA ALA B 688 3.26 -22.76 -28.19
C ALA B 688 4.75 -23.08 -28.41
N GLY B 689 5.65 -22.25 -27.87
CA GLY B 689 7.11 -22.46 -27.87
C GLY B 689 7.65 -22.79 -29.26
N LEU B 690 7.23 -22.04 -30.28
CA LEU B 690 7.66 -22.20 -31.70
C LEU B 690 9.14 -21.78 -31.84
N GLY B 691 9.56 -20.74 -31.12
CA GLY B 691 10.93 -20.21 -31.13
C GLY B 691 11.03 -18.93 -31.94
N HIS B 692 12.18 -18.25 -31.86
CA HIS B 692 12.44 -16.92 -32.50
C HIS B 692 12.31 -17.03 -34.02
N GLU B 693 13.02 -17.97 -34.65
CA GLU B 693 13.12 -18.12 -36.13
C GLU B 693 11.72 -18.31 -36.73
N LYS B 694 10.88 -19.13 -36.09
CA LYS B 694 9.50 -19.46 -36.56
C LYS B 694 8.58 -18.25 -36.37
N LEU B 695 8.77 -17.48 -35.30
CA LEU B 695 7.98 -16.25 -34.99
C LEU B 695 8.33 -15.15 -36.01
N THR B 696 9.57 -15.14 -36.51
CA THR B 696 10.06 -14.21 -37.57
C THR B 696 9.32 -14.49 -38.88
N GLN B 697 9.18 -15.77 -39.24
CA GLN B 697 8.54 -16.24 -40.50
C GLN B 697 7.05 -15.89 -40.48
N ALA B 698 6.39 -16.05 -39.32
CA ALA B 698 4.96 -15.72 -39.10
C ALA B 698 4.75 -14.21 -39.16
N ARG B 699 5.74 -13.43 -38.70
CA ARG B 699 5.74 -11.94 -38.72
C ARG B 699 5.85 -11.47 -40.18
N ASN B 700 6.83 -11.98 -40.91
CA ASN B 700 7.08 -11.69 -42.36
C ASN B 700 5.81 -11.97 -43.16
N GLN B 701 5.09 -13.04 -42.81
CA GLN B 701 3.82 -13.48 -43.47
C GLN B 701 2.75 -12.42 -43.24
N LEU B 702 2.57 -11.97 -41.98
CA LEU B 702 1.57 -10.94 -41.58
C LEU B 702 1.88 -9.61 -42.27
N LEU B 703 3.16 -9.23 -42.34
CA LEU B 703 3.65 -7.98 -42.99
C LEU B 703 3.38 -8.05 -44.50
N ALA B 704 3.65 -9.20 -45.12
CA ALA B 704 3.46 -9.47 -46.57
C ALA B 704 1.98 -9.32 -46.94
N GLU B 705 1.08 -9.82 -46.09
CA GLU B 705 -0.40 -9.77 -46.29
C GLU B 705 -0.92 -8.36 -46.04
N ALA B 706 -0.27 -7.60 -45.14
CA ALA B 706 -0.60 -6.20 -44.81
C ALA B 706 -0.23 -5.29 -45.98
N ALA B 707 0.86 -5.61 -46.70
CA ALA B 707 1.37 -4.87 -47.87
C ALA B 707 0.40 -5.02 -49.05
N LYS B 708 -0.37 -6.11 -49.08
CA LYS B 708 -1.37 -6.42 -50.15
C LYS B 708 -2.67 -5.65 -49.90
N HIS B 709 -2.76 -4.84 -48.85
CA HIS B 709 -3.91 -3.96 -48.53
C HIS B 709 -3.42 -2.53 -48.26
N PRO B 710 -2.95 -1.78 -49.27
CA PRO B 710 -2.59 -0.37 -49.11
C PRO B 710 -3.82 0.50 -48.84
N ASP B 711 -4.98 0.06 -49.33
CA ASP B 711 -6.28 0.79 -49.25
C ASP B 711 -6.77 0.89 -47.80
N MET B 712 -6.33 -0.03 -46.93
CA MET B 712 -6.79 -0.10 -45.51
C MET B 712 -5.63 0.20 -44.55
N LEU B 713 -4.50 -0.52 -44.69
CA LEU B 713 -3.33 -0.45 -43.77
C LEU B 713 -2.19 0.33 -44.45
N THR B 714 -1.46 1.14 -43.68
CA THR B 714 -0.32 1.97 -44.16
C THR B 714 0.85 1.88 -43.17
N SER B 715 2.08 1.82 -43.70
CA SER B 715 3.36 1.82 -42.94
C SER B 715 3.31 0.77 -41.82
N VAL B 716 2.90 -0.45 -42.15
CA VAL B 716 2.85 -1.61 -41.20
C VAL B 716 4.23 -2.27 -41.18
N ARG B 717 5.06 -1.90 -40.19
CA ARG B 717 6.46 -2.37 -40.04
C ARG B 717 6.67 -2.95 -38.64
N PRO B 718 7.74 -3.75 -38.43
CA PRO B 718 8.14 -4.14 -37.08
C PRO B 718 8.82 -2.99 -36.32
N ASN B 719 8.64 -2.94 -35.00
CA ASN B 719 9.24 -1.92 -34.10
C ASN B 719 10.68 -2.34 -33.75
N GLY B 720 10.89 -3.64 -33.51
CA GLY B 720 12.20 -4.19 -33.10
C GLY B 720 13.19 -4.28 -34.25
N LEU B 721 14.41 -4.75 -33.97
CA LEU B 721 15.52 -4.89 -34.94
C LEU B 721 15.40 -6.24 -35.65
N GLU B 722 16.21 -6.43 -36.70
CA GLU B 722 16.31 -7.70 -37.48
C GLU B 722 17.53 -8.49 -36.98
N ASP B 723 17.61 -9.78 -37.33
CA ASP B 723 18.75 -10.68 -36.97
C ASP B 723 20.02 -10.18 -37.69
N THR B 724 21.17 -10.32 -37.03
CA THR B 724 22.49 -9.83 -37.50
C THR B 724 23.51 -10.96 -37.43
N PRO B 725 24.59 -10.92 -38.24
CA PRO B 725 25.69 -11.90 -38.12
C PRO B 725 26.39 -11.78 -36.76
N GLN B 726 26.58 -12.91 -36.07
CA GLN B 726 27.21 -13.00 -34.73
C GLN B 726 28.24 -14.14 -34.74
N PHE B 727 29.39 -13.91 -34.09
CA PHE B 727 30.60 -14.79 -34.11
C PHE B 727 30.43 -15.90 -33.08
N LYS B 728 29.94 -17.06 -33.51
CA LYS B 728 29.74 -18.27 -32.65
C LYS B 728 31.10 -18.96 -32.46
N ILE B 729 31.50 -19.16 -31.19
CA ILE B 729 32.79 -19.81 -30.80
C ILE B 729 32.46 -21.03 -29.95
N ASP B 730 32.90 -22.22 -30.38
CA ASP B 730 32.66 -23.53 -29.70
C ASP B 730 33.95 -23.96 -28.99
N ILE B 731 33.92 -23.99 -27.65
CA ILE B 731 35.05 -24.45 -26.79
C ILE B 731 35.00 -25.98 -26.72
N ASP B 732 36.04 -26.66 -27.22
CA ASP B 732 36.16 -28.14 -27.17
C ASP B 732 36.49 -28.55 -25.73
N GLN B 733 35.55 -29.22 -25.06
CA GLN B 733 35.66 -29.63 -23.63
C GLN B 733 36.78 -30.67 -23.48
N GLU B 734 36.85 -31.64 -24.41
CA GLU B 734 37.86 -32.73 -24.43
C GLU B 734 39.27 -32.14 -24.54
N LYS B 735 39.49 -31.21 -25.47
CA LYS B 735 40.80 -30.57 -25.75
C LYS B 735 41.26 -29.76 -24.54
N ALA B 736 40.32 -29.06 -23.88
CA ALA B 736 40.55 -28.23 -22.67
C ALA B 736 41.05 -29.12 -21.52
N GLN B 737 40.33 -30.21 -21.25
CA GLN B 737 40.64 -31.18 -20.16
C GLN B 737 41.95 -31.92 -20.47
N ALA B 738 42.25 -32.15 -21.76
CA ALA B 738 43.45 -32.86 -22.24
C ALA B 738 44.70 -32.02 -21.97
N LEU B 739 44.67 -30.73 -22.28
CA LEU B 739 45.80 -29.78 -22.09
C LEU B 739 45.84 -29.29 -20.64
N GLY B 740 44.82 -29.61 -19.83
CA GLY B 740 44.75 -29.28 -18.39
C GLY B 740 44.35 -27.84 -18.15
N VAL B 741 43.47 -27.30 -19.01
CA VAL B 741 42.94 -25.91 -18.94
C VAL B 741 41.48 -25.99 -18.46
N SER B 742 41.17 -25.35 -17.33
CA SER B 742 39.80 -25.27 -16.75
C SER B 742 38.92 -24.38 -17.63
N ILE B 743 37.61 -24.66 -17.65
CA ILE B 743 36.59 -23.93 -18.46
C ILE B 743 36.36 -22.54 -17.85
N ASN B 744 36.43 -22.43 -16.52
CA ASN B 744 36.28 -21.16 -15.77
C ASN B 744 37.33 -20.16 -16.25
N ASP B 745 38.61 -20.58 -16.32
CA ASP B 745 39.76 -19.74 -16.76
C ASP B 745 39.59 -19.37 -18.23
N ILE B 746 39.06 -20.28 -19.06
CA ILE B 746 38.79 -20.05 -20.51
C ILE B 746 37.67 -19.01 -20.65
N ASN B 747 36.53 -19.24 -19.99
CA ASN B 747 35.30 -18.41 -20.11
C ASN B 747 35.49 -17.07 -19.39
N THR B 748 36.41 -17.00 -18.42
CA THR B 748 36.79 -15.74 -17.71
C THR B 748 37.70 -14.91 -18.61
N THR B 749 38.75 -15.53 -19.17
CA THR B 749 39.75 -14.88 -20.07
C THR B 749 39.03 -14.26 -21.28
N LEU B 750 38.06 -14.99 -21.85
CA LEU B 750 37.24 -14.53 -23.01
C LEU B 750 36.31 -13.39 -22.56
N GLY B 751 35.47 -13.66 -21.56
CA GLY B 751 34.44 -12.72 -21.06
C GLY B 751 35.03 -11.42 -20.56
N ALA B 752 36.14 -11.49 -19.80
CA ALA B 752 36.83 -10.33 -19.19
C ALA B 752 37.46 -9.46 -20.28
N ALA B 753 38.27 -10.07 -21.15
CA ALA B 753 39.03 -9.39 -22.23
C ALA B 753 38.06 -8.72 -23.21
N TRP B 754 37.20 -9.51 -23.85
CA TRP B 754 36.34 -9.08 -25.01
C TRP B 754 35.09 -8.34 -24.53
N GLY B 755 34.49 -8.79 -23.43
CA GLY B 755 33.22 -8.24 -22.90
C GLY B 755 33.43 -7.15 -21.86
N GLY B 756 34.48 -7.28 -21.04
CA GLY B 756 34.71 -6.45 -19.85
C GLY B 756 34.19 -7.14 -18.60
N SER B 757 34.77 -6.83 -17.42
CA SER B 757 34.43 -7.44 -16.12
C SER B 757 34.51 -6.41 -15.00
N TYR B 758 33.37 -6.16 -14.33
CA TYR B 758 33.25 -5.30 -13.12
C TYR B 758 33.81 -6.07 -11.91
N VAL B 759 35.05 -5.75 -11.51
CA VAL B 759 35.82 -6.49 -10.47
C VAL B 759 35.29 -6.10 -9.09
N ASN B 760 35.51 -4.84 -8.67
CA ASN B 760 35.12 -4.31 -7.33
C ASN B 760 35.11 -2.79 -7.39
N ASP B 761 35.00 -2.12 -6.23
CA ASP B 761 34.89 -0.65 -6.11
C ASP B 761 36.19 -0.06 -5.53
N PHE B 762 36.46 1.21 -5.86
CA PHE B 762 37.55 2.05 -5.30
C PHE B 762 36.99 3.44 -5.03
N ILE B 763 37.65 4.24 -4.20
CA ILE B 763 37.17 5.59 -3.75
C ILE B 763 38.02 6.67 -4.43
N ASP B 764 37.42 7.48 -5.29
CA ASP B 764 38.09 8.59 -6.05
C ASP B 764 37.61 9.94 -5.48
N ARG B 765 38.46 10.58 -4.66
CA ARG B 765 38.18 11.90 -4.02
C ARG B 765 36.90 11.79 -3.17
N GLY B 766 36.84 10.81 -2.28
CA GLY B 766 35.72 10.57 -1.35
C GLY B 766 34.44 10.15 -2.06
N ARG B 767 34.56 9.48 -3.21
CA ARG B 767 33.43 8.99 -4.03
C ARG B 767 33.71 7.55 -4.48
N VAL B 768 32.89 6.59 -4.02
CA VAL B 768 33.01 5.15 -4.40
C VAL B 768 32.62 5.01 -5.88
N LYS B 769 33.51 4.40 -6.68
CA LYS B 769 33.37 4.23 -8.15
C LYS B 769 33.84 2.82 -8.55
N LYS B 770 33.39 2.34 -9.71
CA LYS B 770 33.58 0.94 -10.18
C LYS B 770 34.99 0.78 -10.77
N VAL B 771 35.54 -0.44 -10.68
CA VAL B 771 36.81 -0.87 -11.31
C VAL B 771 36.48 -1.92 -12.38
N TYR B 772 36.77 -1.63 -13.65
CA TYR B 772 36.55 -2.52 -14.81
C TYR B 772 37.89 -2.96 -15.39
N VAL B 773 38.04 -4.28 -15.63
CA VAL B 773 39.17 -4.87 -16.43
C VAL B 773 38.61 -5.26 -17.80
N MET B 774 39.35 -4.97 -18.87
CA MET B 774 38.96 -5.24 -20.27
C MET B 774 40.21 -5.16 -21.17
N SER B 775 40.17 -5.83 -22.32
CA SER B 775 41.24 -5.80 -23.36
C SER B 775 41.36 -4.38 -23.92
N GLU B 776 42.58 -3.94 -24.23
CA GLU B 776 42.84 -2.68 -24.97
C GLU B 776 42.31 -2.85 -26.40
N ALA B 777 41.50 -1.89 -26.87
CA ALA B 777 40.75 -1.91 -28.15
C ALA B 777 41.38 -2.90 -29.15
N LYS B 778 42.64 -2.67 -29.52
CA LYS B 778 43.32 -3.27 -30.70
C LYS B 778 43.50 -4.79 -30.56
N TYR B 779 43.23 -5.37 -29.39
CA TYR B 779 43.40 -6.83 -29.12
C TYR B 779 42.06 -7.56 -29.00
N ARG B 780 40.93 -6.86 -29.26
CA ARG B 780 39.56 -7.44 -29.15
C ARG B 780 38.67 -6.89 -30.27
N MET B 781 39.19 -6.81 -31.50
CA MET B 781 38.48 -6.23 -32.68
C MET B 781 38.04 -7.35 -33.63
N LEU B 782 38.98 -8.14 -34.15
CA LEU B 782 38.76 -9.12 -35.24
C LEU B 782 38.96 -10.54 -34.74
N PRO B 783 38.39 -11.57 -35.42
CA PRO B 783 38.54 -12.97 -35.02
C PRO B 783 39.99 -13.50 -34.98
N ASP B 784 40.92 -12.85 -35.70
CA ASP B 784 42.38 -13.19 -35.68
C ASP B 784 42.95 -12.92 -34.28
N ASP B 785 42.40 -11.93 -33.56
CA ASP B 785 42.88 -11.49 -32.22
C ASP B 785 42.52 -12.53 -31.16
N ILE B 786 41.53 -13.39 -31.42
CA ILE B 786 41.08 -14.49 -30.52
C ILE B 786 42.29 -15.37 -30.16
N GLY B 787 43.14 -15.66 -31.15
CA GLY B 787 44.31 -16.57 -31.03
C GLY B 787 45.46 -15.94 -30.26
N ASP B 788 45.44 -14.62 -30.05
CA ASP B 788 46.52 -13.87 -29.34
C ASP B 788 46.35 -14.00 -27.82
N TRP B 789 45.20 -14.49 -27.35
CA TRP B 789 44.88 -14.67 -25.91
C TRP B 789 45.28 -16.08 -25.44
N TYR B 790 46.05 -16.15 -24.36
CA TYR B 790 46.60 -17.41 -23.78
C TYR B 790 46.00 -17.63 -22.38
N VAL B 791 45.74 -18.90 -22.05
CA VAL B 791 45.23 -19.37 -20.72
C VAL B 791 46.21 -20.40 -20.16
N ARG B 792 46.63 -20.24 -18.90
CA ARG B 792 47.62 -21.13 -18.25
C ARG B 792 46.94 -22.45 -17.85
N ALA B 793 47.57 -23.58 -18.19
CA ALA B 793 47.14 -24.94 -17.82
C ALA B 793 47.66 -25.27 -16.42
N ALA B 794 47.26 -26.42 -15.87
CA ALA B 794 47.65 -26.93 -14.53
C ALA B 794 49.17 -27.12 -14.46
N ASP B 795 49.79 -27.55 -15.57
CA ASP B 795 51.25 -27.85 -15.67
C ASP B 795 52.04 -26.55 -15.87
N GLY B 796 51.37 -25.41 -15.99
CA GLY B 796 51.98 -24.07 -16.04
C GLY B 796 52.29 -23.61 -17.46
N GLN B 797 51.99 -24.44 -18.47
CA GLN B 797 52.19 -24.12 -19.91
C GLN B 797 51.07 -23.20 -20.39
N MET B 798 51.41 -22.18 -21.16
CA MET B 798 50.46 -21.17 -21.72
C MET B 798 49.93 -21.68 -23.07
N VAL B 799 48.62 -21.92 -23.15
CA VAL B 799 47.92 -22.49 -24.33
C VAL B 799 47.13 -21.37 -25.02
N PRO B 800 47.29 -21.17 -26.35
CA PRO B 800 46.53 -20.14 -27.07
C PRO B 800 45.06 -20.56 -27.24
N PHE B 801 44.17 -19.59 -27.42
CA PHE B 801 42.69 -19.78 -27.47
C PHE B 801 42.32 -20.63 -28.70
N SER B 802 43.11 -20.51 -29.78
CA SER B 802 42.94 -21.24 -31.06
C SER B 802 43.08 -22.75 -30.85
N ALA B 803 43.89 -23.17 -29.87
CA ALA B 803 44.25 -24.59 -29.60
C ALA B 803 43.02 -25.42 -29.21
N PHE B 804 42.08 -24.83 -28.46
CA PHE B 804 40.94 -25.54 -27.83
C PHE B 804 39.60 -24.90 -28.22
N SER B 805 39.54 -24.19 -29.36
CA SER B 805 38.32 -23.48 -29.85
C SER B 805 38.18 -23.61 -31.36
N SER B 806 36.93 -23.50 -31.85
CA SER B 806 36.55 -23.46 -33.28
C SER B 806 35.40 -22.46 -33.45
N SER B 807 35.42 -21.66 -34.52
CA SER B 807 34.47 -20.53 -34.74
C SER B 807 33.79 -20.65 -36.11
N ARG B 808 32.57 -20.11 -36.22
CA ARG B 808 31.78 -19.99 -37.48
C ARG B 808 30.86 -18.77 -37.37
N TRP B 809 30.25 -18.36 -38.48
CA TRP B 809 29.23 -17.28 -38.55
C TRP B 809 27.83 -17.91 -38.49
N GLU B 810 26.95 -17.34 -37.66
CA GLU B 810 25.49 -17.65 -37.63
C GLU B 810 24.72 -16.33 -37.44
N TYR B 811 23.41 -16.34 -37.67
CA TYR B 811 22.49 -15.19 -37.47
C TYR B 811 21.74 -15.38 -36.15
N GLY B 812 21.56 -14.28 -35.40
CA GLY B 812 20.81 -14.24 -34.14
C GLY B 812 20.25 -12.85 -33.87
N SER B 813 19.34 -12.73 -32.91
CA SER B 813 18.60 -11.48 -32.57
C SER B 813 19.47 -10.57 -31.72
N PRO B 814 19.70 -9.30 -32.12
CA PRO B 814 20.34 -8.30 -31.26
C PRO B 814 19.36 -7.58 -30.32
N ARG B 815 18.08 -7.94 -30.37
CA ARG B 815 17.00 -7.40 -29.50
C ARG B 815 15.80 -8.35 -29.51
N LEU B 816 15.63 -9.12 -28.43
CA LEU B 816 14.54 -10.11 -28.25
C LEU B 816 13.43 -9.50 -27.38
N GLU B 817 12.21 -9.44 -27.91
CA GLU B 817 11.02 -8.85 -27.23
C GLU B 817 10.20 -9.98 -26.57
N ARG B 818 9.54 -9.68 -25.45
CA ARG B 818 8.60 -10.58 -24.75
C ARG B 818 7.40 -9.76 -24.27
N TYR B 819 6.17 -10.27 -24.45
CA TYR B 819 4.91 -9.64 -24.03
C TYR B 819 4.10 -10.63 -23.18
N ASN B 820 3.85 -10.27 -21.91
CA ASN B 820 3.12 -11.08 -20.90
C ASN B 820 3.82 -12.43 -20.71
N GLY B 821 5.15 -12.42 -20.61
CA GLY B 821 5.99 -13.59 -20.29
C GLY B 821 6.40 -14.39 -21.53
N LEU B 822 5.59 -14.35 -22.58
CA LEU B 822 5.79 -15.17 -23.82
C LEU B 822 6.61 -14.38 -24.83
N PRO B 823 7.38 -15.04 -25.73
CA PRO B 823 8.11 -14.35 -26.78
C PRO B 823 7.15 -13.62 -27.73
N SER B 824 7.48 -12.37 -28.08
CA SER B 824 6.62 -11.47 -28.89
C SER B 824 7.46 -10.71 -29.93
N MET B 825 6.78 -10.01 -30.84
CA MET B 825 7.37 -9.06 -31.82
C MET B 825 6.37 -7.92 -32.07
N GLU B 826 6.72 -6.70 -31.63
CA GLU B 826 5.86 -5.50 -31.69
C GLU B 826 5.79 -4.99 -33.14
N ILE B 827 4.58 -4.84 -33.69
CA ILE B 827 4.31 -4.35 -35.07
C ILE B 827 3.51 -3.04 -34.97
N LEU B 828 4.02 -1.97 -35.59
CA LEU B 828 3.35 -0.65 -35.67
C LEU B 828 2.70 -0.49 -37.04
N GLY B 829 1.69 0.37 -37.14
CA GLY B 829 0.96 0.70 -38.38
C GLY B 829 -0.18 1.67 -38.12
N GLN B 830 -0.83 2.14 -39.19
CA GLN B 830 -1.95 3.13 -39.12
C GLN B 830 -2.91 2.90 -40.29
N ALA B 831 -4.16 3.37 -40.14
CA ALA B 831 -5.22 3.30 -41.16
C ALA B 831 -4.85 4.20 -42.35
N ALA B 832 -5.16 3.77 -43.57
CA ALA B 832 -4.90 4.49 -44.84
C ALA B 832 -5.73 5.77 -44.89
N PRO B 833 -5.37 6.76 -45.72
CA PRO B 833 -6.15 7.99 -45.85
C PRO B 833 -7.64 7.72 -46.07
N GLY B 834 -8.50 8.31 -45.23
CA GLY B 834 -9.97 8.16 -45.28
C GLY B 834 -10.47 7.06 -44.35
N LYS B 835 -9.62 6.06 -44.05
CA LYS B 835 -9.96 4.89 -43.20
C LYS B 835 -9.69 5.21 -41.72
N SER B 836 -10.52 4.68 -40.83
CA SER B 836 -10.40 4.81 -39.35
C SER B 836 -9.48 3.71 -38.81
N THR B 837 -8.86 3.95 -37.66
CA THR B 837 -7.91 3.02 -36.99
C THR B 837 -8.66 1.74 -36.59
N GLY B 838 -9.92 1.88 -36.16
CA GLY B 838 -10.81 0.76 -35.75
C GLY B 838 -10.99 -0.25 -36.86
N GLU B 839 -11.19 0.21 -38.10
CA GLU B 839 -11.35 -0.63 -39.31
C GLU B 839 -10.04 -1.36 -39.62
N ALA B 840 -8.91 -0.67 -39.49
CA ALA B 840 -7.55 -1.21 -39.76
C ALA B 840 -7.24 -2.36 -38.79
N MET B 841 -7.69 -2.25 -37.53
CA MET B 841 -7.51 -3.29 -36.48
C MET B 841 -8.30 -4.55 -36.87
N GLU B 842 -9.54 -4.37 -37.34
CA GLU B 842 -10.46 -5.47 -37.77
C GLU B 842 -9.74 -6.37 -38.78
N LEU B 843 -9.08 -5.78 -39.78
CA LEU B 843 -8.34 -6.49 -40.86
C LEU B 843 -7.11 -7.17 -40.27
N MET B 844 -6.32 -6.46 -39.45
CA MET B 844 -5.10 -6.98 -38.79
C MET B 844 -5.44 -8.24 -37.99
N GLU B 845 -6.61 -8.25 -37.32
CA GLU B 845 -7.14 -9.43 -36.58
C GLU B 845 -7.46 -10.57 -37.55
N GLN B 846 -8.10 -10.25 -38.68
CA GLN B 846 -8.49 -11.22 -39.74
C GLN B 846 -7.24 -11.84 -40.36
N LEU B 847 -6.23 -11.02 -40.68
CA LEU B 847 -4.94 -11.47 -41.28
C LEU B 847 -4.20 -12.38 -40.29
N ALA B 848 -4.27 -12.06 -38.99
CA ALA B 848 -3.56 -12.76 -37.90
C ALA B 848 -4.14 -14.17 -37.68
N SER B 849 -5.45 -14.34 -37.91
CA SER B 849 -6.17 -15.63 -37.72
C SER B 849 -5.70 -16.69 -38.72
N LYS B 850 -5.10 -16.28 -39.84
CA LYS B 850 -4.64 -17.17 -40.93
C LYS B 850 -3.13 -17.43 -40.82
N LEU B 851 -2.52 -17.11 -39.68
CA LEU B 851 -1.08 -17.35 -39.40
C LEU B 851 -0.90 -18.79 -38.92
N PRO B 852 0.34 -19.34 -38.91
CA PRO B 852 0.58 -20.72 -38.47
C PRO B 852 0.09 -21.01 -37.04
N THR B 853 -0.12 -22.29 -36.73
CA THR B 853 -0.62 -22.80 -35.42
C THR B 853 0.36 -22.40 -34.31
N GLY B 854 -0.17 -21.90 -33.18
CA GLY B 854 0.61 -21.52 -31.99
C GLY B 854 1.06 -20.08 -32.02
N VAL B 855 0.73 -19.33 -33.08
CA VAL B 855 1.04 -17.88 -33.24
C VAL B 855 -0.21 -17.08 -32.86
N GLY B 856 -0.17 -16.40 -31.71
CA GLY B 856 -1.26 -15.54 -31.20
C GLY B 856 -0.98 -14.08 -31.42
N TYR B 857 -1.81 -13.20 -30.86
CA TYR B 857 -1.68 -11.73 -30.96
C TYR B 857 -2.41 -11.06 -29.79
N ASP B 858 -2.16 -9.76 -29.60
CA ASP B 858 -2.83 -8.91 -28.57
C ASP B 858 -2.63 -7.43 -28.94
N TRP B 859 -3.51 -6.56 -28.42
CA TRP B 859 -3.45 -5.08 -28.61
C TRP B 859 -2.89 -4.44 -27.33
N THR B 860 -1.86 -3.59 -27.48
CA THR B 860 -1.12 -2.93 -26.37
C THR B 860 -1.14 -1.41 -26.57
N GLY B 861 -0.71 -0.66 -25.55
CA GLY B 861 -0.55 0.81 -25.59
C GLY B 861 -1.83 1.52 -26.02
N MET B 862 -1.72 2.41 -27.01
CA MET B 862 -2.83 3.25 -27.54
C MET B 862 -3.98 2.37 -28.07
N SER B 863 -3.67 1.21 -28.65
CA SER B 863 -4.67 0.25 -29.19
C SER B 863 -5.52 -0.31 -28.05
N TYR B 864 -4.87 -0.73 -26.95
CA TYR B 864 -5.51 -1.25 -25.72
C TYR B 864 -6.44 -0.18 -25.13
N GLN B 865 -6.01 1.09 -25.16
CA GLN B 865 -6.75 2.26 -24.62
C GLN B 865 -7.96 2.56 -25.50
N GLU B 866 -7.75 2.64 -26.83
CA GLU B 866 -8.79 3.00 -27.84
C GLU B 866 -9.99 2.04 -27.74
N ARG B 867 -9.74 0.73 -27.66
CA ARG B 867 -10.79 -0.33 -27.68
C ARG B 867 -11.69 -0.22 -26.45
N LEU B 868 -11.09 -0.07 -25.25
CA LEU B 868 -11.82 0.03 -23.96
C LEU B 868 -12.50 1.41 -23.85
N SER B 869 -11.99 2.42 -24.56
CA SER B 869 -12.57 3.78 -24.66
C SER B 869 -13.77 3.76 -25.63
N GLY B 870 -13.63 3.07 -26.76
CA GLY B 870 -14.67 2.92 -27.80
C GLY B 870 -15.90 2.20 -27.28
N ASN B 871 -15.74 1.32 -26.30
CA ASN B 871 -16.84 0.55 -25.66
C ASN B 871 -17.67 1.47 -24.75
N GLN B 872 -17.02 2.45 -24.12
CA GLN B 872 -17.65 3.37 -23.12
C GLN B 872 -18.46 4.45 -23.83
N ALA B 873 -17.98 4.95 -24.97
CA ALA B 873 -18.52 6.14 -25.68
C ALA B 873 -20.03 6.02 -25.86
N PRO B 874 -20.56 4.93 -26.49
CA PRO B 874 -22.00 4.81 -26.72
C PRO B 874 -22.85 5.00 -25.45
N SER B 875 -22.49 4.31 -24.37
CA SER B 875 -23.21 4.32 -23.07
C SER B 875 -23.19 5.73 -22.46
N LEU B 876 -22.10 6.48 -22.64
CA LEU B 876 -21.90 7.83 -22.05
C LEU B 876 -22.72 8.87 -22.82
N TYR B 877 -22.70 8.82 -24.16
CA TYR B 877 -23.53 9.68 -25.05
C TYR B 877 -25.01 9.50 -24.66
N ALA B 878 -25.45 8.25 -24.50
CA ALA B 878 -26.82 7.85 -24.14
C ALA B 878 -27.21 8.48 -22.79
N ILE B 879 -26.39 8.27 -21.76
CA ILE B 879 -26.58 8.85 -20.39
C ILE B 879 -26.68 10.37 -20.52
N SER B 880 -25.72 10.99 -21.22
CA SER B 880 -25.62 12.45 -21.46
C SER B 880 -26.92 12.97 -22.09
N LEU B 881 -27.43 12.27 -23.12
CA LEU B 881 -28.60 12.71 -23.94
C LEU B 881 -29.91 12.52 -23.14
N ILE B 882 -29.99 11.46 -22.33
CA ILE B 882 -31.20 11.10 -21.52
C ILE B 882 -31.40 12.16 -20.43
N VAL B 883 -30.33 12.58 -19.75
CA VAL B 883 -30.39 13.51 -18.58
C VAL B 883 -30.74 14.92 -19.07
N VAL B 884 -30.16 15.36 -20.20
CA VAL B 884 -30.45 16.66 -20.85
C VAL B 884 -31.98 16.78 -21.05
N PHE B 885 -32.60 15.73 -21.61
CA PHE B 885 -34.06 15.63 -21.86
C PHE B 885 -34.82 15.73 -20.53
N LEU B 886 -34.44 14.90 -19.55
CA LEU B 886 -35.12 14.79 -18.22
C LEU B 886 -35.10 16.14 -17.50
N CYS B 887 -33.98 16.87 -17.58
CA CYS B 887 -33.80 18.22 -16.96
C CYS B 887 -34.74 19.23 -17.62
N LEU B 888 -34.70 19.33 -18.96
CA LEU B 888 -35.55 20.24 -19.77
C LEU B 888 -37.03 19.87 -19.59
N ALA B 889 -37.33 18.57 -19.48
CA ALA B 889 -38.70 18.02 -19.28
C ALA B 889 -39.27 18.54 -17.95
N ALA B 890 -38.45 18.61 -16.90
CA ALA B 890 -38.81 19.11 -15.56
C ALA B 890 -38.97 20.64 -15.60
N LEU B 891 -38.04 21.33 -16.28
CA LEU B 891 -38.01 22.81 -16.41
C LEU B 891 -39.32 23.31 -17.03
N TYR B 892 -39.71 22.75 -18.17
CA TYR B 892 -40.85 23.21 -19.01
C TYR B 892 -42.16 22.52 -18.61
N GLU B 893 -42.09 21.44 -17.82
CA GLU B 893 -43.28 20.65 -17.39
C GLU B 893 -43.97 20.09 -18.63
N SER B 894 -43.22 19.32 -19.45
CA SER B 894 -43.67 18.76 -20.75
C SER B 894 -42.65 17.73 -21.26
N TRP B 895 -43.12 16.64 -21.85
CA TRP B 895 -42.29 15.59 -22.50
C TRP B 895 -41.95 15.99 -23.93
N SER B 896 -42.70 16.93 -24.52
CA SER B 896 -42.67 17.32 -25.95
C SER B 896 -41.76 18.53 -26.17
N ILE B 897 -41.91 19.58 -25.36
CA ILE B 897 -41.26 20.91 -25.55
C ILE B 897 -39.72 20.75 -25.52
N PRO B 898 -39.13 19.92 -24.63
CA PRO B 898 -37.69 19.71 -24.62
C PRO B 898 -37.03 19.51 -26.00
N PHE B 899 -37.74 18.87 -26.94
CA PHE B 899 -37.27 18.59 -28.32
C PHE B 899 -36.93 19.91 -29.03
N SER B 900 -37.75 20.95 -28.84
CA SER B 900 -37.58 22.29 -29.45
C SER B 900 -36.19 22.86 -29.12
N VAL B 901 -35.68 22.59 -27.91
CA VAL B 901 -34.34 23.03 -27.42
C VAL B 901 -33.27 22.11 -28.02
N MET B 902 -33.48 20.78 -27.96
CA MET B 902 -32.48 19.74 -28.35
C MET B 902 -32.27 19.74 -29.87
N LEU B 903 -33.15 20.39 -30.64
CA LEU B 903 -33.10 20.45 -32.12
C LEU B 903 -32.08 21.49 -32.61
N VAL B 904 -31.49 22.29 -31.71
CA VAL B 904 -30.55 23.39 -32.06
C VAL B 904 -29.11 22.85 -32.12
N VAL B 905 -28.88 21.62 -31.64
CA VAL B 905 -27.52 21.00 -31.50
C VAL B 905 -26.80 21.06 -32.85
N PRO B 906 -27.41 20.61 -33.98
CA PRO B 906 -26.73 20.61 -35.28
C PRO B 906 -26.41 22.00 -35.86
N LEU B 907 -27.05 23.06 -35.36
CA LEU B 907 -26.90 24.45 -35.88
C LEU B 907 -25.51 24.98 -35.56
N GLY B 908 -24.94 24.59 -34.40
CA GLY B 908 -23.60 24.99 -33.95
C GLY B 908 -22.52 24.06 -34.48
N VAL B 909 -22.84 22.77 -34.66
CA VAL B 909 -21.87 21.71 -35.08
C VAL B 909 -21.49 21.94 -36.55
N ILE B 910 -22.46 22.27 -37.41
CA ILE B 910 -22.25 22.50 -38.87
C ILE B 910 -21.19 23.60 -39.08
N GLY B 911 -21.30 24.71 -38.34
CA GLY B 911 -20.41 25.88 -38.45
C GLY B 911 -18.99 25.54 -38.04
N ALA B 912 -18.84 24.78 -36.95
CA ALA B 912 -17.54 24.28 -36.42
C ALA B 912 -16.87 23.39 -37.46
N LEU B 913 -17.61 22.44 -38.03
CA LEU B 913 -17.13 21.46 -39.05
C LEU B 913 -16.77 22.20 -40.35
N LEU B 914 -17.58 23.22 -40.74
CA LEU B 914 -17.31 24.08 -41.92
C LEU B 914 -15.99 24.83 -41.72
N ALA B 915 -15.78 25.40 -40.53
CA ALA B 915 -14.58 26.19 -40.17
C ALA B 915 -13.33 25.30 -40.18
N ALA B 916 -13.42 24.12 -39.57
CA ALA B 916 -12.31 23.13 -39.44
C ALA B 916 -11.93 22.57 -40.82
N THR B 917 -12.93 22.12 -41.59
CA THR B 917 -12.77 21.53 -42.94
C THR B 917 -12.11 22.55 -43.88
N PHE B 918 -12.53 23.81 -43.80
CA PHE B 918 -12.02 24.94 -44.63
C PHE B 918 -10.55 25.23 -44.27
N ARG B 919 -10.25 25.36 -42.98
CA ARG B 919 -8.91 25.75 -42.46
C ARG B 919 -7.95 24.56 -42.54
N GLY B 920 -8.47 23.34 -42.67
CA GLY B 920 -7.68 22.10 -42.80
C GLY B 920 -7.18 21.60 -41.46
N LEU B 921 -8.07 21.56 -40.45
CA LEU B 921 -7.78 21.03 -39.09
C LEU B 921 -8.34 19.61 -38.98
N THR B 922 -8.27 19.02 -37.78
CA THR B 922 -8.70 17.62 -37.49
C THR B 922 -9.70 17.60 -36.33
N ASN B 923 -10.45 16.50 -36.21
CA ASN B 923 -11.41 16.25 -35.11
C ASN B 923 -10.62 15.84 -33.86
N ASP B 924 -10.04 16.83 -33.17
CA ASP B 924 -9.15 16.64 -31.99
C ASP B 924 -9.93 16.98 -30.71
N VAL B 925 -9.31 16.77 -29.54
CA VAL B 925 -9.92 17.00 -28.20
C VAL B 925 -10.37 18.45 -28.09
N TYR B 926 -9.47 19.40 -28.39
CA TYR B 926 -9.71 20.87 -28.31
C TYR B 926 -10.94 21.25 -29.16
N PHE B 927 -11.08 20.63 -30.34
CA PHE B 927 -12.23 20.81 -31.27
C PHE B 927 -13.48 20.20 -30.65
N GLN B 928 -13.39 18.95 -30.19
CA GLN B 928 -14.50 18.17 -29.58
C GLN B 928 -15.06 18.90 -28.35
N VAL B 929 -14.19 19.47 -27.51
CA VAL B 929 -14.57 20.29 -26.33
C VAL B 929 -15.18 21.61 -26.84
N GLY B 930 -14.64 22.14 -27.94
CA GLY B 930 -15.15 23.34 -28.63
C GLY B 930 -16.58 23.16 -29.12
N LEU B 931 -16.92 21.95 -29.59
CA LEU B 931 -18.30 21.59 -30.05
C LEU B 931 -19.24 21.57 -28.84
N LEU B 932 -18.85 20.89 -27.76
CA LEU B 932 -19.65 20.72 -26.51
C LEU B 932 -20.00 22.08 -25.91
N THR B 933 -19.08 23.04 -25.96
CA THR B 933 -19.27 24.43 -25.45
C THR B 933 -20.19 25.22 -26.40
N THR B 934 -19.97 25.09 -27.71
CA THR B 934 -20.80 25.72 -28.78
C THR B 934 -22.25 25.23 -28.63
N ILE B 935 -22.44 23.92 -28.48
CA ILE B 935 -23.76 23.26 -28.23
C ILE B 935 -24.37 23.83 -26.94
N GLY B 936 -23.53 24.03 -25.90
CA GLY B 936 -23.92 24.55 -24.59
C GLY B 936 -24.62 25.90 -24.68
N LEU B 937 -23.97 26.88 -25.30
CA LEU B 937 -24.47 28.29 -25.39
C LEU B 937 -25.61 28.38 -26.40
N SER B 938 -25.54 27.64 -27.51
CA SER B 938 -26.60 27.57 -28.54
C SER B 938 -27.90 27.04 -27.92
N ALA B 939 -27.79 26.03 -27.06
CA ALA B 939 -28.90 25.47 -26.25
C ALA B 939 -29.39 26.51 -25.26
N LYS B 940 -28.47 27.20 -24.57
CA LYS B 940 -28.74 28.24 -23.55
C LYS B 940 -29.58 29.35 -24.16
N ASN B 941 -29.22 29.82 -25.36
CA ASN B 941 -29.95 30.87 -26.13
C ASN B 941 -31.39 30.40 -26.38
N ALA B 942 -31.56 29.16 -26.84
CA ALA B 942 -32.86 28.54 -27.20
C ALA B 942 -33.71 28.32 -25.94
N ILE B 943 -33.10 27.87 -24.84
CA ILE B 943 -33.78 27.54 -23.55
C ILE B 943 -34.56 28.77 -23.05
N LEU B 944 -33.96 29.96 -23.13
CA LEU B 944 -34.55 31.23 -22.64
C LEU B 944 -35.70 31.66 -23.55
N ILE B 945 -35.54 31.52 -24.87
CA ILE B 945 -36.59 31.84 -25.89
C ILE B 945 -37.82 30.98 -25.64
N VAL B 946 -37.62 29.67 -25.43
CA VAL B 946 -38.70 28.66 -25.21
C VAL B 946 -39.40 28.96 -23.87
N GLU B 947 -38.62 29.25 -22.83
CA GLU B 947 -39.14 29.54 -21.46
C GLU B 947 -40.03 30.80 -21.51
N PHE B 948 -39.50 31.89 -22.08
CA PHE B 948 -40.21 33.18 -22.25
C PHE B 948 -41.47 32.98 -23.09
N ALA B 949 -41.35 32.28 -24.22
CA ALA B 949 -42.45 31.94 -25.15
C ALA B 949 -43.53 31.14 -24.42
N LYS B 950 -43.13 30.15 -23.62
CA LYS B 950 -44.06 29.25 -22.87
C LYS B 950 -44.75 30.03 -21.75
N ASP B 951 -43.99 30.80 -20.98
CA ASP B 951 -44.49 31.59 -19.82
C ASP B 951 -45.55 32.58 -20.30
N LEU B 952 -45.33 33.25 -21.44
CA LEU B 952 -46.28 34.21 -22.06
C LEU B 952 -47.59 33.50 -22.39
N MET B 953 -47.54 32.26 -22.88
CA MET B 953 -48.72 31.43 -23.22
C MET B 953 -49.44 31.00 -21.93
N ASP B 954 -48.68 30.52 -20.94
CA ASP B 954 -49.21 29.99 -19.65
C ASP B 954 -49.81 31.12 -18.82
N LYS B 955 -49.03 32.17 -18.53
CA LYS B 955 -49.40 33.29 -17.63
C LYS B 955 -50.38 34.24 -18.36
N GLU B 956 -49.90 34.96 -19.37
CA GLU B 956 -50.61 36.11 -20.00
C GLU B 956 -51.62 35.61 -21.05
N GLY B 957 -51.65 34.30 -21.33
CA GLY B 957 -52.66 33.67 -22.21
C GLY B 957 -52.49 34.03 -23.67
N LYS B 958 -51.26 34.39 -24.08
CA LYS B 958 -50.92 34.76 -25.48
C LYS B 958 -50.96 33.52 -26.36
N GLY B 959 -51.13 33.71 -27.68
CA GLY B 959 -51.12 32.63 -28.68
C GLY B 959 -49.72 32.10 -28.93
N LEU B 960 -49.61 30.94 -29.58
CA LEU B 960 -48.33 30.24 -29.89
C LEU B 960 -47.40 31.19 -30.64
N ILE B 961 -47.88 31.76 -31.76
CA ILE B 961 -47.08 32.61 -32.69
C ILE B 961 -46.79 33.96 -32.00
N GLU B 962 -47.80 34.57 -31.38
CA GLU B 962 -47.70 35.86 -30.65
C GLU B 962 -46.57 35.78 -29.62
N ALA B 963 -46.59 34.74 -28.79
CA ALA B 963 -45.63 34.49 -27.69
C ALA B 963 -44.22 34.27 -28.27
N THR B 964 -44.12 33.48 -29.35
CA THR B 964 -42.85 33.14 -30.04
C THR B 964 -42.22 34.41 -30.62
N LEU B 965 -43.01 35.22 -31.34
CA LEU B 965 -42.56 36.51 -31.96
C LEU B 965 -42.12 37.49 -30.87
N ASP B 966 -42.84 37.51 -29.73
CA ASP B 966 -42.54 38.40 -28.58
C ASP B 966 -41.26 37.92 -27.89
N ALA B 967 -41.04 36.59 -27.84
CA ALA B 967 -39.88 35.96 -27.17
C ALA B 967 -38.58 36.26 -27.92
N VAL B 968 -38.57 36.07 -29.25
CA VAL B 968 -37.38 36.26 -30.13
C VAL B 968 -36.98 37.74 -30.14
N ARG B 969 -37.97 38.66 -30.06
CA ARG B 969 -37.75 40.13 -29.99
C ARG B 969 -36.94 40.46 -28.74
N MET B 970 -37.39 39.96 -27.58
CA MET B 970 -36.77 40.21 -26.25
C MET B 970 -35.38 39.56 -26.17
N ALA B 971 -35.17 38.47 -26.91
CA ALA B 971 -33.96 37.61 -26.83
C ALA B 971 -32.89 38.05 -27.84
N LEU B 972 -33.24 38.86 -28.84
CA LEU B 972 -32.34 39.23 -29.96
C LEU B 972 -31.09 39.94 -29.43
N ARG B 973 -31.27 41.00 -28.63
CA ARG B 973 -30.16 41.88 -28.13
C ARG B 973 -29.17 41.06 -27.32
N PRO B 974 -29.57 40.38 -26.22
CA PRO B 974 -28.61 39.66 -25.37
C PRO B 974 -27.86 38.53 -26.10
N ILE B 975 -28.52 37.90 -27.08
CA ILE B 975 -27.91 36.85 -27.96
C ILE B 975 -26.80 37.49 -28.81
N LEU B 976 -27.08 38.63 -29.44
CA LEU B 976 -26.12 39.37 -30.31
C LEU B 976 -24.95 39.90 -29.47
N MET B 977 -25.24 40.44 -28.28
CA MET B 977 -24.23 41.01 -27.35
C MET B 977 -23.25 39.92 -26.92
N THR B 978 -23.76 38.75 -26.52
CA THR B 978 -22.96 37.57 -26.08
C THR B 978 -22.10 37.08 -27.24
N SER B 979 -22.71 36.85 -28.41
CA SER B 979 -22.07 36.31 -29.64
C SER B 979 -20.96 37.26 -30.12
N LEU B 980 -21.28 38.56 -30.24
CA LEU B 980 -20.34 39.62 -30.70
C LEU B 980 -19.07 39.61 -29.84
N ALA B 981 -19.24 39.64 -28.51
CA ALA B 981 -18.16 39.69 -27.51
C ALA B 981 -17.29 38.43 -27.57
N PHE B 982 -17.92 37.25 -27.70
CA PHE B 982 -17.27 35.92 -27.59
C PHE B 982 -16.52 35.58 -28.90
N ILE B 983 -17.08 35.96 -30.05
CA ILE B 983 -16.46 35.75 -31.40
C ILE B 983 -15.19 36.60 -31.50
N LEU B 984 -15.25 37.86 -31.06
CA LEU B 984 -14.10 38.79 -30.99
C LEU B 984 -13.09 38.31 -29.94
N GLY B 985 -13.58 37.64 -28.88
CA GLY B 985 -12.78 37.13 -27.76
C GLY B 985 -11.86 35.98 -28.16
N VAL B 986 -12.27 35.18 -29.15
CA VAL B 986 -11.53 33.96 -29.61
C VAL B 986 -10.86 34.25 -30.96
N MET B 987 -10.80 35.52 -31.37
CA MET B 987 -10.19 35.97 -32.66
C MET B 987 -8.68 35.80 -32.60
N PRO B 988 -8.00 36.25 -31.51
CA PRO B 988 -6.54 36.06 -31.37
C PRO B 988 -6.10 34.59 -31.43
N LEU B 989 -6.92 33.67 -30.93
CA LEU B 989 -6.63 32.21 -30.84
C LEU B 989 -6.57 31.61 -32.26
N VAL B 990 -7.44 32.07 -33.16
CA VAL B 990 -7.56 31.57 -34.56
C VAL B 990 -6.32 31.99 -35.35
N ILE B 991 -5.94 33.27 -35.28
CA ILE B 991 -4.90 33.90 -36.16
C ILE B 991 -3.49 33.67 -35.58
N SER B 992 -3.39 33.16 -34.34
CA SER B 992 -2.11 32.90 -33.63
C SER B 992 -1.23 31.95 -34.46
N THR B 993 0.00 32.37 -34.77
CA THR B 993 1.00 31.63 -35.58
C THR B 993 2.17 31.13 -34.71
N GLY B 994 2.38 31.74 -33.54
CA GLY B 994 3.56 31.50 -32.68
C GLY B 994 3.41 30.28 -31.80
N ALA B 995 3.80 30.41 -30.52
CA ALA B 995 3.89 29.30 -29.53
C ALA B 995 2.49 28.82 -29.14
N GLY B 996 2.31 27.49 -29.03
CA GLY B 996 1.07 26.83 -28.63
C GLY B 996 -0.11 27.22 -29.51
N SER B 997 0.15 27.43 -30.81
CA SER B 997 -0.85 27.88 -31.82
C SER B 997 -1.74 26.70 -32.25
N GLY B 998 -1.16 25.49 -32.33
CA GLY B 998 -1.88 24.24 -32.67
C GLY B 998 -3.06 23.99 -31.75
N ALA B 999 -2.91 24.31 -30.46
CA ALA B 999 -3.97 24.24 -29.42
C ALA B 999 -4.99 25.37 -29.64
N GLN B 1000 -4.50 26.60 -29.73
CA GLN B 1000 -5.33 27.84 -29.89
C GLN B 1000 -6.16 27.74 -31.18
N ASN B 1001 -5.56 27.24 -32.27
CA ASN B 1001 -6.20 27.09 -33.61
C ASN B 1001 -7.37 26.11 -33.49
N ALA B 1002 -7.13 24.93 -32.90
CA ALA B 1002 -8.14 23.86 -32.67
C ALA B 1002 -9.27 24.40 -31.80
N VAL B 1003 -8.93 25.17 -30.76
CA VAL B 1003 -9.88 25.83 -29.81
C VAL B 1003 -10.70 26.86 -30.59
N GLY B 1004 -10.04 27.85 -31.21
CA GLY B 1004 -10.65 29.05 -31.82
C GLY B 1004 -11.52 28.71 -33.02
N THR B 1005 -10.99 27.94 -33.97
CA THR B 1005 -11.62 27.62 -35.28
C THR B 1005 -13.02 27.02 -35.04
N GLY B 1006 -13.10 25.89 -34.35
CA GLY B 1006 -14.35 25.16 -34.04
C GLY B 1006 -15.36 26.04 -33.31
N VAL B 1007 -14.90 26.87 -32.38
CA VAL B 1007 -15.74 27.77 -31.55
C VAL B 1007 -16.29 28.90 -32.42
N MET B 1008 -15.41 29.68 -33.05
CA MET B 1008 -15.77 30.88 -33.86
C MET B 1008 -16.77 30.49 -34.95
N GLY B 1009 -16.38 29.57 -35.83
CA GLY B 1009 -17.22 29.05 -36.94
C GLY B 1009 -18.55 28.52 -36.44
N GLY B 1010 -18.53 27.77 -35.34
CA GLY B 1010 -19.72 27.21 -34.68
C GLY B 1010 -20.63 28.30 -34.14
N MET B 1011 -20.06 29.31 -33.47
CA MET B 1011 -20.79 30.46 -32.87
C MET B 1011 -21.51 31.26 -33.96
N VAL B 1012 -20.84 31.50 -35.10
CA VAL B 1012 -21.39 32.27 -36.26
C VAL B 1012 -22.71 31.63 -36.70
N THR B 1013 -22.71 30.33 -36.97
CA THR B 1013 -23.91 29.56 -37.42
C THR B 1013 -24.89 29.43 -36.26
N ALA B 1014 -24.41 29.04 -35.07
CA ALA B 1014 -25.22 28.87 -33.83
C ALA B 1014 -25.97 30.17 -33.51
N THR B 1015 -25.41 31.33 -33.90
CA THR B 1015 -26.03 32.67 -33.72
C THR B 1015 -27.05 32.91 -34.83
N VAL B 1016 -26.61 32.90 -36.09
CA VAL B 1016 -27.38 33.33 -37.29
C VAL B 1016 -28.56 32.37 -37.51
N LEU B 1017 -28.36 31.05 -37.38
CA LEU B 1017 -29.38 30.02 -37.66
C LEU B 1017 -30.42 29.98 -36.53
N ALA B 1018 -29.97 29.88 -35.28
CA ALA B 1018 -30.81 29.67 -34.07
C ALA B 1018 -31.92 30.73 -34.00
N ILE B 1019 -31.59 32.00 -34.24
CA ILE B 1019 -32.54 33.15 -34.13
C ILE B 1019 -33.71 32.97 -35.10
N PHE B 1020 -33.53 32.19 -36.18
CA PHE B 1020 -34.56 31.91 -37.21
C PHE B 1020 -35.16 30.50 -37.06
N PHE B 1021 -34.43 29.56 -36.45
CA PHE B 1021 -34.79 28.12 -36.39
C PHE B 1021 -35.44 27.77 -35.05
N VAL B 1022 -34.97 28.36 -33.94
CA VAL B 1022 -35.54 28.15 -32.57
C VAL B 1022 -37.03 28.46 -32.58
N PRO B 1023 -37.49 29.63 -33.10
CA PRO B 1023 -38.91 29.92 -33.20
C PRO B 1023 -39.69 28.88 -34.02
N VAL B 1024 -39.06 28.32 -35.07
CA VAL B 1024 -39.65 27.25 -35.93
C VAL B 1024 -39.80 25.97 -35.10
N PHE B 1025 -38.72 25.54 -34.44
CA PHE B 1025 -38.66 24.30 -33.62
C PHE B 1025 -39.82 24.30 -32.60
N PHE B 1026 -39.91 25.35 -31.79
CA PHE B 1026 -40.92 25.52 -30.71
C PHE B 1026 -42.33 25.42 -31.31
N VAL B 1027 -42.58 26.15 -32.40
CA VAL B 1027 -43.90 26.23 -33.08
C VAL B 1027 -44.28 24.85 -33.65
N VAL B 1028 -43.38 24.23 -34.42
CA VAL B 1028 -43.59 22.92 -35.10
C VAL B 1028 -43.87 21.84 -34.04
N VAL B 1029 -43.12 21.86 -32.93
CA VAL B 1029 -43.25 20.88 -31.80
C VAL B 1029 -44.59 21.11 -31.09
N ARG B 1030 -44.89 22.37 -30.72
CA ARG B 1030 -46.12 22.75 -29.98
C ARG B 1030 -47.37 22.34 -30.78
N ARG B 1031 -47.35 22.56 -32.10
CA ARG B 1031 -48.47 22.22 -33.02
C ARG B 1031 -48.71 20.71 -33.02
N ARG B 1032 -47.64 19.91 -33.09
CA ARG B 1032 -47.69 18.42 -33.16
C ARG B 1032 -48.32 17.87 -31.88
N PHE B 1033 -47.68 18.12 -30.73
CA PHE B 1033 -48.08 17.59 -29.39
C PHE B 1033 -48.94 18.63 -28.66
N SER B 1034 -50.25 18.44 -28.67
CA SER B 1034 -51.28 19.31 -28.02
C SER B 1034 -51.24 20.72 -28.62
N MET C 1 -38.76 28.46 15.52
CA MET C 1 -38.24 27.25 16.24
C MET C 1 -38.41 27.41 17.74
N PRO C 2 -38.06 28.57 18.37
CA PRO C 2 -38.27 28.74 19.80
C PRO C 2 -39.74 28.60 20.23
N ASN C 3 -40.67 29.21 19.49
CA ASN C 3 -42.14 29.18 19.74
C ASN C 3 -42.65 27.73 19.64
N PHE C 4 -42.05 26.92 18.77
CA PHE C 4 -42.39 25.50 18.53
C PHE C 4 -42.14 24.68 19.81
N PHE C 5 -40.96 24.83 20.40
CA PHE C 5 -40.47 24.02 21.55
C PHE C 5 -40.97 24.62 22.89
N ILE C 6 -41.43 25.87 22.89
CA ILE C 6 -42.11 26.50 24.06
C ILE C 6 -43.41 25.73 24.34
N ASP C 7 -44.17 25.40 23.28
CA ASP C 7 -45.45 24.65 23.35
C ASP C 7 -45.16 23.15 23.48
N ARG C 8 -43.99 22.69 23.03
CA ARG C 8 -43.55 21.27 23.06
C ARG C 8 -42.34 21.13 23.96
N PRO C 9 -42.50 21.22 25.30
CA PRO C 9 -41.38 21.09 26.24
C PRO C 9 -40.75 19.69 26.30
N ILE C 10 -41.55 18.64 26.09
CA ILE C 10 -41.10 17.21 26.15
C ILE C 10 -40.21 16.92 24.92
N PHE C 11 -40.63 17.38 23.74
CA PHE C 11 -39.86 17.29 22.47
C PHE C 11 -38.46 17.88 22.70
N ALA C 12 -38.40 19.09 23.28
CA ALA C 12 -37.16 19.82 23.61
C ALA C 12 -36.24 18.94 24.47
N TRP C 13 -36.81 18.23 25.46
CA TRP C 13 -36.08 17.29 26.36
C TRP C 13 -35.54 16.09 25.56
N VAL C 14 -36.37 15.54 24.66
CA VAL C 14 -36.03 14.34 23.83
C VAL C 14 -34.75 14.61 23.05
N ILE C 15 -34.68 15.75 22.35
CA ILE C 15 -33.50 16.20 21.55
C ILE C 15 -32.27 16.25 22.47
N ALA C 16 -32.41 16.86 23.65
CA ALA C 16 -31.35 17.06 24.66
C ALA C 16 -30.87 15.70 25.20
N ILE C 17 -31.80 14.81 25.54
CA ILE C 17 -31.53 13.48 26.15
C ILE C 17 -30.80 12.58 25.13
N ILE C 18 -31.28 12.55 23.88
CA ILE C 18 -30.68 11.74 22.78
C ILE C 18 -29.23 12.20 22.54
N ILE C 19 -28.99 13.52 22.56
CA ILE C 19 -27.63 14.13 22.41
C ILE C 19 -26.75 13.68 23.58
N MET C 20 -27.28 13.72 24.81
CA MET C 20 -26.55 13.32 26.05
C MET C 20 -26.28 11.81 26.03
N LEU C 21 -27.24 11.01 25.55
CA LEU C 21 -27.12 9.53 25.42
C LEU C 21 -25.97 9.21 24.47
N ALA C 22 -25.99 9.79 23.26
CA ALA C 22 -24.95 9.65 22.22
C ALA C 22 -23.58 10.03 22.79
N GLY C 23 -23.53 11.12 23.55
CA GLY C 23 -22.31 11.61 24.24
C GLY C 23 -21.81 10.63 25.28
N GLY C 24 -22.72 10.06 26.07
CA GLY C 24 -22.42 9.05 27.11
C GLY C 24 -21.76 7.81 26.54
N LEU C 25 -22.32 7.26 25.45
CA LEU C 25 -21.85 6.03 24.78
C LEU C 25 -20.51 6.30 24.09
N ALA C 26 -20.31 7.52 23.57
CA ALA C 26 -19.08 7.97 22.88
C ALA C 26 -17.89 7.93 23.84
N ILE C 27 -18.08 8.43 25.08
CA ILE C 27 -17.04 8.49 26.15
C ILE C 27 -16.48 7.08 26.40
N LEU C 28 -17.35 6.07 26.45
CA LEU C 28 -16.99 4.67 26.79
C LEU C 28 -16.03 4.10 25.73
N LYS C 29 -16.18 4.51 24.47
CA LYS C 29 -15.40 3.99 23.32
C LYS C 29 -14.20 4.89 23.01
N LEU C 30 -14.31 6.20 23.27
CA LEU C 30 -13.28 7.22 22.92
C LEU C 30 -11.92 6.82 23.51
N PRO C 31 -10.83 6.88 22.71
CA PRO C 31 -9.48 6.65 23.25
C PRO C 31 -9.00 7.84 24.10
N VAL C 32 -7.94 7.63 24.89
CA VAL C 32 -7.40 8.63 25.86
C VAL C 32 -5.88 8.72 25.67
N ALA C 33 -5.33 9.94 25.74
CA ALA C 33 -3.89 10.25 25.61
C ALA C 33 -3.59 11.63 26.20
N GLN C 34 -2.33 12.04 26.22
CA GLN C 34 -1.89 13.41 26.63
C GLN C 34 -2.10 14.36 25.44
N TYR C 35 -1.58 13.99 24.27
CA TYR C 35 -1.70 14.72 22.98
C TYR C 35 -2.24 13.79 21.91
N PRO C 36 -2.72 14.33 20.76
CA PRO C 36 -2.89 13.52 19.55
C PRO C 36 -1.52 13.36 18.87
N THR C 37 -1.49 12.90 17.62
CA THR C 37 -0.25 12.79 16.81
C THR C 37 0.15 14.19 16.33
N ILE C 38 0.75 14.99 17.21
CA ILE C 38 1.24 16.37 16.92
C ILE C 38 2.63 16.28 16.29
N ALA C 39 3.40 15.26 16.67
CA ALA C 39 4.76 14.97 16.14
C ALA C 39 4.66 14.58 14.67
N PRO C 40 5.50 15.15 13.78
CA PRO C 40 5.52 14.74 12.37
C PRO C 40 6.17 13.37 12.22
N PRO C 41 5.71 12.51 11.27
CA PRO C 41 6.25 11.16 11.12
C PRO C 41 7.68 11.17 10.58
N ALA C 42 8.47 10.16 10.95
CA ALA C 42 9.89 9.99 10.56
C ALA C 42 10.15 8.56 10.10
N VAL C 43 11.05 8.40 9.13
CA VAL C 43 11.51 7.09 8.56
C VAL C 43 13.03 7.03 8.68
N THR C 44 13.57 5.99 9.33
CA THR C 44 15.03 5.79 9.57
C THR C 44 15.53 4.62 8.73
N ILE C 45 16.54 4.88 7.87
CA ILE C 45 17.29 3.85 7.09
C ILE C 45 18.51 3.44 7.92
N SER C 46 18.56 2.18 8.38
CA SER C 46 19.68 1.59 9.16
C SER C 46 20.50 0.65 8.28
N ALA C 47 21.82 0.87 8.21
CA ALA C 47 22.80 0.04 7.46
C ALA C 47 24.03 -0.20 8.33
N SER C 48 24.74 -1.31 8.10
CA SER C 48 25.94 -1.73 8.86
C SER C 48 27.05 -2.17 7.89
N TYR C 49 28.26 -1.63 8.05
CA TYR C 49 29.50 -2.02 7.32
C TYR C 49 30.50 -2.52 8.35
N PRO C 50 30.44 -3.79 8.78
CA PRO C 50 31.28 -4.30 9.87
C PRO C 50 32.78 -4.00 9.69
N GLY C 51 33.39 -3.39 10.72
CA GLY C 51 34.84 -3.14 10.81
C GLY C 51 35.29 -1.93 10.01
N ALA C 52 34.36 -1.08 9.58
CA ALA C 52 34.62 0.12 8.75
C ALA C 52 34.51 1.39 9.60
N ASP C 53 35.46 2.32 9.44
CA ASP C 53 35.49 3.63 10.13
C ASP C 53 34.37 4.52 9.59
N ALA C 54 34.10 5.64 10.26
CA ALA C 54 33.02 6.61 9.96
C ALA C 54 33.22 7.21 8.56
N LYS C 55 34.47 7.54 8.19
CA LYS C 55 34.82 8.17 6.89
C LYS C 55 34.56 7.19 5.75
N THR C 56 35.01 5.94 5.88
CA THR C 56 34.91 4.85 4.86
C THR C 56 33.43 4.56 4.58
N VAL C 57 32.61 4.41 5.62
CA VAL C 57 31.18 4.00 5.52
C VAL C 57 30.34 5.18 5.03
N GLN C 58 30.74 6.42 5.33
CA GLN C 58 30.06 7.66 4.85
C GLN C 58 30.17 7.76 3.33
N ASP C 59 31.36 7.47 2.78
CA ASP C 59 31.69 7.62 1.34
C ASP C 59 31.04 6.49 0.52
N THR C 60 30.93 5.29 1.10
CA THR C 60 30.52 4.05 0.39
C THR C 60 29.04 3.70 0.65
N VAL C 61 28.42 4.25 1.71
CA VAL C 61 27.02 3.92 2.10
C VAL C 61 26.20 5.21 2.22
N THR C 62 26.48 6.05 3.22
CA THR C 62 25.64 7.21 3.65
C THR C 62 25.40 8.14 2.46
N GLN C 63 26.47 8.55 1.76
CA GLN C 63 26.42 9.53 0.64
C GLN C 63 25.79 8.87 -0.59
N VAL C 64 25.94 7.55 -0.74
CA VAL C 64 25.36 6.74 -1.85
C VAL C 64 23.83 6.67 -1.67
N ILE C 65 23.37 6.51 -0.43
CA ILE C 65 21.92 6.45 -0.06
C ILE C 65 21.32 7.85 -0.17
N GLU C 66 21.94 8.84 0.49
CA GLU C 66 21.43 10.23 0.65
C GLU C 66 21.21 10.89 -0.72
N GLN C 67 22.08 10.62 -1.70
CA GLN C 67 22.03 11.25 -3.04
C GLN C 67 20.85 10.68 -3.86
N ASN C 68 20.32 9.51 -3.45
CA ASN C 68 19.16 8.83 -4.09
C ASN C 68 17.86 9.19 -3.36
N MET C 69 17.94 9.82 -2.19
CA MET C 69 16.76 10.28 -1.40
C MET C 69 16.30 11.65 -1.94
N ASN C 70 16.03 11.72 -3.24
CA ASN C 70 15.59 12.94 -3.96
C ASN C 70 14.21 12.69 -4.56
N GLY C 71 13.33 13.70 -4.50
CA GLY C 71 11.94 13.63 -5.03
C GLY C 71 11.06 12.70 -4.21
N ILE C 72 11.19 12.76 -2.88
CA ILE C 72 10.26 12.09 -1.91
C ILE C 72 9.27 13.14 -1.42
N ASP C 73 7.98 12.81 -1.41
CA ASP C 73 6.87 13.76 -1.16
C ASP C 73 6.83 14.13 0.33
N ASN C 74 6.77 15.44 0.62
CA ASN C 74 6.52 16.03 1.97
C ASN C 74 7.73 15.82 2.89
N LEU C 75 8.94 15.71 2.32
CA LEU C 75 10.20 15.60 3.09
C LEU C 75 10.60 16.99 3.61
N MET C 76 10.58 17.18 4.93
CA MET C 76 10.93 18.46 5.61
C MET C 76 12.46 18.59 5.68
N TYR C 77 13.13 17.63 6.32
CA TYR C 77 14.60 17.57 6.45
C TYR C 77 15.07 16.11 6.61
N MET C 78 16.37 15.89 6.41
CA MET C 78 17.04 14.57 6.46
C MET C 78 18.33 14.70 7.28
N SER C 79 18.42 13.98 8.41
CA SER C 79 19.62 13.92 9.29
C SER C 79 20.16 12.49 9.31
N SER C 80 21.49 12.35 9.31
CA SER C 80 22.20 11.04 9.31
C SER C 80 23.53 11.16 10.06
N ASN C 81 24.00 10.04 10.61
CA ASN C 81 25.33 9.93 11.30
C ASN C 81 25.98 8.60 10.88
N SER C 82 27.30 8.63 10.68
CA SER C 82 28.16 7.47 10.33
C SER C 82 29.27 7.36 11.39
N ASP C 83 29.39 6.21 12.06
CA ASP C 83 30.29 6.03 13.24
C ASP C 83 31.32 4.94 12.97
N SER C 84 32.28 4.77 13.89
CA SER C 84 33.49 3.91 13.78
C SER C 84 33.13 2.42 13.89
N THR C 85 31.91 2.09 14.33
CA THR C 85 31.38 0.70 14.37
C THR C 85 30.86 0.31 12.99
N GLY C 86 30.86 1.24 12.03
CA GLY C 86 30.41 1.02 10.65
C GLY C 86 28.89 1.10 10.52
N THR C 87 28.22 1.66 11.54
CA THR C 87 26.74 1.82 11.60
C THR C 87 26.34 3.14 10.93
N VAL C 88 25.31 3.11 10.09
CA VAL C 88 24.72 4.30 9.41
C VAL C 88 23.22 4.32 9.71
N GLN C 89 22.72 5.47 10.20
CA GLN C 89 21.27 5.72 10.44
C GLN C 89 20.89 7.04 9.76
N ILE C 90 20.09 6.96 8.70
CA ILE C 90 19.60 8.14 7.91
C ILE C 90 18.10 8.34 8.22
N THR C 91 17.77 9.31 9.06
CA THR C 91 16.39 9.65 9.48
C THR C 91 15.81 10.73 8.56
N LEU C 92 14.66 10.46 7.95
CA LEU C 92 13.90 11.40 7.08
C LEU C 92 12.60 11.78 7.80
N THR C 93 12.47 13.05 8.21
CA THR C 93 11.26 13.61 8.87
C THR C 93 10.38 14.27 7.81
N PHE C 94 9.05 14.06 7.91
CA PHE C 94 8.04 14.48 6.90
C PHE C 94 7.08 15.50 7.51
N GLU C 95 6.28 16.16 6.66
CA GLU C 95 5.29 17.19 7.05
C GLU C 95 4.20 16.56 7.93
N SER C 96 3.61 17.33 8.84
CA SER C 96 2.49 16.90 9.72
C SER C 96 1.25 16.63 8.87
N GLY C 97 0.67 15.43 8.98
CA GLY C 97 -0.48 14.97 8.17
C GLY C 97 -0.07 13.89 7.17
N THR C 98 1.23 13.81 6.84
CA THR C 98 1.82 12.82 5.90
C THR C 98 1.49 11.40 6.39
N ASP C 99 1.03 10.54 5.48
CA ASP C 99 0.83 9.07 5.73
C ASP C 99 2.21 8.44 5.88
N ALA C 100 2.55 7.99 7.09
CA ALA C 100 3.87 7.40 7.45
C ALA C 100 4.10 6.10 6.67
N ASP C 101 3.02 5.38 6.33
CA ASP C 101 3.05 4.12 5.55
C ASP C 101 3.50 4.42 4.12
N ILE C 102 2.96 5.48 3.50
CA ILE C 102 3.33 5.95 2.13
C ILE C 102 4.76 6.49 2.15
N ALA C 103 5.15 7.20 3.23
CA ALA C 103 6.51 7.74 3.44
C ALA C 103 7.52 6.59 3.42
N GLN C 104 7.27 5.53 4.20
CA GLN C 104 8.11 4.31 4.28
C GLN C 104 8.27 3.71 2.88
N VAL C 105 7.16 3.58 2.15
CA VAL C 105 7.09 3.00 0.77
C VAL C 105 7.95 3.85 -0.16
N GLN C 106 7.78 5.17 -0.15
CA GLN C 106 8.47 6.13 -1.05
C GLN C 106 9.98 6.12 -0.77
N VAL C 107 10.38 6.00 0.50
CA VAL C 107 11.81 5.92 0.93
C VAL C 107 12.39 4.59 0.44
N GLN C 108 11.69 3.49 0.69
CA GLN C 108 12.10 2.09 0.32
C GLN C 108 12.32 2.02 -1.20
N ASN C 109 11.42 2.61 -1.98
CA ASN C 109 11.47 2.66 -3.46
C ASN C 109 12.76 3.37 -3.91
N LYS C 110 13.08 4.51 -3.29
CA LYS C 110 14.26 5.36 -3.63
C LYS C 110 15.55 4.68 -3.14
N LEU C 111 15.50 3.99 -2.01
CA LEU C 111 16.67 3.27 -1.42
C LEU C 111 17.15 2.17 -2.37
N GLN C 112 16.20 1.50 -3.06
CA GLN C 112 16.46 0.32 -3.92
C GLN C 112 17.40 0.69 -5.08
N LEU C 113 17.44 1.97 -5.47
CA LEU C 113 18.37 2.50 -6.50
C LEU C 113 19.80 2.45 -5.98
N ALA C 114 19.98 2.72 -4.68
CA ALA C 114 21.30 2.79 -3.98
C ALA C 114 21.77 1.38 -3.58
N MET C 115 20.83 0.49 -3.23
CA MET C 115 21.10 -0.87 -2.70
C MET C 115 22.20 -1.56 -3.49
N PRO C 116 22.13 -1.62 -4.85
CA PRO C 116 23.22 -2.17 -5.66
C PRO C 116 24.59 -1.51 -5.45
N LEU C 117 24.61 -0.18 -5.37
CA LEU C 117 25.85 0.65 -5.34
C LEU C 117 26.59 0.48 -4.00
N LEU C 118 25.90 -0.01 -2.98
CA LEU C 118 26.48 -0.26 -1.62
C LEU C 118 27.46 -1.43 -1.70
N PRO C 119 28.41 -1.57 -0.74
CA PRO C 119 29.28 -2.73 -0.68
C PRO C 119 28.48 -4.03 -0.46
N GLN C 120 29.03 -5.17 -0.90
CA GLN C 120 28.39 -6.51 -0.81
C GLN C 120 28.20 -6.89 0.67
N GLU C 121 29.17 -6.51 1.53
CA GLU C 121 29.14 -6.76 3.00
C GLU C 121 27.92 -6.08 3.62
N VAL C 122 27.59 -4.87 3.18
CA VAL C 122 26.47 -4.04 3.72
C VAL C 122 25.13 -4.67 3.31
N GLN C 123 25.04 -5.17 2.07
CA GLN C 123 23.85 -5.88 1.54
C GLN C 123 23.65 -7.19 2.31
N GLN C 124 24.74 -7.83 2.73
CA GLN C 124 24.74 -9.15 3.44
C GLN C 124 24.18 -8.97 4.85
N GLN C 125 24.28 -7.76 5.43
CA GLN C 125 23.72 -7.43 6.77
C GLN C 125 22.23 -7.11 6.64
N GLY C 126 21.83 -6.48 5.53
CA GLY C 126 20.43 -6.06 5.27
C GLY C 126 20.19 -4.64 5.72
N VAL C 127 19.48 -3.85 4.90
CA VAL C 127 19.13 -2.42 5.16
C VAL C 127 17.64 -2.34 5.53
N SER C 128 17.34 -1.96 6.76
CA SER C 128 15.96 -1.79 7.29
C SER C 128 15.43 -0.39 6.99
N VAL C 129 14.19 -0.29 6.51
CA VAL C 129 13.44 0.99 6.29
C VAL C 129 12.11 0.89 7.04
N GLU C 130 11.99 1.59 8.17
CA GLU C 130 10.84 1.48 9.10
C GLU C 130 10.59 2.84 9.76
N LYS C 131 9.33 3.08 10.17
CA LYS C 131 8.89 4.30 10.88
C LYS C 131 9.55 4.34 12.26
N SER C 132 10.14 5.48 12.63
CA SER C 132 11.03 5.64 13.82
C SER C 132 10.53 6.76 14.74
N SER C 133 10.81 6.62 16.04
CA SER C 133 10.70 7.67 17.08
C SER C 133 12.01 7.69 17.89
N SER C 134 12.43 8.86 18.37
CA SER C 134 13.79 9.12 18.92
C SER C 134 13.82 8.96 20.44
N SER C 135 12.67 8.89 21.12
CA SER C 135 12.56 8.84 22.61
C SER C 135 11.81 7.58 23.04
N PHE C 136 12.22 7.02 24.19
CA PHE C 136 11.64 5.79 24.81
C PHE C 136 10.35 6.14 25.54
N LEU C 137 9.30 5.32 25.34
CA LEU C 137 8.03 5.38 26.11
C LEU C 137 8.33 5.03 27.58
N MET C 138 9.09 3.96 27.79
CA MET C 138 9.50 3.46 29.13
C MET C 138 10.78 2.62 29.01
N VAL C 139 11.42 2.35 30.15
CA VAL C 139 12.50 1.33 30.29
C VAL C 139 12.02 0.28 31.30
N VAL C 140 11.84 -0.96 30.83
CA VAL C 140 11.45 -2.13 31.69
C VAL C 140 12.74 -2.78 32.20
N GLY C 141 13.12 -2.50 33.45
CA GLY C 141 14.32 -3.07 34.10
C GLY C 141 14.06 -4.47 34.63
N VAL C 142 15.10 -5.31 34.64
CA VAL C 142 15.07 -6.71 35.14
C VAL C 142 16.29 -6.94 36.04
N ILE C 143 16.06 -7.40 37.27
CA ILE C 143 17.12 -7.68 38.29
C ILE C 143 16.92 -9.10 38.82
N ASN C 144 17.94 -9.63 39.50
CA ASN C 144 17.91 -10.92 40.26
C ASN C 144 18.14 -10.61 41.74
N THR C 145 17.23 -11.07 42.60
CA THR C 145 17.18 -10.74 44.05
C THR C 145 17.88 -11.82 44.88
N ASP C 146 17.74 -13.10 44.49
CA ASP C 146 18.30 -14.27 45.24
C ASP C 146 19.78 -14.47 44.88
N GLY C 147 20.32 -13.67 43.95
CA GLY C 147 21.76 -13.63 43.60
C GLY C 147 22.26 -14.94 43.04
N THR C 148 21.44 -15.62 42.23
CA THR C 148 21.78 -16.89 41.51
C THR C 148 22.13 -16.57 40.06
N MET C 149 21.42 -15.62 39.44
CA MET C 149 21.67 -15.11 38.06
C MET C 149 22.52 -13.84 38.14
N THR C 150 23.58 -13.76 37.33
CA THR C 150 24.47 -12.57 37.18
C THR C 150 23.84 -11.60 36.18
N GLN C 151 24.48 -10.45 35.96
CA GLN C 151 24.04 -9.38 35.01
C GLN C 151 23.89 -9.98 33.61
N GLU C 152 24.89 -10.75 33.17
CA GLU C 152 24.94 -11.40 31.83
C GLU C 152 23.79 -12.40 31.70
N ASP C 153 23.56 -13.20 32.74
CA ASP C 153 22.49 -14.24 32.80
C ASP C 153 21.12 -13.58 32.61
N ILE C 154 20.88 -12.45 33.30
CA ILE C 154 19.60 -11.67 33.22
C ILE C 154 19.44 -11.15 31.79
N SER C 155 20.49 -10.55 31.22
CA SER C 155 20.53 -9.99 29.86
C SER C 155 20.17 -11.07 28.82
N ASP C 156 20.67 -12.29 29.01
CA ASP C 156 20.40 -13.45 28.11
C ASP C 156 18.91 -13.82 28.19
N TYR C 157 18.39 -14.03 29.40
CA TYR C 157 16.99 -14.49 29.64
C TYR C 157 16.01 -13.52 28.98
N VAL C 158 16.22 -12.21 29.18
CA VAL C 158 15.37 -11.12 28.61
C VAL C 158 15.41 -11.22 27.07
N ALA C 159 16.62 -11.27 26.50
CA ALA C 159 16.87 -11.33 25.04
C ALA C 159 16.27 -12.60 24.44
N ALA C 160 16.30 -13.71 25.18
CA ALA C 160 15.96 -15.07 24.69
C ALA C 160 14.47 -15.38 24.90
N ASN C 161 13.84 -14.85 25.97
CA ASN C 161 12.50 -15.29 26.44
C ASN C 161 11.48 -14.15 26.46
N MET C 162 11.92 -12.87 26.42
CA MET C 162 11.03 -11.70 26.67
C MET C 162 11.04 -10.74 25.47
N LYS C 163 12.21 -10.40 24.92
CA LYS C 163 12.40 -9.29 23.94
C LYS C 163 11.53 -9.50 22.71
N ASP C 164 11.61 -10.66 22.06
CA ASP C 164 10.90 -10.99 20.79
C ASP C 164 9.40 -10.80 20.97
N ALA C 165 8.82 -11.34 22.05
CA ALA C 165 7.38 -11.28 22.37
C ALA C 165 6.96 -9.83 22.65
N ILE C 166 7.81 -9.08 23.37
CA ILE C 166 7.58 -7.64 23.72
C ILE C 166 7.64 -6.80 22.44
N SER C 167 8.54 -7.13 21.51
CA SER C 167 8.77 -6.38 20.23
C SER C 167 7.62 -6.62 19.25
N ARG C 168 6.83 -7.68 19.45
CA ARG C 168 5.64 -8.02 18.62
C ARG C 168 4.35 -7.57 19.33
N THR C 169 4.45 -6.99 20.53
CA THR C 169 3.32 -6.51 21.35
C THR C 169 2.69 -5.29 20.69
N SER C 170 1.38 -5.10 20.88
CA SER C 170 0.54 -4.03 20.26
C SER C 170 1.09 -2.63 20.62
N GLY C 171 1.44 -1.85 19.60
CA GLY C 171 1.85 -0.43 19.74
C GLY C 171 3.33 -0.24 19.96
N VAL C 172 4.08 -1.34 20.21
CA VAL C 172 5.55 -1.32 20.43
C VAL C 172 6.25 -1.15 19.08
N GLY C 173 7.00 -0.06 18.91
CA GLY C 173 7.85 0.18 17.73
C GLY C 173 9.17 -0.58 17.84
N ASP C 174 10.27 0.14 18.08
CA ASP C 174 11.63 -0.42 18.27
C ASP C 174 11.80 -0.82 19.75
N VAL C 175 12.60 -1.86 20.02
CA VAL C 175 12.94 -2.36 21.38
C VAL C 175 14.46 -2.49 21.49
N GLN C 176 15.07 -1.73 22.40
CA GLN C 176 16.54 -1.71 22.66
C GLN C 176 16.83 -2.53 23.92
N LEU C 177 17.65 -3.57 23.81
CA LEU C 177 18.14 -4.38 24.96
C LEU C 177 19.34 -3.65 25.60
N PHE C 178 19.27 -3.40 26.90
CA PHE C 178 20.37 -2.82 27.72
C PHE C 178 21.23 -3.97 28.24
N GLY C 179 21.96 -4.58 27.31
CA GLY C 179 22.74 -5.82 27.50
C GLY C 179 22.93 -6.55 26.18
N SER C 180 23.18 -7.86 26.22
CA SER C 180 23.42 -8.72 25.03
C SER C 180 22.93 -10.15 25.30
N GLN C 181 22.32 -10.78 24.29
CA GLN C 181 21.95 -12.22 24.31
C GLN C 181 23.25 -13.05 24.31
N TYR C 182 23.25 -14.21 24.98
CA TYR C 182 24.41 -15.13 25.02
C TYR C 182 24.70 -15.66 23.61
N ALA C 183 25.98 -15.83 23.31
CA ALA C 183 26.51 -16.52 22.11
C ALA C 183 27.59 -17.51 22.58
N MET C 184 27.95 -18.48 21.75
CA MET C 184 29.07 -19.41 22.01
C MET C 184 30.39 -18.66 21.77
N ARG C 185 31.05 -18.23 22.85
CA ARG C 185 32.31 -17.45 22.80
C ARG C 185 33.51 -18.41 22.78
N ILE C 186 34.30 -18.37 21.71
CA ILE C 186 35.58 -19.12 21.56
C ILE C 186 36.73 -18.12 21.79
N TRP C 187 37.14 -17.94 23.05
CA TRP C 187 38.23 -17.02 23.46
C TRP C 187 39.58 -17.69 23.13
N MET C 188 40.23 -17.26 22.04
CA MET C 188 41.43 -17.93 21.46
C MET C 188 42.69 -17.51 22.21
N ASN C 189 43.62 -18.46 22.39
CA ASN C 189 44.97 -18.25 22.97
C ASN C 189 46.00 -18.33 21.84
N PRO C 190 46.72 -17.23 21.52
CA PRO C 190 47.64 -17.23 20.37
C PRO C 190 48.92 -18.05 20.60
N ASN C 191 49.31 -18.26 21.87
CA ASN C 191 50.50 -19.06 22.26
C ASN C 191 50.20 -20.55 22.05
N GLU C 192 48.99 -20.99 22.39
CA GLU C 192 48.53 -22.40 22.23
C GLU C 192 48.29 -22.70 20.75
N LEU C 193 47.78 -21.72 19.98
CA LEU C 193 47.55 -21.84 18.51
C LEU C 193 48.90 -21.97 17.80
N ASN C 194 49.89 -21.17 18.20
CA ASN C 194 51.28 -21.19 17.64
C ASN C 194 51.95 -22.52 17.98
N LYS C 195 51.66 -23.08 19.16
CA LYS C 195 52.25 -24.34 19.70
C LYS C 195 51.91 -25.52 18.77
N PHE C 196 50.65 -25.63 18.34
CA PHE C 196 50.14 -26.73 17.47
C PHE C 196 50.17 -26.29 16.00
N GLN C 197 50.78 -25.13 15.70
CA GLN C 197 50.93 -24.57 14.32
C GLN C 197 49.54 -24.41 13.71
N LEU C 198 48.67 -23.64 14.37
CA LEU C 198 47.26 -23.37 13.95
C LEU C 198 46.99 -21.86 13.97
N THR C 199 45.91 -21.44 13.32
CA THR C 199 45.44 -20.03 13.21
C THR C 199 43.95 -19.98 13.50
N PRO C 200 43.35 -18.77 13.67
CA PRO C 200 41.89 -18.64 13.72
C PRO C 200 41.16 -19.14 12.47
N VAL C 201 41.86 -19.22 11.32
CA VAL C 201 41.32 -19.75 10.04
C VAL C 201 40.95 -21.23 10.24
N ASP C 202 41.86 -22.00 10.84
CA ASP C 202 41.69 -23.45 11.13
C ASP C 202 40.52 -23.64 12.11
N VAL C 203 40.39 -22.73 13.08
CA VAL C 203 39.32 -22.75 14.13
C VAL C 203 37.95 -22.53 13.46
N ILE C 204 37.86 -21.55 12.56
CA ILE C 204 36.61 -21.18 11.83
C ILE C 204 36.19 -22.34 10.91
N THR C 205 37.15 -22.89 10.15
CA THR C 205 36.96 -24.03 9.22
C THR C 205 36.42 -25.24 9.99
N ALA C 206 36.97 -25.49 11.18
CA ALA C 206 36.60 -26.63 12.07
C ALA C 206 35.18 -26.46 12.60
N ILE C 207 34.84 -25.27 13.09
CA ILE C 207 33.51 -24.93 13.68
C ILE C 207 32.44 -25.07 12.58
N LYS C 208 32.72 -24.61 11.36
CA LYS C 208 31.79 -24.66 10.21
C LYS C 208 31.50 -26.12 9.83
N ALA C 209 32.51 -27.00 9.94
CA ALA C 209 32.44 -28.42 9.53
C ALA C 209 31.73 -29.26 10.60
N GLN C 210 31.99 -28.98 11.89
CA GLN C 210 31.62 -29.86 13.02
C GLN C 210 30.37 -29.31 13.74
N ASN C 211 30.10 -28.01 13.63
CA ASN C 211 28.82 -27.37 14.06
C ASN C 211 28.03 -26.98 12.81
N ALA C 212 27.34 -27.95 12.20
CA ALA C 212 26.59 -27.81 10.94
C ALA C 212 25.21 -28.49 11.06
N GLN C 213 24.21 -27.94 10.38
CA GLN C 213 22.85 -28.52 10.24
C GLN C 213 22.66 -28.96 8.79
N VAL C 214 22.87 -30.25 8.51
CA VAL C 214 22.96 -30.84 7.15
C VAL C 214 21.58 -31.38 6.74
N ALA C 215 21.17 -31.11 5.50
CA ALA C 215 19.99 -31.69 4.83
C ALA C 215 20.44 -32.91 4.01
N ALA C 216 20.08 -34.12 4.45
CA ALA C 216 20.63 -35.41 3.96
C ALA C 216 19.55 -36.25 3.27
N GLY C 217 18.37 -35.68 3.01
CA GLY C 217 17.30 -36.33 2.22
C GLY C 217 16.52 -37.36 3.03
N GLN C 218 15.93 -38.34 2.34
CA GLN C 218 14.99 -39.35 2.92
C GLN C 218 15.28 -40.75 2.37
N LEU C 219 14.86 -41.77 3.11
CA LEU C 219 14.72 -43.18 2.65
C LEU C 219 13.30 -43.36 2.10
N GLY C 220 13.18 -43.97 0.91
CA GLY C 220 11.88 -44.22 0.25
C GLY C 220 11.17 -42.93 -0.15
N GLY C 221 11.93 -41.88 -0.45
CA GLY C 221 11.39 -40.57 -0.88
C GLY C 221 10.97 -40.59 -2.33
N THR C 222 10.10 -39.65 -2.74
CA THR C 222 9.53 -39.54 -4.11
C THR C 222 10.60 -39.01 -5.07
N PRO C 223 10.69 -39.53 -6.31
CA PRO C 223 9.87 -40.64 -6.78
C PRO C 223 10.33 -41.99 -6.23
N PRO C 224 9.42 -42.84 -5.70
CA PRO C 224 9.80 -44.13 -5.11
C PRO C 224 9.83 -45.28 -6.13
N VAL C 225 10.41 -46.41 -5.73
CA VAL C 225 10.24 -47.73 -6.41
C VAL C 225 8.92 -48.33 -5.90
N LYS C 226 7.91 -48.41 -6.76
CA LYS C 226 6.54 -48.88 -6.39
C LYS C 226 6.66 -50.21 -5.62
N GLY C 227 6.12 -50.24 -4.39
CA GLY C 227 6.22 -51.38 -3.46
C GLY C 227 6.98 -51.02 -2.19
N GLN C 228 7.60 -49.83 -2.16
CA GLN C 228 8.34 -49.29 -0.99
C GLN C 228 7.39 -49.23 0.22
N GLN C 229 7.87 -49.69 1.38
CA GLN C 229 7.12 -49.71 2.67
C GLN C 229 7.63 -48.58 3.57
N LEU C 230 8.95 -48.43 3.68
CA LEU C 230 9.63 -47.47 4.59
C LEU C 230 9.67 -46.08 3.95
N ASN C 231 9.27 -45.04 4.71
CA ASN C 231 9.52 -43.61 4.40
C ASN C 231 10.09 -42.94 5.66
N ALA C 232 11.42 -42.83 5.73
CA ALA C 232 12.17 -42.31 6.89
C ALA C 232 13.09 -41.15 6.46
N SER C 233 13.09 -40.07 7.23
CA SER C 233 14.03 -38.92 7.07
C SER C 233 15.44 -39.38 7.48
N ILE C 234 16.47 -38.89 6.78
CA ILE C 234 17.90 -39.11 7.11
C ILE C 234 18.40 -37.89 7.89
N ILE C 235 18.74 -38.08 9.17
CA ILE C 235 19.29 -37.03 10.07
C ILE C 235 20.81 -37.18 10.11
N ALA C 236 21.55 -36.23 9.52
CA ALA C 236 23.02 -36.14 9.55
C ALA C 236 23.43 -35.24 10.73
N GLN C 237 24.46 -34.40 10.56
CA GLN C 237 24.97 -33.47 11.60
C GLN C 237 23.86 -32.49 11.99
N THR C 238 23.71 -32.21 13.28
CA THR C 238 22.86 -31.14 13.86
C THR C 238 23.74 -30.12 14.57
N ARG C 239 23.19 -28.95 14.89
CA ARG C 239 23.90 -27.86 15.61
C ARG C 239 24.31 -28.36 17.00
N LEU C 240 25.49 -27.95 17.46
CA LEU C 240 25.98 -28.22 18.84
C LEU C 240 25.14 -27.38 19.81
N THR C 241 24.89 -27.88 21.02
CA THR C 241 23.91 -27.31 21.99
C THR C 241 24.59 -26.82 23.28
N SER C 242 25.87 -27.14 23.49
CA SER C 242 26.58 -26.92 24.78
C SER C 242 28.05 -26.57 24.54
N THR C 243 28.69 -25.96 25.54
CA THR C 243 30.15 -25.61 25.57
C THR C 243 30.98 -26.91 25.52
N GLU C 244 30.46 -27.99 26.12
CA GLU C 244 31.10 -29.33 26.17
C GLU C 244 31.33 -29.85 24.75
N GLU C 245 30.35 -29.68 23.86
CA GLU C 245 30.36 -30.19 22.47
C GLU C 245 31.32 -29.36 21.62
N PHE C 246 31.37 -28.04 21.83
CA PHE C 246 32.28 -27.10 21.12
C PHE C 246 33.72 -27.37 21.54
N GLY C 247 33.94 -27.69 22.82
CA GLY C 247 35.26 -27.99 23.40
C GLY C 247 35.91 -29.21 22.77
N LYS C 248 35.10 -30.19 22.34
CA LYS C 248 35.56 -31.49 21.78
C LYS C 248 35.59 -31.43 20.24
N ILE C 249 35.45 -30.23 19.65
CA ILE C 249 35.66 -30.00 18.19
C ILE C 249 37.11 -30.33 17.87
N LEU C 250 37.34 -31.32 17.00
CA LEU C 250 38.68 -31.83 16.63
C LEU C 250 39.30 -30.90 15.57
N LEU C 251 40.27 -30.08 15.97
CA LEU C 251 40.99 -29.14 15.06
C LEU C 251 41.94 -29.95 14.17
N LYS C 252 42.74 -30.85 14.76
CA LYS C 252 43.66 -31.76 14.02
C LYS C 252 44.08 -32.95 14.90
N VAL C 253 44.65 -33.98 14.27
CA VAL C 253 45.30 -35.15 14.92
C VAL C 253 46.79 -35.12 14.58
N ASN C 254 47.65 -35.25 15.60
CA ASN C 254 49.14 -35.21 15.45
C ASN C 254 49.63 -36.52 14.82
N GLN C 255 50.86 -36.51 14.32
CA GLN C 255 51.50 -37.66 13.62
C GLN C 255 51.76 -38.80 14.62
N ASP C 256 51.92 -38.48 15.91
CA ASP C 256 52.20 -39.46 17.01
C ASP C 256 50.89 -39.94 17.64
N GLY C 257 49.73 -39.57 17.07
CA GLY C 257 48.41 -40.06 17.51
C GLY C 257 47.62 -39.02 18.29
N SER C 258 48.32 -38.15 19.04
CA SER C 258 47.74 -37.10 19.92
C SER C 258 46.67 -36.29 19.17
N ARG C 259 45.58 -35.94 19.85
CA ARG C 259 44.44 -35.16 19.29
C ARG C 259 44.49 -33.73 19.84
N VAL C 260 44.25 -32.74 18.97
CA VAL C 260 44.19 -31.28 19.30
C VAL C 260 42.72 -30.84 19.22
N LEU C 261 42.07 -30.67 20.36
CA LEU C 261 40.65 -30.23 20.48
C LEU C 261 40.61 -28.71 20.58
N LEU C 262 39.44 -28.09 20.41
CA LEU C 262 39.25 -26.61 20.42
C LEU C 262 39.55 -26.06 21.82
N ARG C 263 39.26 -26.84 22.87
CA ARG C 263 39.44 -26.44 24.29
C ARG C 263 40.94 -26.42 24.66
N ASP C 264 41.81 -26.94 23.79
CA ASP C 264 43.28 -26.98 24.00
C ASP C 264 43.93 -25.67 23.51
N VAL C 265 43.22 -24.88 22.69
CA VAL C 265 43.73 -23.59 22.12
C VAL C 265 42.80 -22.43 22.45
N ALA C 266 41.68 -22.68 23.16
CA ALA C 266 40.64 -21.67 23.45
C ALA C 266 39.88 -22.02 24.73
N LYS C 267 39.18 -21.02 25.28
CA LYS C 267 38.24 -21.16 26.43
C LYS C 267 36.81 -21.06 25.90
N ILE C 268 35.98 -22.07 26.19
CA ILE C 268 34.59 -22.20 25.67
C ILE C 268 33.62 -21.84 26.80
N GLU C 269 32.81 -20.78 26.61
CA GLU C 269 31.80 -20.32 27.59
C GLU C 269 30.67 -19.57 26.86
N LEU C 270 29.46 -19.62 27.41
CA LEU C 270 28.32 -18.77 26.98
C LEU C 270 28.60 -17.33 27.40
N GLY C 271 28.72 -16.43 26.42
CA GLY C 271 29.00 -14.99 26.64
C GLY C 271 28.29 -14.13 25.61
N GLY C 272 28.08 -12.85 25.94
CA GLY C 272 27.30 -11.90 25.11
C GLY C 272 27.88 -11.73 23.71
N GLU C 273 27.02 -11.47 22.73
CA GLU C 273 27.40 -11.12 21.33
C GLU C 273 28.29 -9.88 21.36
N ASN C 274 27.95 -8.92 22.22
CA ASN C 274 28.64 -7.62 22.41
C ASN C 274 28.72 -7.34 23.91
N TYR C 275 29.81 -6.70 24.38
CA TYR C 275 30.11 -6.46 25.82
C TYR C 275 30.19 -4.96 26.12
N ASP C 276 29.73 -4.10 25.20
CA ASP C 276 29.84 -2.62 25.32
C ASP C 276 28.84 -2.11 26.36
N ILE C 277 27.60 -2.62 26.34
CA ILE C 277 26.46 -2.12 27.15
C ILE C 277 26.41 -2.86 28.50
N ILE C 278 26.48 -2.11 29.60
CA ILE C 278 26.35 -2.61 31.01
C ILE C 278 25.40 -1.67 31.76
N ALA C 279 24.30 -2.21 32.30
CA ALA C 279 23.23 -1.44 32.99
C ALA C 279 23.24 -1.75 34.50
N GLU C 280 22.78 -0.78 35.31
CA GLU C 280 22.62 -0.92 36.79
C GLU C 280 21.33 -0.23 37.22
N PHE C 281 20.60 -0.84 38.16
CA PHE C 281 19.38 -0.30 38.82
C PHE C 281 19.69 -0.02 40.29
N ASN C 282 19.80 1.27 40.65
CA ASN C 282 20.13 1.75 42.02
C ASN C 282 21.48 1.14 42.47
N GLY C 283 22.44 1.05 41.54
CA GLY C 283 23.84 0.65 41.83
C GLY C 283 24.05 -0.86 41.79
N GLN C 284 22.98 -1.66 41.62
CA GLN C 284 23.05 -3.15 41.61
C GLN C 284 22.97 -3.63 40.15
N PRO C 285 23.66 -4.73 39.80
CA PRO C 285 23.61 -5.27 38.44
C PRO C 285 22.18 -5.52 37.93
N ALA C 286 21.90 -5.10 36.68
CA ALA C 286 20.56 -5.15 36.05
C ALA C 286 20.69 -5.25 34.53
N SER C 287 19.62 -5.71 33.88
CA SER C 287 19.35 -5.57 32.42
C SER C 287 18.02 -4.83 32.24
N GLY C 288 17.64 -4.51 31.00
CA GLY C 288 16.40 -3.78 30.72
C GLY C 288 16.05 -3.75 29.24
N LEU C 289 14.81 -3.35 28.94
CA LEU C 289 14.28 -3.13 27.56
C LEU C 289 13.90 -1.66 27.40
N GLY C 290 14.59 -0.94 26.51
CA GLY C 290 14.21 0.40 26.05
C GLY C 290 13.14 0.33 24.98
N ILE C 291 11.87 0.44 25.37
CA ILE C 291 10.69 0.25 24.47
C ILE C 291 10.26 1.60 23.90
N LYS C 292 10.27 1.74 22.57
CA LYS C 292 9.78 2.92 21.82
C LYS C 292 8.28 2.73 21.51
N LEU C 293 7.55 3.84 21.35
CA LEU C 293 6.12 3.84 20.92
C LEU C 293 6.06 3.94 19.39
N ALA C 294 5.27 3.07 18.75
CA ALA C 294 5.05 3.04 17.29
C ALA C 294 4.23 4.27 16.87
N THR C 295 4.49 4.81 15.67
CA THR C 295 3.81 6.00 15.09
C THR C 295 2.30 5.75 15.06
N GLY C 296 1.52 6.62 15.70
CA GLY C 296 0.05 6.59 15.68
C GLY C 296 -0.55 5.71 16.76
N ALA C 297 0.29 4.97 17.51
CA ALA C 297 -0.14 4.05 18.59
C ALA C 297 -0.50 4.88 19.84
N ASN C 298 -1.47 4.40 20.62
CA ASN C 298 -1.94 5.01 21.89
C ASN C 298 -0.99 4.56 23.02
N ALA C 299 -0.36 5.53 23.71
CA ALA C 299 0.69 5.30 24.73
C ALA C 299 0.13 4.49 25.91
N LEU C 300 -1.08 4.84 26.38
CA LEU C 300 -1.74 4.18 27.55
C LEU C 300 -2.11 2.74 27.20
N ASP C 301 -2.62 2.50 25.98
CA ASP C 301 -2.99 1.14 25.47
C ASP C 301 -1.72 0.29 25.33
N THR C 302 -0.66 0.86 24.75
CA THR C 302 0.65 0.20 24.50
C THR C 302 1.27 -0.23 25.83
N ALA C 303 1.26 0.66 26.84
CA ALA C 303 1.82 0.43 28.19
C ALA C 303 1.03 -0.68 28.90
N ALA C 304 -0.30 -0.65 28.79
CA ALA C 304 -1.23 -1.66 29.35
C ALA C 304 -0.97 -3.02 28.69
N ALA C 305 -0.69 -3.02 27.37
CA ALA C 305 -0.37 -4.22 26.56
C ALA C 305 0.98 -4.81 26.98
N ILE C 306 1.97 -3.95 27.25
CA ILE C 306 3.33 -4.36 27.70
C ILE C 306 3.23 -5.02 29.08
N ARG C 307 2.45 -4.44 30.00
CA ARG C 307 2.23 -4.96 31.37
C ARG C 307 1.50 -6.31 31.30
N ALA C 308 0.46 -6.39 30.46
CA ALA C 308 -0.34 -7.60 30.23
C ALA C 308 0.54 -8.74 29.69
N GLU C 309 1.52 -8.41 28.85
CA GLU C 309 2.44 -9.38 28.20
C GLU C 309 3.49 -9.85 29.21
N LEU C 310 4.00 -8.95 30.06
CA LEU C 310 4.98 -9.28 31.13
C LEU C 310 4.31 -10.13 32.21
N ALA C 311 3.02 -9.89 32.46
CA ALA C 311 2.17 -10.65 33.42
C ALA C 311 2.06 -12.12 32.99
N LYS C 312 2.04 -12.38 31.68
CA LYS C 312 1.99 -13.75 31.09
C LYS C 312 3.35 -14.44 31.26
N MET C 313 4.45 -13.68 31.21
CA MET C 313 5.85 -14.21 31.28
C MET C 313 6.26 -14.49 32.72
N GLU C 314 5.65 -13.80 33.69
CA GLU C 314 6.11 -13.71 35.10
C GLU C 314 6.12 -15.08 35.77
N PRO C 315 5.06 -15.92 35.61
CA PRO C 315 5.03 -17.24 36.25
C PRO C 315 6.14 -18.21 35.80
N PHE C 316 6.70 -18.00 34.59
CA PHE C 316 7.70 -18.90 33.96
C PHE C 316 9.13 -18.37 34.17
N PHE C 317 9.32 -17.37 35.05
CA PHE C 317 10.64 -16.80 35.40
C PHE C 317 11.43 -17.79 36.24
N PRO C 318 12.78 -17.71 36.26
CA PRO C 318 13.60 -18.41 37.25
C PRO C 318 13.43 -17.76 38.64
N SER C 319 13.90 -18.43 39.69
CA SER C 319 13.86 -17.95 41.10
C SER C 319 14.71 -16.69 41.24
N GLY C 320 14.14 -15.61 41.77
CA GLY C 320 14.84 -14.35 42.09
C GLY C 320 14.57 -13.26 41.06
N LEU C 321 14.31 -13.61 39.80
CA LEU C 321 14.10 -12.65 38.69
C LEU C 321 12.86 -11.81 38.97
N LYS C 322 13.00 -10.49 38.93
CA LYS C 322 11.94 -9.50 39.28
C LYS C 322 11.95 -8.36 38.26
N ILE C 323 10.75 -7.88 37.86
CA ILE C 323 10.56 -6.71 36.95
C ILE C 323 10.56 -5.43 37.80
N VAL C 324 11.31 -4.41 37.36
CA VAL C 324 11.32 -3.04 37.96
C VAL C 324 10.96 -2.04 36.86
N TYR C 325 10.45 -0.87 37.25
CA TYR C 325 9.94 0.19 36.34
C TYR C 325 10.68 1.50 36.64
N PRO C 326 11.98 1.59 36.29
CA PRO C 326 12.81 2.76 36.64
C PRO C 326 12.63 4.00 35.75
N TYR C 327 11.82 3.91 34.68
CA TYR C 327 11.59 5.02 33.72
C TYR C 327 10.32 4.72 32.91
N ASP C 328 9.30 5.57 33.05
CA ASP C 328 7.99 5.46 32.36
C ASP C 328 7.33 6.83 32.31
N THR C 329 6.82 7.23 31.14
CA THR C 329 6.21 8.57 30.89
C THR C 329 4.68 8.50 31.06
N THR C 330 4.11 7.29 31.13
CA THR C 330 2.64 7.06 31.16
C THR C 330 2.05 7.43 32.53
N PRO C 331 2.78 7.29 33.66
CA PRO C 331 2.29 7.82 34.94
C PRO C 331 1.97 9.32 34.88
N PHE C 332 2.80 10.10 34.18
CA PHE C 332 2.61 11.56 33.95
C PHE C 332 1.37 11.79 33.07
N VAL C 333 1.17 10.95 32.04
CA VAL C 333 0.02 11.02 31.11
C VAL C 333 -1.28 10.83 31.91
N LYS C 334 -1.29 9.84 32.82
CA LYS C 334 -2.46 9.49 33.67
C LYS C 334 -2.82 10.65 34.60
N ILE C 335 -1.83 11.19 35.33
CA ILE C 335 -2.03 12.27 36.34
C ILE C 335 -2.41 13.57 35.63
N SER C 336 -1.73 13.92 34.53
CA SER C 336 -1.99 15.15 33.74
C SER C 336 -3.47 15.19 33.35
N ILE C 337 -4.00 14.08 32.82
CA ILE C 337 -5.44 13.90 32.46
C ILE C 337 -6.31 14.12 33.68
N HIS C 338 -5.97 13.47 34.81
CA HIS C 338 -6.71 13.55 36.10
C HIS C 338 -6.85 15.01 36.54
N GLU C 339 -5.78 15.81 36.36
CA GLU C 339 -5.70 17.23 36.79
C GLU C 339 -6.61 18.10 35.92
N VAL C 340 -6.73 17.79 34.62
CA VAL C 340 -7.56 18.57 33.65
C VAL C 340 -9.04 18.21 33.85
N VAL C 341 -9.34 16.96 34.19
CA VAL C 341 -10.71 16.50 34.57
C VAL C 341 -11.09 17.17 35.89
N LYS C 342 -10.15 17.23 36.84
CA LYS C 342 -10.30 17.95 38.14
C LYS C 342 -10.55 19.44 37.84
N THR C 343 -9.77 20.03 36.93
CA THR C 343 -9.89 21.43 36.45
C THR C 343 -11.27 21.64 35.80
N LEU C 344 -11.70 20.68 34.98
CA LEU C 344 -13.00 20.73 34.22
C LEU C 344 -14.16 20.70 35.23
N VAL C 345 -14.16 19.74 36.15
CA VAL C 345 -15.20 19.57 37.21
C VAL C 345 -15.24 20.85 38.06
N GLU C 346 -14.08 21.41 38.41
CA GLU C 346 -13.92 22.65 39.21
C GLU C 346 -14.51 23.84 38.44
N ALA C 347 -14.22 23.94 37.13
CA ALA C 347 -14.70 25.00 36.22
C ALA C 347 -16.24 25.01 36.19
N ILE C 348 -16.85 23.82 36.16
CA ILE C 348 -18.33 23.62 36.10
C ILE C 348 -18.95 24.09 37.42
N ILE C 349 -18.33 23.75 38.55
CA ILE C 349 -18.81 24.11 39.93
C ILE C 349 -18.78 25.63 40.08
N LEU C 350 -17.68 26.29 39.68
CA LEU C 350 -17.48 27.75 39.83
C LEU C 350 -18.48 28.50 38.93
N VAL C 351 -18.61 28.09 37.66
CA VAL C 351 -19.56 28.67 36.67
C VAL C 351 -20.99 28.56 37.22
N PHE C 352 -21.32 27.42 37.83
CA PHE C 352 -22.64 27.14 38.47
C PHE C 352 -22.90 28.18 39.56
N LEU C 353 -21.90 28.47 40.40
CA LEU C 353 -22.00 29.43 41.53
C LEU C 353 -22.11 30.86 41.00
N VAL C 354 -21.36 31.20 39.94
CA VAL C 354 -21.38 32.54 39.28
C VAL C 354 -22.81 32.83 38.79
N MET C 355 -23.48 31.84 38.21
CA MET C 355 -24.88 31.95 37.71
C MET C 355 -25.85 31.99 38.89
N TYR C 356 -25.59 31.20 39.94
CA TYR C 356 -26.39 31.14 41.19
C TYR C 356 -26.32 32.49 41.92
N LEU C 357 -25.20 33.20 41.81
CA LEU C 357 -24.96 34.51 42.48
C LEU C 357 -25.92 35.57 41.93
N PHE C 358 -26.16 35.57 40.62
CA PHE C 358 -26.99 36.59 39.90
C PHE C 358 -28.46 36.16 39.91
N LEU C 359 -28.75 34.88 39.63
CA LEU C 359 -30.13 34.34 39.48
C LEU C 359 -30.73 34.07 40.87
N GLN C 360 -29.93 33.61 41.83
CA GLN C 360 -30.27 33.51 43.28
C GLN C 360 -31.50 32.62 43.47
N ASN C 361 -31.66 31.58 42.65
CA ASN C 361 -32.85 30.69 42.62
C ASN C 361 -32.50 29.42 41.84
N PHE C 362 -32.60 28.25 42.48
CA PHE C 362 -32.15 26.94 41.93
C PHE C 362 -32.89 26.63 40.63
N ARG C 363 -34.21 26.87 40.60
CA ARG C 363 -35.08 26.68 39.41
C ARG C 363 -34.51 27.46 38.21
N ALA C 364 -34.16 28.73 38.42
CA ALA C 364 -33.60 29.64 37.40
C ALA C 364 -32.16 29.26 37.08
N THR C 365 -31.38 28.83 38.09
CA THR C 365 -29.94 28.51 38.01
C THR C 365 -29.72 27.22 37.19
N LEU C 366 -30.63 26.24 37.31
CA LEU C 366 -30.50 24.92 36.64
C LEU C 366 -30.65 25.08 35.11
N ILE C 367 -31.54 25.96 34.67
CA ILE C 367 -31.92 26.13 33.23
C ILE C 367 -30.67 26.28 32.38
N PRO C 368 -29.77 27.25 32.66
CA PRO C 368 -28.51 27.38 31.91
C PRO C 368 -27.42 26.36 32.31
N THR C 369 -27.54 25.74 33.49
CA THR C 369 -26.61 24.71 34.00
C THR C 369 -26.81 23.39 33.22
N ILE C 370 -28.06 23.08 32.86
CA ILE C 370 -28.45 21.86 32.09
C ILE C 370 -27.79 21.89 30.71
N ALA C 371 -27.39 23.08 30.23
CA ALA C 371 -26.63 23.27 28.96
C ALA C 371 -25.28 22.54 29.05
N VAL C 372 -24.65 22.51 30.22
CA VAL C 372 -23.27 21.97 30.43
C VAL C 372 -23.26 20.48 30.10
N PRO C 373 -24.10 19.62 30.72
CA PRO C 373 -24.19 18.21 30.33
C PRO C 373 -24.46 18.00 28.83
N VAL C 374 -25.46 18.69 28.30
CA VAL C 374 -26.01 18.48 26.91
C VAL C 374 -24.93 18.87 25.88
N VAL C 375 -24.26 20.01 26.08
CA VAL C 375 -23.25 20.57 25.14
C VAL C 375 -21.99 19.69 25.17
N LEU C 376 -21.46 19.40 26.36
CA LEU C 376 -20.19 18.64 26.54
C LEU C 376 -20.35 17.21 26.01
N LEU C 377 -21.40 16.51 26.43
CA LEU C 377 -21.75 15.15 25.92
C LEU C 377 -21.96 15.23 24.41
N GLY C 378 -22.73 16.22 23.95
CA GLY C 378 -22.89 16.53 22.51
C GLY C 378 -21.56 16.68 21.81
N THR C 379 -20.60 17.38 22.44
CA THR C 379 -19.23 17.63 21.91
C THR C 379 -18.45 16.31 21.87
N PHE C 380 -18.54 15.49 22.92
CA PHE C 380 -17.87 14.16 23.03
C PHE C 380 -18.30 13.26 21.87
N ALA C 381 -19.57 13.32 21.48
CA ALA C 381 -20.16 12.55 20.36
C ALA C 381 -19.52 12.99 19.03
N VAL C 382 -19.30 14.30 18.86
CA VAL C 382 -18.70 14.90 17.63
C VAL C 382 -17.23 14.48 17.55
N LEU C 383 -16.50 14.52 18.66
CA LEU C 383 -15.07 14.08 18.75
C LEU C 383 -14.96 12.63 18.28
N ALA C 384 -15.85 11.76 18.76
CA ALA C 384 -15.92 10.31 18.41
C ALA C 384 -16.24 10.15 16.92
N ALA C 385 -17.18 10.96 16.40
CA ALA C 385 -17.67 10.91 15.00
C ALA C 385 -16.52 11.25 14.03
N PHE C 386 -15.68 12.23 14.38
CA PHE C 386 -14.56 12.74 13.55
C PHE C 386 -13.23 12.10 13.98
N GLY C 387 -13.27 11.10 14.87
CA GLY C 387 -12.14 10.23 15.22
C GLY C 387 -11.10 10.93 16.09
N PHE C 388 -11.52 11.93 16.86
CA PHE C 388 -10.66 12.66 17.85
C PHE C 388 -10.67 11.90 19.17
N SER C 389 -9.69 12.16 20.03
CA SER C 389 -9.47 11.47 21.33
C SER C 389 -9.69 12.44 22.50
N ILE C 390 -9.98 11.89 23.68
CA ILE C 390 -10.00 12.64 24.98
C ILE C 390 -8.54 12.86 25.39
N ASN C 391 -7.98 14.03 25.03
CA ASN C 391 -6.58 14.42 25.35
C ASN C 391 -6.60 15.78 26.05
N THR C 392 -5.47 16.22 26.59
CA THR C 392 -5.31 17.47 27.38
C THR C 392 -5.81 18.68 26.57
N LEU C 393 -5.55 18.68 25.26
CA LEU C 393 -5.84 19.84 24.35
C LEU C 393 -7.35 19.93 24.11
N THR C 394 -8.01 18.81 23.78
CA THR C 394 -9.48 18.72 23.60
C THR C 394 -10.18 19.00 24.94
N MET C 395 -9.55 18.63 26.06
CA MET C 395 -10.05 18.90 27.43
C MET C 395 -9.93 20.39 27.75
N PHE C 396 -8.78 21.01 27.44
CA PHE C 396 -8.54 22.47 27.62
C PHE C 396 -9.60 23.25 26.83
N GLY C 397 -9.92 22.79 25.62
CA GLY C 397 -11.00 23.33 24.76
C GLY C 397 -12.35 23.32 25.49
N MET C 398 -12.64 22.24 26.22
CA MET C 398 -13.90 22.06 26.98
C MET C 398 -13.89 22.94 28.24
N VAL C 399 -12.73 23.13 28.86
CA VAL C 399 -12.55 23.99 30.08
C VAL C 399 -12.81 25.46 29.68
N LEU C 400 -12.31 25.88 28.52
CA LEU C 400 -12.56 27.23 27.94
C LEU C 400 -14.04 27.38 27.59
N ALA C 401 -14.67 26.30 27.12
CA ALA C 401 -16.06 26.27 26.60
C ALA C 401 -17.08 26.40 27.73
N ILE C 402 -16.76 25.95 28.95
CA ILE C 402 -17.69 25.91 30.12
C ILE C 402 -18.33 27.29 30.29
N GLY C 403 -17.52 28.35 30.26
CA GLY C 403 -17.96 29.75 30.45
C GLY C 403 -18.35 30.43 29.15
N LEU C 404 -18.51 29.66 28.07
CA LEU C 404 -18.93 30.16 26.73
C LEU C 404 -20.23 29.48 26.29
N LEU C 405 -20.39 28.18 26.57
CA LEU C 405 -21.57 27.37 26.15
C LEU C 405 -22.82 27.77 26.94
N VAL C 406 -22.64 28.45 28.09
CA VAL C 406 -23.75 28.91 28.98
C VAL C 406 -24.16 30.33 28.60
N ASP C 407 -23.42 31.00 27.73
CA ASP C 407 -23.60 32.43 27.38
C ASP C 407 -25.00 32.66 26.79
N ASP C 408 -25.32 31.99 25.68
CA ASP C 408 -26.63 32.10 24.99
C ASP C 408 -27.75 31.69 25.94
N ALA C 409 -27.54 30.62 26.72
CA ALA C 409 -28.49 30.09 27.73
C ALA C 409 -28.74 31.13 28.82
N ILE C 410 -27.68 31.81 29.28
CA ILE C 410 -27.74 32.91 30.30
C ILE C 410 -28.53 34.09 29.70
N VAL C 411 -28.14 34.53 28.50
CA VAL C 411 -28.75 35.70 27.78
C VAL C 411 -30.28 35.51 27.74
N VAL C 412 -30.75 34.30 27.45
CA VAL C 412 -32.20 33.94 27.41
C VAL C 412 -32.79 34.15 28.81
N VAL C 413 -32.33 33.37 29.80
CA VAL C 413 -32.84 33.35 31.20
C VAL C 413 -32.84 34.77 31.76
N GLU C 414 -31.77 35.54 31.52
CA GLU C 414 -31.60 36.92 32.03
C GLU C 414 -32.64 37.84 31.37
N ASN C 415 -32.72 37.82 30.04
CA ASN C 415 -33.62 38.70 29.23
C ASN C 415 -35.08 38.41 29.60
N VAL C 416 -35.41 37.15 29.90
CA VAL C 416 -36.78 36.69 30.30
C VAL C 416 -37.13 37.30 31.66
N GLU C 417 -36.24 37.19 32.64
CA GLU C 417 -36.45 37.68 34.03
C GLU C 417 -36.53 39.22 34.03
N ARG C 418 -35.77 39.88 33.14
CA ARG C 418 -35.81 41.36 32.95
C ARG C 418 -37.20 41.78 32.47
N VAL C 419 -37.74 41.08 31.46
CA VAL C 419 -39.08 41.34 30.86
C VAL C 419 -40.16 41.14 31.92
N MET C 420 -40.03 40.10 32.75
CA MET C 420 -40.98 39.77 33.86
C MET C 420 -40.94 40.87 34.93
N ALA C 421 -39.76 41.43 35.21
CA ALA C 421 -39.52 42.45 36.26
C ALA C 421 -39.94 43.84 35.75
N GLU C 422 -39.87 44.08 34.44
CA GLU C 422 -40.11 45.41 33.81
C GLU C 422 -41.59 45.55 33.41
N GLU C 423 -42.22 44.48 32.93
CA GLU C 423 -43.61 44.50 32.38
C GLU C 423 -44.58 43.76 33.33
N GLY C 424 -44.15 42.68 33.97
CA GLY C 424 -44.97 41.87 34.87
C GLY C 424 -45.71 40.76 34.14
N LEU C 425 -45.15 40.29 33.02
CA LEU C 425 -45.72 39.20 32.18
C LEU C 425 -45.50 37.85 32.89
N PRO C 426 -46.37 36.84 32.64
CA PRO C 426 -46.08 35.46 33.06
C PRO C 426 -44.88 34.89 32.32
N PRO C 427 -44.13 33.94 32.92
CA PRO C 427 -42.94 33.36 32.30
C PRO C 427 -43.09 32.95 30.82
N LYS C 428 -44.19 32.28 30.47
CA LYS C 428 -44.46 31.75 29.11
C LYS C 428 -44.61 32.93 28.13
N GLU C 429 -45.48 33.88 28.45
CA GLU C 429 -45.74 35.10 27.63
C GLU C 429 -44.44 35.92 27.51
N ALA C 430 -43.64 35.96 28.59
CA ALA C 430 -42.37 36.71 28.67
C ALA C 430 -41.31 36.06 27.77
N THR C 431 -41.19 34.73 27.82
CA THR C 431 -40.20 33.94 27.03
C THR C 431 -40.43 34.20 25.54
N ARG C 432 -41.67 34.09 25.07
CA ARG C 432 -42.09 34.38 23.67
C ARG C 432 -41.52 35.74 23.25
N LYS C 433 -41.81 36.78 24.03
CA LYS C 433 -41.40 38.20 23.76
C LYS C 433 -39.87 38.29 23.76
N SER C 434 -39.21 37.62 24.71
CA SER C 434 -37.74 37.62 24.90
C SER C 434 -37.06 37.00 23.68
N MET C 435 -37.42 35.76 23.31
CA MET C 435 -36.81 35.00 22.19
C MET C 435 -36.90 35.82 20.90
N GLY C 436 -37.97 36.59 20.71
CA GLY C 436 -38.20 37.46 19.53
C GLY C 436 -37.18 38.58 19.44
N GLN C 437 -36.58 38.99 20.58
CA GLN C 437 -35.62 40.12 20.68
C GLN C 437 -34.18 39.62 20.50
N ILE C 438 -33.80 38.55 21.20
CA ILE C 438 -32.38 38.17 21.46
C ILE C 438 -31.87 37.14 20.44
N GLN C 439 -32.75 36.52 19.66
CA GLN C 439 -32.37 35.49 18.63
C GLN C 439 -31.12 35.95 17.86
N GLY C 440 -31.14 37.18 17.35
CA GLY C 440 -30.02 37.79 16.59
C GLY C 440 -28.73 37.82 17.38
N ALA C 441 -28.82 38.11 18.69
CA ALA C 441 -27.68 38.14 19.63
C ALA C 441 -27.16 36.72 19.89
N LEU C 442 -28.06 35.78 20.16
CA LEU C 442 -27.74 34.35 20.44
C LEU C 442 -26.88 33.81 19.28
N VAL C 443 -27.35 34.00 18.04
CA VAL C 443 -26.65 33.55 16.80
C VAL C 443 -25.33 34.33 16.68
N GLY C 444 -25.38 35.66 16.84
CA GLY C 444 -24.21 36.56 16.76
C GLY C 444 -23.09 36.13 17.68
N ILE C 445 -23.42 35.82 18.94
CA ILE C 445 -22.45 35.38 20.00
C ILE C 445 -21.81 34.06 19.56
N ALA C 446 -22.63 33.06 19.25
CA ALA C 446 -22.21 31.68 18.87
C ALA C 446 -21.37 31.71 17.59
N MET C 447 -21.68 32.63 16.66
CA MET C 447 -21.04 32.75 15.32
C MET C 447 -19.57 33.19 15.49
N VAL C 448 -19.33 34.30 16.19
CA VAL C 448 -17.98 34.95 16.32
C VAL C 448 -17.08 34.11 17.24
N LEU C 449 -17.66 33.40 18.21
CA LEU C 449 -16.92 32.50 19.13
C LEU C 449 -16.64 31.15 18.45
N SER C 450 -17.18 30.93 17.24
CA SER C 450 -16.92 29.75 16.38
C SER C 450 -15.95 30.13 15.26
N ALA C 451 -16.22 31.25 14.57
CA ALA C 451 -15.49 31.73 13.37
C ALA C 451 -13.98 31.85 13.66
N VAL C 452 -13.62 32.44 14.81
CA VAL C 452 -12.20 32.68 15.24
C VAL C 452 -11.39 31.38 15.15
N PHE C 453 -12.02 30.23 15.47
CA PHE C 453 -11.34 28.91 15.62
C PHE C 453 -11.42 28.09 14.32
N VAL C 454 -12.01 28.62 13.26
CA VAL C 454 -12.20 27.88 11.96
C VAL C 454 -10.89 27.92 11.16
N PRO C 455 -10.32 29.11 10.83
CA PRO C 455 -9.08 29.18 10.05
C PRO C 455 -7.89 28.40 10.63
N MET C 456 -7.75 28.36 11.96
CA MET C 456 -6.59 27.76 12.68
C MET C 456 -6.47 26.27 12.39
N ALA C 457 -7.61 25.59 12.12
CA ALA C 457 -7.70 24.15 11.84
C ALA C 457 -6.94 23.79 10.55
N PHE C 458 -6.87 24.72 9.59
CA PHE C 458 -6.33 24.50 8.22
C PHE C 458 -4.85 24.90 8.13
N PHE C 459 -4.24 25.34 9.24
CA PHE C 459 -2.78 25.63 9.33
C PHE C 459 -2.03 24.32 9.53
N GLY C 460 -0.74 24.30 9.18
CA GLY C 460 0.10 23.09 9.12
C GLY C 460 1.08 23.01 10.29
N GLY C 461 1.98 22.02 10.26
CA GLY C 461 2.99 21.75 11.31
C GLY C 461 2.36 21.13 12.54
N SER C 462 3.15 20.96 13.61
CA SER C 462 2.71 20.45 14.93
C SER C 462 1.72 21.42 15.56
N THR C 463 1.91 22.72 15.31
CA THR C 463 1.03 23.83 15.78
C THR C 463 -0.38 23.62 15.24
N GLY C 464 -0.50 23.28 13.96
CA GLY C 464 -1.77 22.98 13.28
C GLY C 464 -2.51 21.80 13.92
N ALA C 465 -1.76 20.77 14.33
CA ALA C 465 -2.28 19.56 15.01
C ALA C 465 -2.87 19.96 16.37
N ILE C 466 -2.19 20.85 17.10
CA ILE C 466 -2.64 21.39 18.42
C ILE C 466 -3.87 22.28 18.19
N TYR C 467 -3.83 23.13 17.16
CA TYR C 467 -4.91 24.11 16.81
C TYR C 467 -6.23 23.36 16.60
N ARG C 468 -6.21 22.27 15.83
CA ARG C 468 -7.42 21.48 15.44
C ARG C 468 -8.15 20.95 16.68
N GLN C 469 -7.42 20.62 17.75
CA GLN C 469 -7.97 20.05 19.00
C GLN C 469 -8.91 21.07 19.67
N PHE C 470 -8.48 22.33 19.76
CA PHE C 470 -9.27 23.46 20.30
C PHE C 470 -10.42 23.80 19.33
N SER C 471 -10.13 23.77 18.03
CA SER C 471 -11.07 24.14 16.93
C SER C 471 -12.32 23.25 16.98
N ILE C 472 -12.16 21.94 16.82
CA ILE C 472 -13.28 20.95 16.78
C ILE C 472 -14.10 21.05 18.07
N THR C 473 -13.44 21.22 19.23
CA THR C 473 -14.05 21.19 20.58
C THR C 473 -14.98 22.40 20.75
N ILE C 474 -14.47 23.61 20.55
CA ILE C 474 -15.18 24.89 20.87
C ILE C 474 -16.26 25.16 19.81
N VAL C 475 -15.92 25.00 18.53
CA VAL C 475 -16.87 25.23 17.38
C VAL C 475 -18.11 24.35 17.58
N SER C 476 -17.91 23.08 17.95
CA SER C 476 -18.99 22.11 18.27
C SER C 476 -19.78 22.59 19.48
N ALA C 477 -19.07 22.94 20.57
CA ALA C 477 -19.65 23.39 21.86
C ALA C 477 -20.51 24.65 21.64
N MET C 478 -20.03 25.60 20.83
CA MET C 478 -20.72 26.87 20.53
C MET C 478 -21.92 26.62 19.60
N ALA C 479 -21.77 25.70 18.64
CA ALA C 479 -22.83 25.31 17.68
C ALA C 479 -23.97 24.59 18.41
N LEU C 480 -23.66 23.89 19.50
CA LEU C 480 -24.65 23.17 20.34
C LEU C 480 -25.29 24.15 21.34
N SER C 481 -24.50 25.08 21.89
CA SER C 481 -24.93 26.10 22.89
C SER C 481 -26.11 26.92 22.34
N VAL C 482 -26.03 27.30 21.06
CA VAL C 482 -27.07 28.13 20.37
C VAL C 482 -28.32 27.28 20.12
N LEU C 483 -28.15 25.99 19.76
CA LEU C 483 -29.27 25.04 19.52
C LEU C 483 -30.02 24.79 20.83
N VAL C 484 -29.28 24.59 21.94
CA VAL C 484 -29.84 24.42 23.32
C VAL C 484 -30.61 25.69 23.69
N ALA C 485 -30.07 26.87 23.37
CA ALA C 485 -30.61 28.21 23.72
C ALA C 485 -31.86 28.52 22.90
N LEU C 486 -32.03 27.87 21.74
CA LEU C 486 -33.19 28.07 20.83
C LEU C 486 -34.25 26.98 21.04
N ILE C 487 -33.86 25.81 21.55
CA ILE C 487 -34.75 24.61 21.70
C ILE C 487 -35.11 24.42 23.18
N LEU C 488 -34.13 24.07 24.02
CA LEU C 488 -34.35 23.60 25.42
C LEU C 488 -34.61 24.80 26.34
N THR C 489 -33.69 25.77 26.38
CA THR C 489 -33.68 26.91 27.33
C THR C 489 -35.02 27.64 27.31
N PRO C 490 -35.60 27.97 26.12
CA PRO C 490 -36.90 28.65 26.07
C PRO C 490 -38.03 27.80 26.68
N ALA C 491 -38.07 26.50 26.35
CA ALA C 491 -39.05 25.52 26.85
C ALA C 491 -39.00 25.45 28.38
N LEU C 492 -37.79 25.45 28.95
CA LEU C 492 -37.54 25.40 30.42
C LEU C 492 -37.97 26.74 31.06
N CYS C 493 -37.70 27.87 30.38
CA CYS C 493 -38.01 29.24 30.86
C CYS C 493 -39.52 29.46 30.99
N ALA C 494 -40.33 28.70 30.25
CA ALA C 494 -41.81 28.81 30.22
C ALA C 494 -42.45 27.87 31.25
N THR C 495 -41.70 26.86 31.72
CA THR C 495 -42.20 25.77 32.61
C THR C 495 -41.62 25.89 34.03
N MET C 496 -40.30 26.16 34.15
CA MET C 496 -39.55 26.07 35.43
C MET C 496 -39.50 27.44 36.13
N LEU C 497 -39.32 28.54 35.39
CA LEU C 497 -39.13 29.91 35.97
C LEU C 497 -40.35 30.29 36.83
N LYS C 498 -40.10 30.96 37.95
CA LYS C 498 -41.14 31.44 38.91
C LYS C 498 -41.54 32.86 38.49
N PRO C 499 -42.85 33.18 38.43
CA PRO C 499 -43.31 34.52 38.02
C PRO C 499 -42.76 35.64 38.93
N ILE C 500 -41.99 36.57 38.33
CA ILE C 500 -41.47 37.80 39.00
C ILE C 500 -42.46 38.93 38.76
N ALA C 501 -42.90 39.60 39.84
CA ALA C 501 -43.85 40.74 39.81
C ALA C 501 -43.14 41.99 39.26
N LYS C 502 -43.92 42.93 38.71
CA LYS C 502 -43.42 44.19 38.08
C LYS C 502 -42.70 45.05 39.13
N GLY C 503 -41.49 45.50 38.83
CA GLY C 503 -40.69 46.40 39.69
C GLY C 503 -39.71 45.65 40.58
N ASP C 504 -39.96 44.36 40.82
CA ASP C 504 -39.15 43.51 41.73
C ASP C 504 -37.79 43.21 41.07
N HIS C 505 -36.70 43.63 41.70
CA HIS C 505 -35.30 43.37 41.27
C HIS C 505 -34.50 42.71 42.41
N GLY C 506 -35.22 42.10 43.36
CA GLY C 506 -34.62 41.32 44.47
C GLY C 506 -33.91 42.18 45.50
N GLU C 507 -34.24 43.48 45.57
CA GLU C 507 -33.67 44.44 46.55
C GLU C 507 -34.28 44.19 47.94
N GLY C 508 -35.47 43.58 47.99
CA GLY C 508 -36.20 43.26 49.23
C GLY C 508 -35.88 41.86 49.75
N LYS C 509 -35.03 41.11 49.03
CA LYS C 509 -34.59 39.74 49.43
C LYS C 509 -33.87 39.80 50.79
N LYS C 510 -33.99 38.74 51.59
CA LYS C 510 -33.47 38.65 52.98
C LYS C 510 -32.17 37.83 52.97
N GLY C 511 -31.14 38.32 53.66
CA GLY C 511 -29.81 37.69 53.75
C GLY C 511 -28.79 38.42 52.88
N PHE C 512 -27.81 37.68 52.34
CA PHE C 512 -26.65 38.21 51.58
C PHE C 512 -27.11 38.70 50.19
N PHE C 513 -27.98 37.94 49.52
CA PHE C 513 -28.45 38.20 48.13
C PHE C 513 -29.11 39.59 48.05
N GLY C 514 -29.87 39.97 49.08
CA GLY C 514 -30.51 41.29 49.19
C GLY C 514 -29.51 42.42 49.09
N TRP C 515 -28.35 42.28 49.75
CA TRP C 515 -27.23 43.26 49.76
C TRP C 515 -26.63 43.38 48.36
N PHE C 516 -26.37 42.24 47.69
CA PHE C 516 -25.77 42.15 46.34
C PHE C 516 -26.69 42.81 45.30
N ASN C 517 -28.00 42.57 45.41
CA ASN C 517 -29.04 43.09 44.47
C ASN C 517 -29.05 44.63 44.54
N ARG C 518 -29.09 45.19 45.74
CA ARG C 518 -29.01 46.65 46.00
C ARG C 518 -27.69 47.21 45.47
N MET C 519 -26.58 46.51 45.72
CA MET C 519 -25.21 46.88 45.28
C MET C 519 -25.16 46.94 43.74
N PHE C 520 -25.69 45.91 43.07
CA PHE C 520 -25.67 45.77 41.59
C PHE C 520 -26.61 46.82 40.96
N GLU C 521 -27.85 46.92 41.47
CA GLU C 521 -28.86 47.91 41.01
C GLU C 521 -28.27 49.32 41.11
N LYS C 522 -27.57 49.62 42.21
CA LYS C 522 -26.89 50.92 42.46
C LYS C 522 -25.73 51.09 41.46
N SER C 523 -24.94 50.04 41.27
CA SER C 523 -23.76 50.01 40.36
C SER C 523 -24.18 50.22 38.91
N THR C 524 -25.38 49.73 38.54
CA THR C 524 -25.98 49.89 37.19
C THR C 524 -26.28 51.36 36.92
N HIS C 525 -26.85 52.07 37.92
CA HIS C 525 -27.18 53.52 37.85
C HIS C 525 -25.89 54.34 37.69
N HIS C 526 -24.84 53.99 38.46
CA HIS C 526 -23.49 54.60 38.38
C HIS C 526 -22.93 54.47 36.96
N TYR C 527 -23.01 53.26 36.39
CA TYR C 527 -22.44 52.89 35.07
C TYR C 527 -23.16 53.65 33.94
N THR C 528 -24.50 53.61 33.92
CA THR C 528 -25.35 54.23 32.88
C THR C 528 -25.10 55.75 32.85
N ASP C 529 -24.97 56.38 34.02
CA ASP C 529 -24.65 57.83 34.16
C ASP C 529 -23.26 58.11 33.60
N SER C 530 -22.30 57.21 33.87
CA SER C 530 -20.88 57.32 33.43
C SER C 530 -20.81 57.33 31.89
N VAL C 531 -21.54 56.42 31.24
CA VAL C 531 -21.61 56.30 29.75
C VAL C 531 -22.20 57.60 29.18
N GLY C 532 -23.27 58.11 29.80
CA GLY C 532 -23.91 59.40 29.45
C GLY C 532 -22.88 60.52 29.34
N GLY C 533 -21.96 60.59 30.32
CA GLY C 533 -20.86 61.57 30.36
C GLY C 533 -19.81 61.28 29.30
N ILE C 534 -19.50 59.99 29.06
CA ILE C 534 -18.50 59.53 28.07
C ILE C 534 -18.95 59.91 26.65
N LEU C 535 -20.24 59.76 26.35
CA LEU C 535 -20.82 60.04 25.00
C LEU C 535 -20.92 61.55 24.75
N ARG C 536 -20.83 62.37 25.80
CA ARG C 536 -20.83 63.85 25.73
C ARG C 536 -19.40 64.38 25.58
N SER C 537 -18.40 63.49 25.66
CA SER C 537 -16.95 63.81 25.45
C SER C 537 -16.24 62.59 24.87
N THR C 538 -16.67 62.12 23.70
CA THR C 538 -16.14 60.91 23.01
C THR C 538 -14.70 61.17 22.56
N GLY C 539 -14.41 62.38 22.08
CA GLY C 539 -13.08 62.80 21.58
C GLY C 539 -11.96 62.40 22.51
N ARG C 540 -12.15 62.58 23.83
CA ARG C 540 -11.20 62.14 24.89
C ARG C 540 -10.82 60.67 24.67
N TYR C 541 -11.82 59.79 24.56
CA TYR C 541 -11.68 58.31 24.64
C TYR C 541 -11.16 57.74 23.32
N LEU C 542 -11.24 58.49 22.22
CA LEU C 542 -10.65 58.10 20.91
C LEU C 542 -9.13 58.18 20.99
N VAL C 543 -8.59 59.20 21.66
CA VAL C 543 -7.14 59.37 21.95
C VAL C 543 -6.71 58.32 22.98
N LEU C 544 -7.52 58.13 24.02
CA LEU C 544 -7.31 57.13 25.10
C LEU C 544 -7.18 55.74 24.48
N TYR C 545 -8.12 55.37 23.59
CA TYR C 545 -8.14 54.09 22.84
C TYR C 545 -6.85 53.96 22.02
N LEU C 546 -6.37 55.06 21.43
CA LEU C 546 -5.20 55.09 20.53
C LEU C 546 -3.92 54.78 21.33
N ILE C 547 -3.87 55.17 22.61
CA ILE C 547 -2.74 54.85 23.54
C ILE C 547 -2.78 53.35 23.87
N ILE C 548 -3.98 52.81 24.13
CA ILE C 548 -4.20 51.35 24.42
C ILE C 548 -3.69 50.52 23.24
N VAL C 549 -3.99 50.94 22.01
CA VAL C 549 -3.56 50.25 20.75
C VAL C 549 -2.03 50.31 20.64
N VAL C 550 -1.43 51.47 20.94
CA VAL C 550 0.05 51.69 20.95
C VAL C 550 0.66 50.85 22.08
N GLY C 551 0.06 50.91 23.27
CA GLY C 551 0.48 50.14 24.47
C GLY C 551 0.42 48.65 24.22
N MET C 552 -0.66 48.17 23.60
CA MET C 552 -0.84 46.76 23.17
C MET C 552 0.34 46.35 22.28
N ALA C 553 0.61 47.11 21.22
CA ALA C 553 1.67 46.87 20.22
C ALA C 553 3.03 46.78 20.91
N TYR C 554 3.28 47.62 21.92
CA TYR C 554 4.56 47.67 22.69
C TYR C 554 4.73 46.39 23.50
N LEU C 555 3.70 45.97 24.24
CA LEU C 555 3.71 44.75 25.10
C LEU C 555 3.94 43.51 24.22
N PHE C 556 3.39 43.50 23.01
CA PHE C 556 3.41 42.34 22.06
C PHE C 556 4.85 42.02 21.65
N VAL C 557 5.57 43.02 21.13
CA VAL C 557 6.96 42.85 20.58
C VAL C 557 7.92 42.52 21.73
N ARG C 558 7.70 43.10 22.91
CA ARG C 558 8.58 42.96 24.10
C ARG C 558 8.41 41.57 24.74
N LEU C 559 7.20 41.01 24.70
CA LEU C 559 6.87 39.68 25.26
C LEU C 559 7.71 38.61 24.57
N PRO C 560 8.61 37.89 25.28
CA PRO C 560 9.39 36.81 24.68
C PRO C 560 8.49 35.67 24.18
N SER C 561 8.95 34.93 23.16
CA SER C 561 8.21 33.81 22.51
C SER C 561 8.85 32.47 22.85
N SER C 562 8.06 31.40 22.79
CA SER C 562 8.48 29.97 22.97
C SER C 562 7.50 29.09 22.19
N PHE C 563 7.58 27.76 22.35
CA PHE C 563 6.70 26.78 21.67
C PHE C 563 5.69 26.19 22.65
N LEU C 564 6.13 25.29 23.54
CA LEU C 564 5.28 24.60 24.55
C LEU C 564 6.00 24.61 25.90
N PRO C 565 5.32 24.96 27.01
CA PRO C 565 5.95 24.94 28.33
C PRO C 565 6.45 23.55 28.73
N ASP C 566 7.64 23.49 29.33
CA ASP C 566 8.22 22.25 29.92
C ASP C 566 7.35 21.85 31.12
N GLU C 567 7.33 20.55 31.45
CA GLU C 567 6.52 19.97 32.56
C GLU C 567 7.42 19.08 33.42
N ASP C 568 7.06 18.93 34.70
CA ASP C 568 7.58 17.87 35.59
C ASP C 568 6.81 16.59 35.27
N GLN C 569 7.47 15.62 34.62
CA GLN C 569 6.86 14.34 34.14
C GLN C 569 7.26 13.20 35.08
N GLY C 570 7.79 13.52 36.27
CA GLY C 570 8.23 12.54 37.28
C GLY C 570 9.45 11.74 36.83
N VAL C 571 10.09 12.16 35.73
CA VAL C 571 11.28 11.49 35.12
C VAL C 571 12.15 12.56 34.45
N PHE C 572 13.44 12.26 34.27
CA PHE C 572 14.40 13.03 33.44
C PHE C 572 15.61 12.14 33.14
N MET C 573 16.53 12.63 32.31
CA MET C 573 17.71 11.88 31.83
C MET C 573 19.00 12.70 32.04
N THR C 574 20.14 12.01 32.16
CA THR C 574 21.50 12.59 32.27
C THR C 574 22.41 11.95 31.23
N MET C 575 23.04 12.76 30.37
CA MET C 575 24.02 12.29 29.36
C MET C 575 25.42 12.33 29.98
N VAL C 576 26.25 11.32 29.65
CA VAL C 576 27.66 11.18 30.11
C VAL C 576 28.54 10.97 28.88
N GLN C 577 29.52 11.86 28.65
CA GLN C 577 30.44 11.82 27.49
C GLN C 577 31.86 12.09 27.97
N LEU C 578 32.72 11.06 27.96
CA LEU C 578 34.15 11.14 28.35
C LEU C 578 35.01 11.40 27.11
N PRO C 579 36.27 11.89 27.28
CA PRO C 579 37.14 12.17 26.14
C PRO C 579 37.37 10.99 25.19
N ALA C 580 37.94 11.28 24.01
CA ALA C 580 38.26 10.32 22.95
C ALA C 580 39.25 9.27 23.47
N GLY C 581 38.86 7.99 23.42
CA GLY C 581 39.71 6.84 23.77
C GLY C 581 39.47 6.32 25.18
N ALA C 582 38.59 6.99 25.95
CA ALA C 582 38.26 6.62 27.35
C ALA C 582 37.60 5.23 27.37
N THR C 583 37.95 4.41 28.36
CA THR C 583 37.52 3.00 28.50
C THR C 583 36.19 2.91 29.26
N GLN C 584 35.56 1.73 29.18
CA GLN C 584 34.28 1.37 29.87
C GLN C 584 34.44 1.60 31.38
N GLU C 585 35.62 1.29 31.93
CA GLU C 585 35.94 1.41 33.38
C GLU C 585 35.88 2.88 33.81
N ARG C 586 36.46 3.78 33.02
CA ARG C 586 36.53 5.24 33.32
C ARG C 586 35.13 5.84 33.29
N THR C 587 34.29 5.42 32.34
CA THR C 587 32.87 5.87 32.19
C THR C 587 32.05 5.42 33.40
N GLN C 588 32.31 4.21 33.90
CA GLN C 588 31.61 3.61 35.08
C GLN C 588 31.91 4.45 36.34
N LYS C 589 33.16 4.91 36.47
CA LYS C 589 33.62 5.78 37.58
C LYS C 589 32.83 7.09 37.59
N VAL C 590 32.54 7.64 36.41
CA VAL C 590 31.76 8.91 36.23
C VAL C 590 30.27 8.61 36.46
N LEU C 591 29.76 7.49 35.92
CA LEU C 591 28.36 7.04 36.08
C LEU C 591 28.06 6.77 37.56
N ASN C 592 29.06 6.32 38.33
CA ASN C 592 28.97 6.09 39.79
C ASN C 592 28.74 7.44 40.49
N GLU C 593 29.54 8.45 40.17
CA GLU C 593 29.45 9.84 40.73
C GLU C 593 28.08 10.44 40.42
N VAL C 594 27.56 10.18 39.20
CA VAL C 594 26.21 10.68 38.74
C VAL C 594 25.13 9.95 39.56
N THR C 595 25.19 8.62 39.63
CA THR C 595 24.25 7.76 40.39
C THR C 595 24.30 8.15 41.88
N HIS C 596 25.51 8.31 42.43
CA HIS C 596 25.78 8.67 43.84
C HIS C 596 24.99 9.94 44.21
N TYR C 597 25.12 11.00 43.42
CA TYR C 597 24.46 12.32 43.63
C TYR C 597 22.96 12.13 43.84
N TYR C 598 22.31 11.36 42.98
CA TYR C 598 20.84 11.15 42.96
C TYR C 598 20.40 10.29 44.16
N LEU C 599 21.26 9.38 44.62
CA LEU C 599 20.94 8.43 45.73
C LEU C 599 21.31 9.06 47.09
N THR C 600 22.04 10.18 47.11
CA THR C 600 22.51 10.85 48.35
C THR C 600 21.89 12.25 48.47
N LYS C 601 22.32 13.20 47.62
CA LYS C 601 21.91 14.63 47.69
C LYS C 601 20.41 14.76 47.38
N GLU C 602 19.91 14.04 46.37
CA GLU C 602 18.50 14.11 45.89
C GLU C 602 17.76 12.82 46.24
N LYS C 603 17.99 12.26 47.43
CA LYS C 603 17.40 10.97 47.86
C LYS C 603 15.94 11.17 48.28
N ASN C 604 15.54 12.41 48.59
CA ASN C 604 14.16 12.78 49.00
C ASN C 604 13.25 12.91 47.76
N ASN C 605 13.84 13.15 46.58
CA ASN C 605 13.09 13.43 45.32
C ASN C 605 13.25 12.25 44.34
N VAL C 606 14.45 11.67 44.23
CA VAL C 606 14.76 10.56 43.28
C VAL C 606 14.31 9.23 43.90
N GLU C 607 13.57 8.42 43.13
CA GLU C 607 13.07 7.07 43.54
C GLU C 607 14.08 6.01 43.08
N SER C 608 14.42 6.01 41.78
CA SER C 608 15.32 5.01 41.15
C SER C 608 16.23 5.67 40.11
N VAL C 609 17.42 5.10 39.90
CA VAL C 609 18.42 5.51 38.87
C VAL C 609 18.80 4.26 38.06
N PHE C 610 18.47 4.26 36.75
CA PHE C 610 18.87 3.21 35.78
C PHE C 610 20.00 3.75 34.90
N ALA C 611 21.24 3.44 35.26
CA ALA C 611 22.47 3.89 34.56
C ALA C 611 22.92 2.83 33.54
N VAL C 612 23.23 3.26 32.32
CA VAL C 612 23.70 2.39 31.20
C VAL C 612 25.09 2.88 30.76
N ASN C 613 26.09 1.99 30.80
CA ASN C 613 27.48 2.25 30.34
C ASN C 613 27.64 1.71 28.92
N GLY C 614 28.11 2.55 27.99
CA GLY C 614 28.37 2.18 26.58
C GLY C 614 27.16 2.38 25.68
N PHE C 615 26.35 3.41 25.98
CA PHE C 615 25.11 3.76 25.23
C PHE C 615 24.69 5.19 25.59
N GLY C 616 24.45 6.02 24.57
CA GLY C 616 24.02 7.43 24.73
C GLY C 616 23.28 7.93 23.50
N PHE C 617 23.04 9.25 23.43
CA PHE C 617 22.33 9.93 22.32
C PHE C 617 23.33 10.51 21.32
N ALA C 618 24.51 10.93 21.79
CA ALA C 618 25.62 11.48 20.97
C ALA C 618 26.59 10.34 20.63
N GLY C 619 26.12 9.31 19.93
CA GLY C 619 26.92 8.18 19.44
C GLY C 619 26.89 6.99 20.38
N ARG C 620 27.82 6.05 20.18
CA ARG C 620 27.95 4.78 20.96
C ARG C 620 29.43 4.50 21.19
N GLY C 621 29.76 3.59 22.11
CA GLY C 621 31.14 3.21 22.45
C GLY C 621 31.41 3.31 23.94
N GLN C 622 32.62 2.89 24.38
CA GLN C 622 33.01 2.71 25.79
C GLN C 622 32.96 4.04 26.56
N ASN C 623 33.22 5.17 25.88
CA ASN C 623 33.36 6.52 26.50
C ASN C 623 32.00 7.23 26.58
N THR C 624 30.89 6.50 26.37
CA THR C 624 29.50 7.04 26.36
C THR C 624 28.69 6.38 27.49
N GLY C 625 27.73 7.12 28.05
CA GLY C 625 26.82 6.63 29.11
C GLY C 625 25.59 7.50 29.23
N ILE C 626 24.51 6.95 29.81
CA ILE C 626 23.22 7.65 30.07
C ILE C 626 22.63 7.12 31.38
N ALA C 627 21.96 8.00 32.13
CA ALA C 627 21.24 7.67 33.39
C ALA C 627 19.77 8.06 33.26
N PHE C 628 18.86 7.08 33.34
CA PHE C 628 17.39 7.26 33.39
C PHE C 628 16.98 7.42 34.87
N VAL C 629 16.53 8.63 35.25
CA VAL C 629 16.12 8.97 36.64
C VAL C 629 14.59 9.05 36.70
N SER C 630 13.98 8.36 37.66
CA SER C 630 12.53 8.43 38.00
C SER C 630 12.37 9.03 39.39
N LEU C 631 11.63 10.13 39.50
CA LEU C 631 11.37 10.85 40.77
C LEU C 631 10.21 10.17 41.51
N LYS C 632 9.99 10.55 42.78
CA LYS C 632 8.88 10.06 43.62
C LYS C 632 7.60 10.78 43.17
N ASP C 633 6.44 10.39 43.72
CA ASP C 633 5.12 10.94 43.33
C ASP C 633 5.10 12.45 43.56
N TRP C 634 4.40 13.19 42.70
CA TRP C 634 4.34 14.68 42.66
C TRP C 634 3.88 15.22 44.02
N ALA C 635 2.98 14.52 44.69
CA ALA C 635 2.42 14.87 46.02
C ALA C 635 3.51 14.87 47.09
N ASP C 636 4.50 13.98 46.98
CA ASP C 636 5.59 13.78 47.97
C ASP C 636 6.73 14.79 47.74
N ARG C 637 6.64 15.61 46.69
CA ARG C 637 7.69 16.59 46.29
C ARG C 637 7.08 17.99 46.17
N PRO C 638 6.63 18.61 47.30
CA PRO C 638 6.10 19.97 47.27
C PRO C 638 7.21 21.02 47.13
N GLY C 639 6.87 22.21 46.63
CA GLY C 639 7.79 23.34 46.43
C GLY C 639 8.42 23.32 45.04
N GLU C 640 8.91 24.48 44.60
CA GLU C 640 9.51 24.68 43.25
C GLU C 640 10.88 23.98 43.18
N GLU C 641 11.61 23.94 44.30
CA GLU C 641 12.99 23.41 44.40
C GLU C 641 13.01 21.88 44.28
N ASN C 642 11.86 21.22 44.47
CA ASN C 642 11.72 19.74 44.44
C ASN C 642 11.15 19.28 43.08
N LYS C 643 11.10 20.17 42.08
CA LYS C 643 10.61 19.87 40.71
C LYS C 643 11.82 19.68 39.78
N VAL C 644 11.57 19.06 38.61
CA VAL C 644 12.62 18.58 37.65
C VAL C 644 13.53 19.75 37.25
N GLU C 645 12.97 20.95 37.04
CA GLU C 645 13.72 22.14 36.56
C GLU C 645 14.84 22.48 37.55
N ALA C 646 14.52 22.52 38.85
CA ALA C 646 15.46 22.87 39.95
C ALA C 646 16.46 21.73 40.17
N ILE C 647 15.99 20.48 40.09
CA ILE C 647 16.81 19.26 40.38
C ILE C 647 17.90 19.12 39.30
N THR C 648 17.53 19.24 38.02
CA THR C 648 18.44 19.12 36.85
C THR C 648 19.41 20.31 36.84
N MET C 649 18.95 21.50 37.25
CA MET C 649 19.77 22.74 37.36
C MET C 649 20.87 22.51 38.41
N ARG C 650 20.50 22.02 39.59
CA ARG C 650 21.42 21.71 40.71
C ARG C 650 22.36 20.56 40.31
N ALA C 651 21.81 19.54 39.65
CA ALA C 651 22.55 18.32 39.19
C ALA C 651 23.63 18.72 38.19
N THR C 652 23.25 19.42 37.13
CA THR C 652 24.14 19.90 36.04
C THR C 652 25.23 20.80 36.63
N ARG C 653 24.86 21.69 37.56
CA ARG C 653 25.79 22.58 38.30
C ARG C 653 26.81 21.73 39.07
N ALA C 654 26.33 20.71 39.79
CA ALA C 654 27.14 19.79 40.62
C ALA C 654 28.08 18.99 39.72
N PHE C 655 27.58 18.48 38.59
CA PHE C 655 28.32 17.58 37.67
C PHE C 655 29.36 18.35 36.85
N SER C 656 29.31 19.68 36.85
CA SER C 656 30.33 20.57 36.22
C SER C 656 31.69 20.37 36.91
N GLN C 657 31.67 20.00 38.19
CA GLN C 657 32.89 19.78 39.03
C GLN C 657 33.58 18.46 38.64
N ILE C 658 32.85 17.52 38.03
CA ILE C 658 33.38 16.19 37.61
C ILE C 658 34.52 16.40 36.61
N LYS C 659 35.61 15.65 36.78
CA LYS C 659 36.92 15.87 36.12
C LYS C 659 36.98 15.07 34.81
N ASP C 660 37.29 15.73 33.70
CA ASP C 660 37.51 15.14 32.34
C ASP C 660 36.27 14.32 31.95
N ALA C 661 35.11 14.98 31.83
CA ALA C 661 33.82 14.37 31.40
C ALA C 661 32.76 15.46 31.20
N MET C 662 32.00 15.37 30.10
CA MET C 662 30.79 16.18 29.83
C MET C 662 29.57 15.46 30.43
N VAL C 663 28.95 16.06 31.46
CA VAL C 663 27.77 15.49 32.18
C VAL C 663 26.69 16.59 32.28
N PHE C 664 25.48 16.30 31.79
CA PHE C 664 24.33 17.25 31.75
C PHE C 664 23.03 16.50 32.08
N ALA C 665 22.36 16.91 33.15
CA ALA C 665 20.98 16.49 33.50
C ALA C 665 20.00 17.48 32.85
N PHE C 666 18.96 16.97 32.19
CA PHE C 666 17.99 17.77 31.39
C PHE C 666 16.59 17.16 31.46
N ASN C 667 15.57 18.03 31.45
CA ASN C 667 14.13 17.67 31.37
C ASN C 667 13.80 17.24 29.94
N LEU C 668 12.67 16.56 29.74
CA LEU C 668 12.18 16.12 28.40
C LEU C 668 11.48 17.30 27.73
N PRO C 669 11.42 17.36 26.39
CA PRO C 669 10.63 18.35 25.69
C PRO C 669 9.14 17.98 25.70
N ALA C 670 8.31 18.73 24.95
CA ALA C 670 6.86 18.49 24.79
C ALA C 670 6.64 17.42 23.71
N ILE C 671 7.20 17.63 22.52
CA ILE C 671 7.16 16.65 21.38
C ILE C 671 8.40 15.75 21.51
N VAL C 672 8.28 14.70 22.33
CA VAL C 672 9.38 13.74 22.69
C VAL C 672 9.85 12.99 21.43
N GLU C 673 8.98 12.88 20.41
CA GLU C 673 9.25 12.15 19.13
C GLU C 673 10.40 12.82 18.37
N LEU C 674 10.52 14.16 18.46
CA LEU C 674 11.53 14.96 17.73
C LEU C 674 12.81 15.08 18.58
N GLY C 675 12.73 15.81 19.70
CA GLY C 675 13.87 16.14 20.57
C GLY C 675 14.03 15.15 21.71
N THR C 676 15.28 14.90 22.13
CA THR C 676 15.64 14.02 23.28
C THR C 676 15.64 14.86 24.57
N ALA C 677 16.15 16.09 24.51
CA ALA C 677 16.30 17.02 25.65
C ALA C 677 15.51 18.32 25.37
N THR C 678 15.17 19.04 26.44
CA THR C 678 14.51 20.38 26.41
C THR C 678 15.48 21.43 25.84
N GLY C 679 14.96 22.62 25.53
CA GLY C 679 15.75 23.75 24.98
C GLY C 679 15.65 23.82 23.47
N PHE C 680 16.74 24.22 22.80
CA PHE C 680 16.81 24.40 21.32
C PHE C 680 17.66 23.30 20.70
N ASP C 681 17.48 23.09 19.39
CA ASP C 681 18.17 22.05 18.58
C ASP C 681 18.75 22.71 17.32
N PHE C 682 20.05 23.00 17.34
CA PHE C 682 20.79 23.78 16.31
C PHE C 682 21.65 22.83 15.47
N GLU C 683 21.71 23.07 14.15
CA GLU C 683 22.55 22.31 13.18
C GLU C 683 23.50 23.29 12.49
N LEU C 684 24.82 23.09 12.67
CA LEU C 684 25.89 23.87 12.00
C LEU C 684 26.33 23.12 10.73
N ILE C 685 26.07 23.71 9.56
CA ILE C 685 26.19 23.02 8.23
C ILE C 685 27.41 23.58 7.48
N ASP C 686 28.20 22.70 6.87
CA ASP C 686 29.32 23.02 5.95
C ASP C 686 28.77 23.11 4.53
N GLN C 687 28.59 24.33 4.00
CA GLN C 687 27.85 24.62 2.75
C GLN C 687 28.80 25.11 1.65
N ALA C 688 30.12 24.94 1.83
CA ALA C 688 31.16 25.36 0.86
C ALA C 688 32.31 24.35 0.81
N GLY C 689 32.03 23.07 1.07
CA GLY C 689 33.01 21.96 1.07
C GLY C 689 34.31 22.35 1.75
N LEU C 690 34.21 22.97 2.94
CA LEU C 690 35.37 23.45 3.75
C LEU C 690 36.14 22.26 4.31
N GLY C 691 35.43 21.23 4.77
CA GLY C 691 36.00 19.99 5.34
C GLY C 691 35.59 19.80 6.79
N HIS C 692 35.97 18.67 7.39
CA HIS C 692 35.63 18.28 8.79
C HIS C 692 36.42 19.16 9.78
N GLU C 693 37.72 19.35 9.53
CA GLU C 693 38.66 20.05 10.44
C GLU C 693 38.23 21.51 10.62
N LYS C 694 37.85 22.18 9.51
CA LYS C 694 37.41 23.60 9.51
C LYS C 694 36.04 23.74 10.18
N LEU C 695 35.14 22.77 9.98
CA LEU C 695 33.77 22.77 10.57
C LEU C 695 33.86 22.60 12.09
N THR C 696 34.86 21.85 12.58
CA THR C 696 35.16 21.66 14.02
C THR C 696 35.60 22.99 14.64
N GLN C 697 36.48 23.72 13.93
CA GLN C 697 37.00 25.05 14.34
C GLN C 697 35.85 26.05 14.42
N ALA C 698 34.95 26.03 13.42
CA ALA C 698 33.73 26.88 13.34
C ALA C 698 32.83 26.60 14.55
N ARG C 699 32.64 25.32 14.88
CA ARG C 699 31.84 24.85 16.04
C ARG C 699 32.48 25.36 17.35
N ASN C 700 33.79 25.17 17.49
CA ASN C 700 34.59 25.58 18.69
C ASN C 700 34.51 27.09 18.86
N GLN C 701 34.48 27.85 17.75
CA GLN C 701 34.37 29.33 17.74
C GLN C 701 32.99 29.74 18.28
N LEU C 702 31.92 29.09 17.80
CA LEU C 702 30.51 29.37 18.19
C LEU C 702 30.31 29.02 19.67
N LEU C 703 30.80 27.86 20.11
CA LEU C 703 30.68 27.36 21.51
C LEU C 703 31.37 28.34 22.48
N ALA C 704 32.52 28.89 22.08
CA ALA C 704 33.32 29.87 22.85
C ALA C 704 32.53 31.18 23.03
N GLU C 705 31.84 31.61 21.96
CA GLU C 705 31.01 32.85 21.95
C GLU C 705 29.75 32.64 22.79
N ALA C 706 29.17 31.43 22.75
CA ALA C 706 27.95 31.04 23.52
C ALA C 706 28.27 31.07 25.02
N ALA C 707 29.50 30.68 25.41
CA ALA C 707 29.97 30.61 26.81
C ALA C 707 30.11 32.02 27.39
N LYS C 708 30.36 33.03 26.54
CA LYS C 708 30.48 34.46 26.94
C LYS C 708 29.13 35.02 27.40
N HIS C 709 28.02 34.33 27.07
CA HIS C 709 26.63 34.73 27.40
C HIS C 709 25.99 33.70 28.34
N PRO C 710 26.39 33.67 29.64
CA PRO C 710 25.73 32.81 30.62
C PRO C 710 24.35 33.35 31.03
N ASP C 711 24.11 34.66 30.82
CA ASP C 711 22.85 35.37 31.11
C ASP C 711 21.72 34.84 30.21
N MET C 712 22.06 34.35 29.01
CA MET C 712 21.08 33.93 27.97
C MET C 712 21.13 32.42 27.76
N LEU C 713 22.32 31.84 27.56
CA LEU C 713 22.52 30.42 27.17
C LEU C 713 23.20 29.65 28.31
N THR C 714 22.70 28.44 28.61
CA THR C 714 23.30 27.47 29.57
C THR C 714 23.15 26.05 29.00
N SER C 715 24.04 25.14 29.43
CA SER C 715 24.10 23.72 29.01
C SER C 715 24.27 23.62 27.48
N VAL C 716 25.01 24.56 26.88
CA VAL C 716 25.33 24.55 25.42
C VAL C 716 26.40 23.49 25.18
N ARG C 717 26.12 22.53 24.29
CA ARG C 717 26.93 21.30 24.11
C ARG C 717 26.73 20.73 22.71
N PRO C 718 27.78 20.18 22.06
CA PRO C 718 27.61 19.42 20.83
C PRO C 718 27.06 18.02 21.11
N ASN C 719 26.07 17.58 20.33
CA ASN C 719 25.48 16.21 20.39
C ASN C 719 26.28 15.31 19.44
N GLY C 720 27.57 15.12 19.73
CA GLY C 720 28.52 14.37 18.89
C GLY C 720 29.83 14.10 19.61
N LEU C 721 30.70 13.30 18.99
CA LEU C 721 32.00 12.83 19.56
C LEU C 721 33.15 13.66 18.97
N GLU C 722 34.27 13.71 19.70
CA GLU C 722 35.53 14.37 19.26
C GLU C 722 36.36 13.35 18.46
N ASP C 723 37.34 13.83 17.69
CA ASP C 723 38.25 12.99 16.87
C ASP C 723 39.01 12.03 17.79
N THR C 724 39.00 10.73 17.45
CA THR C 724 39.64 9.63 18.21
C THR C 724 40.97 9.25 17.56
N PRO C 725 42.02 8.94 18.34
CA PRO C 725 43.23 8.33 17.77
C PRO C 725 42.91 6.96 17.15
N GLN C 726 43.46 6.70 15.96
CA GLN C 726 43.25 5.45 15.19
C GLN C 726 44.60 4.75 15.01
N PHE C 727 44.63 3.42 15.18
CA PHE C 727 45.85 2.57 15.05
C PHE C 727 45.87 1.95 13.65
N LYS C 728 46.56 2.60 12.71
CA LYS C 728 46.71 2.15 11.30
C LYS C 728 47.81 1.09 11.23
N ILE C 729 47.46 -0.11 10.75
CA ILE C 729 48.39 -1.27 10.59
C ILE C 729 48.45 -1.64 9.11
N ASP C 730 49.65 -1.57 8.51
CA ASP C 730 49.92 -1.82 7.08
C ASP C 730 50.51 -3.23 6.92
N ILE C 731 49.81 -4.11 6.20
CA ILE C 731 50.27 -5.49 5.85
C ILE C 731 51.07 -5.41 4.55
N ASP C 732 52.39 -5.61 4.63
CA ASP C 732 53.30 -5.68 3.45
C ASP C 732 53.05 -7.01 2.72
N GLN C 733 52.20 -6.98 1.69
CA GLN C 733 51.73 -8.18 0.95
C GLN C 733 52.89 -8.77 0.12
N GLU C 734 53.89 -7.97 -0.23
CA GLU C 734 55.11 -8.40 -0.95
C GLU C 734 55.96 -9.26 -0.03
N LYS C 735 56.13 -8.85 1.24
CA LYS C 735 56.86 -9.59 2.29
C LYS C 735 56.10 -10.88 2.64
N ALA C 736 54.76 -10.79 2.74
CA ALA C 736 53.85 -11.92 3.03
C ALA C 736 54.05 -13.03 2.00
N GLN C 737 54.01 -12.68 0.71
CA GLN C 737 54.20 -13.59 -0.44
C GLN C 737 55.59 -14.25 -0.36
N ALA C 738 56.62 -13.45 -0.08
CA ALA C 738 58.04 -13.87 -0.01
C ALA C 738 58.25 -14.92 1.10
N LEU C 739 57.49 -14.81 2.20
CA LEU C 739 57.55 -15.73 3.37
C LEU C 739 56.61 -16.92 3.15
N GLY C 740 55.71 -16.84 2.16
CA GLY C 740 54.78 -17.91 1.76
C GLY C 740 53.48 -17.86 2.56
N VAL C 741 53.06 -16.66 2.97
CA VAL C 741 51.84 -16.40 3.79
C VAL C 741 50.77 -15.77 2.90
N SER C 742 49.59 -16.39 2.81
CA SER C 742 48.41 -15.87 2.08
C SER C 742 47.81 -14.69 2.85
N ILE C 743 47.29 -13.69 2.12
CA ILE C 743 46.78 -12.41 2.69
C ILE C 743 45.41 -12.68 3.34
N ASN C 744 44.67 -13.68 2.83
CA ASN C 744 43.34 -14.10 3.35
C ASN C 744 43.49 -14.59 4.80
N ASP C 745 44.52 -15.39 5.06
CA ASP C 745 44.81 -15.96 6.40
C ASP C 745 45.28 -14.85 7.36
N ILE C 746 46.01 -13.86 6.83
CA ILE C 746 46.50 -12.66 7.61
C ILE C 746 45.28 -11.82 8.02
N ASN C 747 44.43 -11.48 7.04
CA ASN C 747 43.23 -10.61 7.24
C ASN C 747 42.27 -11.27 8.23
N THR C 748 42.10 -12.59 8.14
CA THR C 748 41.17 -13.38 8.99
C THR C 748 41.71 -13.46 10.42
N THR C 749 43.00 -13.79 10.58
CA THR C 749 43.70 -13.87 11.89
C THR C 749 43.56 -12.52 12.62
N LEU C 750 44.00 -11.43 11.98
CA LEU C 750 43.92 -10.05 12.50
C LEU C 750 42.45 -9.69 12.77
N GLY C 751 41.58 -9.91 11.78
CA GLY C 751 40.13 -9.60 11.84
C GLY C 751 39.44 -10.32 12.98
N ALA C 752 39.59 -11.65 13.05
CA ALA C 752 38.92 -12.53 14.03
C ALA C 752 39.41 -12.26 15.45
N ALA C 753 40.73 -12.05 15.62
CA ALA C 753 41.40 -11.89 16.93
C ALA C 753 40.92 -10.62 17.63
N TRP C 754 41.19 -9.45 17.03
CA TRP C 754 41.03 -8.12 17.67
C TRP C 754 39.58 -7.62 17.56
N GLY C 755 38.88 -7.95 16.48
CA GLY C 755 37.52 -7.48 16.18
C GLY C 755 36.44 -8.50 16.53
N GLY C 756 36.78 -9.79 16.52
CA GLY C 756 35.82 -10.90 16.62
C GLY C 756 35.36 -11.34 15.23
N SER C 757 34.69 -12.49 15.13
CA SER C 757 34.17 -13.06 13.86
C SER C 757 32.97 -13.96 14.15
N TYR C 758 31.80 -13.61 13.58
CA TYR C 758 30.53 -14.40 13.65
C TYR C 758 30.63 -15.55 12.64
N VAL C 759 30.83 -16.78 13.14
CA VAL C 759 31.14 -17.99 12.33
C VAL C 759 29.84 -18.57 11.78
N ASN C 760 28.96 -19.05 12.67
CA ASN C 760 27.65 -19.67 12.33
C ASN C 760 26.75 -19.65 13.56
N ASP C 761 25.54 -20.22 13.46
CA ASP C 761 24.54 -20.26 14.57
C ASP C 761 24.66 -21.60 15.31
N PHE C 762 24.07 -21.68 16.50
CA PHE C 762 23.93 -22.90 17.34
C PHE C 762 22.62 -22.81 18.13
N ILE C 763 22.14 -23.93 18.68
CA ILE C 763 20.85 -24.04 19.42
C ILE C 763 21.13 -24.06 20.92
N ASP C 764 20.69 -23.03 21.64
CA ASP C 764 20.84 -22.88 23.12
C ASP C 764 19.46 -23.03 23.76
N ARG C 765 19.19 -24.18 24.38
CA ARG C 765 17.90 -24.53 25.03
C ARG C 765 16.75 -24.29 24.04
N GLY C 766 16.90 -24.78 22.81
CA GLY C 766 15.87 -24.74 21.75
C GLY C 766 15.65 -23.34 21.19
N ARG C 767 16.72 -22.53 21.08
CA ARG C 767 16.69 -21.19 20.45
C ARG C 767 17.99 -20.98 19.66
N VAL C 768 17.88 -20.46 18.43
CA VAL C 768 19.03 -20.15 17.53
C VAL C 768 19.78 -18.94 18.11
N LYS C 769 21.10 -19.08 18.30
CA LYS C 769 21.99 -18.00 18.79
C LYS C 769 23.33 -18.09 18.02
N LYS C 770 24.15 -17.04 18.11
CA LYS C 770 25.38 -16.86 17.29
C LYS C 770 26.55 -17.61 17.92
N VAL C 771 27.58 -17.89 17.12
CA VAL C 771 28.91 -18.44 17.55
C VAL C 771 29.97 -17.41 17.18
N TYR C 772 30.80 -17.00 18.14
CA TYR C 772 31.87 -15.97 17.98
C TYR C 772 33.22 -16.57 18.35
N VAL C 773 34.21 -16.44 17.46
CA VAL C 773 35.66 -16.65 17.75
C VAL C 773 36.30 -15.27 17.90
N MET C 774 37.13 -15.09 18.93
CA MET C 774 37.81 -13.81 19.25
C MET C 774 39.03 -14.11 20.13
N SER C 775 40.00 -13.20 20.16
CA SER C 775 41.18 -13.25 21.07
C SER C 775 40.71 -13.10 22.52
N GLU C 776 41.32 -13.84 23.44
CA GLU C 776 41.13 -13.67 24.91
C GLU C 776 41.65 -12.28 25.29
N ALA C 777 40.91 -11.57 26.15
CA ALA C 777 41.10 -10.14 26.51
C ALA C 777 42.59 -9.76 26.47
N LYS C 778 43.44 -10.49 27.20
CA LYS C 778 44.83 -10.08 27.54
C LYS C 778 45.73 -10.01 26.30
N TYR C 779 45.37 -10.70 25.21
CA TYR C 779 46.18 -10.81 23.98
C TYR C 779 45.70 -9.82 22.91
N ARG C 780 44.80 -8.88 23.25
CA ARG C 780 44.26 -7.87 22.30
C ARG C 780 44.05 -6.53 23.01
N MET C 781 44.97 -6.14 23.90
CA MET C 781 44.87 -4.90 24.73
C MET C 781 45.84 -3.83 24.21
N LEU C 782 47.10 -4.20 23.94
CA LEU C 782 48.23 -3.26 23.68
C LEU C 782 48.74 -3.42 22.26
N PRO C 783 49.29 -2.34 21.64
CA PRO C 783 49.85 -2.41 20.28
C PRO C 783 50.88 -3.53 20.04
N ASP C 784 51.74 -3.81 21.03
CA ASP C 784 52.86 -4.78 20.92
C ASP C 784 52.32 -6.20 20.86
N ASP C 785 51.07 -6.44 21.30
CA ASP C 785 50.41 -7.77 21.30
C ASP C 785 50.11 -8.21 19.86
N ILE C 786 50.16 -7.29 18.88
CA ILE C 786 49.97 -7.56 17.42
C ILE C 786 51.00 -8.62 16.98
N GLY C 787 52.26 -8.47 17.40
CA GLY C 787 53.40 -9.33 17.00
C GLY C 787 53.33 -10.72 17.59
N ASP C 788 52.49 -10.93 18.62
CA ASP C 788 52.32 -12.24 19.33
C ASP C 788 51.55 -13.23 18.45
N TRP C 789 50.83 -12.73 17.44
CA TRP C 789 49.97 -13.56 16.54
C TRP C 789 50.79 -14.10 15.36
N TYR C 790 50.66 -15.40 15.10
CA TYR C 790 51.39 -16.15 14.05
C TYR C 790 50.39 -16.67 13.01
N VAL C 791 50.80 -16.67 11.73
CA VAL C 791 50.05 -17.23 10.57
C VAL C 791 50.92 -18.31 9.92
N ARG C 792 50.33 -19.43 9.53
CA ARG C 792 51.05 -20.59 8.93
C ARG C 792 51.31 -20.31 7.44
N ALA C 793 52.53 -20.61 6.97
CA ALA C 793 52.97 -20.46 5.56
C ALA C 793 52.74 -21.79 4.82
N ALA C 794 53.09 -21.84 3.53
CA ALA C 794 52.94 -23.02 2.64
C ALA C 794 53.84 -24.17 3.13
N ASP C 795 55.03 -23.85 3.65
CA ASP C 795 56.03 -24.84 4.14
C ASP C 795 55.69 -25.32 5.55
N GLY C 796 54.73 -24.66 6.21
CA GLY C 796 54.20 -25.06 7.53
C GLY C 796 54.87 -24.32 8.69
N GLN C 797 55.80 -23.42 8.39
CA GLN C 797 56.50 -22.57 9.40
C GLN C 797 55.60 -21.40 9.80
N MET C 798 55.49 -21.13 11.10
CA MET C 798 54.63 -20.07 11.68
C MET C 798 55.39 -18.73 11.63
N VAL C 799 54.77 -17.69 11.07
CA VAL C 799 55.38 -16.35 10.82
C VAL C 799 54.66 -15.33 11.71
N PRO C 800 55.41 -14.55 12.54
CA PRO C 800 54.78 -13.50 13.36
C PRO C 800 54.41 -12.28 12.53
N PHE C 801 53.45 -11.47 13.02
CA PHE C 801 52.92 -10.26 12.34
C PHE C 801 54.04 -9.21 12.18
N SER C 802 55.00 -9.18 13.11
CA SER C 802 56.18 -8.27 13.10
C SER C 802 57.02 -8.48 11.83
N ALA C 803 56.91 -9.66 11.20
CA ALA C 803 57.69 -10.06 10.00
C ALA C 803 57.16 -9.38 8.73
N PHE C 804 55.86 -9.08 8.67
CA PHE C 804 55.18 -8.58 7.44
C PHE C 804 54.19 -7.43 7.76
N SER C 805 54.33 -6.76 8.91
CA SER C 805 53.42 -5.66 9.32
C SER C 805 54.19 -4.57 10.08
N SER C 806 53.82 -3.31 9.83
CA SER C 806 54.21 -2.10 10.60
C SER C 806 52.95 -1.34 11.00
N SER C 807 53.05 -0.38 11.93
CA SER C 807 51.90 0.38 12.49
C SER C 807 52.29 1.84 12.75
N ARG C 808 51.29 2.73 12.82
CA ARG C 808 51.43 4.17 13.12
C ARG C 808 50.10 4.72 13.62
N TRP C 809 50.13 5.84 14.35
CA TRP C 809 48.92 6.51 14.93
C TRP C 809 48.41 7.58 13.96
N GLU C 810 47.10 7.56 13.68
CA GLU C 810 46.38 8.58 12.88
C GLU C 810 45.20 9.11 13.70
N TYR C 811 44.47 10.09 13.17
CA TYR C 811 43.27 10.70 13.80
C TYR C 811 42.14 10.80 12.76
N GLY C 812 40.89 10.76 13.23
CA GLY C 812 39.67 10.82 12.41
C GLY C 812 38.42 10.78 13.26
N SER C 813 37.31 11.29 12.75
CA SER C 813 36.00 11.35 13.44
C SER C 813 35.48 9.95 13.68
N PRO C 814 35.03 9.62 14.92
CA PRO C 814 34.33 8.35 15.18
C PRO C 814 32.81 8.46 14.96
N ARG C 815 32.33 9.64 14.53
CA ARG C 815 30.90 9.91 14.24
C ARG C 815 30.78 11.16 13.35
N LEU C 816 30.61 10.95 12.04
CA LEU C 816 30.43 12.03 11.02
C LEU C 816 28.94 12.26 10.78
N GLU C 817 28.44 13.46 11.11
CA GLU C 817 27.00 13.85 10.99
C GLU C 817 26.79 14.55 9.65
N ARG C 818 25.56 14.49 9.12
CA ARG C 818 25.13 15.16 7.87
C ARG C 818 23.68 15.65 8.04
N TYR C 819 23.40 16.89 7.62
CA TYR C 819 22.04 17.51 7.64
C TYR C 819 21.70 18.00 6.22
N ASN C 820 20.60 17.48 5.67
CA ASN C 820 20.13 17.75 4.28
C ASN C 820 21.29 17.50 3.30
N GLY C 821 22.01 16.39 3.48
CA GLY C 821 23.02 15.89 2.52
C GLY C 821 24.41 16.48 2.71
N LEU C 822 24.55 17.56 3.49
CA LEU C 822 25.84 18.29 3.68
C LEU C 822 26.41 17.99 5.06
N PRO C 823 27.76 18.02 5.23
CA PRO C 823 28.37 17.77 6.53
C PRO C 823 27.88 18.77 7.58
N SER C 824 27.51 18.27 8.77
CA SER C 824 26.87 19.06 9.86
C SER C 824 27.44 18.68 11.22
N MET C 825 27.06 19.45 12.26
CA MET C 825 27.33 19.17 13.69
C MET C 825 26.17 19.71 14.53
N GLU C 826 25.42 18.81 15.17
CA GLU C 826 24.23 19.14 16.00
C GLU C 826 24.71 19.75 17.33
N ILE C 827 24.20 20.92 17.69
CA ILE C 827 24.47 21.63 18.98
C ILE C 827 23.16 21.77 19.75
N LEU C 828 23.08 21.16 20.93
CA LEU C 828 21.94 21.31 21.88
C LEU C 828 22.27 22.42 22.89
N GLY C 829 21.24 22.92 23.59
CA GLY C 829 21.39 23.99 24.60
C GLY C 829 20.05 24.43 25.16
N GLN C 830 20.06 25.03 26.34
CA GLN C 830 18.87 25.56 27.05
C GLN C 830 18.96 27.08 27.14
N ALA C 831 17.81 27.75 27.27
CA ALA C 831 17.71 29.18 27.61
C ALA C 831 17.89 29.33 29.13
N ALA C 832 18.69 30.32 29.56
CA ALA C 832 19.04 30.57 30.99
C ALA C 832 17.77 30.87 31.78
N PRO C 833 17.78 30.70 33.13
CA PRO C 833 16.62 31.02 33.96
C PRO C 833 16.14 32.47 33.76
N GLY C 834 14.85 32.65 33.48
CA GLY C 834 14.22 33.97 33.23
C GLY C 834 14.13 34.31 31.76
N LYS C 835 14.81 33.54 30.90
CA LYS C 835 14.83 33.71 29.42
C LYS C 835 13.98 32.61 28.77
N SER C 836 13.51 32.85 27.54
CA SER C 836 12.72 31.89 26.72
C SER C 836 13.61 31.28 25.63
N THR C 837 13.17 30.17 25.03
CA THR C 837 13.86 29.46 23.92
C THR C 837 13.98 30.42 22.72
N GLY C 838 12.96 31.24 22.48
CA GLY C 838 12.93 32.25 21.41
C GLY C 838 14.07 33.24 21.53
N GLU C 839 14.33 33.74 22.75
CA GLU C 839 15.44 34.69 23.06
C GLU C 839 16.78 33.99 22.85
N ALA C 840 16.89 32.72 23.24
CA ALA C 840 18.09 31.87 23.08
C ALA C 840 18.35 31.63 21.58
N MET C 841 17.30 31.24 20.84
CA MET C 841 17.34 31.03 19.37
C MET C 841 17.82 32.32 18.68
N GLU C 842 17.35 33.48 19.15
CA GLU C 842 17.66 34.81 18.56
C GLU C 842 19.16 35.11 18.70
N LEU C 843 19.74 34.86 19.88
CA LEU C 843 21.19 35.09 20.17
C LEU C 843 22.04 34.10 19.36
N MET C 844 21.64 32.83 19.30
CA MET C 844 22.34 31.76 18.55
C MET C 844 22.43 32.15 17.07
N GLU C 845 21.38 32.73 16.50
CA GLU C 845 21.32 33.21 15.10
C GLU C 845 22.32 34.36 14.90
N GLN C 846 22.41 35.28 15.87
CA GLN C 846 23.32 36.45 15.86
C GLN C 846 24.78 35.97 15.91
N LEU C 847 25.07 34.99 16.77
CA LEU C 847 26.42 34.39 16.94
C LEU C 847 26.79 33.62 15.66
N ALA C 848 25.82 32.91 15.07
CA ALA C 848 25.99 32.08 13.85
C ALA C 848 26.39 32.97 12.66
N SER C 849 25.86 34.20 12.59
CA SER C 849 26.08 35.16 11.48
C SER C 849 27.54 35.63 11.45
N LYS C 850 28.24 35.58 12.59
CA LYS C 850 29.63 36.07 12.75
C LYS C 850 30.63 34.92 12.53
N LEU C 851 30.18 33.76 12.06
CA LEU C 851 31.03 32.58 11.76
C LEU C 851 31.60 32.70 10.35
N PRO C 852 32.69 31.97 10.01
CA PRO C 852 33.35 32.11 8.71
C PRO C 852 32.43 31.89 7.49
N THR C 853 32.81 32.47 6.35
CA THR C 853 32.13 32.30 5.03
C THR C 853 32.13 30.81 4.66
N GLY C 854 30.99 30.30 4.18
CA GLY C 854 30.79 28.89 3.79
C GLY C 854 30.09 28.09 4.89
N VAL C 855 30.14 28.58 6.14
CA VAL C 855 29.51 27.93 7.32
C VAL C 855 28.14 28.59 7.57
N GLY C 856 27.06 27.92 7.17
CA GLY C 856 25.67 28.31 7.49
C GLY C 856 25.13 27.51 8.66
N TYR C 857 23.80 27.52 8.85
CA TYR C 857 23.11 26.79 9.93
C TYR C 857 21.64 26.58 9.57
N ASP C 858 20.93 25.79 10.39
CA ASP C 858 19.45 25.61 10.34
C ASP C 858 18.96 25.12 11.70
N TRP C 859 17.68 25.33 12.01
CA TRP C 859 16.98 24.80 13.20
C TRP C 859 16.26 23.50 12.82
N THR C 860 16.38 22.46 13.65
CA THR C 860 15.83 21.10 13.39
C THR C 860 14.90 20.69 14.54
N GLY C 861 14.15 19.60 14.34
CA GLY C 861 13.26 18.98 15.34
C GLY C 861 12.38 19.99 16.06
N MET C 862 12.67 20.24 17.34
CA MET C 862 11.81 21.02 18.27
C MET C 862 11.87 22.52 17.90
N SER C 863 13.06 23.02 17.56
CA SER C 863 13.31 24.44 17.21
C SER C 863 12.69 24.77 15.84
N TYR C 864 12.69 23.80 14.91
CA TYR C 864 12.07 23.91 13.57
C TYR C 864 10.57 24.21 13.73
N GLN C 865 9.90 23.50 14.63
CA GLN C 865 8.44 23.65 14.93
C GLN C 865 8.19 25.01 15.58
N GLU C 866 9.10 25.46 16.44
CA GLU C 866 9.01 26.75 17.18
C GLU C 866 9.10 27.92 16.18
N ARG C 867 10.11 27.89 15.29
CA ARG C 867 10.32 28.90 14.22
C ARG C 867 9.07 28.96 13.33
N LEU C 868 8.54 27.80 12.93
CA LEU C 868 7.36 27.65 12.05
C LEU C 868 6.13 28.28 12.74
N SER C 869 5.92 27.95 14.02
CA SER C 869 4.78 28.41 14.86
C SER C 869 4.74 29.95 14.89
N GLY C 870 5.88 30.59 15.10
CA GLY C 870 6.02 32.06 15.21
C GLY C 870 5.91 32.76 13.87
N ASN C 871 6.35 32.10 12.79
CA ASN C 871 6.36 32.66 11.40
C ASN C 871 4.93 32.78 10.86
N GLN C 872 4.06 31.82 11.19
CA GLN C 872 2.68 31.70 10.63
C GLN C 872 1.67 32.42 11.54
N ALA C 873 2.09 32.88 12.73
CA ALA C 873 1.22 33.48 13.76
C ALA C 873 0.56 34.76 13.24
N PRO C 874 1.31 35.71 12.61
CA PRO C 874 0.71 36.93 12.08
C PRO C 874 -0.39 36.66 11.04
N SER C 875 -0.11 35.78 10.07
CA SER C 875 -1.06 35.34 9.01
C SER C 875 -2.35 34.82 9.66
N LEU C 876 -2.22 33.99 10.70
CA LEU C 876 -3.35 33.33 11.42
C LEU C 876 -4.26 34.39 12.06
N TYR C 877 -3.68 35.41 12.70
CA TYR C 877 -4.42 36.52 13.36
C TYR C 877 -5.16 37.32 12.30
N ALA C 878 -4.51 37.63 11.18
CA ALA C 878 -5.04 38.43 10.05
C ALA C 878 -6.29 37.76 9.46
N ILE C 879 -6.16 36.51 9.02
CA ILE C 879 -7.25 35.73 8.38
C ILE C 879 -8.40 35.53 9.39
N SER C 880 -8.08 35.31 10.67
CA SER C 880 -9.05 35.11 11.77
C SER C 880 -9.93 36.36 11.93
N LEU C 881 -9.32 37.55 11.93
CA LEU C 881 -10.01 38.85 12.09
C LEU C 881 -10.94 39.09 10.88
N ILE C 882 -10.42 38.90 9.67
CA ILE C 882 -11.15 39.11 8.38
C ILE C 882 -12.42 38.24 8.36
N VAL C 883 -12.30 36.97 8.76
CA VAL C 883 -13.42 35.98 8.78
C VAL C 883 -14.50 36.47 9.75
N VAL C 884 -14.10 36.88 10.97
CA VAL C 884 -15.03 37.36 12.03
C VAL C 884 -15.75 38.61 11.54
N PHE C 885 -15.03 39.51 10.85
CA PHE C 885 -15.55 40.78 10.29
C PHE C 885 -16.61 40.49 9.23
N LEU C 886 -16.28 39.66 8.24
CA LEU C 886 -17.18 39.29 7.11
C LEU C 886 -18.42 38.57 7.64
N CYS C 887 -18.24 37.69 8.64
CA CYS C 887 -19.33 36.95 9.34
C CYS C 887 -20.33 37.93 9.95
N LEU C 888 -19.84 38.95 10.66
CA LEU C 888 -20.67 40.01 11.29
C LEU C 888 -21.39 40.83 10.20
N ALA C 889 -20.64 41.25 9.17
CA ALA C 889 -21.14 42.07 8.03
C ALA C 889 -22.32 41.37 7.36
N ALA C 890 -22.29 40.04 7.26
CA ALA C 890 -23.35 39.20 6.65
C ALA C 890 -24.59 39.16 7.54
N LEU C 891 -24.41 39.06 8.86
CA LEU C 891 -25.51 38.89 9.86
C LEU C 891 -26.25 40.23 10.04
N TYR C 892 -25.51 41.33 10.15
CA TYR C 892 -26.04 42.68 10.52
C TYR C 892 -26.38 43.49 9.26
N GLU C 893 -26.00 43.00 8.07
CA GLU C 893 -26.25 43.67 6.77
C GLU C 893 -25.70 45.10 6.87
N SER C 894 -24.41 45.23 7.17
CA SER C 894 -23.71 46.52 7.42
C SER C 894 -22.19 46.35 7.29
N TRP C 895 -21.48 47.43 6.95
CA TRP C 895 -20.00 47.53 6.99
C TRP C 895 -19.57 48.26 8.28
N SER C 896 -20.42 49.16 8.78
CA SER C 896 -20.13 50.07 9.93
C SER C 896 -20.28 49.34 11.27
N ILE C 897 -21.35 48.55 11.44
CA ILE C 897 -21.67 47.81 12.70
C ILE C 897 -20.54 46.81 12.99
N PRO C 898 -20.12 45.97 12.02
CA PRO C 898 -18.95 45.11 12.21
C PRO C 898 -17.69 45.87 12.65
N PHE C 899 -17.42 47.03 12.03
CA PHE C 899 -16.24 47.89 12.33
C PHE C 899 -16.31 48.38 13.78
N SER C 900 -17.51 48.72 14.26
CA SER C 900 -17.78 49.15 15.66
C SER C 900 -17.44 48.01 16.64
N VAL C 901 -17.72 46.76 16.25
CA VAL C 901 -17.48 45.53 17.08
C VAL C 901 -15.99 45.19 17.04
N MET C 902 -15.37 45.15 15.84
CA MET C 902 -13.97 44.71 15.64
C MET C 902 -12.98 45.65 16.34
N LEU C 903 -13.38 46.90 16.63
CA LEU C 903 -12.55 47.91 17.35
C LEU C 903 -12.36 47.53 18.82
N VAL C 904 -13.17 46.59 19.34
CA VAL C 904 -13.14 46.16 20.78
C VAL C 904 -12.06 45.09 21.00
N VAL C 905 -11.42 44.62 19.92
CA VAL C 905 -10.43 43.50 19.94
C VAL C 905 -9.17 43.93 20.70
N PRO C 906 -8.53 45.08 20.36
CA PRO C 906 -7.35 45.54 21.10
C PRO C 906 -7.56 45.72 22.61
N LEU C 907 -8.79 46.04 23.04
CA LEU C 907 -9.15 46.20 24.48
C LEU C 907 -8.98 44.86 25.21
N GLY C 908 -9.22 43.75 24.51
CA GLY C 908 -9.03 42.38 25.03
C GLY C 908 -7.58 41.93 24.95
N VAL C 909 -6.94 42.13 23.79
CA VAL C 909 -5.58 41.62 23.47
C VAL C 909 -4.57 42.20 24.46
N ILE C 910 -4.69 43.48 24.82
CA ILE C 910 -3.78 44.18 25.78
C ILE C 910 -3.85 43.49 27.14
N GLY C 911 -5.03 43.01 27.55
CA GLY C 911 -5.26 42.31 28.83
C GLY C 911 -4.52 40.98 28.90
N ALA C 912 -4.55 40.21 27.81
CA ALA C 912 -3.84 38.92 27.65
C ALA C 912 -2.33 39.16 27.76
N LEU C 913 -1.83 40.21 27.10
CA LEU C 913 -0.39 40.59 27.10
C LEU C 913 0.05 40.99 28.51
N LEU C 914 -0.76 41.78 29.22
CA LEU C 914 -0.49 42.23 30.62
C LEU C 914 -0.36 41.01 31.53
N ALA C 915 -1.40 40.16 31.56
CA ALA C 915 -1.48 38.94 32.39
C ALA C 915 -0.24 38.06 32.16
N ALA C 916 0.11 37.81 30.89
CA ALA C 916 1.26 36.98 30.47
C ALA C 916 2.57 37.64 30.91
N THR C 917 2.71 38.95 30.67
CA THR C 917 3.94 39.75 30.95
C THR C 917 4.23 39.78 32.46
N PHE C 918 3.19 39.91 33.29
CA PHE C 918 3.29 40.12 34.76
C PHE C 918 3.30 38.79 35.51
N ARG C 919 2.76 37.71 34.92
CA ARG C 919 2.81 36.33 35.49
C ARG C 919 4.14 35.68 35.10
N GLY C 920 4.78 36.17 34.03
CA GLY C 920 6.12 35.74 33.57
C GLY C 920 6.04 34.62 32.54
N LEU C 921 4.95 34.56 31.78
CA LEU C 921 4.72 33.58 30.68
C LEU C 921 5.20 34.20 29.35
N THR C 922 5.18 33.40 28.28
CA THR C 922 5.73 33.76 26.95
C THR C 922 4.63 33.69 25.87
N ASN C 923 4.91 34.26 24.70
CA ASN C 923 4.05 34.16 23.49
C ASN C 923 4.26 32.78 22.87
N ASP C 924 3.58 31.77 23.41
CA ASP C 924 3.72 30.34 23.01
C ASP C 924 2.49 29.91 22.21
N VAL C 925 2.40 28.62 21.87
CA VAL C 925 1.27 28.02 21.07
C VAL C 925 -0.04 28.23 21.83
N TYR C 926 -0.02 28.06 23.17
CA TYR C 926 -1.21 28.19 24.05
C TYR C 926 -1.65 29.65 24.13
N PHE C 927 -0.71 30.60 24.07
CA PHE C 927 -0.98 32.07 24.06
C PHE C 927 -1.62 32.46 22.72
N GLN C 928 -1.13 31.90 21.61
CA GLN C 928 -1.67 32.09 20.23
C GLN C 928 -3.16 31.68 20.24
N VAL C 929 -3.47 30.52 20.80
CA VAL C 929 -4.87 29.99 20.97
C VAL C 929 -5.67 30.99 21.81
N GLY C 930 -5.04 31.57 22.84
CA GLY C 930 -5.66 32.53 23.78
C GLY C 930 -6.03 33.84 23.11
N LEU C 931 -5.18 34.34 22.20
CA LEU C 931 -5.41 35.61 21.47
C LEU C 931 -6.58 35.46 20.48
N LEU C 932 -6.74 34.27 19.88
CA LEU C 932 -7.87 33.94 18.98
C LEU C 932 -9.17 33.89 19.80
N THR C 933 -9.13 33.27 20.98
CA THR C 933 -10.25 33.25 21.96
C THR C 933 -10.61 34.69 22.33
N THR C 934 -9.60 35.50 22.66
CA THR C 934 -9.71 36.91 23.11
C THR C 934 -10.48 37.75 22.07
N ILE C 935 -10.22 37.55 20.78
CA ILE C 935 -10.92 38.22 19.65
C ILE C 935 -12.43 37.93 19.77
N GLY C 936 -12.78 36.66 19.99
CA GLY C 936 -14.17 36.18 20.14
C GLY C 936 -14.81 36.69 21.42
N LEU C 937 -14.05 36.67 22.53
CA LEU C 937 -14.50 37.15 23.87
C LEU C 937 -14.87 38.63 23.79
N SER C 938 -14.03 39.42 23.09
CA SER C 938 -14.19 40.89 22.92
C SER C 938 -15.44 41.19 22.08
N ALA C 939 -15.54 40.58 20.89
CA ALA C 939 -16.65 40.75 19.94
C ALA C 939 -17.98 40.35 20.60
N LYS C 940 -17.96 39.27 21.38
CA LYS C 940 -19.14 38.74 22.14
C LYS C 940 -19.73 39.84 23.03
N ASN C 941 -18.89 40.50 23.83
CA ASN C 941 -19.30 41.55 24.80
C ASN C 941 -19.92 42.74 24.05
N ALA C 942 -19.35 43.11 22.89
CA ALA C 942 -19.78 44.24 22.04
C ALA C 942 -21.14 43.94 21.41
N ILE C 943 -21.34 42.70 20.94
CA ILE C 943 -22.57 42.24 20.22
C ILE C 943 -23.82 42.55 21.07
N LEU C 944 -23.78 42.22 22.36
CA LEU C 944 -24.92 42.41 23.30
C LEU C 944 -25.37 43.88 23.30
N ILE C 945 -24.43 44.81 23.41
CA ILE C 945 -24.68 46.29 23.39
C ILE C 945 -25.23 46.68 22.01
N VAL C 946 -24.50 46.33 20.94
CA VAL C 946 -24.78 46.77 19.54
C VAL C 946 -26.17 46.28 19.11
N GLU C 947 -26.50 45.01 19.40
CA GLU C 947 -27.77 44.36 18.96
C GLU C 947 -28.97 45.13 19.53
N PHE C 948 -28.93 45.49 20.83
CA PHE C 948 -30.01 46.24 21.53
C PHE C 948 -30.13 47.66 20.95
N ALA C 949 -28.99 48.35 20.80
CA ALA C 949 -28.90 49.74 20.27
C ALA C 949 -29.45 49.80 18.85
N LYS C 950 -29.02 48.87 17.99
CA LYS C 950 -29.48 48.71 16.58
C LYS C 950 -31.01 48.58 16.56
N ASP C 951 -31.55 47.61 17.31
CA ASP C 951 -32.98 47.23 17.31
C ASP C 951 -33.85 48.41 17.79
N LEU C 952 -33.38 49.16 18.80
CA LEU C 952 -34.10 50.33 19.37
C LEU C 952 -34.18 51.46 18.34
N MET C 953 -33.08 51.70 17.61
CA MET C 953 -32.99 52.73 16.55
C MET C 953 -33.87 52.34 15.35
N ASP C 954 -34.00 51.04 15.07
CA ASP C 954 -34.69 50.49 13.87
C ASP C 954 -36.17 50.24 14.19
N LYS C 955 -36.46 49.36 15.15
CA LYS C 955 -37.83 48.85 15.44
C LYS C 955 -38.61 49.85 16.30
N GLU C 956 -38.02 50.35 17.39
CA GLU C 956 -38.68 51.29 18.34
C GLU C 956 -38.51 52.74 17.87
N GLY C 957 -37.47 53.03 17.08
CA GLY C 957 -37.23 54.35 16.46
C GLY C 957 -36.81 55.40 17.47
N LYS C 958 -35.80 55.08 18.29
CA LYS C 958 -35.22 55.99 19.31
C LYS C 958 -33.97 56.67 18.74
N GLY C 959 -33.48 57.72 19.40
CA GLY C 959 -32.26 58.46 19.03
C GLY C 959 -31.01 57.62 19.28
N LEU C 960 -29.91 57.95 18.60
CA LEU C 960 -28.61 57.24 18.68
C LEU C 960 -28.13 57.17 20.13
N ILE C 961 -28.11 58.32 20.83
CA ILE C 961 -27.64 58.45 22.23
C ILE C 961 -28.60 57.69 23.16
N GLU C 962 -29.91 57.92 23.01
CA GLU C 962 -30.98 57.31 23.85
C GLU C 962 -30.95 55.79 23.71
N ALA C 963 -30.79 55.29 22.48
CA ALA C 963 -30.76 53.85 22.13
C ALA C 963 -29.53 53.18 22.76
N THR C 964 -28.36 53.81 22.61
CA THR C 964 -27.06 53.33 23.16
C THR C 964 -27.15 53.22 24.69
N LEU C 965 -27.77 54.21 25.34
CA LEU C 965 -27.89 54.30 26.82
C LEU C 965 -28.89 53.24 27.33
N ASP C 966 -29.97 53.00 26.60
CA ASP C 966 -30.95 51.92 26.89
C ASP C 966 -30.25 50.56 26.76
N ALA C 967 -29.42 50.41 25.73
CA ALA C 967 -28.73 49.14 25.36
C ALA C 967 -27.77 48.72 26.47
N VAL C 968 -26.87 49.63 26.90
CA VAL C 968 -25.80 49.36 27.91
C VAL C 968 -26.45 48.94 29.24
N ARG C 969 -27.57 49.55 29.62
CA ARG C 969 -28.32 49.25 30.86
C ARG C 969 -28.79 47.80 30.84
N MET C 970 -29.49 47.40 29.77
CA MET C 970 -30.08 46.04 29.58
C MET C 970 -28.97 45.01 29.41
N ALA C 971 -27.82 45.41 28.86
CA ALA C 971 -26.72 44.51 28.41
C ALA C 971 -25.70 44.26 29.52
N LEU C 972 -25.65 45.10 30.56
CA LEU C 972 -24.62 45.01 31.64
C LEU C 972 -24.74 43.66 32.36
N ARG C 973 -25.93 43.33 32.88
CA ARG C 973 -26.18 42.12 33.71
C ARG C 973 -25.73 40.87 32.97
N PRO C 974 -26.18 40.61 31.72
CA PRO C 974 -25.73 39.42 30.98
C PRO C 974 -24.24 39.45 30.62
N ILE C 975 -23.69 40.62 30.28
CA ILE C 975 -22.24 40.80 29.95
C ILE C 975 -21.40 40.34 31.14
N LEU C 976 -21.68 40.90 32.33
CA LEU C 976 -20.91 40.62 33.59
C LEU C 976 -21.11 39.16 34.00
N MET C 977 -22.32 38.61 33.83
CA MET C 977 -22.66 37.20 34.15
C MET C 977 -21.83 36.26 33.27
N THR C 978 -21.88 36.46 31.95
CA THR C 978 -21.22 35.61 30.92
C THR C 978 -19.71 35.83 30.95
N SER C 979 -19.24 36.98 31.43
CA SER C 979 -17.81 37.35 31.53
C SER C 979 -17.18 36.71 32.78
N LEU C 980 -17.82 36.87 33.94
CA LEU C 980 -17.40 36.25 35.23
C LEU C 980 -17.44 34.73 35.11
N ALA C 981 -18.39 34.20 34.33
CA ALA C 981 -18.54 32.76 34.01
C ALA C 981 -17.22 32.23 33.43
N PHE C 982 -16.69 32.89 32.40
CA PHE C 982 -15.44 32.50 31.70
C PHE C 982 -14.24 32.72 32.64
N ILE C 983 -14.18 33.88 33.31
CA ILE C 983 -13.05 34.30 34.20
C ILE C 983 -12.87 33.25 35.31
N LEU C 984 -13.95 32.90 36.02
CA LEU C 984 -13.93 31.85 37.08
C LEU C 984 -13.96 30.45 36.45
N GLY C 985 -14.38 30.35 35.19
CA GLY C 985 -14.34 29.11 34.40
C GLY C 985 -12.91 28.63 34.17
N VAL C 986 -12.01 29.55 33.79
CA VAL C 986 -10.57 29.27 33.51
C VAL C 986 -9.73 29.58 34.76
N MET C 987 -10.37 29.89 35.89
CA MET C 987 -9.71 30.19 37.19
C MET C 987 -8.80 29.04 37.59
N PRO C 988 -9.30 27.77 37.61
CA PRO C 988 -8.48 26.64 38.06
C PRO C 988 -7.21 26.42 37.22
N LEU C 989 -7.27 26.68 35.91
CA LEU C 989 -6.12 26.58 34.97
C LEU C 989 -5.02 27.55 35.41
N VAL C 990 -5.38 28.78 35.77
CA VAL C 990 -4.45 29.89 36.11
C VAL C 990 -3.72 29.57 37.43
N ILE C 991 -4.42 29.04 38.42
CA ILE C 991 -3.91 28.81 39.81
C ILE C 991 -3.37 27.38 39.95
N SER C 992 -3.53 26.53 38.93
CA SER C 992 -3.08 25.11 38.92
C SER C 992 -1.58 25.02 39.22
N THR C 993 -1.19 24.12 40.12
CA THR C 993 0.23 23.83 40.48
C THR C 993 0.48 22.31 40.52
N GLY C 994 -0.46 21.50 40.00
CA GLY C 994 -0.35 20.03 39.95
C GLY C 994 0.52 19.59 38.78
N ALA C 995 0.48 18.30 38.44
CA ALA C 995 1.20 17.71 37.28
C ALA C 995 0.60 18.26 35.98
N GLY C 996 1.45 18.75 35.08
CA GLY C 996 1.04 19.34 33.79
C GLY C 996 0.42 20.71 33.95
N SER C 997 0.77 21.44 35.02
CA SER C 997 0.27 22.79 35.35
C SER C 997 0.84 23.82 34.36
N GLY C 998 2.08 23.61 33.89
CA GLY C 998 2.77 24.49 32.92
C GLY C 998 1.90 24.79 31.72
N ALA C 999 1.22 23.76 31.18
CA ALA C 999 0.28 23.86 30.04
C ALA C 999 -1.02 24.57 30.49
N GLN C 1000 -1.59 24.14 31.62
CA GLN C 1000 -2.84 24.70 32.20
C GLN C 1000 -2.68 26.21 32.41
N ASN C 1001 -1.57 26.61 33.04
CA ASN C 1001 -1.23 28.03 33.35
C ASN C 1001 -1.18 28.84 32.04
N ALA C 1002 -0.52 28.30 31.01
CA ALA C 1002 -0.33 28.95 29.68
C ALA C 1002 -1.69 29.19 29.00
N VAL C 1003 -2.58 28.20 29.04
CA VAL C 1003 -3.93 28.25 28.41
C VAL C 1003 -4.78 29.30 29.13
N GLY C 1004 -4.84 29.24 30.46
CA GLY C 1004 -5.75 30.03 31.31
C GLY C 1004 -5.34 31.50 31.39
N THR C 1005 -4.08 31.77 31.75
CA THR C 1005 -3.56 33.12 32.12
C THR C 1005 -3.92 34.15 31.05
N GLY C 1006 -3.61 33.88 29.79
CA GLY C 1006 -3.84 34.80 28.64
C GLY C 1006 -5.29 35.21 28.51
N VAL C 1007 -6.19 34.22 28.33
CA VAL C 1007 -7.64 34.45 28.06
C VAL C 1007 -8.30 35.10 29.27
N MET C 1008 -7.85 34.78 30.49
CA MET C 1008 -8.44 35.31 31.75
C MET C 1008 -8.22 36.82 31.82
N GLY C 1009 -6.97 37.26 31.67
CA GLY C 1009 -6.58 38.69 31.59
C GLY C 1009 -7.22 39.36 30.38
N GLY C 1010 -7.37 38.62 29.28
CA GLY C 1010 -8.04 39.07 28.04
C GLY C 1010 -9.50 39.38 28.26
N MET C 1011 -10.21 38.50 28.98
CA MET C 1011 -11.67 38.63 29.26
C MET C 1011 -11.90 39.74 30.29
N VAL C 1012 -10.96 39.94 31.23
CA VAL C 1012 -11.02 40.99 32.29
C VAL C 1012 -11.09 42.36 31.62
N THR C 1013 -10.12 42.67 30.74
CA THR C 1013 -10.01 43.98 30.04
C THR C 1013 -11.09 44.10 28.97
N ALA C 1014 -11.44 42.99 28.31
CA ALA C 1014 -12.49 42.92 27.26
C ALA C 1014 -13.88 43.05 27.91
N THR C 1015 -13.97 43.06 29.24
CA THR C 1015 -15.21 43.28 30.03
C THR C 1015 -15.18 44.70 30.63
N VAL C 1016 -14.10 45.06 31.33
CA VAL C 1016 -13.94 46.34 32.08
C VAL C 1016 -13.94 47.52 31.10
N LEU C 1017 -13.14 47.45 30.03
CA LEU C 1017 -12.96 48.56 29.05
C LEU C 1017 -14.15 48.59 28.07
N ALA C 1018 -14.54 47.44 27.54
CA ALA C 1018 -15.57 47.27 26.47
C ALA C 1018 -16.87 47.99 26.86
N ILE C 1019 -17.34 47.82 28.10
CA ILE C 1019 -18.64 48.38 28.59
C ILE C 1019 -18.62 49.92 28.50
N PHE C 1020 -17.43 50.53 28.53
CA PHE C 1020 -17.24 52.00 28.42
C PHE C 1020 -16.91 52.42 26.97
N PHE C 1021 -16.22 51.55 26.22
CA PHE C 1021 -15.60 51.89 24.91
C PHE C 1021 -16.52 51.49 23.74
N VAL C 1022 -17.28 50.40 23.86
CA VAL C 1022 -18.21 49.91 22.79
C VAL C 1022 -19.26 50.98 22.50
N PRO C 1023 -19.90 51.60 23.52
CA PRO C 1023 -20.86 52.68 23.30
C PRO C 1023 -20.27 53.86 22.50
N VAL C 1024 -18.98 54.17 22.71
CA VAL C 1024 -18.24 55.23 21.99
C VAL C 1024 -18.08 54.81 20.52
N PHE C 1025 -17.51 53.63 20.28
CA PHE C 1025 -17.25 53.07 18.92
C PHE C 1025 -18.54 53.13 18.09
N PHE C 1026 -19.66 52.64 18.66
CA PHE C 1026 -20.99 52.58 18.02
C PHE C 1026 -21.42 53.99 17.59
N VAL C 1027 -21.52 54.91 18.56
CA VAL C 1027 -22.00 56.32 18.36
C VAL C 1027 -21.09 57.03 17.34
N VAL C 1028 -19.77 57.00 17.55
CA VAL C 1028 -18.76 57.73 16.73
C VAL C 1028 -18.84 57.27 15.28
N VAL C 1029 -18.77 55.95 15.04
CA VAL C 1029 -18.81 55.33 13.68
C VAL C 1029 -20.16 55.64 13.02
N ARG C 1030 -21.26 55.47 13.77
CA ARG C 1030 -22.66 55.65 13.28
C ARG C 1030 -22.86 57.10 12.79
N ARG C 1031 -22.36 58.07 13.55
CA ARG C 1031 -22.48 59.53 13.24
C ARG C 1031 -21.71 59.85 11.95
N ARG C 1032 -20.63 59.11 11.67
CA ARG C 1032 -19.82 59.25 10.42
C ARG C 1032 -20.63 58.65 9.26
N PHE C 1033 -21.03 57.38 9.36
CA PHE C 1033 -21.75 56.61 8.32
C PHE C 1033 -23.19 56.35 8.77
N SER D 12 27.87 -2.13 -54.20
CA SER D 12 26.84 -1.67 -55.19
C SER D 12 25.48 -1.48 -54.49
N ASP D 13 24.53 -0.82 -55.16
CA ASP D 13 23.17 -0.53 -54.65
C ASP D 13 22.33 -1.81 -54.68
N LEU D 14 22.19 -2.42 -55.86
CA LEU D 14 21.36 -3.63 -56.10
C LEU D 14 21.95 -4.82 -55.35
N GLY D 15 23.28 -4.85 -55.19
CA GLY D 15 24.01 -5.89 -54.43
C GLY D 15 23.51 -6.01 -53.00
N LYS D 16 23.25 -4.88 -52.35
CA LYS D 16 22.73 -4.80 -50.94
C LYS D 16 21.25 -5.18 -50.93
N LYS D 17 20.51 -4.86 -52.00
CA LYS D 17 19.06 -5.16 -52.13
C LYS D 17 18.87 -6.66 -52.38
N LEU D 18 19.77 -7.29 -53.15
CA LEU D 18 19.76 -8.74 -53.45
C LEU D 18 20.08 -9.54 -52.18
N LEU D 19 21.08 -9.08 -51.41
CA LEU D 19 21.47 -9.67 -50.09
C LEU D 19 20.23 -9.73 -49.19
N GLU D 20 19.47 -8.64 -49.12
CA GLU D 20 18.22 -8.53 -48.31
C GLU D 20 17.13 -9.43 -48.90
N ALA D 21 16.97 -9.40 -50.23
CA ALA D 21 15.95 -10.16 -50.99
C ALA D 21 16.18 -11.66 -50.83
N ALA D 22 17.42 -12.12 -51.02
CA ALA D 22 17.84 -13.54 -50.93
C ALA D 22 17.59 -14.07 -49.51
N ARG D 23 17.90 -13.27 -48.49
CA ARG D 23 17.72 -13.60 -47.06
C ARG D 23 16.23 -13.72 -46.74
N ALA D 24 15.46 -12.66 -47.04
CA ALA D 24 14.01 -12.54 -46.76
C ALA D 24 13.23 -13.63 -47.52
N GLY D 25 13.70 -13.99 -48.72
CA GLY D 25 13.13 -15.07 -49.56
C GLY D 25 12.06 -14.56 -50.51
N ARG D 26 12.15 -13.29 -50.93
CA ARG D 26 11.23 -12.65 -51.91
C ARG D 26 11.66 -13.04 -53.32
N ASP D 27 11.11 -14.14 -53.84
CA ASP D 27 11.46 -14.75 -55.15
C ASP D 27 11.21 -13.73 -56.27
N ASP D 28 10.10 -13.00 -56.21
CA ASP D 28 9.67 -12.01 -57.24
C ASP D 28 10.68 -10.86 -57.31
N GLU D 29 11.18 -10.39 -56.16
CA GLU D 29 12.17 -9.29 -56.07
C GLU D 29 13.52 -9.76 -56.65
N VAL D 30 13.94 -10.98 -56.30
CA VAL D 30 15.21 -11.61 -56.79
C VAL D 30 15.16 -11.68 -58.31
N ARG D 31 14.05 -12.17 -58.87
CA ARG D 31 13.78 -12.26 -60.34
C ARG D 31 14.07 -10.90 -60.98
N ILE D 32 13.46 -9.83 -60.46
CA ILE D 32 13.55 -8.44 -61.00
C ILE D 32 15.01 -7.96 -60.90
N LEU D 33 15.70 -8.31 -59.82
CA LEU D 33 17.12 -7.91 -59.55
C LEU D 33 18.06 -8.61 -60.55
N MET D 34 17.80 -9.89 -60.85
CA MET D 34 18.59 -10.69 -61.82
C MET D 34 18.45 -10.09 -63.23
N ALA D 35 17.29 -9.50 -63.54
CA ALA D 35 16.99 -8.84 -64.83
C ALA D 35 17.76 -7.51 -64.93
N ASN D 36 17.76 -6.73 -63.84
CA ASN D 36 18.42 -5.39 -63.77
C ASN D 36 19.94 -5.57 -63.63
N GLY D 37 20.39 -6.74 -63.18
CA GLY D 37 21.81 -7.13 -63.13
C GLY D 37 22.44 -6.87 -61.77
N ALA D 38 21.77 -7.30 -60.70
CA ALA D 38 22.28 -7.21 -59.30
C ALA D 38 23.45 -8.19 -59.13
N ASP D 39 24.54 -7.72 -58.52
CA ASP D 39 25.81 -8.49 -58.33
C ASP D 39 25.51 -9.73 -57.47
N VAL D 40 25.62 -10.92 -58.07
CA VAL D 40 25.38 -12.24 -57.39
C VAL D 40 26.58 -12.59 -56.51
N ASN D 41 27.73 -11.95 -56.73
CA ASN D 41 28.98 -12.15 -55.95
C ASN D 41 29.10 -11.05 -54.88
N ALA D 42 28.06 -10.24 -54.69
CA ALA D 42 27.94 -9.26 -53.59
C ALA D 42 28.11 -10.00 -52.25
N ALA D 43 28.78 -9.36 -51.28
CA ALA D 43 29.09 -9.95 -49.96
C ALA D 43 29.01 -8.87 -48.87
N ASP D 44 28.35 -9.19 -47.75
CA ASP D 44 28.29 -8.34 -46.54
C ASP D 44 29.65 -8.39 -45.83
N VAL D 45 29.75 -7.78 -44.64
CA VAL D 45 31.03 -7.61 -43.88
C VAL D 45 31.63 -8.97 -43.52
N VAL D 46 30.80 -9.99 -43.29
CA VAL D 46 31.24 -11.36 -42.85
C VAL D 46 31.63 -12.21 -44.07
N GLY D 47 31.29 -11.76 -45.29
CA GLY D 47 31.67 -12.40 -46.56
C GLY D 47 30.62 -13.38 -47.05
N TRP D 48 29.35 -13.14 -46.73
CA TRP D 48 28.19 -13.99 -47.11
C TRP D 48 27.54 -13.45 -48.38
N THR D 49 27.53 -14.24 -49.46
CA THR D 49 26.87 -13.93 -50.75
C THR D 49 25.37 -14.21 -50.63
N PRO D 50 24.52 -13.69 -51.56
CA PRO D 50 23.11 -14.07 -51.61
C PRO D 50 22.88 -15.59 -51.55
N LEU D 51 23.78 -16.38 -52.14
CA LEU D 51 23.72 -17.87 -52.17
C LEU D 51 23.93 -18.42 -50.75
N HIS D 52 24.91 -17.90 -50.02
CA HIS D 52 25.16 -18.20 -48.58
C HIS D 52 23.85 -18.03 -47.79
N LEU D 53 23.19 -16.88 -47.96
CA LEU D 53 21.95 -16.48 -47.23
C LEU D 53 20.80 -17.39 -47.65
N ALA D 54 20.55 -17.51 -48.97
CA ALA D 54 19.49 -18.37 -49.56
C ALA D 54 19.63 -19.80 -49.01
N ALA D 55 20.85 -20.32 -48.95
CA ALA D 55 21.18 -21.68 -48.44
C ALA D 55 20.88 -21.77 -46.94
N TYR D 56 21.21 -20.71 -46.19
CA TYR D 56 21.05 -20.62 -44.72
C TYR D 56 19.56 -20.64 -44.35
N TRP D 57 18.78 -19.73 -44.96
CA TRP D 57 17.35 -19.49 -44.62
C TRP D 57 16.43 -20.47 -45.36
N GLY D 58 16.99 -21.34 -46.21
CA GLY D 58 16.28 -22.47 -46.85
C GLY D 58 15.34 -22.00 -47.94
N HIS D 59 15.83 -21.17 -48.86
CA HIS D 59 15.08 -20.63 -50.02
C HIS D 59 15.54 -21.31 -51.31
N LEU D 60 14.95 -22.47 -51.61
CA LEU D 60 15.35 -23.40 -52.71
C LEU D 60 15.28 -22.68 -54.07
N GLU D 61 14.16 -22.01 -54.35
CA GLU D 61 13.87 -21.37 -55.66
C GLU D 61 14.94 -20.33 -55.98
N ILE D 62 15.35 -19.53 -54.99
CA ILE D 62 16.32 -18.41 -55.15
C ILE D 62 17.73 -18.98 -55.35
N VAL D 63 18.07 -20.09 -54.69
CA VAL D 63 19.37 -20.81 -54.85
C VAL D 63 19.55 -21.18 -56.33
N GLU D 64 18.50 -21.72 -56.95
CA GLU D 64 18.48 -22.16 -58.37
C GLU D 64 18.60 -20.94 -59.30
N VAL D 65 17.87 -19.85 -58.98
CA VAL D 65 17.85 -18.58 -59.76
C VAL D 65 19.25 -17.94 -59.72
N LEU D 66 19.86 -17.87 -58.54
CA LEU D 66 21.21 -17.29 -58.32
C LEU D 66 22.26 -18.08 -59.10
N LEU D 67 22.19 -19.42 -59.06
CA LEU D 67 23.15 -20.33 -59.72
C LEU D 67 23.01 -20.24 -61.25
N LYS D 68 21.78 -20.04 -61.74
CA LYS D 68 21.49 -19.80 -63.19
C LYS D 68 22.19 -18.51 -63.63
N ASN D 69 22.34 -17.54 -62.73
CA ASN D 69 22.93 -16.20 -63.00
C ASN D 69 24.38 -16.14 -62.48
N GLY D 70 25.13 -17.24 -62.64
CA GLY D 70 26.60 -17.30 -62.47
C GLY D 70 27.05 -16.96 -61.06
N ALA D 71 26.31 -17.40 -60.04
CA ALA D 71 26.69 -17.26 -58.61
C ALA D 71 27.74 -18.32 -58.26
N ASP D 72 28.81 -17.90 -57.56
CA ASP D 72 29.92 -18.80 -57.12
C ASP D 72 29.36 -19.80 -56.11
N VAL D 73 29.37 -21.09 -56.47
CA VAL D 73 28.81 -22.21 -55.65
C VAL D 73 29.79 -22.53 -54.51
N ASN D 74 31.10 -22.33 -54.73
CA ASN D 74 32.18 -22.65 -53.76
C ASN D 74 32.72 -21.35 -53.13
N ALA D 75 31.90 -20.31 -53.06
CA ALA D 75 32.21 -19.04 -52.34
C ALA D 75 32.40 -19.35 -50.86
N TYR D 76 33.45 -18.83 -50.24
CA TYR D 76 33.78 -19.02 -48.80
C TYR D 76 33.73 -17.67 -48.08
N ASP D 77 33.20 -17.66 -46.85
CA ASP D 77 33.12 -16.46 -45.97
C ASP D 77 34.51 -16.21 -45.37
N THR D 78 34.63 -15.23 -44.45
CA THR D 78 35.91 -14.81 -43.83
C THR D 78 36.41 -15.87 -42.84
N LEU D 79 35.63 -16.94 -42.60
CA LEU D 79 36.03 -18.10 -41.76
C LEU D 79 36.03 -19.40 -42.57
N GLY D 80 35.85 -19.32 -43.90
CA GLY D 80 36.09 -20.44 -44.84
C GLY D 80 34.87 -21.30 -45.10
N SER D 81 33.70 -20.95 -44.55
CA SER D 81 32.43 -21.71 -44.69
C SER D 81 31.77 -21.38 -46.04
N THR D 82 31.21 -22.39 -46.71
CA THR D 82 30.58 -22.31 -48.06
C THR D 82 29.06 -22.48 -47.92
N PRO D 83 28.27 -22.20 -48.97
CA PRO D 83 26.82 -22.42 -48.93
C PRO D 83 26.41 -23.87 -48.60
N LEU D 84 27.22 -24.84 -49.02
CA LEU D 84 26.98 -26.29 -48.78
C LEU D 84 27.09 -26.60 -47.28
N HIS D 85 28.09 -26.00 -46.61
CA HIS D 85 28.28 -26.09 -45.14
C HIS D 85 26.98 -25.69 -44.43
N LEU D 86 26.37 -24.57 -44.85
CA LEU D 86 25.14 -23.99 -44.24
C LEU D 86 23.94 -24.88 -44.56
N ALA D 87 23.73 -25.22 -45.84
CA ALA D 87 22.62 -26.06 -46.34
C ALA D 87 22.61 -27.41 -45.60
N ALA D 88 23.78 -28.02 -45.41
CA ALA D 88 23.97 -29.34 -44.77
C ALA D 88 23.71 -29.23 -43.25
N HIS D 89 24.19 -28.16 -42.62
CA HIS D 89 24.13 -27.93 -41.15
C HIS D 89 22.68 -27.72 -40.70
N PHE D 90 21.89 -26.97 -41.47
CA PHE D 90 20.52 -26.52 -41.12
C PHE D 90 19.46 -27.42 -41.79
N GLY D 91 19.90 -28.50 -42.46
CA GLY D 91 19.05 -29.61 -42.91
C GLY D 91 18.16 -29.23 -44.08
N HIS D 92 18.73 -28.61 -45.13
CA HIS D 92 18.03 -28.24 -46.38
C HIS D 92 18.42 -29.23 -47.48
N LEU D 93 17.78 -30.41 -47.47
CA LEU D 93 18.07 -31.57 -48.35
C LEU D 93 18.00 -31.15 -49.83
N GLU D 94 16.95 -30.42 -50.21
CA GLU D 94 16.67 -30.01 -51.62
C GLU D 94 17.80 -29.10 -52.12
N ILE D 95 18.21 -28.14 -51.29
CA ILE D 95 19.25 -27.12 -51.62
C ILE D 95 20.63 -27.80 -51.72
N VAL D 96 20.92 -28.77 -50.84
CA VAL D 96 22.20 -29.54 -50.81
C VAL D 96 22.37 -30.25 -52.16
N GLU D 97 21.31 -30.90 -52.66
CA GLU D 97 21.31 -31.64 -53.95
C GLU D 97 21.59 -30.65 -55.10
N VAL D 98 20.87 -29.53 -55.15
CA VAL D 98 20.99 -28.47 -56.19
C VAL D 98 22.44 -27.99 -56.22
N LEU D 99 23.00 -27.63 -55.06
CA LEU D 99 24.40 -27.13 -54.90
C LEU D 99 25.39 -28.17 -55.46
N LEU D 100 25.22 -29.44 -55.08
CA LEU D 100 26.14 -30.55 -55.47
C LEU D 100 26.04 -30.81 -56.98
N LYS D 101 24.83 -30.76 -57.55
CA LYS D 101 24.57 -30.91 -59.01
C LYS D 101 25.35 -29.83 -59.78
N ASN D 102 25.42 -28.61 -59.23
CA ASN D 102 26.04 -27.41 -59.88
C ASN D 102 27.53 -27.32 -59.52
N GLY D 103 28.10 -28.35 -58.89
CA GLY D 103 29.55 -28.51 -58.70
C GLY D 103 30.04 -27.89 -57.40
N ALA D 104 29.38 -28.22 -56.28
CA ALA D 104 29.78 -27.79 -54.91
C ALA D 104 30.85 -28.75 -54.37
N ASP D 105 31.96 -28.20 -53.86
CA ASP D 105 33.08 -28.97 -53.26
C ASP D 105 32.54 -29.73 -52.03
N VAL D 106 32.32 -31.04 -52.19
CA VAL D 106 31.70 -31.93 -51.16
C VAL D 106 32.62 -32.05 -49.94
N ASN D 107 33.95 -31.95 -50.15
CA ASN D 107 34.99 -32.10 -49.09
C ASN D 107 35.55 -30.73 -48.69
N ALA D 108 34.79 -29.65 -48.91
CA ALA D 108 35.18 -28.26 -48.58
C ALA D 108 35.47 -28.16 -47.08
N LYS D 109 36.68 -27.69 -46.73
CA LYS D 109 37.12 -27.48 -45.33
C LYS D 109 37.08 -25.98 -45.01
N ASP D 110 36.46 -25.60 -43.88
CA ASP D 110 36.50 -24.22 -43.32
C ASP D 110 37.85 -24.03 -42.61
N ASP D 111 38.03 -22.91 -41.90
CA ASP D 111 39.28 -22.58 -41.17
C ASP D 111 39.49 -23.55 -40.01
N ASN D 112 38.43 -24.22 -39.54
CA ASN D 112 38.45 -25.21 -38.44
C ASN D 112 38.72 -26.62 -38.98
N GLY D 113 38.64 -26.80 -40.30
CA GLY D 113 38.77 -28.12 -40.97
C GLY D 113 37.47 -28.91 -40.93
N ILE D 114 36.35 -28.25 -40.62
CA ILE D 114 34.99 -28.83 -40.58
C ILE D 114 34.44 -28.89 -42.01
N THR D 115 33.71 -29.96 -42.34
CA THR D 115 33.14 -30.25 -43.69
C THR D 115 31.62 -30.24 -43.60
N PRO D 116 30.90 -30.18 -44.74
CA PRO D 116 29.44 -30.36 -44.74
C PRO D 116 28.98 -31.67 -44.08
N LEU D 117 29.77 -32.74 -44.21
CA LEU D 117 29.50 -34.08 -43.62
C LEU D 117 29.52 -33.97 -42.08
N HIS D 118 30.58 -33.37 -41.52
CA HIS D 118 30.73 -33.13 -40.06
C HIS D 118 29.47 -32.44 -39.52
N LEU D 119 29.09 -31.31 -40.13
CA LEU D 119 27.95 -30.45 -39.71
C LEU D 119 26.64 -31.23 -39.81
N ALA D 120 26.44 -31.96 -40.93
CA ALA D 120 25.25 -32.80 -41.20
C ALA D 120 25.12 -33.88 -40.13
N ALA D 121 26.23 -34.57 -39.82
CA ALA D 121 26.33 -35.64 -38.81
C ALA D 121 26.03 -35.09 -37.41
N ASN D 122 26.42 -33.84 -37.15
CA ASN D 122 26.32 -33.19 -35.81
C ASN D 122 24.85 -32.96 -35.44
N ARG D 123 24.05 -32.47 -36.39
CA ARG D 123 22.59 -32.21 -36.21
C ARG D 123 21.78 -33.46 -36.58
N GLY D 124 22.43 -34.47 -37.16
CA GLY D 124 21.86 -35.81 -37.42
C GLY D 124 20.87 -35.79 -38.57
N HIS D 125 21.22 -35.13 -39.68
CA HIS D 125 20.43 -35.08 -40.94
C HIS D 125 20.80 -36.28 -41.81
N LEU D 126 20.11 -37.42 -41.60
CA LEU D 126 20.46 -38.76 -42.17
C LEU D 126 20.40 -38.71 -43.70
N GLU D 127 19.37 -38.08 -44.26
CA GLU D 127 19.14 -37.97 -45.73
C GLU D 127 20.32 -37.26 -46.36
N ILE D 128 20.66 -36.07 -45.85
CA ILE D 128 21.76 -35.18 -46.37
C ILE D 128 23.10 -35.91 -46.28
N VAL D 129 23.35 -36.61 -45.18
CA VAL D 129 24.62 -37.38 -44.95
C VAL D 129 24.81 -38.39 -46.09
N GLU D 130 23.74 -39.11 -46.45
CA GLU D 130 23.76 -40.15 -47.52
C GLU D 130 23.89 -39.48 -48.90
N VAL D 131 23.34 -38.29 -49.08
CA VAL D 131 23.47 -37.48 -50.34
C VAL D 131 24.94 -37.07 -50.51
N LEU D 132 25.56 -36.56 -49.44
CA LEU D 132 26.98 -36.11 -49.43
C LEU D 132 27.90 -37.29 -49.76
N LEU D 133 27.66 -38.45 -49.15
CA LEU D 133 28.46 -39.69 -49.35
C LEU D 133 28.27 -40.20 -50.79
N LYS D 134 27.07 -40.04 -51.35
CA LYS D 134 26.72 -40.42 -52.75
C LYS D 134 27.60 -39.61 -53.72
N TYR D 135 27.78 -38.32 -53.44
CA TYR D 135 28.54 -37.36 -54.28
C TYR D 135 30.03 -37.36 -53.88
N GLY D 136 30.44 -38.31 -53.02
CA GLY D 136 31.85 -38.64 -52.74
C GLY D 136 32.42 -37.84 -51.59
N ALA D 137 31.69 -37.77 -50.47
CA ALA D 137 32.15 -37.15 -49.20
C ALA D 137 33.20 -38.05 -48.55
N ASP D 138 34.35 -37.49 -48.17
CA ASP D 138 35.45 -38.21 -47.47
C ASP D 138 34.99 -38.50 -46.03
N VAL D 139 34.61 -39.76 -45.77
CA VAL D 139 34.03 -40.22 -44.47
C VAL D 139 35.12 -40.19 -43.38
N ASN D 140 36.39 -40.31 -43.78
CA ASN D 140 37.57 -40.35 -42.87
C ASN D 140 38.18 -38.96 -42.71
N ALA D 141 37.50 -37.91 -43.17
CA ALA D 141 37.93 -36.49 -43.07
C ALA D 141 37.94 -36.06 -41.59
N GLN D 142 39.07 -35.52 -41.12
CA GLN D 142 39.29 -35.12 -39.71
C GLN D 142 39.34 -33.59 -39.61
N ASP D 143 38.65 -33.02 -38.60
CA ASP D 143 38.68 -31.57 -38.28
C ASP D 143 39.97 -31.27 -37.50
N LYS D 144 40.10 -30.06 -36.95
CA LYS D 144 41.33 -29.57 -36.27
C LYS D 144 41.61 -30.39 -34.99
N PHE D 145 40.60 -31.08 -34.45
CA PHE D 145 40.70 -31.93 -33.22
C PHE D 145 40.88 -33.40 -33.59
N GLY D 146 40.90 -33.72 -34.90
CA GLY D 146 41.08 -35.09 -35.42
C GLY D 146 39.79 -35.88 -35.39
N LYS D 147 38.64 -35.21 -35.25
CA LYS D 147 37.30 -35.85 -35.13
C LYS D 147 36.70 -36.05 -36.52
N THR D 148 36.21 -37.27 -36.81
CA THR D 148 35.47 -37.65 -38.03
C THR D 148 33.96 -37.51 -37.78
N ALA D 149 33.15 -37.62 -38.84
CA ALA D 149 31.67 -37.61 -38.77
C ALA D 149 31.18 -38.78 -37.90
N PHE D 150 31.93 -39.88 -37.90
CA PHE D 150 31.67 -41.10 -37.09
C PHE D 150 31.93 -40.80 -35.60
N ASP D 151 33.03 -40.12 -35.29
CA ASP D 151 33.40 -39.71 -33.90
C ASP D 151 32.30 -38.80 -33.33
N ILE D 152 31.69 -37.98 -34.17
CA ILE D 152 30.55 -37.08 -33.80
C ILE D 152 29.31 -37.94 -33.51
N SER D 153 29.04 -38.94 -34.36
CA SER D 153 27.82 -39.81 -34.31
C SER D 153 27.77 -40.59 -33.00
N ILE D 154 28.90 -41.19 -32.57
CA ILE D 154 28.98 -42.05 -31.35
C ILE D 154 28.92 -41.15 -30.10
N ASN D 155 29.45 -39.93 -30.18
CA ASN D 155 29.46 -38.94 -29.06
C ASN D 155 28.04 -38.38 -28.87
N ASN D 156 27.33 -38.09 -29.97
CA ASN D 156 25.93 -37.60 -29.96
C ASN D 156 24.99 -38.74 -29.55
N GLY D 157 25.39 -39.99 -29.76
CA GLY D 157 24.60 -41.20 -29.43
C GLY D 157 23.54 -41.46 -30.48
N ASN D 158 23.89 -41.28 -31.76
CA ASN D 158 22.99 -41.45 -32.94
C ASN D 158 23.29 -42.81 -33.59
N GLU D 159 22.56 -43.85 -33.16
CA GLU D 159 22.75 -45.26 -33.60
C GLU D 159 22.45 -45.39 -35.10
N ASP D 160 21.42 -44.69 -35.59
CA ASP D 160 20.98 -44.69 -37.01
C ASP D 160 22.11 -44.11 -37.88
N LEU D 161 22.66 -42.96 -37.47
CA LEU D 161 23.75 -42.24 -38.18
C LEU D 161 25.04 -43.06 -38.15
N ALA D 162 25.29 -43.77 -37.05
CA ALA D 162 26.48 -44.62 -36.82
C ALA D 162 26.53 -45.75 -37.86
N GLU D 163 25.39 -46.39 -38.13
CA GLU D 163 25.23 -47.50 -39.11
C GLU D 163 25.54 -47.01 -40.53
N ILE D 164 25.07 -45.81 -40.88
CA ILE D 164 25.22 -45.19 -42.24
C ILE D 164 26.71 -45.02 -42.55
N LEU D 165 27.53 -44.65 -41.55
CA LEU D 165 28.98 -44.37 -41.71
C LEU D 165 29.80 -45.65 -41.48
N GLN D 166 29.33 -46.79 -42.00
CA GLN D 166 30.03 -48.11 -41.96
C GLN D 166 29.64 -48.93 -43.19
N ASP E 13 -2.14 -57.44 11.64
CA ASP E 13 -2.97 -56.44 12.39
C ASP E 13 -3.43 -57.06 13.71
N LEU E 14 -2.49 -57.23 14.65
CA LEU E 14 -2.71 -57.75 16.02
C LEU E 14 -1.51 -57.37 16.90
N GLY E 15 -0.31 -57.78 16.48
CA GLY E 15 0.98 -57.36 17.08
C GLY E 15 1.28 -55.91 16.79
N LYS E 16 0.71 -55.38 15.69
CA LYS E 16 0.72 -53.93 15.34
C LYS E 16 -0.04 -53.13 16.41
N LYS E 17 -1.20 -53.64 16.84
CA LYS E 17 -2.03 -53.04 17.92
C LYS E 17 -1.20 -52.94 19.20
N LEU E 18 -0.39 -53.99 19.47
CA LEU E 18 0.51 -54.09 20.65
C LEU E 18 1.67 -53.09 20.51
N LEU E 19 2.26 -52.99 19.30
CA LEU E 19 3.39 -52.08 18.99
C LEU E 19 2.99 -50.63 19.30
N GLU E 20 1.82 -50.20 18.85
CA GLU E 20 1.26 -48.83 19.06
C GLU E 20 0.96 -48.62 20.55
N ALA E 21 0.39 -49.63 21.21
CA ALA E 21 -0.01 -49.61 22.64
C ALA E 21 1.25 -49.53 23.53
N ALA E 22 2.36 -50.12 23.09
CA ALA E 22 3.65 -50.17 23.83
C ALA E 22 4.28 -48.77 23.89
N ARG E 23 4.39 -48.09 22.75
CA ARG E 23 5.01 -46.73 22.63
C ARG E 23 4.09 -45.70 23.30
N ALA E 24 2.77 -45.88 23.18
CA ALA E 24 1.73 -44.97 23.73
C ALA E 24 1.75 -45.01 25.27
N GLY E 25 2.16 -46.15 25.84
CA GLY E 25 2.30 -46.34 27.30
C GLY E 25 0.99 -46.79 27.94
N ARG E 26 0.11 -47.42 27.16
CA ARG E 26 -1.20 -47.96 27.63
C ARG E 26 -0.96 -49.33 28.28
N ASP E 27 -0.84 -49.37 29.61
CA ASP E 27 -0.51 -50.59 30.39
C ASP E 27 -1.68 -51.59 30.30
N ASP E 28 -2.90 -51.12 30.57
CA ASP E 28 -4.16 -51.93 30.56
C ASP E 28 -4.34 -52.58 29.18
N GLU E 29 -4.14 -51.81 28.10
CA GLU E 29 -4.33 -52.26 26.69
C GLU E 29 -3.31 -53.36 26.34
N VAL E 30 -2.05 -53.18 26.74
CA VAL E 30 -0.93 -54.14 26.47
C VAL E 30 -1.30 -55.51 27.07
N ARG E 31 -1.89 -55.52 28.27
CA ARG E 31 -2.31 -56.75 29.00
C ARG E 31 -3.48 -57.43 28.27
N ILE E 32 -4.45 -56.63 27.79
CA ILE E 32 -5.65 -57.11 27.04
C ILE E 32 -5.19 -57.83 25.76
N LEU E 33 -4.29 -57.20 25.00
CA LEU E 33 -3.75 -57.73 23.72
C LEU E 33 -2.88 -58.96 23.98
N MET E 34 -2.27 -59.05 25.15
CA MET E 34 -1.39 -60.20 25.57
C MET E 34 -2.28 -61.42 25.86
N ALA E 35 -3.41 -61.23 26.54
CA ALA E 35 -4.40 -62.26 26.90
C ALA E 35 -5.03 -62.86 25.62
N ASN E 36 -5.26 -62.02 24.61
CA ASN E 36 -5.83 -62.42 23.29
C ASN E 36 -4.84 -63.31 22.54
N GLY E 37 -3.53 -63.13 22.78
CA GLY E 37 -2.46 -63.97 22.24
C GLY E 37 -1.76 -63.32 21.06
N ALA E 38 -1.34 -62.05 21.23
CA ALA E 38 -0.62 -61.25 20.21
C ALA E 38 0.88 -61.58 20.27
N ASP E 39 1.57 -61.51 19.13
CA ASP E 39 3.02 -61.80 19.00
C ASP E 39 3.80 -60.72 19.78
N VAL E 40 4.56 -61.14 20.79
CA VAL E 40 5.32 -60.24 21.73
C VAL E 40 6.62 -59.78 21.04
N ASN E 41 7.07 -60.50 20.00
CA ASN E 41 8.28 -60.17 19.20
C ASN E 41 7.85 -59.63 17.83
N ALA E 42 6.62 -59.13 17.71
CA ALA E 42 6.07 -58.50 16.48
C ALA E 42 6.88 -57.23 16.16
N ALA E 43 7.67 -57.27 15.09
CA ALA E 43 8.57 -56.19 14.65
C ALA E 43 7.87 -55.28 13.64
N ASP E 44 8.22 -53.99 13.64
CA ASP E 44 7.69 -52.97 12.69
C ASP E 44 8.62 -52.91 11.46
N VAL E 45 8.51 -51.86 10.65
CA VAL E 45 9.23 -51.70 9.35
C VAL E 45 10.75 -51.60 9.60
N VAL E 46 11.18 -51.06 10.74
CA VAL E 46 12.62 -50.85 11.09
C VAL E 46 13.12 -51.98 12.00
N GLY E 47 12.25 -52.90 12.41
CA GLY E 47 12.60 -54.10 13.20
C GLY E 47 12.52 -53.86 14.69
N TRP E 48 11.69 -52.90 15.13
CA TRP E 48 11.48 -52.55 16.56
C TRP E 48 10.29 -53.35 17.11
N THR E 49 10.54 -54.15 18.15
CA THR E 49 9.53 -54.94 18.90
C THR E 49 8.87 -54.04 19.94
N PRO E 50 7.75 -54.45 20.59
CA PRO E 50 7.15 -53.68 21.67
C PRO E 50 8.13 -53.35 22.80
N LEU E 51 9.06 -54.28 23.10
CA LEU E 51 10.10 -54.13 24.15
C LEU E 51 11.09 -53.02 23.75
N HIS E 52 11.45 -52.94 22.46
CA HIS E 52 12.29 -51.85 21.87
C HIS E 52 11.65 -50.50 22.17
N LEU E 53 10.36 -50.34 21.83
CA LEU E 53 9.60 -49.07 21.96
C LEU E 53 9.48 -48.67 23.44
N ALA E 54 9.02 -49.59 24.30
CA ALA E 54 8.83 -49.38 25.76
C ALA E 54 10.15 -48.91 26.40
N ALA E 55 11.28 -49.45 25.95
CA ALA E 55 12.65 -49.13 26.45
C ALA E 55 13.04 -47.71 26.02
N TYR E 56 12.74 -47.34 24.77
CA TYR E 56 13.07 -46.01 24.16
C TYR E 56 12.27 -44.91 24.86
N TRP E 57 10.95 -45.09 24.99
CA TRP E 57 9.99 -44.08 25.51
C TRP E 57 9.97 -44.08 27.04
N GLY E 58 10.56 -45.09 27.68
CA GLY E 58 10.74 -45.16 29.14
C GLY E 58 9.48 -45.63 29.86
N HIS E 59 8.88 -46.72 29.38
CA HIS E 59 7.68 -47.37 29.98
C HIS E 59 8.11 -48.65 30.70
N LEU E 60 8.50 -48.52 31.98
CA LEU E 60 9.03 -49.63 32.82
C LEU E 60 7.95 -50.69 33.07
N GLU E 61 6.71 -50.26 33.33
CA GLU E 61 5.56 -51.13 33.68
C GLU E 61 5.27 -52.09 32.52
N ILE E 62 5.48 -51.64 31.28
CA ILE E 62 5.22 -52.42 30.02
C ILE E 62 6.41 -53.36 29.75
N VAL E 63 7.65 -52.90 29.98
CA VAL E 63 8.89 -53.70 29.80
C VAL E 63 8.80 -54.95 30.67
N GLU E 64 8.38 -54.80 31.93
CA GLU E 64 8.24 -55.91 32.93
C GLU E 64 7.17 -56.89 32.47
N VAL E 65 6.01 -56.38 32.01
CA VAL E 65 4.85 -57.18 31.53
C VAL E 65 5.25 -57.94 30.26
N LEU E 66 6.02 -57.31 29.36
CA LEU E 66 6.47 -57.90 28.08
C LEU E 66 7.44 -59.06 28.33
N LEU E 67 8.48 -58.84 29.14
CA LEU E 67 9.52 -59.85 29.48
C LEU E 67 8.87 -61.02 30.24
N LYS E 68 7.80 -60.75 31.01
CA LYS E 68 7.03 -61.77 31.76
C LYS E 68 6.38 -62.76 30.79
N ASN E 69 6.04 -62.31 29.57
CA ASN E 69 5.44 -63.12 28.48
C ASN E 69 6.54 -63.53 27.48
N GLY E 70 7.73 -63.88 27.99
CA GLY E 70 8.86 -64.45 27.21
C GLY E 70 9.19 -63.64 25.97
N ALA E 71 9.22 -62.30 26.08
CA ALA E 71 9.62 -61.38 25.00
C ALA E 71 11.14 -61.48 24.79
N ASP E 72 11.57 -61.64 23.53
CA ASP E 72 13.00 -61.80 23.16
C ASP E 72 13.78 -60.56 23.68
N VAL E 73 14.46 -60.73 24.80
CA VAL E 73 15.22 -59.66 25.52
C VAL E 73 16.41 -59.19 24.65
N ASN E 74 16.96 -60.08 23.82
CA ASN E 74 18.12 -59.82 22.94
C ASN E 74 17.66 -59.65 21.49
N ALA E 75 16.39 -59.30 21.27
CA ALA E 75 15.84 -58.92 19.95
C ALA E 75 16.63 -57.72 19.42
N TYR E 76 16.91 -57.68 18.12
CA TYR E 76 17.73 -56.61 17.46
C TYR E 76 17.01 -56.09 16.22
N ASP E 77 17.09 -54.78 15.98
CA ASP E 77 16.46 -54.07 14.84
C ASP E 77 17.30 -54.33 13.58
N THR E 78 16.98 -53.66 12.47
CA THR E 78 17.63 -53.84 11.15
C THR E 78 19.06 -53.26 11.15
N LEU E 79 19.42 -52.49 12.18
CA LEU E 79 20.80 -51.94 12.38
C LEU E 79 21.51 -52.63 13.55
N GLY E 80 20.85 -53.60 14.20
CA GLY E 80 21.47 -54.51 15.19
C GLY E 80 21.38 -54.02 16.62
N SER E 81 20.72 -52.87 16.87
CA SER E 81 20.53 -52.29 18.22
C SER E 81 19.43 -53.07 18.97
N THR E 82 19.60 -53.24 20.28
CA THR E 82 18.72 -54.02 21.18
C THR E 82 17.97 -53.08 22.13
N PRO E 83 16.93 -53.55 22.84
CA PRO E 83 16.27 -52.74 23.87
C PRO E 83 17.23 -52.18 24.94
N LEU E 84 18.30 -52.91 25.25
CA LEU E 84 19.33 -52.51 26.26
C LEU E 84 20.12 -51.30 25.74
N HIS E 85 20.48 -51.29 24.45
CA HIS E 85 21.12 -50.15 23.76
C HIS E 85 20.28 -48.88 23.98
N LEU E 86 18.97 -48.97 23.76
CA LEU E 86 18.01 -47.83 23.85
C LEU E 86 17.90 -47.35 25.30
N ALA E 87 17.61 -48.26 26.23
CA ALA E 87 17.40 -47.98 27.67
C ALA E 87 18.63 -47.29 28.26
N ALA E 88 19.83 -47.79 27.93
CA ALA E 88 21.14 -47.31 28.45
C ALA E 88 21.47 -45.94 27.86
N HIS E 89 20.99 -45.65 26.65
CA HIS E 89 21.31 -44.41 25.88
C HIS E 89 20.43 -43.24 26.35
N PHE E 90 19.20 -43.50 26.78
CA PHE E 90 18.19 -42.47 27.18
C PHE E 90 17.97 -42.51 28.70
N GLY E 91 18.98 -42.93 29.46
CA GLY E 91 19.04 -42.79 30.94
C GLY E 91 17.85 -43.42 31.66
N HIS E 92 17.44 -44.61 31.25
CA HIS E 92 16.32 -45.39 31.86
C HIS E 92 16.91 -46.51 32.73
N LEU E 93 17.49 -46.13 33.88
CA LEU E 93 18.22 -47.03 34.81
C LEU E 93 17.34 -48.22 35.22
N GLU E 94 16.08 -47.96 35.56
CA GLU E 94 15.12 -48.97 36.11
C GLU E 94 14.78 -50.00 35.02
N ILE E 95 14.83 -49.60 33.75
CA ILE E 95 14.58 -50.48 32.57
C ILE E 95 15.87 -51.25 32.24
N VAL E 96 17.04 -50.60 32.35
CA VAL E 96 18.38 -51.21 32.12
C VAL E 96 18.56 -52.38 33.10
N GLU E 97 18.21 -52.18 34.37
CA GLU E 97 18.31 -53.20 35.46
C GLU E 97 17.37 -54.37 35.16
N VAL E 98 16.11 -54.10 34.82
CA VAL E 98 15.05 -55.11 34.56
C VAL E 98 15.46 -55.98 33.36
N LEU E 99 16.01 -55.37 32.31
CA LEU E 99 16.48 -56.06 31.08
C LEU E 99 17.61 -57.02 31.43
N LEU E 100 18.65 -56.53 32.13
CA LEU E 100 19.84 -57.31 32.56
C LEU E 100 19.39 -58.47 33.48
N LYS E 101 18.44 -58.20 34.39
CA LYS E 101 17.85 -59.20 35.32
C LYS E 101 17.22 -60.35 34.52
N ASN E 102 16.60 -60.04 33.37
CA ASN E 102 15.93 -61.03 32.49
C ASN E 102 16.89 -61.48 31.37
N GLY E 103 18.20 -61.48 31.65
CA GLY E 103 19.24 -62.10 30.80
C GLY E 103 19.46 -61.35 29.49
N ALA E 104 19.67 -60.03 29.56
CA ALA E 104 20.00 -59.16 28.41
C ALA E 104 21.50 -59.27 28.11
N ASP E 105 21.88 -59.34 26.83
CA ASP E 105 23.29 -59.40 26.36
C ASP E 105 23.95 -58.04 26.63
N VAL E 106 24.75 -57.97 27.70
CA VAL E 106 25.41 -56.73 28.19
C VAL E 106 26.44 -56.24 27.17
N ASN E 107 27.10 -57.17 26.45
CA ASN E 107 28.18 -56.89 25.47
C ASN E 107 27.62 -56.95 24.04
N ALA E 108 26.31 -56.74 23.87
CA ALA E 108 25.61 -56.76 22.55
C ALA E 108 26.17 -55.63 21.67
N LYS E 109 26.40 -55.92 20.39
CA LYS E 109 26.97 -54.96 19.40
C LYS E 109 25.96 -54.74 18.26
N ASP E 110 25.69 -53.48 17.92
CA ASP E 110 24.94 -53.07 16.70
C ASP E 110 25.90 -53.20 15.50
N ASP E 111 25.40 -52.93 14.28
CA ASP E 111 26.16 -53.09 13.01
C ASP E 111 27.43 -52.24 13.03
N ASN E 112 27.47 -51.19 13.88
CA ASN E 112 28.59 -50.22 13.99
C ASN E 112 29.58 -50.68 15.07
N GLY E 113 29.25 -51.73 15.83
CA GLY E 113 30.07 -52.25 16.94
C GLY E 113 29.90 -51.45 18.21
N ILE E 114 28.84 -50.63 18.29
CA ILE E 114 28.49 -49.80 19.49
C ILE E 114 27.72 -50.70 20.47
N THR E 115 28.02 -50.58 21.77
CA THR E 115 27.46 -51.39 22.88
C THR E 115 26.64 -50.51 23.81
N PRO E 116 25.80 -51.07 24.71
CA PRO E 116 25.06 -50.28 25.68
C PRO E 116 25.95 -49.40 26.56
N LEU E 117 27.17 -49.85 26.84
CA LEU E 117 28.18 -49.11 27.66
C LEU E 117 28.64 -47.86 26.90
N HIS E 118 28.97 -48.00 25.60
CA HIS E 118 29.39 -46.89 24.70
C HIS E 118 28.34 -45.77 24.74
N LEU E 119 27.06 -46.13 24.59
CA LEU E 119 25.92 -45.19 24.52
C LEU E 119 25.71 -44.51 25.88
N ALA E 120 25.73 -45.29 26.96
CA ALA E 120 25.59 -44.81 28.37
C ALA E 120 26.76 -43.88 28.71
N ALA E 121 27.97 -44.24 28.27
CA ALA E 121 29.22 -43.49 28.52
C ALA E 121 29.22 -42.15 27.77
N ASN E 122 28.57 -42.10 26.60
CA ASN E 122 28.58 -40.92 25.69
C ASN E 122 27.68 -39.82 26.26
N ARG E 123 26.48 -40.18 26.75
CA ARG E 123 25.48 -39.23 27.32
C ARG E 123 25.78 -38.95 28.80
N GLY E 124 26.72 -39.72 29.40
CA GLY E 124 27.22 -39.48 30.76
C GLY E 124 26.26 -39.96 31.83
N HIS E 125 25.62 -41.12 31.61
CA HIS E 125 24.72 -41.80 32.58
C HIS E 125 25.57 -42.65 33.54
N LEU E 126 26.21 -41.99 34.51
CA LEU E 126 27.22 -42.58 35.44
C LEU E 126 26.61 -43.76 36.21
N GLU E 127 25.37 -43.61 36.68
CA GLU E 127 24.63 -44.62 37.48
C GLU E 127 24.43 -45.88 36.64
N ILE E 128 24.08 -45.72 35.36
CA ILE E 128 23.84 -46.83 34.38
C ILE E 128 25.17 -47.51 34.04
N VAL E 129 26.23 -46.73 33.80
CA VAL E 129 27.59 -47.24 33.45
C VAL E 129 28.02 -48.26 34.52
N GLU E 130 27.88 -47.90 35.80
CA GLU E 130 28.26 -48.75 36.97
C GLU E 130 27.43 -50.04 36.98
N VAL E 131 26.15 -49.96 36.60
CA VAL E 131 25.20 -51.12 36.57
C VAL E 131 25.64 -52.08 35.45
N LEU E 132 25.97 -51.55 34.27
CA LEU E 132 26.43 -52.36 33.09
C LEU E 132 27.73 -53.09 33.46
N LEU E 133 28.66 -52.40 34.14
CA LEU E 133 29.95 -52.96 34.61
C LEU E 133 29.70 -54.05 35.65
N LYS E 134 28.69 -53.85 36.52
CA LYS E 134 28.28 -54.80 37.59
C LYS E 134 27.84 -56.14 36.96
N TYR E 135 27.21 -56.09 35.78
CA TYR E 135 26.68 -57.26 35.04
C TYR E 135 27.71 -57.75 34.00
N GLY E 136 28.97 -57.32 34.13
CA GLY E 136 30.12 -57.83 33.36
C GLY E 136 30.19 -57.24 31.96
N ALA E 137 30.32 -55.91 31.86
CA ALA E 137 30.51 -55.16 30.59
C ALA E 137 32.01 -55.06 30.28
N ASP E 138 32.40 -55.42 29.05
CA ASP E 138 33.80 -55.36 28.55
C ASP E 138 34.16 -53.89 28.32
N VAL E 139 35.00 -53.32 29.19
CA VAL E 139 35.43 -51.88 29.14
C VAL E 139 36.37 -51.68 27.94
N ASN E 140 37.14 -52.70 27.57
CA ASN E 140 38.13 -52.65 26.46
C ASN E 140 37.44 -52.86 25.11
N ALA E 141 36.13 -53.15 25.11
CA ALA E 141 35.30 -53.36 23.89
C ALA E 141 35.38 -52.12 22.99
N GLN E 142 35.86 -52.29 21.76
CA GLN E 142 36.03 -51.22 20.75
C GLN E 142 34.88 -51.27 19.74
N ASP E 143 34.52 -50.12 19.15
CA ASP E 143 33.54 -50.01 18.04
C ASP E 143 34.31 -50.11 16.71
N LYS E 144 33.65 -49.80 15.58
CA LYS E 144 34.24 -49.90 14.22
C LYS E 144 35.39 -48.91 14.06
N PHE E 145 35.43 -47.85 14.89
CA PHE E 145 36.46 -46.77 14.86
C PHE E 145 37.54 -47.03 15.91
N GLY E 146 37.51 -48.18 16.58
CA GLY E 146 38.51 -48.59 17.59
C GLY E 146 38.46 -47.74 18.84
N LYS E 147 37.26 -47.35 19.28
CA LYS E 147 37.01 -46.44 20.43
C LYS E 147 36.39 -47.24 21.58
N THR E 148 37.01 -47.18 22.77
CA THR E 148 36.49 -47.78 24.03
C THR E 148 35.57 -46.76 24.73
N ALA E 149 34.81 -47.20 25.74
CA ALA E 149 33.94 -46.36 26.58
C ALA E 149 34.80 -45.32 27.32
N PHE E 150 36.07 -45.67 27.61
CA PHE E 150 37.07 -44.78 28.26
C PHE E 150 37.47 -43.66 27.31
N ASP E 151 37.77 -43.98 26.05
CA ASP E 151 38.17 -43.02 24.99
C ASP E 151 37.10 -41.93 24.85
N ILE E 152 35.81 -42.31 24.96
CA ILE E 152 34.64 -41.40 24.88
C ILE E 152 34.67 -40.41 26.04
N SER E 153 34.97 -40.88 27.26
CA SER E 153 34.99 -40.08 28.51
C SER E 153 36.10 -39.02 28.45
N ILE E 154 37.24 -39.34 27.84
CA ILE E 154 38.42 -38.43 27.69
C ILE E 154 38.07 -37.34 26.67
N ASN E 155 37.43 -37.71 25.55
CA ASN E 155 37.04 -36.79 24.46
C ASN E 155 35.92 -35.87 24.95
N ASN E 156 34.94 -36.42 25.68
CA ASN E 156 33.80 -35.67 26.28
C ASN E 156 34.29 -34.78 27.42
N GLY E 157 35.43 -35.12 28.03
CA GLY E 157 36.03 -34.38 29.16
C GLY E 157 35.25 -34.60 30.45
N ASN E 158 34.65 -35.78 30.60
CA ASN E 158 33.85 -36.20 31.79
C ASN E 158 34.77 -37.02 32.70
N GLU E 159 35.45 -36.36 33.65
CA GLU E 159 36.47 -36.97 34.55
C GLU E 159 35.76 -37.83 35.61
N ASP E 160 34.50 -37.53 35.94
CA ASP E 160 33.65 -38.34 36.86
C ASP E 160 33.48 -39.75 36.28
N LEU E 161 33.30 -39.85 34.96
CA LEU E 161 33.16 -41.13 34.21
C LEU E 161 34.54 -41.77 34.01
N ALA E 162 35.56 -40.96 33.72
CA ALA E 162 36.94 -41.39 33.39
C ALA E 162 37.50 -42.29 34.51
N GLU E 163 37.38 -41.85 35.76
CA GLU E 163 37.95 -42.55 36.95
C GLU E 163 37.19 -43.86 37.22
N ILE E 164 35.87 -43.86 36.97
CA ILE E 164 34.97 -45.04 37.17
C ILE E 164 35.43 -46.18 36.24
N LEU E 165 35.98 -45.84 35.07
CA LEU E 165 36.53 -46.80 34.07
C LEU E 165 38.03 -47.03 34.32
N GLN E 166 38.42 -47.13 35.60
CA GLN E 166 39.83 -47.39 36.05
C GLN E 166 39.86 -47.45 37.59
C1B LMT F . -21.33 -6.47 -15.81
C2B LMT F . -20.24 -5.39 -15.86
C3B LMT F . -20.79 -4.10 -16.45
C4B LMT F . -21.43 -4.37 -17.81
C5B LMT F . -22.45 -5.51 -17.72
C6B LMT F . -23.02 -5.87 -19.09
O1B LMT F . -22.36 -6.08 -14.90
O2B LMT F . -19.75 -5.15 -14.53
O3B LMT F . -19.73 -3.13 -16.59
O4' LMT F . -22.06 -3.18 -18.29
O5B LMT F . -21.86 -6.67 -17.13
O6B LMT F . -24.42 -5.57 -19.14
C1' LMT F . -25.00 -7.26 -12.15
C2' LMT F . -23.59 -7.68 -11.76
C3' LMT F . -22.59 -7.02 -12.71
C4' LMT F . -22.99 -7.15 -14.19
C5' LMT F . -24.50 -7.06 -14.45
C6' LMT F . -24.86 -7.58 -15.84
O1' LMT F . -26.06 -7.66 -11.26
O2' LMT F . -23.30 -7.27 -10.41
O3' LMT F . -21.31 -7.61 -12.52
O5' LMT F . -25.24 -7.78 -13.45
O6' LMT F . -26.14 -8.22 -15.84
C1 LMT F . -25.94 -8.81 -10.43
C2 LMT F . -26.16 -8.38 -8.98
C3 LMT F . -27.59 -8.64 -8.51
C4 LMT F . -28.63 -7.84 -9.31
C5 LMT F . -29.55 -7.04 -8.39
C6 LMT F . -30.80 -6.55 -9.13
C7 LMT F . -31.91 -6.19 -8.17
C8 LMT F . -32.87 -5.16 -8.75
C9 LMT F . -34.32 -5.55 -8.49
C10 LMT F . -35.27 -4.38 -8.77
C11 LMT F . -35.57 -3.56 -7.52
C12 LMT F . -37.06 -3.28 -7.39
C1B LMT G . -46.92 19.48 15.17
C2B LMT G . -48.04 20.51 15.32
C3B LMT G . -48.93 20.59 14.08
C4B LMT G . -48.09 20.72 12.81
C5B LMT G . -47.05 19.62 12.76
C6B LMT G . -46.16 19.70 11.52
O1B LMT G . -47.46 18.15 15.26
O2B LMT G . -48.84 20.17 16.46
O3B LMT G . -49.80 21.72 14.20
O4' LMT G . -48.97 20.63 11.68
O5B LMT G . -46.22 19.69 13.92
O6B LMT G . -44.93 20.37 11.80
C1' LMT G . -43.96 15.81 15.36
C2' LMT G . -44.96 15.50 14.24
C3' LMT G . -45.96 16.63 14.08
C4' LMT G . -46.58 17.03 15.42
C5' LMT G . -45.50 17.23 16.49
C6' LMT G . -46.10 17.52 17.87
O1' LMT G . -43.09 14.69 15.55
O2' LMT G . -44.26 15.30 13.02
O3' LMT G . -46.99 16.21 13.17
O5' LMT G . -44.68 16.06 16.57
O6' LMT G . -46.95 16.44 18.28
C1 LMT G . -41.81 14.86 14.95
C2 LMT G . -41.03 13.55 15.02
C3 LMT G . -40.36 13.39 16.38
C4 LMT G . -39.66 12.04 16.49
C5 LMT G . -38.19 12.13 16.08
C6 LMT G . -37.32 12.53 17.27
C7 LMT G . -35.85 12.63 16.86
C8 LMT G . -35.07 13.50 17.85
C9 LMT G . -33.57 13.35 17.65
C10 LMT G . -33.07 14.19 16.47
C11 LMT G . -32.08 15.26 16.92
C12 LMT G . -30.72 14.66 17.21
C1 EDO H . 13.36 -31.90 -4.95
O1 EDO H . 14.43 -31.93 -4.02
C2 EDO H . 12.94 -33.26 -5.38
O2 EDO H . 13.90 -33.91 -6.19
CL1 1KE I . -47.76 4.26 10.71
C9 1KE I . -48.16 5.74 9.78
C10 1KE I . -49.32 6.46 10.09
C11 1KE I . -49.63 7.60 9.37
I1 1KE I . -51.36 8.69 9.83
C12 1KE I . -48.79 8.04 8.35
N13 1KE I . -47.68 7.37 8.02
C8 1KE I . -47.30 6.24 8.67
N3 1KE I . -46.11 5.61 8.26
C2 1KE I . -46.11 4.20 7.89
C1 1KE I . -44.77 3.58 8.26
C4 1KE I . -44.92 6.46 8.12
C5 1KE I . -43.64 5.66 8.34
N1 1KE I . -43.70 4.36 7.66
C1 D12 J . -29.49 8.07 4.40
C2 D12 J . -29.60 7.57 5.82
C3 D12 J . -28.26 7.20 6.42
C4 D12 J . -28.33 6.28 7.62
C5 D12 J . -28.23 6.96 8.97
C6 D12 J . -27.39 6.23 9.99
C7 D12 J . -25.91 6.44 9.83
C8 D12 J . -25.06 5.65 10.80
C9 D12 J . -23.59 5.61 10.43
C10 D12 J . -22.79 4.58 11.20
C11 D12 J . -21.41 4.34 10.62
C12 D12 J . -20.45 3.65 11.59
C1B LMT K . -32.50 -21.80 -11.69
C2B LMT K . -33.08 -23.01 -10.96
C3B LMT K . -32.39 -23.19 -9.62
C4B LMT K . -30.88 -23.22 -9.76
C5B LMT K . -30.34 -22.11 -10.65
C6B LMT K . -28.89 -22.39 -11.03
O1B LMT K . -32.77 -20.62 -10.93
O2B LMT K . -34.49 -22.83 -10.79
O3B LMT K . -32.83 -24.43 -9.03
O4' LMT K . -30.29 -23.10 -8.46
O5B LMT K . -31.09 -21.98 -11.87
O6B LMT K . -28.31 -21.26 -11.69
C1' LMT K . -33.24 -16.52 -11.40
C2' LMT K . -33.78 -17.39 -12.53
C3' LMT K . -33.90 -18.85 -12.10
C4' LMT K . -32.56 -19.40 -11.65
C5' LMT K . -31.81 -18.41 -10.76
C6' LMT K . -30.54 -17.88 -11.44
O1' LMT K . -32.24 -15.59 -11.88
O2' LMT K . -35.07 -16.92 -12.94
O3' LMT K . -34.41 -19.62 -13.21
O5' LMT K . -32.65 -17.32 -10.36
O6' LMT K . -29.50 -18.86 -11.34
C1 LMT K . -32.71 -14.62 -12.83
C2 LMT K . -32.53 -13.20 -12.30
C3 LMT K . -33.34 -12.93 -11.04
C4 LMT K . -34.85 -12.88 -11.30
C5 LMT K . -35.36 -11.46 -11.53
C6 LMT K . -36.63 -11.46 -12.39
C7 LMT K . -37.80 -12.17 -11.70
C8 LMT K . -37.89 -13.65 -12.05
C9 LMT K . -39.33 -14.13 -12.11
C10 LMT K . -40.02 -14.03 -10.74
C11 LMT K . -41.23 -14.96 -10.65
C12 LMT K . -42.38 -14.42 -11.49
S SO4 L . 13.85 -30.47 21.35
O1 SO4 L . 14.96 -29.59 21.59
O2 SO4 L . 12.68 -29.69 21.10
O3 SO4 L . 13.64 -31.29 22.51
O4 SO4 L . 14.13 -31.30 20.22
C1 EDO M . 25.56 -6.29 -32.14
O1 EDO M . 24.65 -5.27 -31.81
C2 EDO M . 25.07 -7.18 -33.23
O2 EDO M . 25.27 -6.63 -34.52
C1B LMT N . -20.89 -1.42 -21.14
C2B LMT N . -22.37 -1.33 -21.55
C3B LMT N . -22.69 -2.25 -22.73
C4B LMT N . -21.44 -2.54 -23.55
C5B LMT N . -20.35 -3.18 -22.69
C6B LMT N . -18.96 -2.85 -23.23
O1B LMT N . -20.73 -1.04 -19.77
O2B LMT N . -23.20 -1.68 -20.44
O3B LMT N . -23.68 -1.63 -23.56
O4' LMT N . -21.78 -3.40 -24.64
O5B LMT N . -20.43 -2.76 -21.33
O6B LMT N . -18.78 -3.45 -24.52
C1' LMT N . -20.09 2.65 -17.87
C2' LMT N . -21.53 2.31 -18.25
C3' LMT N . -21.68 0.82 -18.56
C4' LMT N . -20.63 0.37 -19.55
C5' LMT N . -19.25 0.73 -19.01
C6' LMT N . -18.10 0.26 -19.91
O1' LMT N . -19.95 4.07 -17.75
O2' LMT N . -22.40 2.67 -17.19
O3' LMT N . -22.99 0.56 -19.07
O5' LMT N . -19.17 2.15 -18.85
O6' LMT N . -16.85 0.40 -19.22
C1 LMT N . -19.07 4.50 -16.71
C2 LMT N . -19.61 5.78 -16.08
C3 LMT N . -20.95 5.55 -15.39
C4 LMT N . -21.44 6.81 -14.67
C5 LMT N . -22.16 7.75 -15.65
C6 LMT N . -21.86 9.22 -15.36
C7 LMT N . -22.94 9.92 -14.54
C8 LMT N . -23.35 11.24 -15.18
C9 LMT N . -24.20 12.09 -14.24
C10 LMT N . -24.94 13.17 -15.00
C11 LMT N . -25.61 14.16 -14.06
C12 LMT N . -24.83 15.46 -13.97
C1B LMT O . -42.29 34.86 -47.59
C2B LMT O . -42.85 36.23 -47.96
C3B LMT O . -43.98 36.62 -47.02
C4B LMT O . -45.05 35.54 -47.05
C5B LMT O . -44.46 34.17 -46.76
C6B LMT O . -45.51 33.08 -46.94
O1B LMT O . -41.68 34.90 -46.30
O2B LMT O . -41.82 37.22 -47.92
O3B LMT O . -44.55 37.87 -47.43
O4' LMT O . -46.07 35.84 -46.09
O5B LMT O . -43.34 33.89 -47.63
O6B LMT O . -44.89 31.79 -46.88
C1' LMT O . -37.70 35.11 -44.95
C2' LMT O . -38.39 36.41 -45.34
C3' LMT O . -39.90 36.24 -45.34
C4' LMT O . -40.26 35.09 -46.27
C5' LMT O . -39.55 33.83 -45.78
C6' LMT O . -39.88 32.61 -46.65
O1' LMT O . -36.28 35.24 -45.08
O2' LMT O . -38.02 37.47 -44.44
O3' LMT O . -40.52 37.46 -45.75
O5' LMT O . -38.13 34.04 -45.80
O6' LMT O . -41.02 31.94 -46.13
C1 LMT O . -35.60 35.68 -43.90
C2 LMT O . -34.65 34.60 -43.43
C3 LMT O . -33.30 34.71 -44.15
C4 LMT O . -32.58 33.37 -44.19
C5 LMT O . -31.96 33.01 -42.84
C6 LMT O . -32.23 31.57 -42.45
C7 LMT O . -31.55 30.56 -43.37
C8 LMT O . -30.03 30.57 -43.22
C9 LMT O . -29.32 31.17 -44.43
C10 LMT O . -27.88 30.70 -44.57
C11 LMT O . -27.59 30.15 -45.96
C12 LMT O . -28.16 28.76 -46.13
S SO4 P . -23.39 56.44 -16.19
O1 SO4 P . -24.69 56.71 -16.74
O2 SO4 P . -22.38 57.12 -16.95
O3 SO4 P . -23.35 56.90 -14.83
O4 SO4 P . -23.14 55.02 -16.23
C1 GOL Q . -2.37 -9.07 -16.62
O1 GOL Q . -2.95 -9.44 -15.37
C2 GOL Q . -1.29 -10.05 -17.03
O2 GOL Q . -0.10 -9.32 -17.35
C3 GOL Q . -1.69 -10.91 -18.20
O3 GOL Q . -0.76 -11.98 -18.39
C1 EDO R . 47.97 1.43 27.88
O1 EDO R . 46.94 1.54 26.90
C2 EDO R . 47.50 0.82 29.15
O2 EDO R . 46.09 0.68 29.23
C1 EDO S . 51.94 -1.02 -21.12
O1 EDO S . 53.00 -1.94 -21.21
C2 EDO S . 50.92 -1.20 -22.18
O2 EDO S . 50.56 -2.54 -22.41
C1 EDO T . 38.86 -19.45 -33.68
O1 EDO T . 39.61 -20.39 -32.94
C2 EDO T . 39.61 -18.20 -33.93
O2 EDO T . 39.14 -17.47 -35.05
C1 EDO U . 36.85 4.19 19.33
O1 EDO U . 36.79 2.82 18.96
C2 EDO U . 35.52 4.85 19.30
O2 EDO U . 34.60 4.29 20.22
C1 EDO V . 7.82 -38.59 7.40
O1 EDO V . 8.56 -39.66 7.94
C2 EDO V . 8.62 -37.70 6.53
O2 EDO V . 9.50 -38.40 5.65
O7 LPX W . -17.30 52.86 4.26
C6 LPX W . -17.91 51.86 4.57
O6 LPX W . -18.75 51.81 5.59
C5 LPX W . -19.72 52.87 5.71
C4 LPX W . -20.80 52.69 4.66
O5 LPX W . -21.79 53.70 4.83
C3 LPX W . -21.46 51.33 4.69
O1 LPX W . -21.99 51.04 6.02
P1 LPX W . -23.52 51.37 6.35
O3 LPX W . -23.54 52.48 7.37
O2 LPX W . -24.03 50.03 7.08
C1 LPX W . -25.46 49.77 7.20
C2 LPX W . -25.96 50.22 8.55
N1 LPX W . -27.37 49.86 8.76
O4 LPX W . -24.29 51.52 5.07
C7 LPX W . -17.82 50.54 3.86
C8 LPX W . -17.07 50.60 2.56
C9 LPX W . -17.18 49.31 1.76
C10 LPX W . -15.93 48.47 1.74
C11 LPX W . -15.56 47.85 3.07
C12 LPX W . -15.58 46.34 3.10
C13 LPX W . -14.30 45.67 2.64
C14 LPX W . -13.98 44.41 3.40
C15 LPX W . -12.97 43.52 2.70
C16 LPX W . -12.53 42.33 3.51
C17 LPX W . -11.08 41.97 3.35
C18 LPX W . -10.76 41.21 2.08
C19 LPX W . -9.34 41.42 1.57
C20 LPX W . -8.27 40.96 2.53
C21 LPX W . -6.98 40.55 1.86
C1B LMT X . -18.49 64.25 33.20
C2B LMT X . -19.80 64.87 33.67
C3B LMT X . -20.77 65.04 32.51
C4B LMT X . -20.12 65.79 31.36
C5B LMT X . -18.77 65.16 30.98
C6B LMT X . -18.05 66.00 29.93
O1B LMT X . -18.72 62.90 32.77
O2B LMT X . -20.40 64.04 34.67
O3B LMT X . -21.92 65.75 32.97
O4' LMT X . -21.00 65.76 30.23
O5B LMT X . -17.93 65.02 32.13
O6B LMT X . -17.46 67.16 30.54
C1' LMT X . -16.80 59.24 33.51
C2' LMT X . -17.69 59.81 34.62
C3' LMT X . -18.63 60.87 34.07
C4' LMT X . -17.84 61.93 33.32
C5' LMT X . -17.04 61.25 32.20
C6' LMT X . -16.23 62.28 31.41
O1' LMT X . -15.82 58.40 34.12
O2' LMT X . -18.44 58.75 35.22
O3' LMT X . -19.36 61.48 35.15
O5' LMT X . -16.15 60.28 32.77
O6' LMT X . -15.30 61.63 30.54
C1 LMT X . -15.37 57.32 33.32
C2 LMT X . -14.34 56.50 34.11
C3 LMT X . -14.56 54.99 34.01
C4 LMT X . -13.52 54.33 33.12
C5 LMT X . -13.70 54.72 31.66
C6 LMT X . -12.79 53.92 30.74
C7 LMT X . -11.34 54.44 30.78
C8 LMT X . -10.36 53.33 31.13
C9 LMT X . -8.95 53.90 31.34
C10 LMT X . -7.89 53.01 30.68
C11 LMT X . -6.48 53.49 30.99
C12 LMT X . -5.97 52.90 32.29
N1 DDQ Y . -43.52 27.32 12.50
O1 DDQ Y . -43.16 28.11 13.60
CM1 DDQ Y . -44.01 28.22 11.41
CM2 DDQ Y . -44.62 26.39 12.91
C1 DDQ Y . -42.31 26.55 12.03
C2 DDQ Y . -41.46 25.99 13.16
C3 DDQ Y . -40.46 24.95 12.68
C4 DDQ Y . -40.32 23.77 13.63
C5 DDQ Y . -39.34 22.73 13.17
C6 DDQ Y . -38.31 22.34 14.22
C7 DDQ Y . -37.33 21.28 13.77
C8 DDQ Y . -36.25 20.96 14.78
C9 DDQ Y . -34.85 20.98 14.23
C10 DDQ Y . -33.82 20.36 15.16
C01 C14 Z . -8.54 29.40 5.89
C02 C14 Z . -7.07 29.77 5.88
C03 C14 Z . -6.15 28.62 5.57
C04 C14 Z . -4.74 29.03 5.20
C05 C14 Z . -3.67 28.04 5.59
C06 C14 Z . -2.27 28.61 5.58
C07 C14 Z . -1.18 27.58 5.37
C08 C14 Z . 0.16 27.97 5.96
C09 C14 Z . 0.61 29.37 5.60
C10 C14 Z . 2.10 29.59 5.73
C11 C14 Z . 2.47 30.97 6.24
C12 C14 Z . 3.94 31.31 6.11
C13 C14 Z . 4.88 30.28 6.67
C14 C14 Z . 6.32 30.76 6.80
C1 GOL AA . 13.20 -35.54 -0.24
O1 GOL AA . 14.46 -35.34 -0.87
C2 GOL AA . 12.05 -35.30 -1.20
O2 GOL AA . 11.00 -34.60 -0.54
C3 GOL AA . 11.51 -36.59 -1.79
O3 GOL AA . 12.54 -37.38 -2.38
C1 EDO BA . 46.81 7.01 21.85
O1 EDO BA . 47.82 6.08 22.20
C2 EDO BA . 47.33 8.34 21.45
O2 EDO BA . 48.59 8.29 20.83
S SO4 CA . 37.15 15.93 4.68
O1 SO4 CA . 36.59 16.77 5.71
O2 SO4 CA . 37.25 16.69 3.45
O3 SO4 CA . 38.47 15.50 5.08
O4 SO4 CA . 36.31 14.79 4.47
C1 EDO DA . 23.08 -8.54 -45.01
O1 EDO DA . 23.31 -8.44 -43.62
C2 EDO DA . 21.93 -9.42 -45.35
O2 EDO DA . 20.71 -8.99 -44.78
C1 EDO EA . 18.10 -21.35 -39.87
O1 EDO EA . 17.43 -20.16 -39.54
C2 EDO EA . 17.23 -22.34 -40.55
O2 EDO EA . 16.40 -21.77 -41.55
C1 EDO FA . 4.94 -47.57 16.40
O1 EDO FA . 3.60 -47.11 16.28
C2 EDO FA . 5.32 -48.51 15.31
O2 EDO FA . 6.34 -48.01 14.46
#